data_2KX7
#
_entry.id   2KX7
#
_entity_poly.entity_id   1
_entity_poly.type   'polypeptide(L)'
_entity_poly.pdbx_seq_one_letter_code
;MERLLDDVCVMVDVTSAEIRNIVTRQLENWGATCITPDERLISQDYDIFLTDNPSNLTASGLLLSDDESGVREIGPGQLC
VNFNMSNAMQEAVLQLIEVQLAQEEVTESRSHHHHHH
;
_entity_poly.pdbx_strand_id   A
#
# COMPACT_ATOMS: atom_id res chain seq x y z
N MET A 1 -8.42 5.04 17.21
CA MET A 1 -8.64 6.31 16.47
C MET A 1 -7.38 7.18 16.55
N GLU A 2 -6.50 7.01 15.56
CA GLU A 2 -5.21 7.69 15.58
C GLU A 2 -4.59 7.71 14.19
N ARG A 3 -3.45 8.38 14.07
CA ARG A 3 -2.66 8.34 12.85
C ARG A 3 -1.90 7.02 12.80
N LEU A 4 -2.51 6.03 12.16
CA LEU A 4 -1.97 4.67 12.12
C LEU A 4 -0.56 4.64 11.55
N LEU A 5 -0.29 5.48 10.55
CA LEU A 5 1.04 5.56 9.97
C LEU A 5 1.89 6.54 10.75
N ASP A 6 1.26 7.64 11.17
CA ASP A 6 1.89 8.70 11.96
C ASP A 6 2.89 9.49 11.13
N ASP A 7 3.97 8.83 10.71
CA ASP A 7 4.99 9.44 9.89
C ASP A 7 5.70 8.37 9.06
N VAL A 8 4.92 7.59 8.33
CA VAL A 8 5.46 6.47 7.58
C VAL A 8 5.44 6.76 6.09
N CYS A 9 6.56 6.53 5.43
CA CYS A 9 6.69 6.75 3.99
C CYS A 9 5.97 5.65 3.21
N VAL A 10 4.89 6.01 2.54
CA VAL A 10 4.12 5.06 1.75
C VAL A 10 4.25 5.37 0.27
N MET A 11 4.84 4.46 -0.47
CA MET A 11 4.98 4.62 -1.91
C MET A 11 3.70 4.17 -2.60
N VAL A 12 2.90 5.13 -3.02
CA VAL A 12 1.61 4.82 -3.60
C VAL A 12 1.59 5.14 -5.09
N ASP A 13 1.66 4.11 -5.91
CA ASP A 13 1.59 4.24 -7.35
C ASP A 13 0.23 3.80 -7.86
N VAL A 14 -0.66 4.75 -8.06
CA VAL A 14 -1.99 4.47 -8.56
C VAL A 14 -2.14 4.96 -9.98
N THR A 15 -2.52 4.06 -10.88
CA THR A 15 -2.66 4.40 -12.28
C THR A 15 -3.87 5.32 -12.51
N SER A 16 -4.97 5.01 -11.84
CA SER A 16 -6.16 5.84 -11.91
C SER A 16 -5.92 7.16 -11.16
N ALA A 17 -5.80 8.24 -11.91
CA ALA A 17 -5.47 9.55 -11.35
C ALA A 17 -6.42 9.94 -10.22
N GLU A 18 -7.71 9.79 -10.46
CA GLU A 18 -8.73 10.17 -9.48
C GLU A 18 -8.62 9.31 -8.22
N ILE A 19 -8.42 8.01 -8.41
CA ILE A 19 -8.33 7.09 -7.28
C ILE A 19 -7.10 7.39 -6.44
N ARG A 20 -6.01 7.78 -7.10
CA ARG A 20 -4.80 8.18 -6.40
C ARG A 20 -5.08 9.36 -5.50
N ASN A 21 -5.83 10.33 -6.02
CA ASN A 21 -6.19 11.51 -5.25
C ASN A 21 -6.99 11.13 -4.01
N ILE A 22 -7.94 10.21 -4.20
CA ILE A 22 -8.80 9.74 -3.11
C ILE A 22 -7.97 9.06 -2.03
N VAL A 23 -7.18 8.07 -2.43
CA VAL A 23 -6.40 7.30 -1.46
C VAL A 23 -5.36 8.18 -0.77
N THR A 24 -4.82 9.16 -1.49
CA THR A 24 -3.85 10.08 -0.93
C THR A 24 -4.44 10.80 0.28
N ARG A 25 -5.67 11.28 0.12
CA ARG A 25 -6.39 11.95 1.20
C ARG A 25 -6.48 11.05 2.43
N GLN A 26 -6.75 9.78 2.17
CA GLN A 26 -6.90 8.78 3.22
C GLN A 26 -5.58 8.54 3.97
N LEU A 27 -4.53 8.21 3.22
CA LEU A 27 -3.22 7.91 3.83
C LEU A 27 -2.68 9.12 4.57
N GLU A 28 -2.88 10.30 4.00
CA GLU A 28 -2.39 11.54 4.59
C GLU A 28 -3.06 11.80 5.94
N ASN A 29 -4.32 11.41 6.07
CA ASN A 29 -5.03 11.52 7.33
C ASN A 29 -4.42 10.61 8.38
N TRP A 30 -3.79 9.55 7.91
CA TRP A 30 -3.16 8.57 8.78
C TRP A 30 -1.70 8.93 9.05
N GLY A 31 -1.19 9.91 8.33
CA GLY A 31 0.20 10.31 8.50
C GLY A 31 1.15 9.52 7.62
N ALA A 32 0.74 9.28 6.38
CA ALA A 32 1.57 8.56 5.44
C ALA A 32 2.08 9.49 4.36
N THR A 33 3.39 9.49 4.15
CA THR A 33 4.00 10.30 3.11
C THR A 33 3.86 9.59 1.77
N CYS A 34 2.91 10.03 0.97
CA CYS A 34 2.68 9.44 -0.34
C CYS A 34 3.79 9.81 -1.31
N ILE A 35 4.68 8.86 -1.59
CA ILE A 35 5.81 9.09 -2.49
C ILE A 35 5.61 8.35 -3.79
N THR A 36 6.23 8.88 -4.84
CA THR A 36 6.20 8.26 -6.15
C THR A 36 7.29 7.20 -6.26
N PRO A 37 7.06 6.12 -7.03
CA PRO A 37 8.05 5.07 -7.23
C PRO A 37 9.12 5.49 -8.25
N ASP A 38 9.81 6.59 -7.94
CA ASP A 38 10.84 7.14 -8.82
C ASP A 38 10.24 7.53 -10.16
N GLU A 39 11.01 7.41 -11.22
CA GLU A 39 10.54 7.70 -12.57
C GLU A 39 11.02 6.64 -13.54
N ARG A 40 12.28 6.24 -13.40
CA ARG A 40 12.87 5.27 -14.31
C ARG A 40 13.28 4.00 -13.56
N LEU A 41 13.40 4.09 -12.24
CA LEU A 41 13.80 2.95 -11.44
C LEU A 41 12.67 1.93 -11.35
N ILE A 42 13.02 0.75 -10.86
CA ILE A 42 12.03 -0.30 -10.64
C ILE A 42 11.25 -0.03 -9.35
N SER A 43 11.98 0.37 -8.31
CA SER A 43 11.38 0.69 -7.02
C SER A 43 12.30 1.65 -6.27
N GLN A 44 11.76 2.27 -5.22
CA GLN A 44 12.55 3.16 -4.39
C GLN A 44 12.38 2.75 -2.92
N ASP A 45 13.03 3.46 -2.02
CA ASP A 45 12.94 3.15 -0.60
C ASP A 45 11.63 3.65 0.00
N TYR A 46 10.93 2.75 0.68
CA TYR A 46 9.66 3.07 1.33
C TYR A 46 9.42 2.14 2.51
N ASP A 47 8.33 2.36 3.23
CA ASP A 47 7.94 1.47 4.31
C ASP A 47 6.81 0.56 3.85
N ILE A 48 5.73 1.17 3.38
CA ILE A 48 4.59 0.43 2.86
C ILE A 48 4.34 0.80 1.40
N PHE A 49 4.07 -0.20 0.58
CA PHE A 49 3.78 0.03 -0.83
C PHE A 49 2.30 -0.12 -1.11
N LEU A 50 1.77 0.79 -1.90
CA LEU A 50 0.37 0.75 -2.32
C LEU A 50 0.29 0.99 -3.82
N THR A 51 -0.63 0.32 -4.48
CA THR A 51 -0.75 0.43 -5.93
C THR A 51 -2.20 0.18 -6.34
N ASP A 52 -2.58 0.68 -7.50
CA ASP A 52 -3.93 0.47 -8.03
C ASP A 52 -3.89 -0.58 -9.12
N ASN A 53 -4.79 -1.58 -9.02
CA ASN A 53 -4.85 -2.69 -9.96
C ASN A 53 -3.67 -3.64 -9.76
N PRO A 54 -3.91 -4.96 -9.88
CA PRO A 54 -2.90 -5.98 -9.58
C PRO A 54 -1.66 -5.88 -10.47
N SER A 55 -1.85 -5.48 -11.71
CA SER A 55 -0.78 -5.43 -12.70
C SER A 55 0.25 -4.35 -12.38
N ASN A 56 -0.10 -3.43 -11.49
CA ASN A 56 0.79 -2.31 -11.18
C ASN A 56 1.74 -2.66 -10.04
N LEU A 57 1.50 -3.79 -9.38
CA LEU A 57 2.33 -4.21 -8.26
C LEU A 57 3.71 -4.66 -8.74
N THR A 58 4.74 -3.94 -8.30
CA THR A 58 6.11 -4.23 -8.69
C THR A 58 6.62 -5.52 -8.06
N ALA A 59 6.12 -5.84 -6.87
CA ALA A 59 6.54 -7.04 -6.17
C ALA A 59 5.50 -7.48 -5.16
N SER A 60 5.34 -6.69 -4.11
CA SER A 60 4.38 -6.99 -3.06
C SER A 60 3.87 -5.70 -2.44
N GLY A 61 2.77 -5.79 -1.71
CA GLY A 61 2.21 -4.62 -1.07
C GLY A 61 0.70 -4.64 -1.07
N LEU A 62 0.11 -3.46 -0.96
CA LEU A 62 -1.35 -3.35 -0.94
C LEU A 62 -1.87 -2.89 -2.30
N LEU A 63 -2.77 -3.66 -2.86
CA LEU A 63 -3.37 -3.31 -4.13
C LEU A 63 -4.81 -2.86 -3.92
N LEU A 64 -5.16 -1.74 -4.54
CA LEU A 64 -6.49 -1.19 -4.42
C LEU A 64 -7.42 -1.80 -5.44
N SER A 65 -8.53 -2.32 -4.96
CA SER A 65 -9.54 -2.91 -5.79
C SER A 65 -10.83 -2.10 -5.69
N ASP A 66 -11.19 -1.43 -6.77
CA ASP A 66 -12.45 -0.69 -6.83
C ASP A 66 -13.63 -1.66 -6.84
N ASP A 67 -13.33 -2.92 -7.10
CA ASP A 67 -14.34 -3.97 -7.15
C ASP A 67 -14.47 -4.67 -5.80
N GLU A 68 -13.72 -4.18 -4.81
CA GLU A 68 -13.75 -4.76 -3.47
C GLU A 68 -14.66 -3.97 -2.56
N SER A 69 -15.18 -4.64 -1.54
CA SER A 69 -15.97 -3.97 -0.51
C SER A 69 -15.26 -4.05 0.84
N GLY A 70 -14.08 -4.65 0.84
CA GLY A 70 -13.33 -4.82 2.06
C GLY A 70 -11.86 -5.02 1.81
N VAL A 71 -11.25 -5.92 2.57
CA VAL A 71 -9.84 -6.24 2.40
C VAL A 71 -9.64 -7.76 2.42
N ARG A 72 -9.07 -8.30 1.35
CA ARG A 72 -8.84 -9.74 1.26
C ARG A 72 -7.43 -10.05 0.79
N GLU A 73 -6.95 -11.24 1.11
CA GLU A 73 -5.63 -11.68 0.71
C GLU A 73 -5.75 -12.68 -0.44
N ILE A 74 -5.00 -12.45 -1.50
CA ILE A 74 -5.05 -13.33 -2.67
C ILE A 74 -3.71 -14.01 -2.91
N GLY A 75 -2.85 -13.94 -1.91
CA GLY A 75 -1.54 -14.55 -2.01
C GLY A 75 -0.54 -13.85 -1.14
N PRO A 76 0.66 -14.43 -0.96
CA PRO A 76 1.70 -13.84 -0.12
C PRO A 76 2.14 -12.48 -0.65
N GLY A 77 1.97 -11.45 0.17
CA GLY A 77 2.35 -10.10 -0.22
C GLY A 77 1.39 -9.48 -1.21
N GLN A 78 0.20 -10.08 -1.35
CA GLN A 78 -0.81 -9.56 -2.26
C GLN A 78 -2.15 -9.45 -1.57
N LEU A 79 -2.64 -8.23 -1.41
CA LEU A 79 -3.90 -7.99 -0.73
C LEU A 79 -4.73 -6.97 -1.49
N CYS A 80 -5.95 -7.37 -1.84
CA CYS A 80 -6.88 -6.47 -2.50
C CYS A 80 -7.73 -5.75 -1.47
N VAL A 81 -7.56 -4.45 -1.38
CA VAL A 81 -8.30 -3.64 -0.44
C VAL A 81 -9.05 -2.52 -1.15
N ASN A 82 -10.27 -2.26 -0.72
CA ASN A 82 -11.09 -1.20 -1.29
C ASN A 82 -10.76 0.14 -0.64
N PHE A 83 -10.88 1.21 -1.41
CA PHE A 83 -10.53 2.55 -0.92
C PHE A 83 -11.75 3.25 -0.32
N ASN A 84 -12.93 2.76 -0.66
CA ASN A 84 -14.18 3.37 -0.20
C ASN A 84 -14.33 3.24 1.31
N MET A 85 -14.04 2.05 1.83
CA MET A 85 -14.13 1.81 3.26
C MET A 85 -12.75 1.95 3.92
N SER A 86 -12.51 3.10 4.52
CA SER A 86 -11.23 3.40 5.13
C SER A 86 -10.94 2.48 6.32
N ASN A 87 -12.00 1.95 6.92
CA ASN A 87 -11.85 0.99 8.01
C ASN A 87 -11.17 -0.28 7.51
N ALA A 88 -11.51 -0.69 6.29
CA ALA A 88 -10.92 -1.88 5.69
C ALA A 88 -9.47 -1.64 5.34
N MET A 89 -9.18 -0.45 4.83
CA MET A 89 -7.81 -0.07 4.49
C MET A 89 -6.97 0.04 5.76
N GLN A 90 -7.64 0.36 6.87
CA GLN A 90 -6.99 0.45 8.16
C GLN A 90 -6.42 -0.90 8.57
N GLU A 91 -7.24 -1.96 8.45
CA GLU A 91 -6.80 -3.31 8.75
C GLU A 91 -5.65 -3.71 7.84
N ALA A 92 -5.78 -3.35 6.57
CA ALA A 92 -4.78 -3.65 5.56
C ALA A 92 -3.43 -3.03 5.91
N VAL A 93 -3.46 -1.77 6.32
CA VAL A 93 -2.25 -1.04 6.70
C VAL A 93 -1.57 -1.72 7.89
N LEU A 94 -2.36 -2.04 8.91
CA LEU A 94 -1.84 -2.65 10.13
C LEU A 94 -1.22 -4.02 9.82
N GLN A 95 -1.91 -4.80 8.99
CA GLN A 95 -1.43 -6.13 8.62
C GLN A 95 -0.16 -6.03 7.79
N LEU A 96 -0.13 -5.08 6.86
CA LEU A 96 1.01 -4.88 5.98
C LEU A 96 2.26 -4.52 6.76
N ILE A 97 2.15 -3.55 7.65
CA ILE A 97 3.29 -3.10 8.43
C ILE A 97 3.81 -4.20 9.35
N GLU A 98 2.92 -5.05 9.83
CA GLU A 98 3.29 -6.13 10.74
C GLU A 98 3.97 -7.26 9.99
N VAL A 99 3.37 -7.68 8.88
CA VAL A 99 3.91 -8.77 8.09
C VAL A 99 5.25 -8.39 7.46
N GLN A 100 5.42 -7.10 7.16
CA GLN A 100 6.66 -6.59 6.59
C GLN A 100 7.76 -6.55 7.64
N LEU A 101 7.39 -6.22 8.87
CA LEU A 101 8.35 -6.15 9.96
C LEU A 101 8.75 -7.56 10.39
N ALA A 102 7.84 -8.50 10.24
CA ALA A 102 8.13 -9.89 10.56
C ALA A 102 8.94 -10.54 9.45
N GLN A 103 8.44 -10.47 8.23
CA GLN A 103 9.13 -11.05 7.08
C GLN A 103 9.63 -9.94 6.16
N GLU A 104 10.68 -9.26 6.61
CA GLU A 104 11.27 -8.17 5.85
C GLU A 104 11.89 -8.68 4.56
N GLU A 105 12.68 -9.74 4.67
CA GLU A 105 13.30 -10.35 3.51
C GLU A 105 13.36 -11.85 3.67
N VAL A 106 12.67 -12.54 2.78
CA VAL A 106 12.74 -13.99 2.72
C VAL A 106 13.09 -14.40 1.29
N THR A 107 14.33 -14.80 1.10
CA THR A 107 14.84 -15.12 -0.22
C THR A 107 14.41 -16.52 -0.67
N GLU A 108 13.11 -16.71 -0.80
CA GLU A 108 12.55 -17.99 -1.22
C GLU A 108 12.63 -18.13 -2.74
N SER A 109 13.34 -17.22 -3.37
CA SER A 109 13.60 -17.30 -4.81
C SER A 109 14.79 -18.22 -5.05
N ARG A 110 14.49 -19.49 -5.33
CA ARG A 110 15.52 -20.51 -5.45
C ARG A 110 16.01 -20.59 -6.89
N SER A 111 17.32 -20.59 -7.05
CA SER A 111 17.95 -20.72 -8.35
C SER A 111 19.00 -21.82 -8.32
N MET A 1 -10.40 5.29 14.39
CA MET A 1 -10.24 6.64 13.81
C MET A 1 -9.11 7.38 14.51
N GLU A 2 -7.94 7.38 13.90
CA GLU A 2 -6.76 8.00 14.48
C GLU A 2 -5.62 7.99 13.47
N ARG A 3 -4.46 8.46 13.88
CA ARG A 3 -3.29 8.46 13.02
C ARG A 3 -2.58 7.11 13.12
N LEU A 4 -2.82 6.27 12.14
CA LEU A 4 -2.29 4.90 12.16
C LEU A 4 -0.87 4.84 11.61
N LEU A 5 -0.46 5.89 10.90
CA LEU A 5 0.87 5.92 10.32
C LEU A 5 1.77 6.88 11.06
N ASP A 6 1.33 8.14 11.15
CA ASP A 6 2.10 9.19 11.82
C ASP A 6 3.51 9.30 11.25
N ASP A 7 3.59 9.82 10.03
CA ASP A 7 4.86 10.02 9.33
C ASP A 7 5.49 8.68 8.94
N VAL A 8 4.73 7.88 8.22
CA VAL A 8 5.23 6.60 7.73
C VAL A 8 5.20 6.61 6.20
N CYS A 9 6.30 6.20 5.60
CA CYS A 9 6.47 6.28 4.16
C CYS A 9 5.71 5.17 3.45
N VAL A 10 4.82 5.56 2.55
CA VAL A 10 4.06 4.61 1.75
C VAL A 10 4.28 4.89 0.26
N MET A 11 4.90 3.95 -0.43
CA MET A 11 5.14 4.08 -1.86
C MET A 11 3.89 3.68 -2.61
N VAL A 12 3.12 4.65 -3.05
CA VAL A 12 1.83 4.39 -3.65
C VAL A 12 1.79 4.84 -5.11
N ASP A 13 1.57 3.88 -6.01
CA ASP A 13 1.48 4.17 -7.43
C ASP A 13 0.08 3.83 -7.95
N VAL A 14 -0.70 4.87 -8.23
CA VAL A 14 -2.08 4.69 -8.68
C VAL A 14 -2.26 5.20 -10.10
N THR A 15 -2.85 4.36 -10.95
CA THR A 15 -3.09 4.72 -12.33
C THR A 15 -4.25 5.71 -12.46
N SER A 16 -5.34 5.41 -11.77
CA SER A 16 -6.53 6.25 -11.80
C SER A 16 -6.26 7.56 -11.07
N ALA A 17 -6.17 8.66 -11.83
CA ALA A 17 -5.83 9.96 -11.27
C ALA A 17 -6.79 10.39 -10.17
N GLU A 18 -8.08 10.20 -10.41
CA GLU A 18 -9.09 10.60 -9.46
C GLU A 18 -9.01 9.75 -8.20
N ILE A 19 -8.90 8.44 -8.39
CA ILE A 19 -8.80 7.50 -7.28
C ILE A 19 -7.55 7.80 -6.46
N ARG A 20 -6.48 8.19 -7.15
CA ARG A 20 -5.22 8.51 -6.52
C ARG A 20 -5.40 9.63 -5.50
N ASN A 21 -6.16 10.64 -5.87
CA ASN A 21 -6.42 11.77 -4.97
C ASN A 21 -7.16 11.31 -3.72
N ILE A 22 -8.20 10.52 -3.91
CA ILE A 22 -9.00 10.01 -2.80
C ILE A 22 -8.12 9.18 -1.86
N VAL A 23 -7.35 8.28 -2.43
CA VAL A 23 -6.46 7.42 -1.66
C VAL A 23 -5.44 8.25 -0.90
N THR A 24 -4.82 9.20 -1.59
CA THR A 24 -3.79 10.05 -1.00
C THR A 24 -4.35 10.84 0.17
N ARG A 25 -5.55 11.37 -0.01
CA ARG A 25 -6.23 12.12 1.04
C ARG A 25 -6.41 11.28 2.29
N GLN A 26 -6.69 10.00 2.08
CA GLN A 26 -6.92 9.07 3.19
C GLN A 26 -5.63 8.74 3.92
N LEU A 27 -4.59 8.37 3.18
CA LEU A 27 -3.29 8.05 3.79
C LEU A 27 -2.74 9.25 4.53
N GLU A 28 -2.92 10.43 3.93
CA GLU A 28 -2.45 11.67 4.52
C GLU A 28 -3.17 11.97 5.82
N ASN A 29 -4.42 11.53 5.92
CA ASN A 29 -5.18 11.67 7.15
C ASN A 29 -4.55 10.85 8.25
N TRP A 30 -3.96 9.73 7.87
CA TRP A 30 -3.28 8.84 8.80
C TRP A 30 -1.83 9.29 9.00
N GLY A 31 -1.39 10.21 8.16
CA GLY A 31 -0.04 10.71 8.24
C GLY A 31 0.95 9.90 7.43
N ALA A 32 0.52 9.38 6.30
CA ALA A 32 1.39 8.58 5.45
C ALA A 32 2.02 9.45 4.36
N THR A 33 3.30 9.22 4.10
CA THR A 33 4.03 9.97 3.09
C THR A 33 3.94 9.26 1.74
N CYS A 34 3.19 9.85 0.81
CA CYS A 34 3.03 9.27 -0.52
C CYS A 34 4.31 9.43 -1.35
N ILE A 35 4.99 8.31 -1.58
CA ILE A 35 6.20 8.30 -2.37
C ILE A 35 5.92 7.81 -3.80
N THR A 36 6.65 8.35 -4.76
CA THR A 36 6.54 7.94 -6.15
C THR A 36 7.49 6.75 -6.40
N PRO A 37 7.30 6.01 -7.52
CA PRO A 37 8.18 4.89 -7.89
C PRO A 37 9.58 5.33 -8.36
N ASP A 38 10.11 6.37 -7.70
CA ASP A 38 11.45 6.90 -7.97
C ASP A 38 11.58 7.39 -9.42
N GLU A 39 12.81 7.74 -9.82
CA GLU A 39 13.07 8.25 -11.15
C GLU A 39 14.27 7.53 -11.79
N ARG A 40 15.01 6.79 -10.99
CA ARG A 40 16.18 6.07 -11.49
C ARG A 40 16.07 4.58 -11.18
N LEU A 41 15.32 4.24 -10.15
CA LEU A 41 15.12 2.85 -9.78
C LEU A 41 13.70 2.41 -10.16
N ILE A 42 13.00 1.83 -9.19
CA ILE A 42 11.63 1.39 -9.38
C ILE A 42 10.93 1.34 -8.02
N SER A 43 11.61 0.75 -7.06
CA SER A 43 11.14 0.72 -5.68
C SER A 43 12.09 1.53 -4.81
N GLN A 44 11.53 2.35 -3.95
CA GLN A 44 12.32 3.22 -3.10
C GLN A 44 12.18 2.82 -1.63
N ASP A 45 12.83 3.56 -0.75
CA ASP A 45 12.76 3.29 0.68
C ASP A 45 11.36 3.56 1.21
N TYR A 46 10.59 2.51 1.40
CA TYR A 46 9.22 2.63 1.87
C TYR A 46 8.96 1.69 3.04
N ASP A 47 7.92 2.00 3.80
CA ASP A 47 7.46 1.13 4.88
C ASP A 47 6.41 0.19 4.33
N ILE A 48 5.44 0.75 3.62
CA ILE A 48 4.37 -0.01 3.01
C ILE A 48 4.29 0.29 1.51
N PHE A 49 4.01 -0.74 0.74
CA PHE A 49 3.84 -0.59 -0.70
C PHE A 49 2.35 -0.55 -1.04
N LEU A 50 1.98 0.27 -2.01
CA LEU A 50 0.59 0.37 -2.44
C LEU A 50 0.55 0.68 -3.92
N THR A 51 -0.31 -0.01 -4.64
CA THR A 51 -0.44 0.22 -6.06
C THR A 51 -1.88 0.03 -6.51
N ASP A 52 -2.24 0.65 -7.62
CA ASP A 52 -3.59 0.57 -8.15
C ASP A 52 -3.64 -0.52 -9.22
N ASN A 53 -4.48 -1.53 -8.99
CA ASN A 53 -4.56 -2.71 -9.87
C ASN A 53 -3.40 -3.67 -9.59
N PRO A 54 -3.68 -4.99 -9.54
CA PRO A 54 -2.72 -6.00 -9.07
C PRO A 54 -1.54 -6.23 -10.01
N SER A 55 -1.68 -5.85 -11.27
CA SER A 55 -0.66 -6.13 -12.28
C SER A 55 0.60 -5.30 -12.08
N ASN A 56 0.56 -4.34 -11.15
CA ASN A 56 1.72 -3.50 -10.90
C ASN A 56 2.45 -3.92 -9.63
N LEU A 57 2.00 -5.00 -9.00
CA LEU A 57 2.66 -5.50 -7.81
C LEU A 57 3.90 -6.30 -8.19
N THR A 58 5.06 -5.69 -8.01
CA THR A 58 6.33 -6.30 -8.37
C THR A 58 6.73 -7.40 -7.39
N ALA A 59 6.19 -7.37 -6.18
CA ALA A 59 6.53 -8.36 -5.17
C ALA A 59 5.45 -8.46 -4.10
N SER A 60 5.49 -7.53 -3.15
CA SER A 60 4.57 -7.54 -2.03
C SER A 60 4.05 -6.13 -1.75
N GLY A 61 2.80 -6.03 -1.35
CA GLY A 61 2.21 -4.76 -1.03
C GLY A 61 0.70 -4.80 -1.09
N LEU A 62 0.07 -3.64 -1.00
CA LEU A 62 -1.38 -3.55 -1.04
C LEU A 62 -1.82 -3.08 -2.41
N LEU A 63 -2.83 -3.73 -2.96
CA LEU A 63 -3.36 -3.37 -4.25
C LEU A 63 -4.77 -2.81 -4.09
N LEU A 64 -5.01 -1.69 -4.73
CA LEU A 64 -6.30 -1.03 -4.64
C LEU A 64 -7.28 -1.61 -5.64
N SER A 65 -8.52 -1.72 -5.22
CA SER A 65 -9.58 -2.26 -6.04
C SER A 65 -10.88 -1.52 -5.75
N ASP A 66 -11.87 -1.72 -6.62
CA ASP A 66 -13.21 -1.18 -6.39
C ASP A 66 -14.23 -2.25 -6.70
N ASP A 67 -14.42 -3.14 -5.73
CA ASP A 67 -15.27 -4.31 -5.87
C ASP A 67 -15.34 -5.03 -4.53
N GLU A 68 -14.20 -5.05 -3.85
CA GLU A 68 -14.08 -5.67 -2.55
C GLU A 68 -14.97 -4.95 -1.51
N SER A 69 -15.35 -5.68 -0.48
CA SER A 69 -16.13 -5.12 0.61
C SER A 69 -15.25 -4.99 1.86
N GLY A 70 -13.99 -5.35 1.70
CA GLY A 70 -13.03 -5.25 2.78
C GLY A 70 -11.61 -5.35 2.27
N VAL A 71 -10.80 -6.15 2.94
CA VAL A 71 -9.43 -6.39 2.51
C VAL A 71 -9.15 -7.89 2.56
N ARG A 72 -8.81 -8.46 1.40
CA ARG A 72 -8.60 -9.90 1.31
C ARG A 72 -7.28 -10.23 0.64
N GLU A 73 -6.78 -11.43 0.87
CA GLU A 73 -5.55 -11.88 0.25
C GLU A 73 -5.85 -12.70 -0.99
N ILE A 74 -5.16 -12.40 -2.08
CA ILE A 74 -5.32 -13.17 -3.32
C ILE A 74 -4.05 -13.94 -3.63
N GLY A 75 -3.02 -13.66 -2.86
CA GLY A 75 -1.74 -14.30 -3.03
C GLY A 75 -0.77 -13.84 -1.97
N PRO A 76 0.43 -14.42 -1.90
CA PRO A 76 1.42 -14.04 -0.89
C PRO A 76 1.83 -12.59 -1.04
N GLY A 77 1.59 -11.81 0.00
CA GLY A 77 1.91 -10.39 -0.04
C GLY A 77 1.05 -9.63 -1.03
N GLN A 78 -0.09 -10.20 -1.38
CA GLN A 78 -1.01 -9.56 -2.31
C GLN A 78 -2.38 -9.40 -1.66
N LEU A 79 -2.78 -8.16 -1.44
CA LEU A 79 -4.02 -7.89 -0.72
C LEU A 79 -4.86 -6.85 -1.45
N CYS A 80 -6.06 -7.25 -1.83
CA CYS A 80 -7.00 -6.34 -2.48
C CYS A 80 -7.82 -5.61 -1.42
N VAL A 81 -7.77 -4.29 -1.47
CA VAL A 81 -8.54 -3.47 -0.54
C VAL A 81 -9.30 -2.39 -1.29
N ASN A 82 -10.50 -2.07 -0.79
CA ASN A 82 -11.30 -1.02 -1.39
C ASN A 82 -11.02 0.32 -0.73
N PHE A 83 -10.69 1.31 -1.54
CA PHE A 83 -10.31 2.64 -1.04
C PHE A 83 -11.47 3.30 -0.29
N ASN A 84 -12.68 2.91 -0.61
CA ASN A 84 -13.87 3.52 -0.02
C ASN A 84 -14.10 3.01 1.41
N MET A 85 -13.40 1.95 1.78
CA MET A 85 -13.54 1.40 3.13
C MET A 85 -12.31 1.73 3.96
N SER A 86 -12.37 2.85 4.67
CA SER A 86 -11.28 3.28 5.53
C SER A 86 -11.03 2.27 6.64
N ASN A 87 -12.09 1.60 7.08
CA ASN A 87 -11.97 0.59 8.13
C ASN A 87 -11.13 -0.58 7.64
N ALA A 88 -11.44 -1.05 6.44
CA ALA A 88 -10.72 -2.17 5.84
C ALA A 88 -9.30 -1.76 5.47
N MET A 89 -9.15 -0.54 4.97
CA MET A 89 -7.84 -0.02 4.61
C MET A 89 -6.95 0.07 5.84
N GLN A 90 -7.55 0.39 6.97
CA GLN A 90 -6.83 0.43 8.25
C GLN A 90 -6.25 -0.94 8.58
N GLU A 91 -7.06 -1.99 8.41
CA GLU A 91 -6.60 -3.36 8.66
C GLU A 91 -5.47 -3.72 7.69
N ALA A 92 -5.62 -3.32 6.44
CA ALA A 92 -4.63 -3.61 5.42
C ALA A 92 -3.28 -2.98 5.77
N VAL A 93 -3.32 -1.71 6.14
CA VAL A 93 -2.12 -0.99 6.52
C VAL A 93 -1.46 -1.63 7.75
N LEU A 94 -2.28 -1.95 8.74
CA LEU A 94 -1.79 -2.55 9.98
C LEU A 94 -1.13 -3.90 9.70
N GLN A 95 -1.75 -4.69 8.84
CA GLN A 95 -1.24 -6.01 8.50
C GLN A 95 0.10 -5.89 7.78
N LEU A 96 0.17 -4.99 6.80
CA LEU A 96 1.38 -4.80 6.01
C LEU A 96 2.53 -4.32 6.88
N ILE A 97 2.25 -3.36 7.76
CA ILE A 97 3.27 -2.83 8.65
C ILE A 97 3.69 -3.86 9.70
N GLU A 98 2.76 -4.73 10.06
CA GLU A 98 3.03 -5.77 11.05
C GLU A 98 4.00 -6.80 10.49
N VAL A 99 3.69 -7.32 9.31
CA VAL A 99 4.55 -8.32 8.68
C VAL A 99 5.91 -7.72 8.31
N GLN A 100 5.91 -6.42 8.01
CA GLN A 100 7.15 -5.71 7.71
C GLN A 100 8.01 -5.57 8.95
N LEU A 101 7.36 -5.35 10.08
CA LEU A 101 8.06 -5.19 11.35
C LEU A 101 8.46 -6.56 11.91
N ALA A 102 7.69 -7.58 11.56
CA ALA A 102 7.98 -8.93 12.01
C ALA A 102 9.25 -9.47 11.36
N GLN A 103 9.36 -9.27 10.05
CA GLN A 103 10.53 -9.74 9.32
C GLN A 103 11.06 -8.64 8.40
N GLU A 104 10.86 -8.80 7.10
CA GLU A 104 11.33 -7.86 6.10
C GLU A 104 10.90 -8.33 4.72
N GLU A 105 9.96 -7.60 4.13
CA GLU A 105 9.44 -7.97 2.82
C GLU A 105 9.57 -6.80 1.84
N VAL A 106 10.73 -6.15 1.85
CA VAL A 106 10.98 -5.04 0.93
C VAL A 106 11.52 -5.57 -0.39
N THR A 107 12.00 -6.81 -0.36
CA THR A 107 12.57 -7.47 -1.54
C THR A 107 13.85 -6.76 -2.02
N GLU A 108 14.84 -6.70 -1.14
CA GLU A 108 16.11 -6.07 -1.44
C GLU A 108 16.91 -6.94 -2.41
N SER A 109 17.43 -6.32 -3.47
CA SER A 109 18.20 -7.04 -4.48
C SER A 109 19.69 -6.74 -4.35
N ARG A 110 20.51 -7.77 -4.55
CA ARG A 110 21.95 -7.61 -4.46
C ARG A 110 22.56 -7.46 -5.85
N SER A 111 22.39 -6.29 -6.44
CA SER A 111 22.95 -6.02 -7.76
C SER A 111 24.43 -5.70 -7.65
N MET A 1 -8.01 11.58 17.61
CA MET A 1 -7.33 11.67 16.30
C MET A 1 -6.45 10.45 16.07
N GLU A 2 -7.01 9.43 15.44
CA GLU A 2 -6.28 8.22 15.13
C GLU A 2 -5.46 8.42 13.87
N ARG A 3 -4.17 8.10 13.95
CA ARG A 3 -3.28 8.18 12.83
C ARG A 3 -2.47 6.89 12.74
N LEU A 4 -2.85 6.05 11.78
CA LEU A 4 -2.31 4.70 11.66
C LEU A 4 -0.83 4.73 11.27
N LEU A 5 -0.43 5.74 10.52
CA LEU A 5 0.94 5.85 10.06
C LEU A 5 1.69 6.91 10.85
N ASP A 6 1.02 8.05 11.07
CA ASP A 6 1.58 9.19 11.79
C ASP A 6 2.66 9.90 10.98
N ASP A 7 3.72 9.16 10.68
CA ASP A 7 4.81 9.67 9.85
C ASP A 7 5.54 8.50 9.21
N VAL A 8 4.79 7.68 8.48
CA VAL A 8 5.34 6.48 7.88
C VAL A 8 5.36 6.61 6.36
N CYS A 9 6.51 6.29 5.76
CA CYS A 9 6.70 6.39 4.32
C CYS A 9 5.89 5.34 3.56
N VAL A 10 5.00 5.81 2.69
CA VAL A 10 4.17 4.92 1.88
C VAL A 10 4.26 5.32 0.42
N MET A 11 4.82 4.44 -0.41
CA MET A 11 4.93 4.71 -1.83
C MET A 11 3.60 4.40 -2.52
N VAL A 12 3.02 5.40 -3.16
CA VAL A 12 1.72 5.25 -3.78
C VAL A 12 1.82 5.30 -5.31
N ASP A 13 1.56 4.18 -5.94
CA ASP A 13 1.53 4.11 -7.39
C ASP A 13 0.17 3.63 -7.88
N VAL A 14 -0.67 4.59 -8.25
CA VAL A 14 -2.03 4.30 -8.68
C VAL A 14 -2.23 4.72 -10.13
N THR A 15 -2.68 3.79 -10.96
CA THR A 15 -2.88 4.04 -12.38
C THR A 15 -3.94 5.12 -12.58
N SER A 16 -5.09 4.95 -11.95
CA SER A 16 -6.17 5.90 -12.05
C SER A 16 -5.84 7.15 -11.24
N ALA A 17 -5.45 8.22 -11.92
CA ALA A 17 -5.00 9.44 -11.26
C ALA A 17 -6.09 10.04 -10.38
N GLU A 18 -7.33 9.94 -10.82
CA GLU A 18 -8.48 10.42 -10.04
C GLU A 18 -8.52 9.69 -8.70
N ILE A 19 -8.49 8.37 -8.76
CA ILE A 19 -8.57 7.55 -7.57
C ILE A 19 -7.33 7.77 -6.70
N ARG A 20 -6.20 7.98 -7.35
CA ARG A 20 -4.93 8.24 -6.67
C ARG A 20 -5.06 9.40 -5.71
N ASN A 21 -5.64 10.50 -6.18
CA ASN A 21 -5.82 11.69 -5.35
C ASN A 21 -6.71 11.39 -4.15
N ILE A 22 -7.80 10.67 -4.40
CA ILE A 22 -8.72 10.30 -3.33
C ILE A 22 -8.03 9.47 -2.26
N VAL A 23 -7.33 8.43 -2.68
CA VAL A 23 -6.63 7.55 -1.74
C VAL A 23 -5.54 8.31 -1.00
N THR A 24 -4.84 9.19 -1.70
CA THR A 24 -3.79 10.00 -1.08
C THR A 24 -4.35 10.83 0.06
N ARG A 25 -5.54 11.37 -0.15
CA ARG A 25 -6.23 12.15 0.89
C ARG A 25 -6.39 11.32 2.16
N GLN A 26 -6.84 10.08 1.97
CA GLN A 26 -7.11 9.17 3.07
C GLN A 26 -5.81 8.74 3.78
N LEU A 27 -4.82 8.31 3.01
CA LEU A 27 -3.54 7.86 3.58
C LEU A 27 -2.86 8.99 4.35
N GLU A 28 -2.86 10.17 3.75
CA GLU A 28 -2.23 11.33 4.35
C GLU A 28 -2.89 11.69 5.67
N ASN A 29 -4.21 11.47 5.75
CA ASN A 29 -4.96 11.70 6.98
C ASN A 29 -4.44 10.80 8.09
N TRP A 30 -3.88 9.67 7.69
CA TRP A 30 -3.35 8.70 8.64
C TRP A 30 -1.90 9.01 8.97
N GLY A 31 -1.31 9.92 8.21
CA GLY A 31 0.08 10.28 8.44
C GLY A 31 1.03 9.50 7.56
N ALA A 32 0.62 9.21 6.34
CA ALA A 32 1.46 8.47 5.41
C ALA A 32 2.18 9.42 4.45
N THR A 33 3.50 9.33 4.42
CA THR A 33 4.30 10.14 3.53
C THR A 33 4.26 9.56 2.13
N CYS A 34 3.46 10.16 1.26
CA CYS A 34 3.28 9.66 -0.09
C CYS A 34 4.55 9.80 -0.92
N ILE A 35 5.16 8.67 -1.25
CA ILE A 35 6.36 8.65 -2.07
C ILE A 35 5.99 8.33 -3.51
N THR A 36 6.79 8.84 -4.44
CA THR A 36 6.53 8.68 -5.84
C THR A 36 7.25 7.44 -6.36
N PRO A 37 6.58 6.66 -7.23
CA PRO A 37 7.15 5.43 -7.80
C PRO A 37 8.46 5.68 -8.53
N ASP A 38 9.57 5.40 -7.84
CA ASP A 38 10.92 5.43 -8.42
C ASP A 38 10.92 4.92 -9.86
N GLU A 39 11.43 5.74 -10.76
CA GLU A 39 11.38 5.46 -12.17
C GLU A 39 12.77 5.21 -12.75
N ARG A 40 13.75 5.05 -11.89
CA ARG A 40 15.13 4.88 -12.36
C ARG A 40 15.71 3.55 -11.91
N LEU A 41 15.51 3.20 -10.65
CA LEU A 41 16.01 1.94 -10.14
C LEU A 41 15.03 0.83 -10.49
N ILE A 42 13.88 0.85 -9.83
CA ILE A 42 12.80 -0.11 -10.08
C ILE A 42 11.80 -0.07 -8.92
N SER A 43 12.33 0.14 -7.72
CA SER A 43 11.55 0.21 -6.51
C SER A 43 12.42 0.75 -5.38
N GLN A 44 11.97 1.79 -4.72
CA GLN A 44 12.75 2.40 -3.65
C GLN A 44 12.34 1.81 -2.31
N ASP A 45 12.99 2.26 -1.24
CA ASP A 45 12.71 1.76 0.10
C ASP A 45 11.52 2.50 0.71
N TYR A 46 10.61 1.74 1.29
CA TYR A 46 9.42 2.30 1.90
C TYR A 46 8.94 1.36 3.01
N ASP A 47 8.00 1.83 3.82
CA ASP A 47 7.43 0.99 4.86
C ASP A 47 6.28 0.18 4.29
N ILE A 48 5.37 0.89 3.63
CA ILE A 48 4.21 0.26 3.01
C ILE A 48 4.12 0.67 1.55
N PHE A 49 3.78 -0.27 0.69
CA PHE A 49 3.61 0.00 -0.72
C PHE A 49 2.14 -0.10 -1.10
N LEU A 50 1.64 0.89 -1.82
CA LEU A 50 0.26 0.90 -2.27
C LEU A 50 0.22 1.07 -3.78
N THR A 51 -0.63 0.30 -4.42
CA THR A 51 -0.73 0.32 -5.87
C THR A 51 -2.17 0.15 -6.31
N ASP A 52 -2.49 0.60 -7.50
CA ASP A 52 -3.83 0.42 -8.05
C ASP A 52 -3.82 -0.69 -9.09
N ASN A 53 -4.74 -1.64 -8.93
CA ASN A 53 -4.86 -2.78 -9.83
C ASN A 53 -3.70 -3.77 -9.63
N PRO A 54 -3.98 -5.07 -9.79
CA PRO A 54 -2.97 -6.13 -9.58
C PRO A 54 -1.79 -6.01 -10.54
N SER A 55 -2.00 -5.34 -11.66
CA SER A 55 -0.98 -5.20 -12.69
C SER A 55 0.16 -4.30 -12.23
N ASN A 56 -0.16 -3.28 -11.44
CA ASN A 56 0.83 -2.30 -11.02
C ASN A 56 1.69 -2.83 -9.86
N LEU A 57 1.19 -3.85 -9.17
CA LEU A 57 1.92 -4.45 -8.05
C LEU A 57 3.23 -5.04 -8.53
N THR A 58 4.33 -4.48 -8.03
CA THR A 58 5.67 -4.95 -8.39
C THR A 58 5.89 -6.39 -7.95
N ALA A 59 5.34 -6.73 -6.78
CA ALA A 59 5.43 -8.08 -6.25
C ALA A 59 4.40 -8.27 -5.15
N SER A 60 4.54 -7.52 -4.08
CA SER A 60 3.65 -7.59 -2.95
C SER A 60 3.31 -6.19 -2.46
N GLY A 61 2.27 -6.09 -1.66
CA GLY A 61 1.86 -4.80 -1.12
C GLY A 61 0.36 -4.69 -1.05
N LEU A 62 -0.13 -3.47 -0.98
CA LEU A 62 -1.56 -3.24 -0.91
C LEU A 62 -2.10 -2.81 -2.27
N LEU A 63 -2.88 -3.70 -2.88
CA LEU A 63 -3.44 -3.42 -4.19
C LEU A 63 -4.88 -2.97 -4.04
N LEU A 64 -5.17 -1.81 -4.62
CA LEU A 64 -6.47 -1.20 -4.50
C LEU A 64 -7.45 -1.78 -5.51
N SER A 65 -8.69 -1.92 -5.08
CA SER A 65 -9.76 -2.41 -5.93
C SER A 65 -11.10 -1.88 -5.44
N ASP A 66 -11.72 -0.99 -6.22
CA ASP A 66 -13.01 -0.42 -5.87
C ASP A 66 -14.11 -1.47 -5.96
N ASP A 67 -13.81 -2.55 -6.66
CA ASP A 67 -14.73 -3.66 -6.84
C ASP A 67 -14.80 -4.53 -5.59
N GLU A 68 -13.91 -4.27 -4.64
CA GLU A 68 -13.81 -5.08 -3.44
C GLU A 68 -14.81 -4.65 -2.37
N SER A 69 -15.27 -5.60 -1.57
CA SER A 69 -16.18 -5.31 -0.48
C SER A 69 -15.41 -5.14 0.84
N GLY A 70 -14.11 -4.90 0.72
CA GLY A 70 -13.28 -4.72 1.89
C GLY A 70 -11.83 -5.00 1.58
N VAL A 71 -11.22 -5.90 2.34
CA VAL A 71 -9.85 -6.32 2.09
C VAL A 71 -9.76 -7.84 2.12
N ARG A 72 -9.10 -8.40 1.12
CA ARG A 72 -8.97 -9.85 1.02
C ARG A 72 -7.58 -10.24 0.56
N GLU A 73 -7.12 -11.41 0.99
CA GLU A 73 -5.85 -11.94 0.55
C GLU A 73 -6.06 -12.80 -0.70
N ILE A 74 -5.18 -12.62 -1.68
CA ILE A 74 -5.24 -13.40 -2.91
C ILE A 74 -3.87 -13.99 -3.20
N GLY A 75 -3.13 -14.22 -2.13
CA GLY A 75 -1.78 -14.72 -2.23
C GLY A 75 -0.89 -14.09 -1.18
N PRO A 76 0.29 -14.65 -0.92
CA PRO A 76 1.19 -14.13 0.12
C PRO A 76 1.64 -12.71 -0.19
N GLY A 77 1.30 -11.79 0.70
CA GLY A 77 1.66 -10.40 0.50
C GLY A 77 0.81 -9.72 -0.56
N GLN A 78 -0.25 -10.39 -1.00
CA GLN A 78 -1.13 -9.84 -2.02
C GLN A 78 -2.52 -9.66 -1.46
N LEU A 79 -2.96 -8.42 -1.37
CA LEU A 79 -4.25 -8.12 -0.76
C LEU A 79 -4.99 -7.05 -1.56
N CYS A 80 -6.22 -7.37 -1.94
CA CYS A 80 -7.08 -6.40 -2.61
C CYS A 80 -7.89 -5.65 -1.57
N VAL A 81 -7.82 -4.32 -1.61
CA VAL A 81 -8.49 -3.50 -0.61
C VAL A 81 -9.29 -2.38 -1.27
N ASN A 82 -10.49 -2.14 -0.74
CA ASN A 82 -11.33 -1.05 -1.19
C ASN A 82 -11.01 0.22 -0.41
N PHE A 83 -10.70 1.29 -1.13
CA PHE A 83 -10.32 2.56 -0.52
C PHE A 83 -11.49 3.21 0.20
N ASN A 84 -12.71 2.84 -0.19
CA ASN A 84 -13.92 3.42 0.40
C ASN A 84 -14.08 2.99 1.86
N MET A 85 -13.58 1.80 2.18
CA MET A 85 -13.70 1.28 3.53
C MET A 85 -12.46 1.61 4.34
N SER A 86 -12.53 2.70 5.11
CA SER A 86 -11.44 3.09 5.99
C SER A 86 -11.12 1.97 6.96
N ASN A 87 -12.15 1.22 7.36
CA ASN A 87 -12.01 0.07 8.24
C ASN A 87 -11.03 -0.93 7.66
N ALA A 88 -11.33 -1.41 6.46
CA ALA A 88 -10.55 -2.45 5.81
C ALA A 88 -9.15 -1.95 5.48
N MET A 89 -9.05 -0.69 5.06
CA MET A 89 -7.77 -0.12 4.71
C MET A 89 -6.89 0.04 5.95
N GLN A 90 -7.51 0.30 7.09
CA GLN A 90 -6.79 0.46 8.34
C GLN A 90 -6.10 -0.85 8.76
N GLU A 91 -6.86 -1.94 8.73
CA GLU A 91 -6.32 -3.24 9.12
C GLU A 91 -5.31 -3.74 8.09
N ALA A 92 -5.56 -3.41 6.82
CA ALA A 92 -4.65 -3.78 5.75
C ALA A 92 -3.31 -3.07 5.91
N VAL A 93 -3.36 -1.79 6.26
CA VAL A 93 -2.16 -1.00 6.48
C VAL A 93 -1.35 -1.56 7.65
N LEU A 94 -2.04 -1.89 8.73
CA LEU A 94 -1.41 -2.47 9.91
C LEU A 94 -0.77 -3.82 9.56
N GLN A 95 -1.51 -4.62 8.80
CA GLN A 95 -1.04 -5.93 8.36
C GLN A 95 0.26 -5.80 7.54
N LEU A 96 0.28 -4.80 6.65
CA LEU A 96 1.44 -4.56 5.81
C LEU A 96 2.67 -4.19 6.63
N ILE A 97 2.49 -3.26 7.57
CA ILE A 97 3.60 -2.81 8.40
C ILE A 97 4.09 -3.90 9.35
N GLU A 98 3.16 -4.75 9.80
CA GLU A 98 3.49 -5.82 10.72
C GLU A 98 4.24 -6.94 10.00
N VAL A 99 3.81 -7.27 8.79
CA VAL A 99 4.45 -8.32 8.01
C VAL A 99 5.85 -7.90 7.57
N GLN A 100 6.03 -6.60 7.37
CA GLN A 100 7.33 -6.05 7.01
C GLN A 100 8.29 -6.17 8.18
N LEU A 101 7.79 -5.87 9.38
CA LEU A 101 8.59 -5.97 10.59
C LEU A 101 8.82 -7.42 10.98
N ALA A 102 7.85 -8.27 10.68
CA ALA A 102 7.98 -9.70 10.96
C ALA A 102 9.05 -10.32 10.07
N GLN A 103 8.99 -10.02 8.78
CA GLN A 103 9.99 -10.51 7.84
C GLN A 103 11.03 -9.43 7.59
N GLU A 104 11.57 -8.89 8.68
CA GLU A 104 12.55 -7.82 8.60
C GLU A 104 13.94 -8.39 8.43
N GLU A 105 14.20 -8.88 7.23
CA GLU A 105 15.50 -9.39 6.83
C GLU A 105 15.84 -10.69 7.55
N VAL A 106 15.34 -11.79 7.00
CA VAL A 106 15.61 -13.10 7.55
C VAL A 106 16.39 -13.95 6.55
N THR A 107 17.59 -14.35 6.92
CA THR A 107 18.43 -15.16 6.06
C THR A 107 18.68 -16.52 6.70
N GLU A 108 18.24 -17.57 6.02
CA GLU A 108 18.46 -18.92 6.48
C GLU A 108 19.30 -19.69 5.47
N SER A 109 20.61 -19.65 5.67
CA SER A 109 21.54 -20.34 4.77
C SER A 109 22.57 -21.11 5.58
N ARG A 110 23.10 -22.18 4.99
CA ARG A 110 24.07 -23.02 5.69
C ARG A 110 25.10 -23.55 4.72
N SER A 111 26.21 -24.02 5.27
CA SER A 111 27.29 -24.59 4.47
C SER A 111 27.53 -26.04 4.87
N MET A 1 -9.85 6.56 12.19
CA MET A 1 -10.04 7.84 12.93
C MET A 1 -8.70 8.35 13.44
N GLU A 2 -7.95 7.47 14.07
CA GLU A 2 -6.67 7.79 14.65
C GLU A 2 -5.57 7.87 13.59
N ARG A 3 -4.34 8.02 14.04
CA ARG A 3 -3.20 8.07 13.14
C ARG A 3 -2.57 6.70 13.00
N LEU A 4 -2.96 5.98 11.95
CA LEU A 4 -2.50 4.61 11.75
C LEU A 4 -1.05 4.58 11.26
N LEU A 5 -0.60 5.66 10.65
CA LEU A 5 0.74 5.70 10.08
C LEU A 5 1.65 6.62 10.88
N ASP A 6 1.17 7.84 11.15
CA ASP A 6 1.92 8.85 11.91
C ASP A 6 3.15 9.34 11.15
N ASP A 7 4.18 8.50 11.08
CA ASP A 7 5.34 8.78 10.26
C ASP A 7 5.74 7.54 9.49
N VAL A 8 5.00 7.26 8.43
CA VAL A 8 5.28 6.12 7.57
C VAL A 8 5.27 6.56 6.11
N CYS A 9 6.30 6.15 5.37
CA CYS A 9 6.42 6.52 3.97
C CYS A 9 5.73 5.49 3.09
N VAL A 10 4.66 5.90 2.41
CA VAL A 10 3.90 5.01 1.56
C VAL A 10 4.07 5.39 0.10
N MET A 11 4.62 4.47 -0.67
CA MET A 11 4.80 4.68 -2.10
C MET A 11 3.54 4.25 -2.83
N VAL A 12 2.80 5.21 -3.35
CA VAL A 12 1.51 4.95 -3.96
C VAL A 12 1.53 5.24 -5.47
N ASP A 13 1.53 4.19 -6.25
CA ASP A 13 1.52 4.30 -7.71
C ASP A 13 0.17 3.86 -8.26
N VAL A 14 -0.65 4.82 -8.64
CA VAL A 14 -1.99 4.52 -9.11
C VAL A 14 -2.24 5.13 -10.49
N THR A 15 -2.65 4.29 -11.43
CA THR A 15 -2.92 4.74 -12.79
C THR A 15 -4.09 5.71 -12.82
N SER A 16 -5.15 5.36 -12.10
CA SER A 16 -6.32 6.22 -12.01
C SER A 16 -6.04 7.41 -11.08
N ALA A 17 -5.84 8.58 -11.68
CA ALA A 17 -5.43 9.78 -10.96
C ALA A 17 -6.44 10.15 -9.86
N GLU A 18 -7.72 10.06 -10.18
CA GLU A 18 -8.77 10.36 -9.22
C GLU A 18 -8.66 9.46 -8.01
N ILE A 19 -8.43 8.17 -8.25
CA ILE A 19 -8.33 7.19 -7.18
C ILE A 19 -7.05 7.44 -6.36
N ARG A 20 -5.98 7.81 -7.05
CA ARG A 20 -4.73 8.15 -6.38
C ARG A 20 -4.94 9.33 -5.44
N ASN A 21 -5.78 10.27 -5.87
CA ASN A 21 -6.12 11.43 -5.06
C ASN A 21 -6.88 10.99 -3.79
N ILE A 22 -7.85 10.11 -3.98
CA ILE A 22 -8.66 9.61 -2.87
C ILE A 22 -7.78 8.92 -1.83
N VAL A 23 -6.92 8.03 -2.29
CA VAL A 23 -6.06 7.30 -1.37
C VAL A 23 -5.02 8.21 -0.74
N THR A 24 -4.53 9.19 -1.49
CA THR A 24 -3.57 10.15 -0.96
C THR A 24 -4.18 10.91 0.20
N ARG A 25 -5.45 11.28 0.04
CA ARG A 25 -6.21 11.94 1.10
C ARG A 25 -6.26 11.07 2.35
N GLN A 26 -6.47 9.78 2.15
CA GLN A 26 -6.63 8.84 3.24
C GLN A 26 -5.32 8.60 3.99
N LEU A 27 -4.27 8.19 3.28
CA LEU A 27 -2.98 7.89 3.91
C LEU A 27 -2.43 9.13 4.60
N GLU A 28 -2.57 10.27 3.95
CA GLU A 28 -2.06 11.53 4.49
C GLU A 28 -2.78 11.90 5.79
N ASN A 29 -4.05 11.52 5.88
CA ASN A 29 -4.83 11.78 7.09
C ASN A 29 -4.35 10.87 8.22
N TRP A 30 -3.79 9.73 7.85
CA TRP A 30 -3.30 8.76 8.83
C TRP A 30 -1.85 9.07 9.23
N GLY A 31 -1.19 9.89 8.43
CA GLY A 31 0.19 10.24 8.72
C GLY A 31 1.17 9.50 7.83
N ALA A 32 0.79 9.29 6.59
CA ALA A 32 1.66 8.63 5.64
C ALA A 32 2.10 9.60 4.56
N THR A 33 3.39 9.63 4.31
CA THR A 33 3.94 10.45 3.24
C THR A 33 3.77 9.72 1.91
N CYS A 34 2.93 10.25 1.04
CA CYS A 34 2.61 9.61 -0.22
C CYS A 34 3.67 9.92 -1.27
N ILE A 35 4.52 8.96 -1.55
CA ILE A 35 5.61 9.15 -2.51
C ILE A 35 5.33 8.40 -3.79
N THR A 36 5.95 8.86 -4.87
CA THR A 36 5.84 8.21 -6.17
C THR A 36 7.06 7.32 -6.41
N PRO A 37 6.90 6.22 -7.16
CA PRO A 37 7.99 5.25 -7.39
C PRO A 37 9.04 5.72 -8.39
N ASP A 38 9.30 7.03 -8.40
CA ASP A 38 10.28 7.63 -9.31
C ASP A 38 9.94 7.33 -10.77
N GLU A 39 10.92 7.54 -11.64
CA GLU A 39 10.81 7.17 -13.05
C GLU A 39 12.13 6.54 -13.49
N ARG A 40 13.22 6.99 -12.88
CA ARG A 40 14.54 6.46 -13.17
C ARG A 40 14.71 5.09 -12.51
N LEU A 41 13.89 4.86 -11.49
CA LEU A 41 13.89 3.59 -10.79
C LEU A 41 12.52 2.95 -10.89
N ILE A 42 12.48 1.64 -10.73
CA ILE A 42 11.22 0.91 -10.70
C ILE A 42 10.49 1.18 -9.37
N SER A 43 11.28 1.39 -8.32
CA SER A 43 10.74 1.66 -7.01
C SER A 43 11.80 2.30 -6.12
N GLN A 44 11.37 3.13 -5.19
CA GLN A 44 12.26 3.70 -4.20
C GLN A 44 11.98 3.02 -2.86
N ASP A 45 12.71 3.43 -1.82
CA ASP A 45 12.53 2.81 -0.50
C ASP A 45 11.25 3.32 0.16
N TYR A 46 10.52 2.41 0.77
CA TYR A 46 9.23 2.72 1.38
C TYR A 46 8.95 1.80 2.55
N ASP A 47 7.93 2.14 3.33
CA ASP A 47 7.46 1.27 4.42
C ASP A 47 6.35 0.37 3.90
N ILE A 48 5.36 0.99 3.29
CA ILE A 48 4.22 0.26 2.74
C ILE A 48 4.01 0.64 1.28
N PHE A 49 3.73 -0.35 0.46
CA PHE A 49 3.49 -0.12 -0.96
C PHE A 49 1.99 -0.10 -1.26
N LEU A 50 1.59 0.80 -2.13
CA LEU A 50 0.20 0.91 -2.56
C LEU A 50 0.17 1.13 -4.06
N THR A 51 -0.71 0.44 -4.76
CA THR A 51 -0.75 0.55 -6.21
C THR A 51 -2.14 0.24 -6.76
N ASP A 52 -2.37 0.68 -7.99
CA ASP A 52 -3.62 0.42 -8.68
C ASP A 52 -3.61 -0.98 -9.26
N ASN A 53 -4.53 -1.84 -8.80
CA ASN A 53 -4.67 -3.20 -9.30
C ASN A 53 -3.49 -4.09 -8.85
N PRO A 54 -3.62 -5.43 -8.93
CA PRO A 54 -2.59 -6.34 -8.42
C PRO A 54 -1.44 -6.57 -9.39
N SER A 55 -1.50 -5.94 -10.55
CA SER A 55 -0.50 -6.14 -11.58
C SER A 55 0.78 -5.35 -11.30
N ASN A 56 0.66 -4.27 -10.54
CA ASN A 56 1.78 -3.36 -10.33
C ASN A 56 2.37 -3.52 -8.93
N LEU A 57 2.28 -4.71 -8.36
CA LEU A 57 2.84 -4.98 -7.05
C LEU A 57 4.26 -5.51 -7.17
N THR A 58 5.17 -4.92 -6.40
CA THR A 58 6.56 -5.35 -6.38
C THR A 58 6.66 -6.79 -5.86
N ALA A 59 6.13 -7.00 -4.68
CA ALA A 59 6.10 -8.31 -4.05
C ALA A 59 4.96 -8.38 -3.05
N SER A 60 5.05 -7.56 -2.02
CA SER A 60 3.99 -7.46 -1.03
C SER A 60 3.50 -6.01 -0.96
N GLY A 61 2.24 -5.83 -0.58
CA GLY A 61 1.71 -4.49 -0.45
C GLY A 61 0.21 -4.46 -0.59
N LEU A 62 -0.35 -3.27 -0.64
CA LEU A 62 -1.78 -3.10 -0.74
C LEU A 62 -2.17 -2.75 -2.16
N LEU A 63 -2.94 -3.61 -2.79
CA LEU A 63 -3.41 -3.37 -4.13
C LEU A 63 -4.83 -2.81 -4.06
N LEU A 64 -5.07 -1.71 -4.76
CA LEU A 64 -6.34 -1.03 -4.70
C LEU A 64 -7.37 -1.69 -5.59
N SER A 65 -8.50 -2.02 -4.98
CA SER A 65 -9.61 -2.65 -5.66
C SER A 65 -10.90 -1.88 -5.41
N ASP A 66 -11.84 -1.97 -6.34
CA ASP A 66 -13.13 -1.29 -6.20
C ASP A 66 -14.24 -2.32 -6.08
N ASP A 67 -13.92 -3.56 -6.37
CA ASP A 67 -14.90 -4.64 -6.29
C ASP A 67 -15.02 -5.14 -4.85
N GLU A 68 -13.87 -5.44 -4.26
CA GLU A 68 -13.75 -6.04 -2.93
C GLU A 68 -14.76 -5.51 -1.91
N SER A 69 -14.89 -4.19 -1.83
CA SER A 69 -15.71 -3.55 -0.79
C SER A 69 -15.22 -4.00 0.59
N GLY A 70 -13.91 -3.94 0.77
CA GLY A 70 -13.28 -4.40 1.98
C GLY A 70 -11.84 -4.77 1.73
N VAL A 71 -11.32 -5.72 2.48
CA VAL A 71 -9.96 -6.19 2.29
C VAL A 71 -9.91 -7.72 2.28
N ARG A 72 -9.10 -8.27 1.40
CA ARG A 72 -8.92 -9.71 1.32
C ARG A 72 -7.49 -10.05 0.92
N GLU A 73 -7.09 -11.29 1.16
CA GLU A 73 -5.77 -11.75 0.79
C GLU A 73 -5.88 -12.83 -0.28
N ILE A 74 -5.24 -12.60 -1.41
CA ILE A 74 -5.24 -13.56 -2.50
C ILE A 74 -4.03 -14.47 -2.37
N GLY A 75 -3.11 -14.06 -1.51
CA GLY A 75 -1.91 -14.79 -1.24
C GLY A 75 -1.06 -14.02 -0.27
N PRO A 76 -0.12 -14.66 0.43
CA PRO A 76 0.71 -13.98 1.44
C PRO A 76 1.42 -12.77 0.86
N GLY A 77 1.12 -11.59 1.39
CA GLY A 77 1.75 -10.36 0.92
C GLY A 77 0.89 -9.64 -0.11
N GLN A 78 -0.01 -10.37 -0.76
CA GLN A 78 -0.87 -9.77 -1.77
C GLN A 78 -2.26 -9.54 -1.20
N LEU A 79 -2.65 -8.27 -1.10
CA LEU A 79 -3.89 -7.92 -0.43
C LEU A 79 -4.73 -6.99 -1.29
N CYS A 80 -5.87 -7.48 -1.73
CA CYS A 80 -6.82 -6.64 -2.44
C CYS A 80 -7.63 -5.84 -1.44
N VAL A 81 -7.39 -4.54 -1.39
CA VAL A 81 -8.06 -3.67 -0.46
C VAL A 81 -8.83 -2.57 -1.19
N ASN A 82 -10.05 -2.32 -0.75
CA ASN A 82 -10.88 -1.30 -1.35
C ASN A 82 -10.68 0.02 -0.63
N PHE A 83 -10.46 1.08 -1.39
CA PHE A 83 -10.14 2.40 -0.84
C PHE A 83 -11.34 3.08 -0.18
N ASN A 84 -12.54 2.65 -0.55
CA ASN A 84 -13.76 3.26 -0.01
C ASN A 84 -13.93 2.92 1.47
N MET A 85 -13.76 1.64 1.81
CA MET A 85 -13.85 1.21 3.18
C MET A 85 -12.56 1.53 3.93
N SER A 86 -12.51 2.72 4.52
CA SER A 86 -11.32 3.19 5.21
C SER A 86 -10.97 2.30 6.39
N ASN A 87 -11.97 1.66 6.99
CA ASN A 87 -11.75 0.76 8.11
C ASN A 87 -11.03 -0.51 7.66
N ALA A 88 -11.30 -0.93 6.43
CA ALA A 88 -10.67 -2.11 5.86
C ALA A 88 -9.26 -1.79 5.41
N MET A 89 -9.09 -0.59 4.85
CA MET A 89 -7.76 -0.11 4.47
C MET A 89 -6.89 0.05 5.72
N GLN A 90 -7.54 0.43 6.81
CA GLN A 90 -6.87 0.63 8.09
C GLN A 90 -6.26 -0.68 8.60
N GLU A 91 -7.05 -1.74 8.60
CA GLU A 91 -6.58 -3.04 9.08
C GLU A 91 -5.56 -3.63 8.10
N ALA A 92 -5.76 -3.36 6.81
CA ALA A 92 -4.82 -3.82 5.79
C ALA A 92 -3.46 -3.17 5.99
N VAL A 93 -3.47 -1.87 6.28
CA VAL A 93 -2.26 -1.13 6.59
C VAL A 93 -1.56 -1.72 7.81
N LEU A 94 -2.36 -2.06 8.81
CA LEU A 94 -1.83 -2.67 10.03
C LEU A 94 -1.15 -4.01 9.72
N GLN A 95 -1.79 -4.80 8.86
CA GLN A 95 -1.23 -6.09 8.45
C GLN A 95 0.10 -5.89 7.72
N LEU A 96 0.15 -4.88 6.87
CA LEU A 96 1.35 -4.57 6.11
C LEU A 96 2.48 -4.12 7.04
N ILE A 97 2.14 -3.31 8.04
CA ILE A 97 3.12 -2.83 9.01
C ILE A 97 3.60 -3.98 9.89
N GLU A 98 2.73 -4.95 10.14
CA GLU A 98 3.05 -6.09 10.98
C GLU A 98 4.10 -6.98 10.31
N VAL A 99 3.96 -7.19 9.01
CA VAL A 99 4.91 -8.03 8.28
C VAL A 99 6.24 -7.29 8.08
N GLN A 100 6.17 -5.97 7.92
CA GLN A 100 7.36 -5.16 7.76
C GLN A 100 8.16 -5.11 9.07
N LEU A 101 7.44 -5.06 10.18
CA LEU A 101 8.07 -5.05 11.51
C LEU A 101 8.58 -6.44 11.88
N ALA A 102 7.99 -7.46 11.28
CA ALA A 102 8.34 -8.83 11.59
C ALA A 102 9.56 -9.30 10.83
N GLN A 103 9.52 -9.16 9.51
CA GLN A 103 10.56 -9.71 8.67
C GLN A 103 11.03 -8.72 7.61
N GLU A 104 10.72 -9.03 6.35
CA GLU A 104 11.25 -8.33 5.21
C GLU A 104 10.50 -8.81 3.98
N GLU A 105 10.12 -7.87 3.15
CA GLU A 105 9.49 -8.14 1.85
C GLU A 105 10.13 -9.36 1.19
N VAL A 106 9.31 -10.36 0.89
CA VAL A 106 9.79 -11.62 0.34
C VAL A 106 10.18 -11.45 -1.13
N THR A 107 11.30 -12.05 -1.49
CA THR A 107 11.83 -11.97 -2.86
C THR A 107 12.23 -10.53 -3.17
N GLU A 108 13.18 -10.01 -2.39
CA GLU A 108 13.64 -8.64 -2.51
C GLU A 108 14.37 -8.45 -3.85
N SER A 109 13.62 -7.92 -4.83
CA SER A 109 14.15 -7.64 -6.18
C SER A 109 14.96 -8.82 -6.73
N ARG A 110 14.54 -10.03 -6.41
CA ARG A 110 15.29 -11.22 -6.76
C ARG A 110 14.53 -12.08 -7.76
N SER A 111 15.15 -13.16 -8.16
CA SER A 111 14.55 -14.08 -9.12
C SER A 111 14.78 -15.51 -8.66
N MET A 1 -8.14 11.98 17.95
CA MET A 1 -6.77 11.96 17.42
C MET A 1 -6.31 10.53 17.20
N GLU A 2 -6.08 10.16 15.95
CA GLU A 2 -5.61 8.83 15.61
C GLU A 2 -4.96 8.83 14.24
N ARG A 3 -3.78 8.25 14.18
CA ARG A 3 -3.03 8.15 12.94
C ARG A 3 -2.41 6.76 12.84
N LEU A 4 -2.67 6.09 11.73
CA LEU A 4 -2.23 4.70 11.58
C LEU A 4 -0.79 4.61 11.09
N LEU A 5 -0.27 5.72 10.59
CA LEU A 5 1.10 5.76 10.10
C LEU A 5 1.92 6.75 10.93
N ASP A 6 1.33 7.92 11.18
CA ASP A 6 1.93 8.99 11.99
C ASP A 6 3.06 9.69 11.24
N ASP A 7 4.03 8.91 10.77
CA ASP A 7 5.12 9.44 9.96
C ASP A 7 5.84 8.30 9.27
N VAL A 8 5.17 7.71 8.30
CA VAL A 8 5.71 6.57 7.56
C VAL A 8 5.61 6.82 6.06
N CYS A 9 6.72 6.62 5.36
CA CYS A 9 6.76 6.81 3.93
C CYS A 9 6.10 5.64 3.21
N VAL A 10 5.04 5.94 2.46
CA VAL A 10 4.29 4.92 1.74
C VAL A 10 4.25 5.24 0.25
N MET A 11 4.78 4.35 -0.56
CA MET A 11 4.75 4.53 -2.01
C MET A 11 3.36 4.20 -2.52
N VAL A 12 2.69 5.20 -3.09
CA VAL A 12 1.33 5.05 -3.55
C VAL A 12 1.26 5.23 -5.07
N ASP A 13 1.21 4.11 -5.77
CA ASP A 13 1.13 4.12 -7.21
C ASP A 13 -0.30 3.85 -7.65
N VAL A 14 -0.97 4.88 -8.14
CA VAL A 14 -2.30 4.74 -8.68
C VAL A 14 -2.37 5.42 -10.04
N THR A 15 -2.76 4.67 -11.05
CA THR A 15 -2.82 5.18 -12.41
C THR A 15 -4.09 6.00 -12.63
N SER A 16 -5.10 5.72 -11.84
CA SER A 16 -6.32 6.48 -11.84
C SER A 16 -6.18 7.70 -10.94
N ALA A 17 -5.98 8.87 -11.56
CA ALA A 17 -5.75 10.12 -10.82
C ALA A 17 -6.82 10.38 -9.75
N GLU A 18 -8.08 10.14 -10.10
CA GLU A 18 -9.19 10.36 -9.18
C GLU A 18 -9.04 9.49 -7.94
N ILE A 19 -8.82 8.20 -8.16
CA ILE A 19 -8.71 7.26 -7.08
C ILE A 19 -7.46 7.57 -6.24
N ARG A 20 -6.40 7.99 -6.91
CA ARG A 20 -5.16 8.37 -6.25
C ARG A 20 -5.39 9.55 -5.32
N ASN A 21 -6.21 10.50 -5.77
CA ASN A 21 -6.51 11.69 -4.98
C ASN A 21 -7.16 11.31 -3.66
N ILE A 22 -8.16 10.42 -3.73
CA ILE A 22 -8.87 9.97 -2.55
C ILE A 22 -7.94 9.24 -1.58
N VAL A 23 -7.21 8.26 -2.09
CA VAL A 23 -6.33 7.45 -1.24
C VAL A 23 -5.21 8.30 -0.63
N THR A 24 -4.70 9.27 -1.40
CA THR A 24 -3.64 10.15 -0.92
C THR A 24 -4.10 10.89 0.34
N ARG A 25 -5.29 11.46 0.26
CA ARG A 25 -5.88 12.18 1.38
C ARG A 25 -6.05 11.25 2.58
N GLN A 26 -6.33 9.98 2.30
CA GLN A 26 -6.53 9.00 3.34
C GLN A 26 -5.22 8.68 4.07
N LEU A 27 -4.18 8.35 3.34
CA LEU A 27 -2.88 8.04 3.94
C LEU A 27 -2.35 9.25 4.68
N GLU A 28 -2.55 10.42 4.09
CA GLU A 28 -2.07 11.66 4.67
C GLU A 28 -2.83 11.97 5.97
N ASN A 29 -4.07 11.51 6.05
CA ASN A 29 -4.86 11.66 7.27
C ASN A 29 -4.30 10.75 8.36
N TRP A 30 -3.70 9.66 7.93
CA TRP A 30 -3.10 8.71 8.86
C TRP A 30 -1.63 9.04 9.11
N GLY A 31 -1.10 9.99 8.36
CA GLY A 31 0.27 10.42 8.54
C GLY A 31 1.25 9.61 7.71
N ALA A 32 0.91 9.41 6.44
CA ALA A 32 1.78 8.66 5.54
C ALA A 32 2.29 9.56 4.42
N THR A 33 3.60 9.56 4.24
CA THR A 33 4.22 10.34 3.18
C THR A 33 4.06 9.65 1.84
N CYS A 34 3.23 10.21 0.99
CA CYS A 34 2.98 9.64 -0.33
C CYS A 34 4.23 9.72 -1.20
N ILE A 35 4.70 8.57 -1.66
CA ILE A 35 5.84 8.52 -2.56
C ILE A 35 5.38 8.11 -3.96
N THR A 36 5.96 8.74 -4.97
CA THR A 36 5.68 8.41 -6.35
C THR A 36 6.45 7.15 -6.76
N PRO A 37 5.99 6.43 -7.81
CA PRO A 37 6.60 5.17 -8.24
C PRO A 37 7.92 5.35 -9.00
N ASP A 38 8.64 6.43 -8.69
CA ASP A 38 9.91 6.76 -9.33
C ASP A 38 9.75 7.05 -10.82
N GLU A 39 10.82 7.48 -11.45
CA GLU A 39 10.82 7.81 -12.86
C GLU A 39 12.13 7.37 -13.53
N ARG A 40 13.10 7.00 -12.71
CA ARG A 40 14.40 6.57 -13.23
C ARG A 40 14.76 5.17 -12.70
N LEU A 41 14.21 4.82 -11.56
CA LEU A 41 14.42 3.49 -10.98
C LEU A 41 13.15 2.67 -11.09
N ILE A 42 13.15 1.52 -10.41
CA ILE A 42 11.98 0.65 -10.43
C ILE A 42 11.08 0.92 -9.23
N SER A 43 11.69 1.24 -8.10
CA SER A 43 10.97 1.52 -6.87
C SER A 43 11.84 2.33 -5.93
N GLN A 44 11.22 3.16 -5.10
CA GLN A 44 11.94 3.94 -4.10
C GLN A 44 11.90 3.22 -2.77
N ASP A 45 12.52 3.80 -1.76
CA ASP A 45 12.50 3.20 -0.43
C ASP A 45 11.17 3.49 0.27
N TYR A 46 10.39 2.46 0.48
CA TYR A 46 9.11 2.59 1.13
C TYR A 46 8.96 1.58 2.27
N ASP A 47 8.19 1.93 3.28
CA ASP A 47 7.89 1.01 4.37
C ASP A 47 6.61 0.26 4.04
N ILE A 48 5.63 0.98 3.54
CA ILE A 48 4.37 0.39 3.09
C ILE A 48 4.19 0.65 1.61
N PHE A 49 3.57 -0.30 0.91
CA PHE A 49 3.37 -0.18 -0.52
C PHE A 49 1.88 -0.23 -0.87
N LEU A 50 1.47 0.66 -1.76
CA LEU A 50 0.11 0.70 -2.25
C LEU A 50 0.12 0.88 -3.76
N THR A 51 -0.66 0.09 -4.48
CA THR A 51 -0.70 0.17 -5.93
C THR A 51 -2.09 -0.14 -6.47
N ASP A 52 -2.53 0.66 -7.44
CA ASP A 52 -3.82 0.47 -8.09
C ASP A 52 -3.76 -0.70 -9.06
N ASN A 53 -4.57 -1.73 -8.78
CA ASN A 53 -4.65 -2.92 -9.62
C ASN A 53 -3.38 -3.78 -9.53
N PRO A 54 -3.54 -5.11 -9.62
CA PRO A 54 -2.43 -6.07 -9.41
C PRO A 54 -1.35 -5.98 -10.48
N SER A 55 -1.68 -5.37 -11.60
CA SER A 55 -0.77 -5.28 -12.74
C SER A 55 0.47 -4.47 -12.41
N ASN A 56 0.36 -3.54 -11.47
CA ASN A 56 1.46 -2.64 -11.16
C ASN A 56 2.15 -3.01 -9.84
N LEU A 57 1.78 -4.15 -9.29
CA LEU A 57 2.39 -4.62 -8.05
C LEU A 57 3.77 -5.20 -8.33
N THR A 58 4.76 -4.74 -7.59
CA THR A 58 6.13 -5.18 -7.76
C THR A 58 6.30 -6.61 -7.27
N ALA A 59 5.78 -6.89 -6.08
CA ALA A 59 5.87 -8.21 -5.46
C ALA A 59 4.95 -8.31 -4.27
N SER A 60 5.02 -7.32 -3.39
CA SER A 60 4.21 -7.30 -2.18
C SER A 60 3.66 -5.91 -1.93
N GLY A 61 2.49 -5.84 -1.31
CA GLY A 61 1.90 -4.56 -1.00
C GLY A 61 0.38 -4.63 -0.98
N LEU A 62 -0.26 -3.48 -0.88
CA LEU A 62 -1.70 -3.41 -0.86
C LEU A 62 -2.22 -2.98 -2.22
N LEU A 63 -2.98 -3.85 -2.85
CA LEU A 63 -3.49 -3.59 -4.18
C LEU A 63 -4.92 -3.05 -4.10
N LEU A 64 -5.17 -1.97 -4.83
CA LEU A 64 -6.47 -1.32 -4.82
C LEU A 64 -7.44 -2.03 -5.73
N SER A 65 -8.57 -2.45 -5.17
CA SER A 65 -9.61 -3.12 -5.92
C SER A 65 -10.98 -2.55 -5.53
N ASP A 66 -11.56 -1.73 -6.40
CA ASP A 66 -12.87 -1.13 -6.13
C ASP A 66 -13.98 -2.17 -6.20
N ASP A 67 -13.63 -3.33 -6.76
CA ASP A 67 -14.59 -4.42 -6.90
C ASP A 67 -14.61 -5.29 -5.65
N GLU A 68 -13.73 -4.97 -4.70
CA GLU A 68 -13.56 -5.78 -3.51
C GLU A 68 -14.58 -5.42 -2.43
N SER A 69 -14.90 -6.39 -1.59
CA SER A 69 -15.83 -6.17 -0.49
C SER A 69 -15.07 -5.99 0.82
N GLY A 70 -14.01 -5.18 0.76
CA GLY A 70 -13.19 -4.96 1.93
C GLY A 70 -11.73 -5.15 1.61
N VAL A 71 -11.04 -5.95 2.42
CA VAL A 71 -9.67 -6.33 2.12
C VAL A 71 -9.50 -7.83 2.32
N ARG A 72 -8.97 -8.51 1.31
CA ARG A 72 -8.79 -9.95 1.37
C ARG A 72 -7.33 -10.33 1.10
N GLU A 73 -6.90 -11.42 1.73
CA GLU A 73 -5.55 -11.92 1.53
C GLU A 73 -5.54 -12.96 0.42
N ILE A 74 -4.84 -12.67 -0.66
CA ILE A 74 -4.71 -13.62 -1.77
C ILE A 74 -3.30 -14.19 -1.80
N GLY A 75 -2.75 -14.40 -0.62
CA GLY A 75 -1.41 -14.92 -0.50
C GLY A 75 -0.56 -14.00 0.34
N PRO A 76 0.55 -14.50 0.90
CA PRO A 76 1.44 -13.69 1.72
C PRO A 76 1.97 -12.47 0.97
N GLY A 77 1.68 -11.28 1.50
CA GLY A 77 2.16 -10.07 0.90
C GLY A 77 1.24 -9.51 -0.18
N GLN A 78 0.18 -10.24 -0.50
CA GLN A 78 -0.74 -9.81 -1.53
C GLN A 78 -2.15 -9.62 -0.97
N LEU A 79 -2.66 -8.41 -1.02
CA LEU A 79 -3.94 -8.09 -0.41
C LEU A 79 -4.78 -7.21 -1.32
N CYS A 80 -6.00 -7.64 -1.61
CA CYS A 80 -6.92 -6.83 -2.39
C CYS A 80 -7.78 -5.99 -1.46
N VAL A 81 -7.56 -4.70 -1.46
CA VAL A 81 -8.29 -3.80 -0.58
C VAL A 81 -9.06 -2.75 -1.37
N ASN A 82 -10.31 -2.56 -1.01
CA ASN A 82 -11.14 -1.54 -1.64
C ASN A 82 -10.88 -0.18 -1.01
N PHE A 83 -10.54 0.80 -1.84
CA PHE A 83 -10.23 2.14 -1.37
C PHE A 83 -11.49 2.83 -0.85
N ASN A 84 -12.64 2.32 -1.25
CA ASN A 84 -13.93 2.88 -0.82
C ASN A 84 -14.14 2.66 0.67
N MET A 85 -13.53 1.62 1.20
CA MET A 85 -13.68 1.27 2.60
C MET A 85 -12.44 1.67 3.39
N SER A 86 -12.50 2.83 4.04
CA SER A 86 -11.39 3.34 4.84
C SER A 86 -11.07 2.40 6.00
N ASN A 87 -12.10 1.78 6.56
CA ASN A 87 -11.93 0.84 7.67
C ASN A 87 -11.10 -0.35 7.23
N ALA A 88 -11.46 -0.91 6.09
CA ALA A 88 -10.76 -2.05 5.52
C ALA A 88 -9.33 -1.67 5.15
N MET A 89 -9.17 -0.44 4.66
CA MET A 89 -7.85 0.07 4.31
C MET A 89 -6.97 0.18 5.56
N GLN A 90 -7.58 0.55 6.68
CA GLN A 90 -6.86 0.72 7.93
C GLN A 90 -6.27 -0.60 8.41
N GLU A 91 -7.09 -1.65 8.43
CA GLU A 91 -6.64 -2.96 8.87
C GLU A 91 -5.62 -3.52 7.90
N ALA A 92 -5.80 -3.20 6.62
CA ALA A 92 -4.84 -3.60 5.59
C ALA A 92 -3.47 -2.98 5.84
N VAL A 93 -3.47 -1.71 6.23
CA VAL A 93 -2.23 -0.99 6.51
C VAL A 93 -1.54 -1.59 7.73
N LEU A 94 -2.30 -1.82 8.79
CA LEU A 94 -1.76 -2.40 10.01
C LEU A 94 -1.20 -3.79 9.76
N GLN A 95 -1.88 -4.55 8.92
CA GLN A 95 -1.44 -5.90 8.55
C GLN A 95 -0.12 -5.84 7.80
N LEU A 96 -0.06 -4.95 6.80
CA LEU A 96 1.14 -4.76 6.00
C LEU A 96 2.31 -4.34 6.90
N ILE A 97 2.02 -3.50 7.87
CA ILE A 97 3.03 -3.03 8.81
C ILE A 97 3.69 -4.19 9.54
N GLU A 98 2.87 -5.14 10.01
CA GLU A 98 3.38 -6.25 10.78
C GLU A 98 4.08 -7.26 9.87
N VAL A 99 3.50 -7.48 8.70
CA VAL A 99 4.07 -8.41 7.72
C VAL A 99 5.46 -7.97 7.31
N GLN A 100 5.60 -6.68 7.02
CA GLN A 100 6.88 -6.12 6.60
C GLN A 100 7.87 -6.05 7.76
N LEU A 101 7.40 -5.58 8.91
CA LEU A 101 8.26 -5.37 10.07
C LEU A 101 8.83 -6.69 10.60
N ALA A 102 8.09 -7.77 10.45
CA ALA A 102 8.52 -9.06 10.97
C ALA A 102 8.98 -9.99 9.86
N GLN A 103 9.27 -9.42 8.69
CA GLN A 103 9.74 -10.22 7.56
C GLN A 103 11.16 -10.73 7.81
N GLU A 104 12.00 -9.85 8.34
CA GLU A 104 13.38 -10.20 8.73
C GLU A 104 14.22 -10.64 7.54
N GLU A 105 13.80 -10.28 6.33
CA GLU A 105 14.53 -10.64 5.13
C GLU A 105 13.98 -9.89 3.93
N VAL A 106 14.78 -9.83 2.87
CA VAL A 106 14.36 -9.23 1.62
C VAL A 106 14.78 -10.14 0.47
N THR A 107 13.86 -10.99 0.05
CA THR A 107 14.13 -12.01 -0.96
C THR A 107 14.13 -11.44 -2.38
N GLU A 108 15.01 -10.49 -2.64
CA GLU A 108 15.14 -9.91 -3.97
C GLU A 108 16.50 -10.24 -4.56
N SER A 109 16.50 -11.14 -5.52
CA SER A 109 17.71 -11.47 -6.26
C SER A 109 17.42 -11.42 -7.76
N ARG A 110 16.31 -12.04 -8.15
CA ARG A 110 15.90 -12.15 -9.56
C ARG A 110 16.84 -13.07 -10.33
N SER A 111 18.11 -12.71 -10.36
CA SER A 111 19.14 -13.52 -10.96
C SER A 111 20.36 -13.56 -10.04
N MET A 1 -9.28 5.57 17.09
CA MET A 1 -9.32 6.62 16.04
C MET A 1 -8.09 7.50 16.14
N GLU A 2 -7.07 7.17 15.35
CA GLU A 2 -5.78 7.85 15.46
C GLU A 2 -4.94 7.64 14.21
N ARG A 3 -3.72 8.14 14.25
CA ARG A 3 -2.77 7.97 13.17
C ARG A 3 -2.11 6.61 13.26
N LEU A 4 -2.48 5.72 12.36
CA LEU A 4 -1.92 4.37 12.35
C LEU A 4 -0.56 4.37 11.66
N LEU A 5 -0.39 5.25 10.68
CA LEU A 5 0.86 5.35 9.95
C LEU A 5 1.79 6.36 10.61
N ASP A 6 1.23 7.55 10.90
CA ASP A 6 1.93 8.64 11.57
C ASP A 6 2.98 9.28 10.66
N ASP A 7 3.96 8.51 10.25
CA ASP A 7 4.96 8.96 9.28
C ASP A 7 5.53 7.77 8.53
N VAL A 8 4.67 7.02 7.88
CA VAL A 8 5.09 5.87 7.10
C VAL A 8 5.21 6.26 5.63
N CYS A 9 6.35 5.98 5.04
CA CYS A 9 6.61 6.35 3.66
C CYS A 9 5.94 5.36 2.71
N VAL A 10 4.82 5.77 2.15
CA VAL A 10 4.08 4.93 1.23
C VAL A 10 4.37 5.34 -0.21
N MET A 11 5.07 4.48 -0.93
CA MET A 11 5.39 4.73 -2.32
C MET A 11 4.19 4.37 -3.18
N VAL A 12 3.47 5.37 -3.63
CA VAL A 12 2.22 5.14 -4.32
C VAL A 12 2.34 5.40 -5.82
N ASP A 13 2.02 4.38 -6.61
CA ASP A 13 1.96 4.50 -8.05
C ASP A 13 0.57 4.12 -8.55
N VAL A 14 -0.34 5.06 -8.52
CA VAL A 14 -1.69 4.82 -9.01
C VAL A 14 -1.86 5.49 -10.36
N THR A 15 -2.27 4.72 -11.35
CA THR A 15 -2.43 5.23 -12.71
C THR A 15 -3.75 5.98 -12.85
N SER A 16 -4.70 5.66 -11.97
CA SER A 16 -5.99 6.32 -11.94
C SER A 16 -5.87 7.66 -11.21
N ALA A 17 -5.95 8.75 -11.96
CA ALA A 17 -5.75 10.09 -11.41
C ALA A 17 -6.74 10.39 -10.29
N GLU A 18 -8.00 10.04 -10.51
CA GLU A 18 -9.04 10.30 -9.53
C GLU A 18 -8.83 9.46 -8.27
N ILE A 19 -8.56 8.17 -8.47
CA ILE A 19 -8.39 7.24 -7.36
C ILE A 19 -7.16 7.63 -6.54
N ARG A 20 -6.10 8.04 -7.23
CA ARG A 20 -4.85 8.44 -6.59
C ARG A 20 -5.10 9.58 -5.61
N ASN A 21 -5.87 10.57 -6.03
CA ASN A 21 -6.15 11.73 -5.19
C ASN A 21 -6.88 11.31 -3.91
N ILE A 22 -7.89 10.44 -4.08
CA ILE A 22 -8.71 10.00 -2.96
C ILE A 22 -7.91 9.14 -1.99
N VAL A 23 -7.16 8.18 -2.52
CA VAL A 23 -6.40 7.28 -1.67
C VAL A 23 -5.26 8.00 -0.98
N THR A 24 -4.64 8.97 -1.67
CA THR A 24 -3.59 9.76 -1.06
C THR A 24 -4.13 10.52 0.15
N ARG A 25 -5.33 11.06 -0.01
CA ARG A 25 -6.00 11.79 1.06
C ARG A 25 -6.23 10.88 2.27
N GLN A 26 -6.52 9.63 2.00
CA GLN A 26 -6.83 8.68 3.06
C GLN A 26 -5.58 8.36 3.88
N LEU A 27 -4.52 7.94 3.21
CA LEU A 27 -3.27 7.62 3.89
C LEU A 27 -2.70 8.84 4.59
N GLU A 28 -2.83 9.99 3.95
CA GLU A 28 -2.35 11.26 4.49
C GLU A 28 -3.01 11.55 5.83
N ASN A 29 -4.28 11.19 5.96
CA ASN A 29 -5.01 11.40 7.20
C ASN A 29 -4.43 10.52 8.31
N TRP A 30 -3.97 9.34 7.92
CA TRP A 30 -3.38 8.41 8.86
C TRP A 30 -1.89 8.70 9.07
N GLY A 31 -1.34 9.57 8.24
CA GLY A 31 0.06 9.96 8.37
C GLY A 31 0.99 9.14 7.50
N ALA A 32 0.68 9.05 6.22
CA ALA A 32 1.53 8.32 5.29
C ALA A 32 2.05 9.24 4.20
N THR A 33 3.37 9.40 4.16
CA THR A 33 4.01 10.24 3.16
C THR A 33 3.98 9.55 1.81
N CYS A 34 3.17 10.06 0.90
CA CYS A 34 3.03 9.46 -0.42
C CYS A 34 4.20 9.87 -1.31
N ILE A 35 5.05 8.91 -1.62
CA ILE A 35 6.22 9.17 -2.45
C ILE A 35 6.11 8.48 -3.80
N THR A 36 6.69 9.08 -4.80
CA THR A 36 6.71 8.52 -6.14
C THR A 36 7.85 7.51 -6.27
N PRO A 37 7.62 6.40 -6.99
CA PRO A 37 8.64 5.36 -7.19
C PRO A 37 9.66 5.73 -8.28
N ASP A 38 9.72 7.02 -8.60
CA ASP A 38 10.59 7.55 -9.65
C ASP A 38 10.15 7.08 -11.03
N GLU A 39 10.66 7.73 -12.07
CA GLU A 39 10.27 7.39 -13.43
C GLU A 39 11.49 7.02 -14.27
N ARG A 40 12.61 6.83 -13.62
CA ARG A 40 13.80 6.30 -14.27
C ARG A 40 14.19 4.98 -13.64
N LEU A 41 13.83 4.84 -12.37
CA LEU A 41 13.98 3.59 -11.65
C LEU A 41 12.63 2.89 -11.57
N ILE A 42 12.61 1.67 -11.02
CA ILE A 42 11.38 0.94 -10.87
C ILE A 42 10.75 1.21 -9.49
N SER A 43 11.58 1.61 -8.54
CA SER A 43 11.15 1.90 -7.19
C SER A 43 12.27 2.58 -6.41
N GLN A 44 11.92 3.24 -5.33
CA GLN A 44 12.89 3.90 -4.46
C GLN A 44 12.73 3.37 -3.04
N ASP A 45 13.52 3.89 -2.11
CA ASP A 45 13.44 3.44 -0.72
C ASP A 45 12.10 3.83 -0.11
N TYR A 46 11.30 2.83 0.21
CA TYR A 46 9.95 3.06 0.74
C TYR A 46 9.69 2.15 1.93
N ASP A 47 8.63 2.47 2.67
CA ASP A 47 8.17 1.62 3.77
C ASP A 47 7.18 0.62 3.24
N ILE A 48 6.08 1.12 2.68
CA ILE A 48 5.04 0.28 2.09
C ILE A 48 4.71 0.80 0.69
N PHE A 49 4.57 -0.12 -0.26
CA PHE A 49 4.20 0.25 -1.62
C PHE A 49 2.68 0.23 -1.77
N LEU A 50 2.16 1.12 -2.60
CA LEU A 50 0.73 1.20 -2.85
C LEU A 50 0.47 1.42 -4.33
N THR A 51 -0.55 0.75 -4.84
CA THR A 51 -0.94 0.90 -6.24
C THR A 51 -2.43 0.62 -6.39
N ASP A 52 -2.97 0.86 -7.57
CA ASP A 52 -4.38 0.58 -7.83
C ASP A 52 -4.49 -0.55 -8.84
N ASN A 53 -5.22 -1.61 -8.46
CA ASN A 53 -5.39 -2.80 -9.29
C ASN A 53 -4.10 -3.63 -9.34
N PRO A 54 -4.23 -4.95 -9.52
CA PRO A 54 -3.08 -5.86 -9.54
C PRO A 54 -2.31 -5.80 -10.86
N SER A 55 -2.20 -4.60 -11.42
CA SER A 55 -1.52 -4.41 -12.70
C SER A 55 -0.07 -3.97 -12.49
N ASN A 56 0.12 -2.90 -11.74
CA ASN A 56 1.46 -2.30 -11.60
C ASN A 56 2.03 -2.50 -10.20
N LEU A 57 2.15 -3.75 -9.80
CA LEU A 57 2.79 -4.07 -8.52
C LEU A 57 4.21 -4.55 -8.75
N THR A 58 5.16 -3.94 -8.05
CA THR A 58 6.55 -4.32 -8.15
C THR A 58 6.74 -5.77 -7.73
N ALA A 59 6.15 -6.13 -6.58
CA ALA A 59 6.22 -7.49 -6.07
C ALA A 59 5.20 -7.65 -4.95
N SER A 60 5.31 -6.80 -3.95
CA SER A 60 4.43 -6.83 -2.79
C SER A 60 3.96 -5.42 -2.46
N GLY A 61 3.05 -5.32 -1.50
CA GLY A 61 2.54 -4.05 -1.07
C GLY A 61 1.05 -4.08 -0.87
N LEU A 62 0.45 -2.92 -0.75
CA LEU A 62 -0.99 -2.81 -0.59
C LEU A 62 -1.60 -2.39 -1.92
N LEU A 63 -2.41 -3.26 -2.48
CA LEU A 63 -3.02 -3.00 -3.77
C LEU A 63 -4.50 -2.69 -3.60
N LEU A 64 -4.92 -1.57 -4.17
CA LEU A 64 -6.28 -1.12 -4.04
C LEU A 64 -7.17 -1.84 -5.04
N SER A 65 -8.40 -2.09 -4.65
CA SER A 65 -9.35 -2.74 -5.52
C SER A 65 -10.77 -2.28 -5.20
N ASP A 66 -11.32 -1.44 -6.08
CA ASP A 66 -12.72 -1.04 -5.97
C ASP A 66 -13.63 -2.25 -6.14
N ASP A 67 -13.09 -3.28 -6.77
CA ASP A 67 -13.79 -4.55 -6.97
C ASP A 67 -13.95 -5.30 -5.64
N GLU A 68 -13.06 -5.00 -4.69
CA GLU A 68 -13.03 -5.71 -3.43
C GLU A 68 -14.23 -5.35 -2.56
N SER A 69 -14.66 -6.31 -1.76
CA SER A 69 -15.79 -6.11 -0.85
C SER A 69 -15.27 -5.77 0.54
N GLY A 70 -13.98 -5.48 0.64
CA GLY A 70 -13.39 -5.13 1.90
C GLY A 70 -11.87 -5.22 1.84
N VAL A 71 -11.30 -6.05 2.69
CA VAL A 71 -9.86 -6.26 2.69
C VAL A 71 -9.56 -7.76 2.74
N ARG A 72 -8.83 -8.25 1.74
CA ARG A 72 -8.51 -9.67 1.67
C ARG A 72 -7.06 -9.87 1.23
N GLU A 73 -6.56 -11.07 1.45
CA GLU A 73 -5.20 -11.42 1.08
C GLU A 73 -5.21 -12.27 -0.19
N ILE A 74 -4.20 -12.08 -1.02
CA ILE A 74 -4.06 -12.88 -2.25
C ILE A 74 -2.64 -13.43 -2.36
N GLY A 75 -2.01 -13.63 -1.21
CA GLY A 75 -0.67 -14.15 -1.18
C GLY A 75 0.17 -13.45 -0.13
N PRO A 76 1.42 -13.87 0.07
CA PRO A 76 2.30 -13.23 1.05
C PRO A 76 2.69 -11.82 0.62
N GLY A 77 2.34 -10.84 1.42
CA GLY A 77 2.67 -9.47 1.11
C GLY A 77 1.81 -8.88 0.01
N GLN A 78 0.77 -9.60 -0.38
CA GLN A 78 -0.14 -9.12 -1.42
C GLN A 78 -1.57 -9.08 -0.90
N LEU A 79 -2.16 -7.89 -0.88
CA LEU A 79 -3.47 -7.72 -0.27
C LEU A 79 -4.35 -6.79 -1.10
N CYS A 80 -5.55 -7.26 -1.42
CA CYS A 80 -6.52 -6.45 -2.14
C CYS A 80 -7.43 -5.76 -1.13
N VAL A 81 -7.44 -4.44 -1.17
CA VAL A 81 -8.25 -3.68 -0.22
C VAL A 81 -9.04 -2.58 -0.94
N ASN A 82 -10.31 -2.46 -0.59
CA ASN A 82 -11.15 -1.41 -1.16
C ASN A 82 -11.07 -0.15 -0.32
N PHE A 83 -10.69 0.95 -0.97
CA PHE A 83 -10.53 2.23 -0.29
C PHE A 83 -11.89 2.86 0.01
N ASN A 84 -12.93 2.30 -0.60
CA ASN A 84 -14.30 2.77 -0.41
C ASN A 84 -14.71 2.67 1.05
N MET A 85 -14.13 1.72 1.77
CA MET A 85 -14.38 1.57 3.19
C MET A 85 -13.11 1.88 3.99
N SER A 86 -13.14 2.98 4.73
CA SER A 86 -12.01 3.40 5.53
C SER A 86 -11.67 2.36 6.59
N ASN A 87 -12.69 1.67 7.08
CA ASN A 87 -12.51 0.63 8.09
C ASN A 87 -11.65 -0.50 7.54
N ALA A 88 -12.01 -0.96 6.35
CA ALA A 88 -11.31 -2.08 5.71
C ALA A 88 -9.85 -1.74 5.43
N MET A 89 -9.62 -0.51 4.98
CA MET A 89 -8.26 -0.06 4.68
C MET A 89 -7.42 0.03 5.96
N GLN A 90 -8.08 0.41 7.05
CA GLN A 90 -7.42 0.49 8.35
C GLN A 90 -6.86 -0.88 8.75
N GLU A 91 -7.65 -1.93 8.54
CA GLU A 91 -7.21 -3.29 8.86
C GLU A 91 -6.02 -3.67 7.99
N ALA A 92 -6.09 -3.34 6.71
CA ALA A 92 -5.02 -3.62 5.76
C ALA A 92 -3.72 -2.96 6.21
N VAL A 93 -3.81 -1.72 6.67
CA VAL A 93 -2.65 -0.98 7.15
C VAL A 93 -1.99 -1.71 8.33
N LEU A 94 -2.81 -2.10 9.30
CA LEU A 94 -2.31 -2.79 10.49
C LEU A 94 -1.71 -4.14 10.13
N GLN A 95 -2.36 -4.84 9.22
CA GLN A 95 -1.90 -6.14 8.77
C GLN A 95 -0.53 -6.02 8.10
N LEU A 96 -0.42 -5.08 7.17
CA LEU A 96 0.80 -4.90 6.39
C LEU A 96 1.97 -4.47 7.27
N ILE A 97 1.74 -3.49 8.14
CA ILE A 97 2.81 -2.95 8.97
C ILE A 97 3.39 -4.01 9.91
N GLU A 98 2.54 -4.90 10.41
CA GLU A 98 2.98 -5.95 11.32
C GLU A 98 3.66 -7.07 10.56
N VAL A 99 3.07 -7.47 9.44
CA VAL A 99 3.60 -8.57 8.64
C VAL A 99 4.95 -8.21 8.02
N GLN A 100 5.15 -6.93 7.76
CA GLN A 100 6.39 -6.45 7.18
C GLN A 100 7.50 -6.42 8.24
N LEU A 101 7.16 -5.90 9.41
CA LEU A 101 8.13 -5.78 10.49
C LEU A 101 8.57 -7.16 10.98
N ALA A 102 7.63 -8.09 11.05
CA ALA A 102 7.92 -9.43 11.54
C ALA A 102 8.28 -10.38 10.40
N GLN A 103 8.93 -9.86 9.37
CA GLN A 103 9.41 -10.69 8.27
C GLN A 103 10.91 -10.89 8.37
N GLU A 104 11.61 -9.90 8.93
CA GLU A 104 13.05 -9.96 9.13
C GLU A 104 13.79 -10.20 7.81
N GLU A 105 13.40 -9.46 6.78
CA GLU A 105 14.02 -9.62 5.46
C GLU A 105 15.21 -8.70 5.30
N VAL A 106 16.00 -8.95 4.26
CA VAL A 106 17.18 -8.15 3.98
C VAL A 106 17.33 -7.90 2.49
N THR A 107 17.85 -6.74 2.12
CA THR A 107 18.02 -6.39 0.72
C THR A 107 19.26 -7.03 0.13
N GLU A 108 19.20 -8.35 -0.09
CA GLU A 108 20.31 -9.09 -0.68
C GLU A 108 20.40 -8.81 -2.18
N SER A 109 21.59 -8.99 -2.74
CA SER A 109 21.82 -8.71 -4.15
C SER A 109 22.42 -9.92 -4.85
N ARG A 110 21.78 -10.34 -5.95
CA ARG A 110 22.27 -11.42 -6.80
C ARG A 110 22.43 -12.73 -6.02
N SER A 111 21.35 -13.14 -5.36
CA SER A 111 21.35 -14.38 -4.61
C SER A 111 20.24 -15.30 -5.14
N MET A 1 -4.73 12.96 17.90
CA MET A 1 -5.75 12.15 17.20
C MET A 1 -5.13 10.86 16.72
N GLU A 2 -5.91 10.02 16.04
CA GLU A 2 -5.42 8.74 15.59
C GLU A 2 -4.84 8.84 14.19
N ARG A 3 -3.62 8.37 14.05
CA ARG A 3 -2.96 8.29 12.76
C ARG A 3 -2.12 7.02 12.72
N LEU A 4 -2.64 6.01 12.03
CA LEU A 4 -2.05 4.67 12.03
C LEU A 4 -0.57 4.71 11.63
N LEU A 5 -0.26 5.42 10.57
CA LEU A 5 1.11 5.51 10.08
C LEU A 5 1.88 6.56 10.86
N ASP A 6 1.23 7.70 11.11
CA ASP A 6 1.81 8.83 11.84
C ASP A 6 2.94 9.49 11.05
N ASP A 7 4.01 8.76 10.82
CA ASP A 7 5.11 9.23 9.99
C ASP A 7 5.74 8.06 9.24
N VAL A 8 4.92 7.37 8.48
CA VAL A 8 5.39 6.21 7.72
C VAL A 8 5.41 6.54 6.24
N CYS A 9 6.51 6.21 5.58
CA CYS A 9 6.68 6.50 4.17
C CYS A 9 5.92 5.49 3.31
N VAL A 10 4.94 5.95 2.56
CA VAL A 10 4.14 5.07 1.73
C VAL A 10 4.31 5.42 0.26
N MET A 11 4.89 4.49 -0.49
CA MET A 11 5.07 4.68 -1.92
C MET A 11 3.81 4.23 -2.66
N VAL A 12 3.06 5.20 -3.15
CA VAL A 12 1.77 4.93 -3.77
C VAL A 12 1.81 5.16 -5.28
N ASP A 13 1.45 4.13 -6.03
CA ASP A 13 1.36 4.21 -7.48
C ASP A 13 -0.04 3.80 -7.94
N VAL A 14 -0.87 4.79 -8.19
CA VAL A 14 -2.24 4.54 -8.63
C VAL A 14 -2.44 5.11 -10.02
N THR A 15 -2.89 4.27 -10.95
CA THR A 15 -3.09 4.67 -12.32
C THR A 15 -4.44 5.37 -12.50
N SER A 16 -5.44 4.90 -11.77
CA SER A 16 -6.75 5.53 -11.79
C SER A 16 -6.67 6.90 -11.12
N ALA A 17 -6.76 7.95 -11.93
CA ALA A 17 -6.54 9.32 -11.47
C ALA A 17 -7.47 9.69 -10.30
N GLU A 18 -8.74 9.32 -10.40
CA GLU A 18 -9.71 9.65 -9.37
C GLU A 18 -9.39 8.92 -8.08
N ILE A 19 -9.08 7.64 -8.18
CA ILE A 19 -8.77 6.83 -7.01
C ILE A 19 -7.48 7.32 -6.36
N ARG A 20 -6.54 7.76 -7.20
CA ARG A 20 -5.28 8.34 -6.75
C ARG A 20 -5.54 9.48 -5.77
N ASN A 21 -6.47 10.35 -6.13
CA ASN A 21 -6.83 11.48 -5.27
C ASN A 21 -7.32 10.99 -3.91
N ILE A 22 -8.33 10.13 -3.93
CA ILE A 22 -8.96 9.63 -2.71
C ILE A 22 -7.94 8.96 -1.79
N VAL A 23 -7.15 8.05 -2.33
CA VAL A 23 -6.20 7.30 -1.52
C VAL A 23 -5.08 8.19 -0.99
N THR A 24 -4.66 9.19 -1.78
CA THR A 24 -3.59 10.08 -1.35
C THR A 24 -4.01 10.85 -0.11
N ARG A 25 -5.25 11.34 -0.12
CA ARG A 25 -5.79 12.07 1.01
C ARG A 25 -5.94 11.14 2.22
N GLN A 26 -6.33 9.90 1.95
CA GLN A 26 -6.57 8.92 3.01
C GLN A 26 -5.28 8.56 3.74
N LEU A 27 -4.24 8.19 2.99
CA LEU A 27 -2.96 7.83 3.58
C LEU A 27 -2.42 8.98 4.41
N GLU A 28 -2.51 10.17 3.84
CA GLU A 28 -2.02 11.37 4.48
C GLU A 28 -2.76 11.64 5.79
N ASN A 29 -4.05 11.30 5.82
CA ASN A 29 -4.86 11.46 7.03
C ASN A 29 -4.40 10.50 8.11
N TRP A 30 -3.72 9.45 7.68
CA TRP A 30 -3.18 8.46 8.59
C TRP A 30 -1.73 8.79 8.94
N GLY A 31 -1.20 9.84 8.33
CA GLY A 31 0.17 10.22 8.60
C GLY A 31 1.17 9.48 7.73
N ALA A 32 0.72 9.10 6.54
CA ALA A 32 1.60 8.42 5.60
C ALA A 32 2.14 9.40 4.58
N THR A 33 3.44 9.40 4.39
CA THR A 33 4.07 10.26 3.41
C THR A 33 3.92 9.64 2.03
N CYS A 34 2.98 10.16 1.26
CA CYS A 34 2.70 9.66 -0.08
C CYS A 34 3.84 10.02 -1.04
N ILE A 35 4.64 9.03 -1.40
CA ILE A 35 5.73 9.22 -2.35
C ILE A 35 5.51 8.37 -3.59
N THR A 36 5.98 8.85 -4.74
CA THR A 36 5.92 8.08 -5.96
C THR A 36 7.13 7.14 -6.03
N PRO A 37 6.97 5.95 -6.65
CA PRO A 37 8.08 5.00 -6.82
C PRO A 37 9.10 5.49 -7.85
N ASP A 38 9.64 6.68 -7.60
CA ASP A 38 10.60 7.32 -8.50
C ASP A 38 10.01 7.48 -9.90
N GLU A 39 10.80 7.17 -10.91
CA GLU A 39 10.34 7.23 -12.29
C GLU A 39 10.88 6.07 -13.09
N ARG A 40 12.20 5.90 -13.05
CA ARG A 40 12.85 4.87 -13.85
C ARG A 40 13.57 3.86 -12.96
N LEU A 41 12.85 3.33 -12.00
CA LEU A 41 13.38 2.29 -11.12
C LEU A 41 12.30 1.27 -10.83
N ILE A 42 12.72 0.09 -10.37
CA ILE A 42 11.78 -0.97 -10.08
C ILE A 42 11.21 -0.84 -8.66
N SER A 43 12.05 -0.46 -7.72
CA SER A 43 11.65 -0.31 -6.32
C SER A 43 12.63 0.59 -5.58
N GLN A 44 12.11 1.43 -4.71
CA GLN A 44 12.94 2.28 -3.86
C GLN A 44 12.62 1.98 -2.40
N ASP A 45 13.29 2.65 -1.47
CA ASP A 45 13.04 2.41 -0.05
C ASP A 45 11.70 3.03 0.38
N TYR A 46 10.91 2.24 1.09
CA TYR A 46 9.64 2.70 1.63
C TYR A 46 9.27 1.88 2.86
N ASP A 47 8.25 2.31 3.57
CA ASP A 47 7.74 1.57 4.72
C ASP A 47 6.63 0.65 4.28
N ILE A 48 5.67 1.21 3.55
CA ILE A 48 4.55 0.46 3.02
C ILE A 48 4.31 0.83 1.56
N PHE A 49 4.08 -0.17 0.72
CA PHE A 49 3.81 0.05 -0.68
C PHE A 49 2.30 0.05 -0.92
N LEU A 50 1.84 0.94 -1.78
CA LEU A 50 0.45 1.00 -2.15
C LEU A 50 0.34 1.19 -3.66
N THR A 51 -0.57 0.49 -4.28
CA THR A 51 -0.73 0.57 -5.72
C THR A 51 -2.16 0.24 -6.11
N ASP A 52 -2.54 0.60 -7.33
CA ASP A 52 -3.87 0.28 -7.83
C ASP A 52 -3.73 -0.79 -8.91
N ASN A 53 -4.64 -1.78 -8.87
CA ASN A 53 -4.61 -2.93 -9.77
C ASN A 53 -3.54 -3.94 -9.31
N PRO A 54 -3.91 -5.23 -9.23
CA PRO A 54 -3.04 -6.27 -8.67
C PRO A 54 -1.72 -6.42 -9.44
N SER A 55 -1.79 -6.28 -10.75
CA SER A 55 -0.66 -6.53 -11.63
C SER A 55 0.40 -5.43 -11.54
N ASN A 56 0.13 -4.37 -10.77
CA ASN A 56 1.08 -3.28 -10.64
C ASN A 56 1.92 -3.43 -9.37
N LEU A 57 1.54 -4.37 -8.51
CA LEU A 57 2.23 -4.58 -7.25
C LEU A 57 3.62 -5.16 -7.49
N THR A 58 4.61 -4.62 -6.79
CA THR A 58 5.98 -5.07 -6.92
C THR A 58 6.17 -6.48 -6.38
N ALA A 59 5.71 -6.69 -5.14
CA ALA A 59 5.85 -7.98 -4.48
C ALA A 59 4.98 -8.03 -3.23
N SER A 60 5.05 -6.98 -2.43
CA SER A 60 4.25 -6.89 -1.22
C SER A 60 3.75 -5.47 -1.03
N GLY A 61 2.52 -5.33 -0.59
CA GLY A 61 1.92 -4.04 -0.39
C GLY A 61 0.41 -4.10 -0.46
N LEU A 62 -0.22 -2.95 -0.47
CA LEU A 62 -1.68 -2.88 -0.52
C LEU A 62 -2.12 -2.54 -1.94
N LEU A 63 -3.04 -3.32 -2.47
CA LEU A 63 -3.53 -3.11 -3.82
C LEU A 63 -4.99 -2.63 -3.78
N LEU A 64 -5.25 -1.54 -4.49
CA LEU A 64 -6.57 -0.94 -4.50
C LEU A 64 -7.47 -1.67 -5.47
N SER A 65 -8.64 -2.04 -4.99
CA SER A 65 -9.62 -2.75 -5.77
C SER A 65 -10.99 -2.12 -5.61
N ASP A 66 -11.83 -2.26 -6.60
CA ASP A 66 -13.15 -1.66 -6.59
C ASP A 66 -14.23 -2.73 -6.44
N ASP A 67 -13.88 -3.94 -6.82
CA ASP A 67 -14.85 -5.04 -6.86
C ASP A 67 -14.77 -5.89 -5.60
N GLU A 68 -13.70 -5.71 -4.84
CA GLU A 68 -13.44 -6.55 -3.67
C GLU A 68 -14.34 -6.17 -2.50
N SER A 69 -15.00 -5.02 -2.61
CA SER A 69 -15.91 -4.50 -1.58
C SER A 69 -15.17 -4.10 -0.30
N GLY A 70 -14.44 -5.03 0.30
CA GLY A 70 -13.70 -4.73 1.50
C GLY A 70 -12.22 -5.01 1.33
N VAL A 71 -11.65 -5.80 2.22
CA VAL A 71 -10.26 -6.18 2.12
C VAL A 71 -10.12 -7.71 2.15
N ARG A 72 -9.27 -8.24 1.28
CA ARG A 72 -9.05 -9.67 1.23
C ARG A 72 -7.58 -9.97 0.96
N GLU A 73 -7.10 -11.11 1.43
CA GLU A 73 -5.73 -11.51 1.20
C GLU A 73 -5.66 -12.60 0.15
N ILE A 74 -4.86 -12.37 -0.88
CA ILE A 74 -4.71 -13.35 -1.96
C ILE A 74 -3.33 -13.98 -1.93
N GLY A 75 -2.59 -13.63 -0.89
CA GLY A 75 -1.24 -14.14 -0.71
C GLY A 75 -0.52 -13.35 0.35
N PRO A 76 0.55 -13.89 0.94
CA PRO A 76 1.27 -13.19 2.01
C PRO A 76 1.82 -11.84 1.53
N GLY A 77 1.37 -10.77 2.16
CA GLY A 77 1.81 -9.45 1.78
C GLY A 77 1.10 -8.93 0.55
N GLN A 78 0.02 -9.59 0.15
CA GLN A 78 -0.75 -9.16 -0.99
C GLN A 78 -2.23 -9.07 -0.61
N LEU A 79 -2.76 -7.86 -0.62
CA LEU A 79 -4.12 -7.64 -0.13
C LEU A 79 -4.90 -6.74 -1.06
N CYS A 80 -6.00 -7.26 -1.60
CA CYS A 80 -6.90 -6.48 -2.40
C CYS A 80 -7.91 -5.77 -1.50
N VAL A 81 -7.81 -4.46 -1.43
CA VAL A 81 -8.66 -3.68 -0.54
C VAL A 81 -9.36 -2.54 -1.29
N ASN A 82 -10.63 -2.36 -0.98
CA ASN A 82 -11.40 -1.25 -1.54
C ASN A 82 -10.83 0.08 -1.06
N PHE A 83 -10.65 1.00 -1.98
CA PHE A 83 -9.98 2.27 -1.70
C PHE A 83 -10.83 3.19 -0.82
N ASN A 84 -12.16 3.06 -0.91
CA ASN A 84 -13.05 3.99 -0.22
C ASN A 84 -13.28 3.59 1.23
N MET A 85 -13.11 2.31 1.53
CA MET A 85 -13.34 1.81 2.88
C MET A 85 -12.12 2.03 3.77
N SER A 86 -12.17 3.08 4.58
CA SER A 86 -11.09 3.39 5.50
C SER A 86 -10.92 2.26 6.52
N ASN A 87 -12.02 1.59 6.85
CA ASN A 87 -12.00 0.43 7.73
C ASN A 87 -11.09 -0.66 7.14
N ALA A 88 -11.46 -1.14 5.96
CA ALA A 88 -10.75 -2.21 5.30
C ALA A 88 -9.29 -1.86 5.05
N MET A 89 -9.06 -0.61 4.63
CA MET A 89 -7.70 -0.14 4.34
C MET A 89 -6.87 -0.08 5.62
N GLN A 90 -7.54 0.16 6.73
CA GLN A 90 -6.88 0.26 8.03
C GLN A 90 -6.31 -1.09 8.45
N GLU A 91 -7.12 -2.13 8.36
CA GLU A 91 -6.68 -3.48 8.73
C GLU A 91 -5.58 -3.95 7.79
N ALA A 92 -5.71 -3.58 6.51
CA ALA A 92 -4.70 -3.92 5.52
C ALA A 92 -3.36 -3.24 5.84
N VAL A 93 -3.43 -1.98 6.24
CA VAL A 93 -2.24 -1.22 6.61
C VAL A 93 -1.57 -1.83 7.83
N LEU A 94 -2.39 -2.28 8.78
CA LEU A 94 -1.87 -2.91 10.00
C LEU A 94 -1.13 -4.20 9.67
N GLN A 95 -1.68 -4.98 8.74
CA GLN A 95 -1.06 -6.22 8.32
C GLN A 95 0.26 -5.94 7.62
N LEU A 96 0.26 -4.97 6.72
CA LEU A 96 1.44 -4.63 5.95
C LEU A 96 2.56 -4.10 6.84
N ILE A 97 2.20 -3.22 7.77
CA ILE A 97 3.19 -2.61 8.66
C ILE A 97 3.86 -3.67 9.54
N GLU A 98 3.11 -4.69 9.92
CA GLU A 98 3.64 -5.77 10.74
C GLU A 98 4.58 -6.64 9.93
N VAL A 99 4.18 -6.96 8.71
CA VAL A 99 4.98 -7.79 7.83
C VAL A 99 6.34 -7.13 7.55
N GLN A 100 6.32 -5.83 7.29
CA GLN A 100 7.54 -5.09 7.00
C GLN A 100 8.42 -4.96 8.24
N LEU A 101 7.82 -4.54 9.35
CA LEU A 101 8.57 -4.31 10.59
C LEU A 101 9.26 -5.58 11.06
N ALA A 102 8.60 -6.72 10.87
CA ALA A 102 9.16 -8.01 11.26
C ALA A 102 10.13 -8.54 10.21
N GLN A 103 10.24 -7.83 9.10
CA GLN A 103 11.10 -8.24 8.01
C GLN A 103 12.16 -7.18 7.74
N GLU A 104 12.19 -6.68 6.51
CA GLU A 104 13.15 -5.67 6.09
C GLU A 104 12.77 -5.20 4.69
N GLU A 105 13.53 -5.60 3.70
CA GLU A 105 13.22 -5.31 2.31
C GLU A 105 12.52 -6.50 1.68
N VAL A 106 12.02 -6.34 0.46
CA VAL A 106 11.25 -7.38 -0.20
C VAL A 106 11.26 -7.22 -1.72
N THR A 107 12.45 -7.06 -2.27
CA THR A 107 12.63 -6.92 -3.70
C THR A 107 12.51 -8.28 -4.41
N GLU A 108 11.33 -8.88 -4.30
CA GLU A 108 11.09 -10.20 -4.89
C GLU A 108 10.72 -10.06 -6.37
N SER A 109 10.73 -8.83 -6.87
CA SER A 109 10.41 -8.56 -8.27
C SER A 109 11.61 -8.85 -9.17
N ARG A 110 12.25 -9.98 -8.93
CA ARG A 110 13.37 -10.41 -9.74
C ARG A 110 12.87 -11.06 -11.02
N SER A 111 13.33 -10.55 -12.15
CA SER A 111 12.92 -11.07 -13.45
C SER A 111 14.13 -11.11 -14.39
N MET A 1 -8.21 4.17 14.57
CA MET A 1 -8.97 5.35 15.02
C MET A 1 -8.04 6.51 15.37
N GLU A 2 -6.99 6.67 14.57
CA GLU A 2 -5.93 7.63 14.87
C GLU A 2 -5.02 7.81 13.66
N ARG A 3 -3.95 8.58 13.85
CA ARG A 3 -2.90 8.70 12.85
C ARG A 3 -2.04 7.44 12.91
N LEU A 4 -2.53 6.37 12.28
CA LEU A 4 -1.91 5.05 12.36
C LEU A 4 -0.46 5.07 11.89
N LEU A 5 -0.18 5.80 10.83
CA LEU A 5 1.15 5.81 10.26
C LEU A 5 2.01 6.90 10.91
N ASP A 6 1.46 8.11 10.97
CA ASP A 6 2.11 9.29 11.57
C ASP A 6 3.30 9.77 10.75
N ASP A 7 4.27 8.90 10.53
CA ASP A 7 5.46 9.26 9.77
C ASP A 7 5.93 8.10 8.89
N VAL A 8 4.98 7.28 8.45
CA VAL A 8 5.32 6.08 7.69
C VAL A 8 5.31 6.36 6.19
N CYS A 9 6.36 5.93 5.51
CA CYS A 9 6.54 6.22 4.10
C CYS A 9 5.80 5.20 3.23
N VAL A 10 4.73 5.65 2.59
CA VAL A 10 3.94 4.78 1.73
C VAL A 10 4.09 5.21 0.27
N MET A 11 4.66 4.34 -0.53
CA MET A 11 4.84 4.62 -1.95
C MET A 11 3.55 4.30 -2.69
N VAL A 12 2.91 5.33 -3.23
CA VAL A 12 1.62 5.17 -3.84
C VAL A 12 1.69 5.39 -5.35
N ASP A 13 1.42 4.34 -6.10
CA ASP A 13 1.35 4.42 -7.55
C ASP A 13 0.00 3.94 -8.02
N VAL A 14 -0.84 4.87 -8.45
CA VAL A 14 -2.20 4.56 -8.82
C VAL A 14 -2.46 4.95 -10.27
N THR A 15 -3.02 4.03 -11.05
CA THR A 15 -3.34 4.27 -12.45
C THR A 15 -4.45 5.32 -12.57
N SER A 16 -5.53 5.12 -11.83
CA SER A 16 -6.64 6.05 -11.84
C SER A 16 -6.28 7.31 -11.04
N ALA A 17 -6.03 8.41 -11.75
CA ALA A 17 -5.53 9.63 -11.11
C ALA A 17 -6.51 10.18 -10.07
N GLU A 18 -7.80 10.11 -10.39
CA GLU A 18 -8.83 10.58 -9.47
C GLU A 18 -8.84 9.73 -8.20
N ILE A 19 -8.76 8.42 -8.38
CA ILE A 19 -8.71 7.50 -7.25
C ILE A 19 -7.47 7.76 -6.41
N ARG A 20 -6.37 8.07 -7.09
CA ARG A 20 -5.11 8.37 -6.42
C ARG A 20 -5.24 9.58 -5.50
N ASN A 21 -6.04 10.56 -5.92
CA ASN A 21 -6.25 11.78 -5.14
C ASN A 21 -6.99 11.47 -3.85
N ILE A 22 -8.04 10.67 -3.95
CA ILE A 22 -8.80 10.25 -2.78
C ILE A 22 -7.93 9.41 -1.85
N VAL A 23 -7.16 8.51 -2.45
CA VAL A 23 -6.29 7.62 -1.71
C VAL A 23 -5.23 8.40 -0.93
N THR A 24 -4.61 9.38 -1.57
CA THR A 24 -3.54 10.15 -0.93
C THR A 24 -4.04 10.85 0.32
N ARG A 25 -5.21 11.49 0.22
CA ARG A 25 -5.83 12.14 1.37
C ARG A 25 -6.07 11.13 2.50
N GLN A 26 -6.49 9.93 2.12
CA GLN A 26 -6.77 8.87 3.07
C GLN A 26 -5.52 8.48 3.88
N LEU A 27 -4.41 8.27 3.19
CA LEU A 27 -3.17 7.88 3.86
C LEU A 27 -2.60 9.05 4.66
N GLU A 28 -2.77 10.26 4.14
CA GLU A 28 -2.29 11.45 4.80
C GLU A 28 -3.05 11.70 6.10
N ASN A 29 -4.30 11.23 6.15
CA ASN A 29 -5.09 11.27 7.38
C ASN A 29 -4.42 10.42 8.45
N TRP A 30 -3.80 9.34 8.03
CA TRP A 30 -3.12 8.42 8.93
C TRP A 30 -1.69 8.88 9.18
N GLY A 31 -1.16 9.68 8.27
CA GLY A 31 0.20 10.17 8.42
C GLY A 31 1.18 9.36 7.58
N ALA A 32 0.83 9.12 6.34
CA ALA A 32 1.70 8.40 5.44
C ALA A 32 2.28 9.33 4.39
N THR A 33 3.59 9.33 4.28
CA THR A 33 4.27 10.13 3.28
C THR A 33 4.05 9.52 1.91
N CYS A 34 3.18 10.15 1.12
CA CYS A 34 2.84 9.63 -0.20
C CYS A 34 3.93 9.95 -1.21
N ILE A 35 4.71 8.94 -1.56
CA ILE A 35 5.81 9.12 -2.49
C ILE A 35 5.55 8.33 -3.77
N THR A 36 5.96 8.90 -4.90
CA THR A 36 5.93 8.20 -6.17
C THR A 36 7.12 7.24 -6.25
N PRO A 37 6.93 6.03 -6.81
CA PRO A 37 8.01 5.06 -7.00
C PRO A 37 8.97 5.49 -8.11
N ASP A 38 9.58 6.66 -7.92
CA ASP A 38 10.46 7.28 -8.90
C ASP A 38 9.70 7.57 -10.20
N GLU A 39 10.42 7.77 -11.28
CA GLU A 39 9.81 8.02 -12.57
C GLU A 39 10.09 6.87 -13.53
N ARG A 40 11.25 6.24 -13.38
CA ARG A 40 11.65 5.16 -14.27
C ARG A 40 12.52 4.13 -13.56
N LEU A 41 12.10 3.74 -12.37
CA LEU A 41 12.78 2.68 -11.63
C LEU A 41 11.97 1.39 -11.68
N ILE A 42 12.51 0.31 -11.15
CA ILE A 42 11.76 -0.93 -11.03
C ILE A 42 10.91 -0.87 -9.76
N SER A 43 11.53 -0.37 -8.69
CA SER A 43 10.85 -0.20 -7.40
C SER A 43 11.82 0.45 -6.42
N GLN A 44 11.34 1.43 -5.67
CA GLN A 44 12.17 2.08 -4.66
C GLN A 44 11.92 1.42 -3.31
N ASP A 45 12.62 1.88 -2.29
CA ASP A 45 12.45 1.34 -0.95
C ASP A 45 11.38 2.15 -0.20
N TYR A 46 10.54 1.44 0.54
CA TYR A 46 9.40 2.05 1.21
C TYR A 46 9.02 1.26 2.45
N ASP A 47 8.04 1.76 3.19
CA ASP A 47 7.51 1.03 4.33
C ASP A 47 6.36 0.15 3.88
N ILE A 48 5.42 0.77 3.17
CA ILE A 48 4.28 0.06 2.61
C ILE A 48 4.05 0.50 1.18
N PHE A 49 3.80 -0.46 0.29
CA PHE A 49 3.52 -0.15 -1.10
C PHE A 49 2.03 -0.14 -1.35
N LEU A 50 1.55 0.86 -2.07
CA LEU A 50 0.15 0.96 -2.42
C LEU A 50 0.02 1.22 -3.91
N THR A 51 -0.75 0.39 -4.58
CA THR A 51 -0.90 0.49 -6.00
C THR A 51 -2.35 0.26 -6.42
N ASP A 52 -2.71 0.71 -7.61
CA ASP A 52 -4.06 0.54 -8.13
C ASP A 52 -4.04 -0.44 -9.27
N ASN A 53 -4.99 -1.39 -9.25
CA ASN A 53 -5.09 -2.44 -10.27
C ASN A 53 -4.00 -3.51 -10.07
N PRO A 54 -4.35 -4.79 -10.24
CA PRO A 54 -3.46 -5.93 -9.93
C PRO A 54 -2.16 -5.94 -10.72
N SER A 55 -2.21 -5.50 -11.97
CA SER A 55 -1.04 -5.57 -12.84
C SER A 55 0.01 -4.52 -12.50
N ASN A 56 -0.26 -3.69 -11.50
CA ASN A 56 0.69 -2.65 -11.11
C ASN A 56 1.52 -3.07 -9.91
N LEU A 57 1.28 -4.27 -9.40
CA LEU A 57 2.03 -4.77 -8.26
C LEU A 57 3.33 -5.43 -8.74
N THR A 58 4.45 -4.80 -8.42
CA THR A 58 5.76 -5.31 -8.82
C THR A 58 6.07 -6.64 -8.15
N ALA A 59 5.65 -6.78 -6.90
CA ALA A 59 5.87 -8.01 -6.16
C ALA A 59 4.89 -8.14 -5.00
N SER A 60 5.01 -7.22 -4.05
CA SER A 60 4.16 -7.24 -2.86
C SER A 60 3.61 -5.85 -2.59
N GLY A 61 2.52 -5.78 -1.85
CA GLY A 61 1.94 -4.52 -1.49
C GLY A 61 0.43 -4.58 -1.44
N LEU A 62 -0.20 -3.42 -1.34
CA LEU A 62 -1.65 -3.34 -1.29
C LEU A 62 -2.20 -2.92 -2.64
N LEU A 63 -3.00 -3.81 -3.23
CA LEU A 63 -3.58 -3.56 -4.53
C LEU A 63 -5.00 -3.02 -4.38
N LEU A 64 -5.28 -1.93 -5.08
CA LEU A 64 -6.57 -1.27 -4.99
C LEU A 64 -7.59 -1.96 -5.87
N SER A 65 -8.67 -2.40 -5.24
CA SER A 65 -9.80 -2.98 -5.95
C SER A 65 -11.06 -2.18 -5.63
N ASP A 66 -11.60 -1.52 -6.63
CA ASP A 66 -12.76 -0.65 -6.47
C ASP A 66 -14.02 -1.43 -6.12
N ASP A 67 -14.08 -2.68 -6.55
CA ASP A 67 -15.25 -3.51 -6.33
C ASP A 67 -15.03 -4.49 -5.19
N GLU A 68 -14.00 -4.26 -4.40
CA GLU A 68 -13.67 -5.13 -3.29
C GLU A 68 -14.63 -4.91 -2.13
N SER A 69 -14.82 -5.94 -1.32
CA SER A 69 -15.74 -5.85 -0.20
C SER A 69 -15.01 -5.42 1.07
N GLY A 70 -13.70 -5.31 0.98
CA GLY A 70 -12.89 -4.90 2.11
C GLY A 70 -11.42 -5.16 1.87
N VAL A 71 -10.81 -5.93 2.75
CA VAL A 71 -9.41 -6.32 2.58
C VAL A 71 -9.31 -7.84 2.55
N ARG A 72 -8.63 -8.36 1.54
CA ARG A 72 -8.49 -9.79 1.36
C ARG A 72 -7.09 -10.14 0.90
N GLU A 73 -6.70 -11.39 1.08
CA GLU A 73 -5.37 -11.85 0.69
C GLU A 73 -5.49 -12.86 -0.44
N ILE A 74 -4.92 -12.52 -1.59
CA ILE A 74 -4.98 -13.41 -2.75
C ILE A 74 -3.76 -14.32 -2.78
N GLY A 75 -2.75 -13.96 -1.99
CA GLY A 75 -1.54 -14.75 -1.92
C GLY A 75 -0.52 -14.09 -1.04
N PRO A 76 0.60 -14.76 -0.73
CA PRO A 76 1.65 -14.19 0.12
C PRO A 76 2.21 -12.91 -0.49
N GLY A 77 2.10 -11.82 0.26
CA GLY A 77 2.61 -10.54 -0.19
C GLY A 77 1.62 -9.78 -1.08
N GLN A 78 0.55 -10.46 -1.48
CA GLN A 78 -0.43 -9.85 -2.37
C GLN A 78 -1.78 -9.72 -1.68
N LEU A 79 -2.22 -8.49 -1.48
CA LEU A 79 -3.46 -8.24 -0.77
C LEU A 79 -4.30 -7.20 -1.52
N CYS A 80 -5.56 -7.52 -1.74
CA CYS A 80 -6.48 -6.59 -2.38
C CYS A 80 -7.28 -5.82 -1.32
N VAL A 81 -7.44 -4.53 -1.52
CA VAL A 81 -8.19 -3.72 -0.59
C VAL A 81 -8.98 -2.65 -1.34
N ASN A 82 -10.16 -2.33 -0.85
CA ASN A 82 -10.98 -1.28 -1.43
C ASN A 82 -10.64 0.06 -0.80
N PHE A 83 -10.25 1.02 -1.63
CA PHE A 83 -9.90 2.36 -1.16
C PHE A 83 -11.15 3.08 -0.64
N ASN A 84 -12.31 2.65 -1.09
CA ASN A 84 -13.58 3.24 -0.66
C ASN A 84 -13.85 2.86 0.79
N MET A 85 -13.32 1.73 1.21
CA MET A 85 -13.52 1.26 2.56
C MET A 85 -12.25 1.50 3.40
N SER A 86 -12.09 2.73 3.85
CA SER A 86 -10.97 3.10 4.68
C SER A 86 -10.95 2.31 5.99
N ASN A 87 -12.11 1.78 6.36
CA ASN A 87 -12.22 0.87 7.49
C ASN A 87 -11.30 -0.34 7.27
N ALA A 88 -11.52 -1.02 6.16
CA ALA A 88 -10.74 -2.20 5.81
C ALA A 88 -9.30 -1.82 5.49
N MET A 89 -9.12 -0.62 4.94
CA MET A 89 -7.78 -0.13 4.63
C MET A 89 -6.98 0.10 5.90
N GLN A 90 -7.66 0.47 6.98
CA GLN A 90 -7.01 0.67 8.27
C GLN A 90 -6.48 -0.66 8.80
N GLU A 91 -7.31 -1.69 8.76
CA GLU A 91 -6.88 -3.02 9.19
C GLU A 91 -5.77 -3.55 8.28
N ALA A 92 -5.87 -3.22 6.99
CA ALA A 92 -4.85 -3.61 6.02
C ALA A 92 -3.51 -2.97 6.35
N VAL A 93 -3.55 -1.71 6.76
CA VAL A 93 -2.34 -0.99 7.15
C VAL A 93 -1.74 -1.61 8.41
N LEU A 94 -2.59 -1.92 9.38
CA LEU A 94 -2.15 -2.54 10.63
C LEU A 94 -1.49 -3.88 10.34
N GLN A 95 -2.11 -4.68 9.49
CA GLN A 95 -1.59 -5.99 9.12
C GLN A 95 -0.26 -5.84 8.37
N LEU A 96 -0.20 -4.87 7.47
CA LEU A 96 0.99 -4.64 6.67
C LEU A 96 2.18 -4.23 7.53
N ILE A 97 1.91 -3.40 8.54
CA ILE A 97 2.96 -2.94 9.44
C ILE A 97 3.49 -4.10 10.28
N GLU A 98 2.62 -5.06 10.58
CA GLU A 98 3.03 -6.26 11.30
C GLU A 98 3.83 -7.17 10.38
N VAL A 99 3.46 -7.21 9.11
CA VAL A 99 4.20 -7.97 8.11
C VAL A 99 5.63 -7.41 7.97
N GLN A 100 5.74 -6.09 7.99
CA GLN A 100 7.04 -5.43 7.92
C GLN A 100 7.90 -5.80 9.12
N LEU A 101 7.28 -5.90 10.28
CA LEU A 101 7.99 -6.24 11.52
C LEU A 101 8.34 -7.72 11.56
N ALA A 102 7.42 -8.57 11.13
CA ALA A 102 7.59 -10.01 11.19
C ALA A 102 8.40 -10.54 10.00
N GLN A 103 8.66 -9.67 9.04
CA GLN A 103 9.41 -10.05 7.85
C GLN A 103 10.34 -8.92 7.43
N GLU A 104 10.02 -8.28 6.31
CA GLU A 104 10.80 -7.19 5.77
C GLU A 104 10.16 -6.70 4.48
N GLU A 105 10.25 -7.53 3.46
CA GLU A 105 9.64 -7.23 2.16
C GLU A 105 9.31 -8.53 1.42
N VAL A 106 10.11 -8.88 0.42
CA VAL A 106 9.91 -10.11 -0.32
C VAL A 106 11.25 -10.68 -0.82
N THR A 107 12.24 -9.80 -0.92
CA THR A 107 13.59 -10.15 -1.33
C THR A 107 13.60 -10.79 -2.72
N GLU A 108 13.62 -12.11 -2.75
CA GLU A 108 13.76 -12.84 -4.00
C GLU A 108 13.07 -14.19 -3.94
N SER A 109 11.91 -14.28 -4.57
CA SER A 109 11.32 -15.58 -4.85
C SER A 109 12.09 -16.21 -5.99
N ARG A 110 13.21 -16.83 -5.65
CA ARG A 110 14.17 -17.34 -6.62
C ARG A 110 13.52 -18.28 -7.62
N SER A 111 13.36 -17.79 -8.83
CA SER A 111 12.79 -18.60 -9.90
C SER A 111 13.91 -19.16 -10.76
N MET A 1 -10.06 12.18 14.96
CA MET A 1 -9.10 11.73 13.94
C MET A 1 -7.99 10.93 14.59
N GLU A 2 -7.28 10.13 13.81
CA GLU A 2 -6.21 9.31 14.33
C GLU A 2 -5.11 9.13 13.29
N ARG A 3 -4.04 8.46 13.67
CA ARG A 3 -2.89 8.29 12.81
C ARG A 3 -2.37 6.86 12.89
N LEU A 4 -2.59 6.08 11.85
CA LEU A 4 -2.18 4.69 11.83
C LEU A 4 -0.71 4.56 11.45
N LEU A 5 -0.26 5.42 10.55
CA LEU A 5 1.10 5.36 10.07
C LEU A 5 2.00 6.29 10.88
N ASP A 6 1.70 7.58 10.82
CA ASP A 6 2.47 8.63 11.49
C ASP A 6 3.94 8.63 11.07
N ASP A 7 4.25 9.49 10.11
CA ASP A 7 5.63 9.67 9.65
C ASP A 7 6.13 8.42 8.94
N VAL A 8 5.21 7.75 8.25
CA VAL A 8 5.54 6.54 7.52
C VAL A 8 5.52 6.80 6.02
N CYS A 9 6.52 6.31 5.32
CA CYS A 9 6.62 6.54 3.89
C CYS A 9 5.80 5.50 3.11
N VAL A 10 4.80 5.97 2.39
CA VAL A 10 3.95 5.10 1.60
C VAL A 10 4.02 5.49 0.13
N MET A 11 4.45 4.57 -0.71
CA MET A 11 4.56 4.83 -2.13
C MET A 11 3.24 4.49 -2.83
N VAL A 12 2.59 5.50 -3.36
CA VAL A 12 1.29 5.32 -4.00
C VAL A 12 1.41 5.36 -5.52
N ASP A 13 0.86 4.36 -6.17
CA ASP A 13 0.88 4.27 -7.63
C ASP A 13 -0.52 3.99 -8.16
N VAL A 14 -1.18 5.02 -8.65
CA VAL A 14 -2.52 4.90 -9.21
C VAL A 14 -2.60 5.60 -10.56
N THR A 15 -3.03 4.88 -11.58
CA THR A 15 -3.12 5.43 -12.93
C THR A 15 -4.35 6.32 -13.09
N SER A 16 -5.24 6.28 -12.11
CA SER A 16 -6.42 7.13 -12.11
C SER A 16 -6.22 8.28 -11.13
N ALA A 17 -6.40 9.51 -11.60
CA ALA A 17 -6.12 10.71 -10.81
C ALA A 17 -7.04 10.81 -9.59
N GLU A 18 -8.33 10.62 -9.79
CA GLU A 18 -9.29 10.70 -8.69
C GLU A 18 -8.97 9.70 -7.59
N ILE A 19 -8.76 8.45 -7.99
CA ILE A 19 -8.46 7.39 -7.04
C ILE A 19 -7.15 7.68 -6.32
N ARG A 20 -6.17 8.17 -7.07
CA ARG A 20 -4.89 8.56 -6.51
C ARG A 20 -5.09 9.65 -5.44
N ASN A 21 -5.96 10.61 -5.75
CA ASN A 21 -6.21 11.74 -4.87
C ASN A 21 -6.84 11.27 -3.56
N ILE A 22 -7.93 10.50 -3.67
CA ILE A 22 -8.65 10.01 -2.50
C ILE A 22 -7.75 9.13 -1.63
N VAL A 23 -6.99 8.23 -2.28
CA VAL A 23 -6.07 7.35 -1.56
C VAL A 23 -5.02 8.19 -0.83
N THR A 24 -4.46 9.18 -1.52
CA THR A 24 -3.47 10.07 -0.93
C THR A 24 -4.02 10.74 0.33
N ARG A 25 -5.25 11.25 0.24
CA ARG A 25 -5.89 11.91 1.37
C ARG A 25 -6.03 10.96 2.55
N GLN A 26 -6.36 9.71 2.24
CA GLN A 26 -6.56 8.70 3.27
C GLN A 26 -5.28 8.41 4.05
N LEU A 27 -4.21 8.09 3.34
CA LEU A 27 -2.93 7.82 3.98
C LEU A 27 -2.41 9.06 4.69
N GLU A 28 -2.70 10.23 4.11
CA GLU A 28 -2.29 11.51 4.68
C GLU A 28 -3.01 11.74 6.01
N ASN A 29 -4.23 11.22 6.12
CA ASN A 29 -4.97 11.27 7.38
C ASN A 29 -4.26 10.44 8.42
N TRP A 30 -3.61 9.38 7.96
CA TRP A 30 -2.90 8.46 8.83
C TRP A 30 -1.47 8.95 9.09
N GLY A 31 -1.07 10.00 8.37
CA GLY A 31 0.26 10.53 8.51
C GLY A 31 1.28 9.76 7.70
N ALA A 32 0.92 9.45 6.46
CA ALA A 32 1.82 8.74 5.56
C ALA A 32 2.24 9.65 4.41
N THR A 33 3.54 9.70 4.15
CA THR A 33 4.07 10.50 3.07
C THR A 33 3.93 9.74 1.75
N CYS A 34 3.03 10.21 0.91
CA CYS A 34 2.74 9.55 -0.35
C CYS A 34 3.79 9.89 -1.41
N ILE A 35 4.65 8.92 -1.69
CA ILE A 35 5.70 9.07 -2.69
C ILE A 35 5.27 8.38 -3.99
N THR A 36 6.06 8.54 -5.04
CA THR A 36 5.75 7.96 -6.32
C THR A 36 6.88 7.04 -6.77
N PRO A 37 6.56 5.86 -7.33
CA PRO A 37 7.56 4.89 -7.77
C PRO A 37 8.57 5.48 -8.75
N ASP A 38 9.79 5.65 -8.26
CA ASP A 38 10.91 6.10 -9.10
C ASP A 38 11.10 5.19 -10.30
N GLU A 39 11.33 5.81 -11.45
CA GLU A 39 11.44 5.07 -12.70
C GLU A 39 12.90 4.79 -13.04
N ARG A 40 13.81 5.47 -12.34
CA ARG A 40 15.23 5.32 -12.61
C ARG A 40 15.85 4.29 -11.70
N LEU A 41 15.00 3.60 -10.94
CA LEU A 41 15.46 2.58 -10.02
C LEU A 41 14.61 1.32 -10.17
N ILE A 42 15.12 0.21 -9.65
CA ILE A 42 14.39 -1.05 -9.73
C ILE A 42 13.46 -1.19 -8.51
N SER A 43 13.76 -0.44 -7.47
CA SER A 43 12.92 -0.36 -6.28
C SER A 43 13.20 0.95 -5.56
N GLN A 44 12.44 1.24 -4.51
CA GLN A 44 12.63 2.47 -3.77
C GLN A 44 12.56 2.19 -2.27
N ASP A 45 12.73 3.23 -1.48
CA ASP A 45 12.69 3.09 -0.03
C ASP A 45 11.33 3.54 0.50
N TYR A 46 10.59 2.58 1.04
CA TYR A 46 9.28 2.86 1.59
C TYR A 46 8.94 1.85 2.69
N ASP A 47 7.83 2.07 3.37
CA ASP A 47 7.34 1.13 4.36
C ASP A 47 6.23 0.28 3.76
N ILE A 48 5.21 0.95 3.25
CA ILE A 48 4.10 0.26 2.62
C ILE A 48 3.92 0.74 1.18
N PHE A 49 3.85 -0.21 0.27
CA PHE A 49 3.60 0.09 -1.13
C PHE A 49 2.11 -0.07 -1.43
N LEU A 50 1.53 0.90 -2.09
CA LEU A 50 0.13 0.85 -2.48
C LEU A 50 0.00 1.12 -3.97
N THR A 51 -0.51 0.14 -4.70
CA THR A 51 -0.61 0.26 -6.15
C THR A 51 -1.99 -0.13 -6.63
N ASP A 52 -2.46 0.54 -7.67
CA ASP A 52 -3.73 0.20 -8.30
C ASP A 52 -3.53 -1.06 -9.15
N ASN A 53 -4.28 -2.12 -8.81
CA ASN A 53 -4.12 -3.43 -9.46
C ASN A 53 -2.85 -4.12 -8.96
N PRO A 54 -2.84 -5.46 -8.95
CA PRO A 54 -1.72 -6.24 -8.42
C PRO A 54 -0.54 -6.34 -9.39
N SER A 55 -0.66 -5.64 -10.52
CA SER A 55 0.35 -5.70 -11.56
C SER A 55 1.66 -5.06 -11.12
N ASN A 56 1.58 -3.89 -10.50
CA ASN A 56 2.78 -3.12 -10.17
C ASN A 56 3.27 -3.43 -8.76
N LEU A 57 2.80 -4.53 -8.19
CA LEU A 57 3.30 -4.96 -6.89
C LEU A 57 4.64 -5.66 -7.08
N THR A 58 5.70 -4.89 -6.96
CA THR A 58 7.07 -5.39 -7.15
C THR A 58 7.37 -6.60 -6.28
N ALA A 59 6.84 -6.60 -5.07
CA ALA A 59 7.02 -7.72 -4.15
C ALA A 59 5.78 -7.92 -3.32
N SER A 60 5.57 -7.05 -2.35
CA SER A 60 4.44 -7.15 -1.45
C SER A 60 3.86 -5.77 -1.19
N GLY A 61 2.66 -5.74 -0.62
CA GLY A 61 2.05 -4.47 -0.29
C GLY A 61 0.54 -4.53 -0.38
N LEU A 62 -0.08 -3.38 -0.50
CA LEU A 62 -1.52 -3.30 -0.61
C LEU A 62 -1.93 -2.93 -2.02
N LEU A 63 -2.75 -3.78 -2.62
CA LEU A 63 -3.20 -3.54 -3.97
C LEU A 63 -4.65 -3.04 -3.95
N LEU A 64 -4.89 -1.98 -4.70
CA LEU A 64 -6.18 -1.32 -4.71
C LEU A 64 -7.16 -2.04 -5.62
N SER A 65 -8.37 -2.24 -5.11
CA SER A 65 -9.44 -2.88 -5.86
C SER A 65 -10.77 -2.23 -5.53
N ASP A 66 -11.80 -2.55 -6.31
CA ASP A 66 -13.16 -2.07 -6.04
C ASP A 66 -14.16 -3.16 -6.39
N ASP A 67 -13.79 -4.38 -6.08
CA ASP A 67 -14.68 -5.52 -6.25
C ASP A 67 -14.52 -6.48 -5.09
N GLU A 68 -13.81 -5.99 -4.07
CA GLU A 68 -13.47 -6.81 -2.94
C GLU A 68 -14.34 -6.44 -1.75
N SER A 69 -15.08 -5.34 -1.89
CA SER A 69 -15.96 -4.81 -0.84
C SER A 69 -15.14 -4.22 0.31
N GLY A 70 -14.25 -5.02 0.87
CA GLY A 70 -13.43 -4.57 1.98
C GLY A 70 -11.97 -4.92 1.76
N VAL A 71 -11.45 -5.83 2.56
CA VAL A 71 -10.06 -6.27 2.41
C VAL A 71 -9.98 -7.79 2.48
N ARG A 72 -9.14 -8.37 1.64
CA ARG A 72 -8.93 -9.80 1.62
C ARG A 72 -7.51 -10.12 1.18
N GLU A 73 -7.03 -11.29 1.55
CA GLU A 73 -5.70 -11.72 1.14
C GLU A 73 -5.78 -12.62 -0.08
N ILE A 74 -4.79 -12.54 -0.95
CA ILE A 74 -4.73 -13.39 -2.13
C ILE A 74 -3.37 -14.08 -2.20
N GLY A 75 -2.74 -14.21 -1.05
CA GLY A 75 -1.42 -14.78 -0.98
C GLY A 75 -0.53 -13.99 -0.04
N PRO A 76 0.58 -14.57 0.42
CA PRO A 76 1.50 -13.88 1.32
C PRO A 76 2.11 -12.64 0.66
N GLY A 77 1.87 -11.48 1.25
CA GLY A 77 2.39 -10.25 0.71
C GLY A 77 1.45 -9.58 -0.28
N GLN A 78 0.38 -10.27 -0.62
CA GLN A 78 -0.57 -9.75 -1.60
C GLN A 78 -1.95 -9.59 -0.98
N LEU A 79 -2.42 -8.35 -0.89
CA LEU A 79 -3.69 -8.07 -0.26
C LEU A 79 -4.54 -7.15 -1.13
N CYS A 80 -5.75 -7.61 -1.43
CA CYS A 80 -6.70 -6.83 -2.19
C CYS A 80 -7.54 -5.98 -1.25
N VAL A 81 -7.43 -4.67 -1.36
CA VAL A 81 -8.17 -3.78 -0.47
C VAL A 81 -8.99 -2.77 -1.27
N ASN A 82 -10.23 -2.57 -0.85
CA ASN A 82 -11.12 -1.60 -1.49
C ASN A 82 -10.81 -0.20 -0.98
N PHE A 83 -10.40 0.68 -1.89
CA PHE A 83 -10.00 2.04 -1.54
C PHE A 83 -11.16 2.83 -0.96
N ASN A 84 -12.38 2.40 -1.23
CA ASN A 84 -13.57 3.09 -0.76
C ASN A 84 -13.87 2.76 0.70
N MET A 85 -13.20 1.73 1.22
CA MET A 85 -13.42 1.32 2.59
C MET A 85 -12.21 1.67 3.45
N SER A 86 -12.22 2.88 4.01
CA SER A 86 -11.13 3.35 4.85
C SER A 86 -10.95 2.46 6.07
N ASN A 87 -12.06 1.88 6.54
CA ASN A 87 -12.01 0.98 7.69
C ASN A 87 -11.24 -0.28 7.34
N ALA A 88 -11.59 -0.89 6.21
CA ALA A 88 -10.92 -2.09 5.75
C ALA A 88 -9.48 -1.80 5.38
N MET A 89 -9.24 -0.61 4.85
CA MET A 89 -7.89 -0.18 4.50
C MET A 89 -7.03 -0.06 5.77
N GLN A 90 -7.67 0.35 6.85
CA GLN A 90 -7.00 0.46 8.15
C GLN A 90 -6.50 -0.89 8.62
N GLU A 91 -7.36 -1.91 8.52
CA GLU A 91 -7.00 -3.27 8.92
C GLU A 91 -5.91 -3.81 8.00
N ALA A 92 -5.96 -3.42 6.74
CA ALA A 92 -4.97 -3.83 5.76
C ALA A 92 -3.60 -3.24 6.11
N VAL A 93 -3.59 -1.96 6.46
CA VAL A 93 -2.36 -1.28 6.86
C VAL A 93 -1.82 -1.88 8.16
N LEU A 94 -2.73 -2.21 9.08
CA LEU A 94 -2.35 -2.82 10.34
C LEU A 94 -1.63 -4.14 10.12
N GLN A 95 -2.07 -4.91 9.13
CA GLN A 95 -1.46 -6.18 8.79
C GLN A 95 -0.09 -5.95 8.14
N LEU A 96 -0.03 -4.98 7.25
CA LEU A 96 1.20 -4.68 6.52
C LEU A 96 2.30 -4.21 7.47
N ILE A 97 1.97 -3.27 8.36
CA ILE A 97 2.93 -2.74 9.30
C ILE A 97 3.39 -3.82 10.29
N GLU A 98 2.49 -4.74 10.63
CA GLU A 98 2.81 -5.83 11.53
C GLU A 98 3.79 -6.79 10.88
N VAL A 99 3.50 -7.16 9.64
CA VAL A 99 4.35 -8.10 8.91
C VAL A 99 5.72 -7.47 8.60
N GLN A 100 5.74 -6.17 8.37
CA GLN A 100 6.99 -5.46 8.11
C GLN A 100 7.83 -5.41 9.38
N LEU A 101 7.15 -5.24 10.51
CA LEU A 101 7.82 -5.21 11.81
C LEU A 101 8.47 -6.56 12.10
N ALA A 102 7.83 -7.63 11.63
CA ALA A 102 8.37 -8.97 11.78
C ALA A 102 9.62 -9.16 10.92
N GLN A 103 9.56 -8.65 9.70
CA GLN A 103 10.67 -8.75 8.77
C GLN A 103 11.81 -7.83 9.17
N GLU A 104 11.56 -6.52 9.09
CA GLU A 104 12.56 -5.50 9.43
C GLU A 104 13.90 -5.80 8.77
N GLU A 105 13.86 -6.03 7.46
CA GLU A 105 15.07 -6.37 6.72
C GLU A 105 15.11 -5.61 5.41
N VAL A 106 16.28 -5.58 4.79
CA VAL A 106 16.45 -4.92 3.51
C VAL A 106 16.57 -5.96 2.41
N THR A 107 16.16 -5.59 1.21
CA THR A 107 16.21 -6.51 0.08
C THR A 107 16.49 -5.76 -1.22
N GLU A 108 17.50 -6.22 -1.96
CA GLU A 108 17.81 -5.63 -3.25
C GLU A 108 17.13 -6.42 -4.36
N SER A 109 16.06 -5.86 -4.91
CA SER A 109 15.29 -6.51 -5.95
C SER A 109 16.00 -6.45 -7.31
N ARG A 110 17.18 -7.05 -7.38
CA ARG A 110 17.95 -7.08 -8.62
C ARG A 110 18.40 -8.50 -8.92
N SER A 111 17.95 -9.03 -10.06
CA SER A 111 18.37 -10.35 -10.51
C SER A 111 19.61 -10.23 -11.37
N MET A 1 -10.16 9.84 16.68
CA MET A 1 -9.59 8.89 15.71
C MET A 1 -8.08 9.04 15.65
N GLU A 2 -7.38 7.93 15.62
CA GLU A 2 -5.92 7.96 15.60
C GLU A 2 -5.40 7.89 14.17
N ARG A 3 -4.13 8.21 14.01
CA ARG A 3 -3.48 8.11 12.72
C ARG A 3 -2.78 6.76 12.62
N LEU A 4 -3.32 5.88 11.78
CA LEU A 4 -2.84 4.51 11.68
C LEU A 4 -1.41 4.44 11.17
N LEU A 5 -1.02 5.41 10.34
CA LEU A 5 0.31 5.44 9.78
C LEU A 5 1.25 6.24 10.69
N ASP A 6 0.68 7.21 11.41
CA ASP A 6 1.43 8.11 12.28
C ASP A 6 2.33 9.03 11.46
N ASP A 7 3.44 8.49 10.97
CA ASP A 7 4.33 9.23 10.08
C ASP A 7 5.21 8.25 9.31
N VAL A 8 4.57 7.36 8.57
CA VAL A 8 5.27 6.33 7.80
C VAL A 8 5.23 6.64 6.32
N CYS A 9 6.37 6.48 5.65
CA CYS A 9 6.47 6.76 4.22
C CYS A 9 5.85 5.64 3.39
N VAL A 10 4.84 5.98 2.60
CA VAL A 10 4.13 5.01 1.78
C VAL A 10 4.21 5.42 0.31
N MET A 11 4.74 4.53 -0.52
CA MET A 11 4.82 4.79 -1.95
C MET A 11 3.50 4.44 -2.59
N VAL A 12 2.79 5.45 -3.09
CA VAL A 12 1.46 5.26 -3.61
C VAL A 12 1.45 5.38 -5.14
N ASP A 13 1.27 4.25 -5.80
CA ASP A 13 1.12 4.21 -7.24
C ASP A 13 -0.33 3.89 -7.59
N VAL A 14 -0.95 4.75 -8.38
CA VAL A 14 -2.33 4.56 -8.78
C VAL A 14 -2.51 4.95 -10.24
N THR A 15 -3.09 4.05 -11.02
CA THR A 15 -3.37 4.32 -12.42
C THR A 15 -4.58 5.24 -12.56
N SER A 16 -5.64 4.89 -11.85
CA SER A 16 -6.87 5.66 -11.87
C SER A 16 -6.69 7.03 -11.23
N ALA A 17 -6.89 8.08 -12.02
CA ALA A 17 -6.63 9.45 -11.60
C ALA A 17 -7.40 9.83 -10.34
N GLU A 18 -8.69 9.52 -10.33
CA GLU A 18 -9.55 9.89 -9.21
C GLU A 18 -9.20 9.08 -7.98
N ILE A 19 -8.92 7.80 -8.18
CA ILE A 19 -8.58 6.90 -7.08
C ILE A 19 -7.31 7.36 -6.37
N ARG A 20 -6.34 7.83 -7.15
CA ARG A 20 -5.09 8.35 -6.58
C ARG A 20 -5.37 9.56 -5.72
N ASN A 21 -6.22 10.44 -6.22
CA ASN A 21 -6.61 11.66 -5.50
C ASN A 21 -7.17 11.32 -4.12
N ILE A 22 -8.22 10.52 -4.10
CA ILE A 22 -8.91 10.19 -2.87
C ILE A 22 -8.02 9.38 -1.92
N VAL A 23 -7.31 8.40 -2.45
CA VAL A 23 -6.48 7.54 -1.63
C VAL A 23 -5.31 8.32 -1.01
N THR A 24 -4.76 9.27 -1.75
CA THR A 24 -3.65 10.06 -1.22
C THR A 24 -4.10 10.85 0.00
N ARG A 25 -5.29 11.44 -0.12
CA ARG A 25 -5.87 12.20 0.98
C ARG A 25 -6.10 11.31 2.20
N GLN A 26 -6.40 10.04 1.95
CA GLN A 26 -6.65 9.09 3.03
C GLN A 26 -5.35 8.73 3.75
N LEU A 27 -4.33 8.32 3.00
CA LEU A 27 -3.04 7.95 3.60
C LEU A 27 -2.47 9.13 4.37
N GLU A 28 -2.47 10.29 3.74
CA GLU A 28 -1.93 11.49 4.34
C GLU A 28 -2.72 11.88 5.59
N ASN A 29 -4.00 11.54 5.61
CA ASN A 29 -4.84 11.80 6.78
C ASN A 29 -4.37 10.96 7.96
N TRP A 30 -3.83 9.80 7.64
CA TRP A 30 -3.31 8.88 8.66
C TRP A 30 -1.86 9.19 8.97
N GLY A 31 -1.26 10.10 8.21
CA GLY A 31 0.12 10.46 8.44
C GLY A 31 1.07 9.58 7.65
N ALA A 32 0.86 9.51 6.35
CA ALA A 32 1.74 8.76 5.47
C ALA A 32 2.44 9.68 4.50
N THR A 33 3.75 9.52 4.37
CA THR A 33 4.53 10.28 3.42
C THR A 33 4.37 9.69 2.03
N CYS A 34 3.53 10.31 1.22
CA CYS A 34 3.26 9.82 -0.12
C CYS A 34 4.46 10.00 -1.04
N ILE A 35 4.98 8.89 -1.54
CA ILE A 35 6.10 8.92 -2.46
C ILE A 35 5.64 8.52 -3.87
N THR A 36 6.19 9.18 -4.88
CA THR A 36 5.80 8.92 -6.25
C THR A 36 6.47 7.67 -6.81
N PRO A 37 5.76 6.92 -7.66
CA PRO A 37 6.33 5.78 -8.37
C PRO A 37 7.42 6.21 -9.36
N ASP A 38 8.66 6.28 -8.86
CA ASP A 38 9.81 6.62 -9.70
C ASP A 38 9.87 5.73 -10.93
N GLU A 39 9.71 6.34 -12.09
CA GLU A 39 9.65 5.62 -13.35
C GLU A 39 11.04 5.29 -13.86
N ARG A 40 12.05 5.91 -13.27
CA ARG A 40 13.42 5.59 -13.61
C ARG A 40 13.91 4.44 -12.74
N LEU A 41 13.08 4.10 -11.76
CA LEU A 41 13.38 2.99 -10.87
C LEU A 41 12.42 1.84 -11.12
N ILE A 42 11.50 1.65 -10.18
CA ILE A 42 10.52 0.57 -10.21
C ILE A 42 9.87 0.46 -8.82
N SER A 43 10.66 0.82 -7.82
CA SER A 43 10.20 0.89 -6.45
C SER A 43 11.10 1.86 -5.70
N GLN A 44 10.50 2.92 -5.16
CA GLN A 44 11.28 3.95 -4.48
C GLN A 44 11.54 3.55 -3.03
N ASP A 45 12.23 4.42 -2.31
CA ASP A 45 12.51 4.18 -0.90
C ASP A 45 11.26 4.42 -0.07
N TYR A 46 10.65 3.35 0.39
CA TYR A 46 9.41 3.43 1.14
C TYR A 46 9.41 2.48 2.32
N ASP A 47 8.38 2.55 3.13
CA ASP A 47 8.17 1.59 4.21
C ASP A 47 7.03 0.65 3.83
N ILE A 48 5.99 1.21 3.23
CA ILE A 48 4.87 0.43 2.74
C ILE A 48 4.63 0.71 1.25
N PHE A 49 4.32 -0.34 0.50
CA PHE A 49 4.07 -0.20 -0.93
C PHE A 49 2.57 -0.29 -1.23
N LEU A 50 2.09 0.63 -2.04
CA LEU A 50 0.69 0.64 -2.46
C LEU A 50 0.60 0.82 -3.98
N THR A 51 -0.22 0.01 -4.61
CA THR A 51 -0.39 0.06 -6.05
C THR A 51 -1.88 -0.13 -6.39
N ASP A 52 -2.33 0.53 -7.45
CA ASP A 52 -3.72 0.43 -7.88
C ASP A 52 -3.84 -0.57 -9.02
N ASN A 53 -4.86 -1.42 -8.93
CA ASN A 53 -5.16 -2.45 -9.93
C ASN A 53 -4.22 -3.65 -9.78
N PRO A 54 -4.77 -4.87 -9.91
CA PRO A 54 -4.06 -6.11 -9.61
C PRO A 54 -2.73 -6.26 -10.37
N SER A 55 -2.74 -5.94 -11.66
CA SER A 55 -1.59 -6.21 -12.51
C SER A 55 -0.58 -5.06 -12.52
N ASN A 56 -0.70 -4.13 -11.59
CA ASN A 56 0.25 -3.01 -11.51
C ASN A 56 1.31 -3.27 -10.45
N LEU A 57 1.07 -4.26 -9.60
CA LEU A 57 1.97 -4.56 -8.49
C LEU A 57 3.27 -5.15 -9.01
N THR A 58 4.36 -4.41 -8.85
CA THR A 58 5.67 -4.84 -9.27
C THR A 58 6.14 -6.06 -8.48
N ALA A 59 6.10 -5.95 -7.15
CA ALA A 59 6.61 -7.01 -6.29
C ALA A 59 5.54 -7.50 -5.33
N SER A 60 5.30 -6.74 -4.28
CA SER A 60 4.35 -7.12 -3.25
C SER A 60 3.88 -5.88 -2.51
N GLY A 61 2.78 -5.99 -1.77
CA GLY A 61 2.27 -4.87 -1.03
C GLY A 61 0.75 -4.83 -1.03
N LEU A 62 0.20 -3.63 -0.95
CA LEU A 62 -1.24 -3.46 -0.92
C LEU A 62 -1.75 -3.00 -2.27
N LEU A 63 -2.77 -3.67 -2.79
CA LEU A 63 -3.34 -3.32 -4.06
C LEU A 63 -4.75 -2.76 -3.88
N LEU A 64 -5.00 -1.64 -4.54
CA LEU A 64 -6.27 -0.96 -4.43
C LEU A 64 -7.29 -1.57 -5.38
N SER A 65 -8.38 -2.02 -4.81
CA SER A 65 -9.47 -2.58 -5.58
C SER A 65 -10.78 -1.92 -5.17
N ASP A 66 -11.24 -0.96 -5.97
CA ASP A 66 -12.47 -0.24 -5.67
C ASP A 66 -13.69 -1.13 -5.92
N ASP A 67 -13.46 -2.26 -6.57
CA ASP A 67 -14.50 -3.25 -6.81
C ASP A 67 -14.61 -4.21 -5.63
N GLU A 68 -13.48 -4.41 -4.93
CA GLU A 68 -13.42 -5.32 -3.79
C GLU A 68 -14.31 -4.83 -2.66
N SER A 69 -14.97 -5.75 -1.98
CA SER A 69 -15.87 -5.40 -0.90
C SER A 69 -15.15 -5.37 0.45
N GLY A 70 -13.98 -4.76 0.47
CA GLY A 70 -13.22 -4.65 1.71
C GLY A 70 -11.77 -5.04 1.53
N VAL A 71 -11.21 -5.73 2.50
CA VAL A 71 -9.85 -6.21 2.42
C VAL A 71 -9.83 -7.75 2.37
N ARG A 72 -9.01 -8.29 1.48
CA ARG A 72 -8.91 -9.74 1.30
C ARG A 72 -7.56 -10.11 0.71
N GLU A 73 -7.23 -11.38 0.75
CA GLU A 73 -6.01 -11.87 0.15
C GLU A 73 -6.31 -12.61 -1.14
N ILE A 74 -5.55 -12.31 -2.18
CA ILE A 74 -5.74 -12.98 -3.46
C ILE A 74 -4.52 -13.83 -3.80
N GLY A 75 -3.35 -13.31 -3.46
CA GLY A 75 -2.12 -14.04 -3.70
C GLY A 75 -1.09 -13.72 -2.63
N PRO A 76 -0.03 -14.51 -2.52
CA PRO A 76 1.02 -14.27 -1.53
C PRO A 76 1.69 -12.91 -1.72
N GLY A 77 1.58 -12.05 -0.71
CA GLY A 77 2.17 -10.74 -0.80
C GLY A 77 1.29 -9.77 -1.58
N GLN A 78 0.06 -10.17 -1.87
CA GLN A 78 -0.86 -9.33 -2.61
C GLN A 78 -2.23 -9.30 -1.94
N LEU A 79 -2.60 -8.12 -1.46
CA LEU A 79 -3.87 -7.95 -0.76
C LEU A 79 -4.77 -6.98 -1.50
N CYS A 80 -5.97 -7.45 -1.82
CA CYS A 80 -6.98 -6.64 -2.48
C CYS A 80 -7.75 -5.84 -1.43
N VAL A 81 -7.64 -4.52 -1.48
CA VAL A 81 -8.31 -3.70 -0.49
C VAL A 81 -9.00 -2.49 -1.13
N ASN A 82 -10.26 -2.29 -0.77
CA ASN A 82 -11.01 -1.13 -1.23
C ASN A 82 -10.59 0.10 -0.44
N PHE A 83 -10.26 1.17 -1.15
CA PHE A 83 -9.79 2.39 -0.51
C PHE A 83 -10.96 3.20 0.08
N ASN A 84 -12.16 2.96 -0.43
CA ASN A 84 -13.33 3.70 0.03
C ASN A 84 -13.65 3.33 1.48
N MET A 85 -13.54 2.05 1.79
CA MET A 85 -13.77 1.58 3.15
C MET A 85 -12.52 1.80 3.99
N SER A 86 -12.50 2.92 4.69
CA SER A 86 -11.37 3.29 5.53
C SER A 86 -11.10 2.23 6.59
N ASN A 87 -12.16 1.53 7.01
CA ASN A 87 -12.04 0.46 7.99
C ASN A 87 -11.09 -0.62 7.49
N ALA A 88 -11.43 -1.20 6.34
CA ALA A 88 -10.65 -2.28 5.76
C ALA A 88 -9.23 -1.85 5.44
N MET A 89 -9.11 -0.65 4.89
CA MET A 89 -7.80 -0.12 4.52
C MET A 89 -6.93 0.09 5.75
N GLN A 90 -7.56 0.51 6.84
CA GLN A 90 -6.86 0.79 8.08
C GLN A 90 -6.23 -0.48 8.66
N GLU A 91 -7.02 -1.53 8.77
CA GLU A 91 -6.52 -2.79 9.30
C GLU A 91 -5.55 -3.44 8.33
N ALA A 92 -5.79 -3.25 7.04
CA ALA A 92 -4.89 -3.75 6.01
C ALA A 92 -3.50 -3.16 6.17
N VAL A 93 -3.44 -1.87 6.54
CA VAL A 93 -2.18 -1.20 6.76
C VAL A 93 -1.43 -1.84 7.94
N LEU A 94 -2.16 -2.04 9.03
CA LEU A 94 -1.59 -2.64 10.24
C LEU A 94 -1.10 -4.06 9.96
N GLN A 95 -1.89 -4.82 9.21
CA GLN A 95 -1.55 -6.18 8.85
C GLN A 95 -0.29 -6.23 8.00
N LEU A 96 -0.24 -5.35 7.00
CA LEU A 96 0.90 -5.29 6.09
C LEU A 96 2.18 -4.93 6.85
N ILE A 97 2.08 -3.93 7.70
CA ILE A 97 3.24 -3.47 8.46
C ILE A 97 3.80 -4.59 9.35
N GLU A 98 2.90 -5.45 9.86
CA GLU A 98 3.32 -6.52 10.76
C GLU A 98 4.08 -7.60 10.01
N VAL A 99 3.49 -8.09 8.92
CA VAL A 99 4.10 -9.17 8.15
C VAL A 99 5.40 -8.69 7.48
N GLN A 100 5.41 -7.42 7.07
CA GLN A 100 6.58 -6.84 6.43
C GLN A 100 7.74 -6.74 7.41
N LEU A 101 7.42 -6.47 8.67
CA LEU A 101 8.42 -6.31 9.70
C LEU A 101 9.01 -7.66 10.11
N ALA A 102 8.32 -8.74 9.74
CA ALA A 102 8.82 -10.07 10.00
C ALA A 102 9.89 -10.46 8.98
N GLN A 103 9.63 -10.12 7.72
CA GLN A 103 10.57 -10.40 6.63
C GLN A 103 11.44 -9.18 6.35
N GLU A 104 12.17 -8.74 7.37
CA GLU A 104 13.02 -7.56 7.26
C GLU A 104 14.39 -7.91 6.71
N GLU A 105 14.41 -8.42 5.49
CA GLU A 105 15.65 -8.76 4.82
C GLU A 105 15.57 -8.39 3.35
N VAL A 106 16.69 -7.95 2.79
CA VAL A 106 16.72 -7.50 1.40
C VAL A 106 17.53 -8.47 0.55
N THR A 107 16.85 -9.43 -0.05
CA THR A 107 17.48 -10.38 -0.96
C THR A 107 17.55 -9.81 -2.38
N GLU A 108 18.00 -8.57 -2.48
CA GLU A 108 18.05 -7.88 -3.75
C GLU A 108 19.48 -7.87 -4.30
N SER A 109 20.04 -9.06 -4.44
CA SER A 109 21.40 -9.21 -4.94
C SER A 109 21.51 -8.80 -6.41
N ARG A 110 20.49 -9.17 -7.17
CA ARG A 110 20.47 -8.87 -8.60
C ARG A 110 19.04 -9.02 -9.11
N SER A 111 18.37 -10.06 -8.65
CA SER A 111 16.99 -10.31 -9.00
C SER A 111 16.28 -10.97 -7.82
N MET A 1 -11.15 10.09 13.93
CA MET A 1 -10.13 9.04 13.65
C MET A 1 -8.76 9.51 14.10
N GLU A 2 -7.73 8.74 13.80
CA GLU A 2 -6.38 9.07 14.25
C GLU A 2 -5.34 8.66 13.22
N ARG A 3 -4.08 8.89 13.55
CA ARG A 3 -2.98 8.55 12.68
C ARG A 3 -2.57 7.10 12.88
N LEU A 4 -2.87 6.26 11.89
CA LEU A 4 -2.51 4.86 11.95
C LEU A 4 -1.03 4.65 11.59
N LEU A 5 -0.50 5.57 10.81
CA LEU A 5 0.89 5.52 10.40
C LEU A 5 1.71 6.52 11.21
N ASP A 6 1.19 7.75 11.29
CA ASP A 6 1.80 8.85 12.04
C ASP A 6 3.04 9.38 11.35
N ASP A 7 4.04 8.51 11.14
CA ASP A 7 5.28 8.90 10.50
C ASP A 7 5.84 7.75 9.69
N VAL A 8 5.04 7.23 8.77
CA VAL A 8 5.45 6.08 7.97
C VAL A 8 5.47 6.44 6.49
N CYS A 9 6.56 6.11 5.82
CA CYS A 9 6.71 6.42 4.41
C CYS A 9 6.03 5.35 3.55
N VAL A 10 4.96 5.73 2.88
CA VAL A 10 4.22 4.82 2.03
C VAL A 10 4.26 5.29 0.58
N MET A 11 4.80 4.45 -0.29
CA MET A 11 4.88 4.79 -1.70
C MET A 11 3.54 4.53 -2.38
N VAL A 12 3.00 5.54 -3.03
CA VAL A 12 1.70 5.44 -3.66
C VAL A 12 1.79 5.69 -5.16
N ASP A 13 1.44 4.66 -5.93
CA ASP A 13 1.44 4.76 -7.38
C ASP A 13 0.12 4.21 -7.93
N VAL A 14 -0.74 5.10 -8.38
CA VAL A 14 -2.06 4.72 -8.86
C VAL A 14 -2.34 5.38 -10.20
N THR A 15 -2.81 4.60 -11.16
CA THR A 15 -3.09 5.10 -12.50
C THR A 15 -4.49 5.72 -12.57
N SER A 16 -5.44 5.12 -11.86
CA SER A 16 -6.80 5.61 -11.84
C SER A 16 -6.87 6.96 -11.11
N ALA A 17 -7.32 7.98 -11.82
CA ALA A 17 -7.35 9.35 -11.29
C ALA A 17 -8.20 9.46 -10.02
N GLU A 18 -9.41 8.92 -10.08
CA GLU A 18 -10.33 8.95 -8.94
C GLU A 18 -9.72 8.24 -7.75
N ILE A 19 -9.24 7.02 -7.98
CA ILE A 19 -8.70 6.21 -6.89
C ILE A 19 -7.49 6.90 -6.26
N ARG A 20 -6.58 7.41 -7.10
CA ARG A 20 -5.35 8.04 -6.61
C ARG A 20 -5.65 9.24 -5.72
N ASN A 21 -6.63 10.05 -6.12
CA ASN A 21 -6.99 11.24 -5.35
C ASN A 21 -7.42 10.85 -3.93
N ILE A 22 -8.36 9.93 -3.85
CA ILE A 22 -8.92 9.52 -2.57
C ILE A 22 -7.87 8.80 -1.71
N VAL A 23 -7.11 7.88 -2.31
CA VAL A 23 -6.16 7.09 -1.55
C VAL A 23 -4.99 7.93 -1.05
N THR A 24 -4.63 8.99 -1.78
CA THR A 24 -3.54 9.86 -1.35
C THR A 24 -3.98 10.71 -0.16
N ARG A 25 -5.22 11.17 -0.22
CA ARG A 25 -5.79 11.98 0.87
C ARG A 25 -5.97 11.13 2.11
N GLN A 26 -6.45 9.90 1.92
CA GLN A 26 -6.67 8.97 3.03
C GLN A 26 -5.33 8.56 3.65
N LEU A 27 -4.37 8.25 2.78
CA LEU A 27 -3.02 7.88 3.21
C LEU A 27 -2.42 8.96 4.10
N GLU A 28 -2.50 10.20 3.63
CA GLU A 28 -1.92 11.33 4.33
C GLU A 28 -2.65 11.60 5.64
N ASN A 29 -3.95 11.31 5.68
CA ASN A 29 -4.74 11.49 6.88
C ASN A 29 -4.17 10.68 8.03
N TRP A 30 -3.62 9.52 7.69
CA TRP A 30 -3.07 8.61 8.68
C TRP A 30 -1.63 8.95 9.02
N GLY A 31 -1.08 9.95 8.34
CA GLY A 31 0.29 10.34 8.58
C GLY A 31 1.28 9.47 7.83
N ALA A 32 1.02 9.27 6.56
CA ALA A 32 1.89 8.47 5.72
C ALA A 32 2.50 9.32 4.61
N THR A 33 3.81 9.41 4.60
CA THR A 33 4.53 10.17 3.60
C THR A 33 4.36 9.54 2.23
N CYS A 34 3.61 10.21 1.36
CA CYS A 34 3.35 9.69 0.03
C CYS A 34 4.57 9.84 -0.86
N ILE A 35 5.19 8.73 -1.22
CA ILE A 35 6.38 8.74 -2.06
C ILE A 35 6.03 8.31 -3.48
N THR A 36 6.83 8.78 -4.44
CA THR A 36 6.65 8.42 -5.84
C THR A 36 7.68 7.36 -6.24
N PRO A 37 7.33 6.47 -7.18
CA PRO A 37 8.24 5.41 -7.66
C PRO A 37 9.45 5.96 -8.43
N ASP A 38 9.37 7.24 -8.80
CA ASP A 38 10.43 7.93 -9.53
C ASP A 38 10.45 7.54 -11.01
N GLU A 39 10.68 8.52 -11.86
CA GLU A 39 10.64 8.32 -13.31
C GLU A 39 11.86 7.57 -13.81
N ARG A 40 13.00 7.77 -13.17
CA ARG A 40 14.24 7.13 -13.60
C ARG A 40 14.71 6.11 -12.57
N LEU A 41 13.73 5.45 -11.95
CA LEU A 41 14.02 4.40 -11.00
C LEU A 41 13.08 3.23 -11.23
N ILE A 42 12.20 2.99 -10.26
CA ILE A 42 11.28 1.86 -10.30
C ILE A 42 10.48 1.80 -9.00
N SER A 43 11.16 2.11 -7.90
CA SER A 43 10.55 2.06 -6.58
C SER A 43 11.46 2.73 -5.55
N GLN A 44 10.99 3.84 -4.98
CA GLN A 44 11.72 4.48 -3.90
C GLN A 44 11.52 3.68 -2.62
N ASP A 45 12.54 3.68 -1.76
CA ASP A 45 12.49 2.92 -0.51
C ASP A 45 11.27 3.29 0.32
N TYR A 46 10.47 2.31 0.68
CA TYR A 46 9.22 2.56 1.40
C TYR A 46 9.04 1.54 2.52
N ASP A 47 8.00 1.76 3.32
CA ASP A 47 7.60 0.80 4.34
C ASP A 47 6.41 0.00 3.83
N ILE A 48 5.38 0.72 3.40
CA ILE A 48 4.20 0.11 2.82
C ILE A 48 4.02 0.59 1.38
N PHE A 49 3.45 -0.26 0.53
CA PHE A 49 3.24 0.07 -0.86
C PHE A 49 1.74 0.13 -1.16
N LEU A 50 1.33 1.18 -1.86
CA LEU A 50 -0.07 1.36 -2.24
C LEU A 50 -0.15 1.56 -3.75
N THR A 51 -0.83 0.65 -4.43
CA THR A 51 -0.91 0.70 -5.88
C THR A 51 -2.28 0.25 -6.35
N ASP A 52 -2.71 0.74 -7.50
CA ASP A 52 -4.00 0.36 -8.05
C ASP A 52 -3.82 -0.77 -9.06
N ASN A 53 -4.58 -1.85 -8.85
CA ASN A 53 -4.53 -3.05 -9.69
C ASN A 53 -3.22 -3.83 -9.51
N PRO A 54 -3.31 -5.18 -9.57
CA PRO A 54 -2.15 -6.05 -9.32
C PRO A 54 -1.08 -5.92 -10.40
N SER A 55 -1.44 -5.32 -11.53
CA SER A 55 -0.53 -5.15 -12.64
C SER A 55 0.49 -4.05 -12.36
N ASN A 56 0.19 -3.22 -11.36
CA ASN A 56 1.10 -2.13 -11.00
C ASN A 56 1.94 -2.51 -9.78
N LEU A 57 1.68 -3.69 -9.23
CA LEU A 57 2.43 -4.17 -8.07
C LEU A 57 3.79 -4.68 -8.52
N THR A 58 4.78 -3.81 -8.44
CA THR A 58 6.15 -4.13 -8.85
C THR A 58 6.73 -5.27 -7.99
N ALA A 59 6.44 -5.21 -6.70
CA ALA A 59 6.94 -6.22 -5.77
C ALA A 59 5.78 -6.81 -4.96
N SER A 60 5.36 -6.08 -3.93
CA SER A 60 4.29 -6.53 -3.05
C SER A 60 3.69 -5.34 -2.31
N GLY A 61 2.55 -5.54 -1.70
CA GLY A 61 1.93 -4.48 -0.92
C GLY A 61 0.42 -4.53 -0.99
N LEU A 62 -0.21 -3.36 -0.91
CA LEU A 62 -1.65 -3.27 -0.96
C LEU A 62 -2.11 -2.82 -2.33
N LEU A 63 -2.90 -3.66 -2.97
CA LEU A 63 -3.43 -3.34 -4.28
C LEU A 63 -4.91 -2.99 -4.18
N LEU A 64 -5.24 -1.80 -4.65
CA LEU A 64 -6.58 -1.28 -4.52
C LEU A 64 -7.48 -1.84 -5.60
N SER A 65 -8.70 -2.16 -5.20
CA SER A 65 -9.70 -2.68 -6.11
C SER A 65 -11.08 -2.18 -5.69
N ASP A 66 -11.76 -1.49 -6.59
CA ASP A 66 -13.09 -0.96 -6.30
C ASP A 66 -14.14 -2.05 -6.46
N ASP A 67 -13.72 -3.19 -7.02
CA ASP A 67 -14.59 -4.35 -7.15
C ASP A 67 -14.57 -5.16 -5.86
N GLU A 68 -13.62 -4.85 -4.99
CA GLU A 68 -13.49 -5.55 -3.72
C GLU A 68 -14.51 -5.06 -2.72
N SER A 69 -14.97 -5.96 -1.88
CA SER A 69 -15.96 -5.62 -0.85
C SER A 69 -15.26 -4.98 0.34
N GLY A 70 -13.98 -5.27 0.50
CA GLY A 70 -13.23 -4.75 1.61
C GLY A 70 -11.75 -5.03 1.46
N VAL A 71 -11.19 -5.79 2.39
CA VAL A 71 -9.80 -6.18 2.31
C VAL A 71 -9.67 -7.70 2.39
N ARG A 72 -8.77 -8.25 1.58
CA ARG A 72 -8.55 -9.69 1.54
C ARG A 72 -7.16 -10.00 1.01
N GLU A 73 -6.71 -11.24 1.19
CA GLU A 73 -5.39 -11.65 0.75
C GLU A 73 -5.51 -12.61 -0.43
N ILE A 74 -4.83 -12.30 -1.52
CA ILE A 74 -4.95 -13.09 -2.74
C ILE A 74 -3.61 -13.68 -3.16
N GLY A 75 -2.70 -13.82 -2.21
CA GLY A 75 -1.41 -14.39 -2.51
C GLY A 75 -0.30 -13.72 -1.73
N PRO A 76 0.93 -14.25 -1.80
CA PRO A 76 2.07 -13.69 -1.06
C PRO A 76 2.33 -12.24 -1.44
N GLY A 77 2.25 -11.36 -0.46
CA GLY A 77 2.46 -9.94 -0.70
C GLY A 77 1.37 -9.32 -1.55
N GLN A 78 0.24 -10.01 -1.68
CA GLN A 78 -0.87 -9.53 -2.50
C GLN A 78 -2.13 -9.37 -1.66
N LEU A 79 -2.59 -8.14 -1.51
CA LEU A 79 -3.78 -7.88 -0.72
C LEU A 79 -4.70 -6.92 -1.45
N CYS A 80 -5.87 -7.41 -1.83
CA CYS A 80 -6.89 -6.61 -2.49
C CYS A 80 -7.66 -5.80 -1.45
N VAL A 81 -7.78 -4.50 -1.67
CA VAL A 81 -8.48 -3.65 -0.72
C VAL A 81 -9.25 -2.53 -1.44
N ASN A 82 -10.48 -2.30 -1.02
CA ASN A 82 -11.28 -1.20 -1.54
C ASN A 82 -10.92 0.09 -0.83
N PHE A 83 -10.74 1.16 -1.59
CA PHE A 83 -10.31 2.44 -1.03
C PHE A 83 -11.44 3.14 -0.28
N ASN A 84 -12.68 2.81 -0.64
CA ASN A 84 -13.84 3.47 -0.06
C ASN A 84 -14.00 3.12 1.42
N MET A 85 -13.65 1.90 1.78
CA MET A 85 -13.77 1.45 3.15
C MET A 85 -12.51 1.78 3.94
N SER A 86 -12.53 2.93 4.61
CA SER A 86 -11.42 3.35 5.44
C SER A 86 -11.13 2.31 6.52
N ASN A 87 -12.16 1.60 6.94
CA ASN A 87 -12.02 0.52 7.90
C ASN A 87 -11.05 -0.55 7.38
N ALA A 88 -11.42 -1.17 6.27
CA ALA A 88 -10.63 -2.23 5.68
C ALA A 88 -9.24 -1.74 5.29
N MET A 89 -9.18 -0.52 4.77
CA MET A 89 -7.92 0.08 4.37
C MET A 89 -6.99 0.27 5.56
N GLN A 90 -7.58 0.55 6.72
CA GLN A 90 -6.82 0.78 7.93
C GLN A 90 -6.17 -0.51 8.41
N GLU A 91 -6.94 -1.59 8.47
CA GLU A 91 -6.41 -2.88 8.90
C GLU A 91 -5.42 -3.40 7.87
N ALA A 92 -5.66 -3.10 6.60
CA ALA A 92 -4.75 -3.49 5.53
C ALA A 92 -3.38 -2.88 5.75
N VAL A 93 -3.37 -1.61 6.13
CA VAL A 93 -2.11 -0.90 6.36
C VAL A 93 -1.43 -1.40 7.64
N LEU A 94 -2.24 -1.74 8.64
CA LEU A 94 -1.74 -2.20 9.92
C LEU A 94 -1.12 -3.59 9.78
N GLN A 95 -1.78 -4.46 9.05
CA GLN A 95 -1.30 -5.82 8.83
C GLN A 95 -0.05 -5.80 7.95
N LEU A 96 -0.02 -4.87 6.99
CA LEU A 96 1.14 -4.71 6.12
C LEU A 96 2.36 -4.28 6.92
N ILE A 97 2.18 -3.33 7.83
CA ILE A 97 3.26 -2.88 8.68
C ILE A 97 3.64 -3.96 9.69
N GLU A 98 2.67 -4.79 10.05
CA GLU A 98 2.90 -5.90 10.97
C GLU A 98 3.86 -6.91 10.34
N VAL A 99 3.56 -7.33 9.12
CA VAL A 99 4.40 -8.29 8.43
C VAL A 99 5.75 -7.67 8.04
N GLN A 100 5.75 -6.35 7.81
CA GLN A 100 6.97 -5.63 7.51
C GLN A 100 7.94 -5.71 8.69
N LEU A 101 7.41 -5.52 9.89
CA LEU A 101 8.20 -5.58 11.10
C LEU A 101 8.48 -7.02 11.49
N ALA A 102 7.53 -7.91 11.18
CA ALA A 102 7.68 -9.33 11.48
C ALA A 102 8.87 -9.91 10.74
N GLN A 103 8.94 -9.63 9.45
CA GLN A 103 10.04 -10.10 8.63
C GLN A 103 10.89 -8.91 8.17
N GLU A 104 11.50 -8.22 9.12
CA GLU A 104 12.35 -7.08 8.81
C GLU A 104 13.74 -7.54 8.37
N GLU A 105 13.76 -8.40 7.35
CA GLU A 105 14.99 -8.91 6.79
C GLU A 105 14.84 -8.98 5.27
N VAL A 106 15.76 -9.67 4.61
CA VAL A 106 15.73 -9.79 3.17
C VAL A 106 16.31 -11.14 2.74
N THR A 107 15.63 -11.79 1.80
CA THR A 107 16.11 -13.05 1.27
C THR A 107 16.58 -12.84 -0.17
N GLU A 108 17.88 -12.59 -0.32
CA GLU A 108 18.46 -12.32 -1.63
C GLU A 108 18.61 -13.60 -2.43
N SER A 109 17.79 -13.73 -3.46
CA SER A 109 17.85 -14.88 -4.35
C SER A 109 17.88 -14.43 -5.81
N ARG A 110 16.72 -14.44 -6.44
CA ARG A 110 16.57 -14.02 -7.83
C ARG A 110 15.11 -14.15 -8.25
N SER A 111 14.39 -13.04 -8.21
CA SER A 111 13.00 -13.02 -8.63
C SER A 111 12.92 -13.08 -10.16
N MET A 1 -10.30 4.16 13.83
CA MET A 1 -9.89 5.43 13.21
C MET A 1 -8.82 6.11 14.04
N GLU A 2 -7.58 6.03 13.59
CA GLU A 2 -6.45 6.57 14.34
C GLU A 2 -5.38 7.07 13.38
N ARG A 3 -4.44 7.86 13.89
CA ARG A 3 -3.29 8.26 13.10
C ARG A 3 -2.23 7.17 13.16
N LEU A 4 -2.49 6.08 12.45
CA LEU A 4 -1.66 4.89 12.49
C LEU A 4 -0.22 5.16 12.02
N LEU A 5 -0.10 5.73 10.83
CA LEU A 5 1.21 5.89 10.20
C LEU A 5 2.01 7.02 10.83
N ASP A 6 1.34 8.15 11.09
CA ASP A 6 1.95 9.34 11.68
C ASP A 6 2.94 10.00 10.73
N ASP A 7 4.10 9.37 10.54
CA ASP A 7 5.10 9.82 9.57
C ASP A 7 5.76 8.62 8.91
N VAL A 8 4.98 7.90 8.12
CA VAL A 8 5.49 6.72 7.43
C VAL A 8 5.47 6.94 5.93
N CYS A 9 6.62 6.75 5.30
CA CYS A 9 6.73 6.89 3.87
C CYS A 9 6.09 5.69 3.17
N VAL A 10 4.96 5.94 2.51
CA VAL A 10 4.24 4.90 1.81
C VAL A 10 4.34 5.15 0.30
N MET A 11 4.89 4.18 -0.41
CA MET A 11 5.02 4.30 -1.85
C MET A 11 3.68 4.06 -2.52
N VAL A 12 3.15 5.08 -3.16
CA VAL A 12 1.87 4.98 -3.81
C VAL A 12 2.05 5.06 -5.32
N ASP A 13 1.46 4.09 -6.02
CA ASP A 13 1.46 4.09 -7.47
C ASP A 13 0.08 3.75 -7.97
N VAL A 14 -0.73 4.79 -8.12
CA VAL A 14 -2.10 4.63 -8.57
C VAL A 14 -2.27 5.21 -9.97
N THR A 15 -2.78 4.40 -10.89
CA THR A 15 -2.98 4.83 -12.26
C THR A 15 -4.30 5.58 -12.42
N SER A 16 -5.30 5.17 -11.66
CA SER A 16 -6.57 5.85 -11.63
C SER A 16 -6.43 7.19 -10.91
N ALA A 17 -6.50 8.28 -11.66
CA ALA A 17 -6.22 9.61 -11.14
C ALA A 17 -7.19 10.00 -10.01
N GLU A 18 -8.47 9.71 -10.21
CA GLU A 18 -9.49 10.05 -9.24
C GLU A 18 -9.30 9.22 -7.96
N ILE A 19 -8.96 7.95 -8.14
CA ILE A 19 -8.76 7.05 -7.02
C ILE A 19 -7.51 7.44 -6.23
N ARG A 20 -6.47 7.86 -6.94
CA ARG A 20 -5.22 8.29 -6.32
C ARG A 20 -5.45 9.50 -5.44
N ASN A 21 -6.29 10.42 -5.89
CA ASN A 21 -6.59 11.63 -5.14
C ASN A 21 -7.24 11.30 -3.80
N ILE A 22 -8.30 10.48 -3.85
CA ILE A 22 -9.02 10.09 -2.64
C ILE A 22 -8.14 9.28 -1.71
N VAL A 23 -7.40 8.33 -2.26
CA VAL A 23 -6.55 7.46 -1.44
C VAL A 23 -5.40 8.26 -0.81
N THR A 24 -4.88 9.26 -1.52
CA THR A 24 -3.82 10.10 -0.98
C THR A 24 -4.30 10.79 0.28
N ARG A 25 -5.52 11.31 0.21
CA ARG A 25 -6.15 11.97 1.36
C ARG A 25 -6.29 10.99 2.52
N GLN A 26 -6.55 9.73 2.21
CA GLN A 26 -6.73 8.71 3.24
C GLN A 26 -5.42 8.40 3.96
N LEU A 27 -4.36 8.14 3.20
CA LEU A 27 -3.07 7.84 3.82
C LEU A 27 -2.55 9.06 4.58
N GLU A 28 -2.81 10.23 4.03
CA GLU A 28 -2.42 11.48 4.67
C GLU A 28 -3.16 11.68 5.99
N ASN A 29 -4.36 11.11 6.09
CA ASN A 29 -5.12 11.15 7.34
C ASN A 29 -4.38 10.35 8.40
N TRP A 30 -3.88 9.20 7.98
CA TRP A 30 -3.17 8.29 8.87
C TRP A 30 -1.78 8.81 9.19
N GLY A 31 -1.21 9.55 8.26
CA GLY A 31 0.12 10.09 8.45
C GLY A 31 1.14 9.42 7.55
N ALA A 32 0.80 9.26 6.29
CA ALA A 32 1.67 8.61 5.34
C ALA A 32 2.09 9.58 4.25
N THR A 33 3.37 9.57 3.94
CA THR A 33 3.89 10.36 2.83
C THR A 33 3.89 9.53 1.56
N CYS A 34 2.97 9.85 0.65
CA CYS A 34 2.83 9.12 -0.59
C CYS A 34 3.97 9.47 -1.55
N ILE A 35 4.90 8.54 -1.70
CA ILE A 35 6.03 8.75 -2.59
C ILE A 35 5.86 7.95 -3.86
N THR A 36 6.46 8.45 -4.94
CA THR A 36 6.41 7.78 -6.23
C THR A 36 7.62 6.87 -6.37
N PRO A 37 7.53 5.81 -7.20
CA PRO A 37 8.66 4.90 -7.45
C PRO A 37 9.73 5.54 -8.35
N ASP A 38 10.06 6.80 -8.05
CA ASP A 38 10.97 7.59 -8.87
C ASP A 38 10.39 7.76 -10.27
N GLU A 39 10.85 6.95 -11.21
CA GLU A 39 10.49 7.08 -12.61
C GLU A 39 11.10 5.92 -13.37
N ARG A 40 12.43 5.88 -13.35
CA ARG A 40 13.17 4.89 -14.10
C ARG A 40 13.78 3.84 -13.19
N LEU A 41 13.71 4.08 -11.89
CA LEU A 41 14.22 3.15 -10.90
C LEU A 41 13.40 1.85 -10.91
N ILE A 42 12.41 1.77 -10.01
CA ILE A 42 11.52 0.63 -9.89
C ILE A 42 10.76 0.70 -8.57
N SER A 43 11.48 1.09 -7.52
CA SER A 43 10.90 1.25 -6.19
C SER A 43 11.74 2.25 -5.41
N GLN A 44 11.15 2.85 -4.40
CA GLN A 44 11.85 3.79 -3.55
C GLN A 44 11.75 3.32 -2.10
N ASP A 45 12.35 4.07 -1.20
CA ASP A 45 12.38 3.68 0.21
C ASP A 45 11.02 3.87 0.86
N TYR A 46 10.38 2.76 1.18
CA TYR A 46 9.03 2.78 1.73
C TYR A 46 8.90 1.79 2.89
N ASP A 47 7.87 1.99 3.70
CA ASP A 47 7.51 1.01 4.73
C ASP A 47 6.32 0.20 4.28
N ILE A 48 5.43 0.85 3.52
CA ILE A 48 4.26 0.19 2.96
C ILE A 48 4.10 0.58 1.49
N PHE A 49 3.73 -0.38 0.66
CA PHE A 49 3.56 -0.14 -0.77
C PHE A 49 2.09 -0.31 -1.17
N LEU A 50 1.59 0.61 -1.98
CA LEU A 50 0.22 0.54 -2.48
C LEU A 50 0.20 0.81 -3.97
N THR A 51 -0.32 -0.13 -4.73
CA THR A 51 -0.41 0.00 -6.18
C THR A 51 -1.87 -0.18 -6.64
N ASP A 52 -2.27 0.61 -7.61
CA ASP A 52 -3.62 0.53 -8.14
C ASP A 52 -3.66 -0.41 -9.34
N ASN A 53 -4.59 -1.37 -9.30
CA ASN A 53 -4.77 -2.35 -10.38
C ASN A 53 -3.64 -3.38 -10.38
N PRO A 54 -4.01 -4.68 -10.43
CA PRO A 54 -3.05 -5.78 -10.33
C PRO A 54 -2.02 -5.77 -11.46
N SER A 55 -2.37 -5.12 -12.56
CA SER A 55 -1.52 -5.06 -13.73
C SER A 55 -0.35 -4.10 -13.52
N ASN A 56 -0.44 -3.26 -12.49
CA ASN A 56 0.60 -2.27 -12.24
C ASN A 56 1.53 -2.71 -11.11
N LEU A 57 1.22 -3.84 -10.49
CA LEU A 57 1.99 -4.33 -9.35
C LEU A 57 3.43 -4.64 -9.75
N THR A 58 4.34 -3.84 -9.23
CA THR A 58 5.77 -4.02 -9.49
C THR A 58 6.32 -5.21 -8.70
N ALA A 59 5.68 -5.51 -7.57
CA ALA A 59 6.12 -6.62 -6.73
C ALA A 59 4.96 -7.17 -5.90
N SER A 60 4.69 -6.54 -4.77
CA SER A 60 3.67 -6.98 -3.85
C SER A 60 3.29 -5.84 -2.92
N GLY A 61 2.35 -6.09 -2.02
CA GLY A 61 1.93 -5.07 -1.07
C GLY A 61 0.43 -4.93 -1.02
N LEU A 62 -0.03 -3.69 -1.02
CA LEU A 62 -1.46 -3.42 -0.98
C LEU A 62 -1.95 -3.05 -2.38
N LEU A 63 -2.95 -3.76 -2.85
CA LEU A 63 -3.49 -3.54 -4.17
C LEU A 63 -4.85 -2.86 -4.07
N LEU A 64 -4.99 -1.75 -4.77
CA LEU A 64 -6.22 -0.99 -4.78
C LEU A 64 -7.22 -1.61 -5.75
N SER A 65 -8.32 -2.07 -5.19
CA SER A 65 -9.40 -2.65 -5.97
C SER A 65 -10.72 -1.94 -5.66
N ASP A 66 -11.34 -1.37 -6.67
CA ASP A 66 -12.53 -0.56 -6.48
C ASP A 66 -13.79 -1.41 -6.34
N ASP A 67 -13.70 -2.67 -6.73
CA ASP A 67 -14.86 -3.57 -6.64
C ASP A 67 -14.85 -4.35 -5.33
N GLU A 68 -13.65 -4.57 -4.79
CA GLU A 68 -13.46 -5.41 -3.61
C GLU A 68 -14.41 -5.03 -2.48
N SER A 69 -14.53 -3.73 -2.22
CA SER A 69 -15.39 -3.22 -1.15
C SER A 69 -15.00 -3.80 0.21
N GLY A 70 -13.70 -4.06 0.37
CA GLY A 70 -13.20 -4.58 1.62
C GLY A 70 -11.72 -4.88 1.53
N VAL A 71 -11.25 -5.79 2.37
CA VAL A 71 -9.85 -6.20 2.35
C VAL A 71 -9.75 -7.72 2.40
N ARG A 72 -8.90 -8.28 1.56
CA ARG A 72 -8.69 -9.72 1.52
C ARG A 72 -7.34 -10.04 0.92
N GLU A 73 -6.81 -11.20 1.24
CA GLU A 73 -5.55 -11.64 0.66
C GLU A 73 -5.81 -12.54 -0.53
N ILE A 74 -5.45 -12.06 -1.72
CA ILE A 74 -5.67 -12.81 -2.96
C ILE A 74 -4.43 -13.61 -3.31
N GLY A 75 -3.71 -14.00 -2.27
CA GLY A 75 -2.45 -14.67 -2.45
C GLY A 75 -1.40 -14.03 -1.58
N PRO A 76 -0.54 -14.82 -0.91
CA PRO A 76 0.46 -14.30 0.02
C PRO A 76 1.28 -13.16 -0.59
N GLY A 77 1.21 -11.99 0.05
CA GLY A 77 1.95 -10.84 -0.43
C GLY A 77 1.07 -9.84 -1.16
N GLN A 78 -0.11 -10.29 -1.57
CA GLN A 78 -1.03 -9.42 -2.30
C GLN A 78 -2.35 -9.28 -1.54
N LEU A 79 -2.63 -8.08 -1.07
CA LEU A 79 -3.86 -7.83 -0.37
C LEU A 79 -4.73 -6.84 -1.14
N CYS A 80 -5.86 -7.31 -1.62
CA CYS A 80 -6.83 -6.49 -2.31
C CYS A 80 -7.63 -5.68 -1.31
N VAL A 81 -7.64 -4.37 -1.48
CA VAL A 81 -8.35 -3.51 -0.56
C VAL A 81 -9.10 -2.40 -1.30
N ASN A 82 -10.27 -2.05 -0.78
CA ASN A 82 -11.06 -0.96 -1.34
C ASN A 82 -10.63 0.37 -0.74
N PHE A 83 -10.23 1.29 -1.59
CA PHE A 83 -9.78 2.61 -1.15
C PHE A 83 -10.93 3.39 -0.50
N ASN A 84 -12.16 3.08 -0.88
CA ASN A 84 -13.33 3.79 -0.38
C ASN A 84 -13.75 3.26 0.99
N MET A 85 -13.05 2.23 1.47
CA MET A 85 -13.37 1.63 2.75
C MET A 85 -12.22 1.83 3.72
N SER A 86 -12.25 2.94 4.44
CA SER A 86 -11.20 3.28 5.41
C SER A 86 -11.10 2.23 6.52
N ASN A 87 -12.20 1.57 6.81
CA ASN A 87 -12.21 0.52 7.82
C ASN A 87 -11.33 -0.65 7.39
N ALA A 88 -11.64 -1.21 6.23
CA ALA A 88 -10.88 -2.31 5.68
C ALA A 88 -9.45 -1.90 5.35
N MET A 89 -9.30 -0.68 4.86
CA MET A 89 -7.98 -0.15 4.52
C MET A 89 -7.11 -0.03 5.77
N GLN A 90 -7.75 0.26 6.89
CA GLN A 90 -7.06 0.35 8.18
C GLN A 90 -6.48 -1.00 8.56
N GLU A 91 -7.29 -2.05 8.40
CA GLU A 91 -6.83 -3.42 8.68
C GLU A 91 -5.69 -3.80 7.75
N ALA A 92 -5.81 -3.39 6.49
CA ALA A 92 -4.78 -3.64 5.50
C ALA A 92 -3.45 -2.99 5.90
N VAL A 93 -3.52 -1.74 6.30
CA VAL A 93 -2.33 -1.00 6.73
C VAL A 93 -1.73 -1.64 7.99
N LEU A 94 -2.59 -2.01 8.93
CA LEU A 94 -2.18 -2.65 10.17
C LEU A 94 -1.41 -3.94 9.86
N GLN A 95 -1.97 -4.75 8.98
CA GLN A 95 -1.37 -6.02 8.60
C GLN A 95 -0.04 -5.80 7.88
N LEU A 96 -0.01 -4.80 7.00
CA LEU A 96 1.18 -4.51 6.20
C LEU A 96 2.35 -4.08 7.09
N ILE A 97 2.08 -3.14 7.99
CA ILE A 97 3.11 -2.64 8.90
C ILE A 97 3.57 -3.75 9.85
N GLU A 98 2.66 -4.67 10.15
CA GLU A 98 2.96 -5.79 11.03
C GLU A 98 3.88 -6.80 10.35
N VAL A 99 3.58 -7.14 9.11
CA VAL A 99 4.37 -8.12 8.38
C VAL A 99 5.72 -7.53 7.98
N GLN A 100 5.74 -6.25 7.62
CA GLN A 100 6.97 -5.59 7.21
C GLN A 100 7.94 -5.47 8.38
N LEU A 101 7.39 -5.27 9.58
CA LEU A 101 8.21 -5.14 10.78
C LEU A 101 8.95 -6.44 11.09
N ALA A 102 8.37 -7.56 10.68
CA ALA A 102 8.96 -8.87 10.94
C ALA A 102 9.55 -9.46 9.67
N GLN A 103 9.64 -8.63 8.64
CA GLN A 103 10.14 -9.08 7.34
C GLN A 103 10.65 -7.90 6.52
N GLU A 104 11.68 -7.24 7.02
CA GLU A 104 12.26 -6.10 6.33
C GLU A 104 13.52 -6.51 5.58
N GLU A 105 14.32 -7.35 6.23
CA GLU A 105 15.55 -7.83 5.65
C GLU A 105 15.27 -9.01 4.71
N VAL A 106 16.23 -9.29 3.83
CA VAL A 106 16.11 -10.40 2.91
C VAL A 106 17.47 -11.11 2.77
N THR A 107 17.50 -12.38 3.10
CA THR A 107 18.73 -13.15 3.04
C THR A 107 19.00 -13.63 1.61
N GLU A 108 17.94 -13.88 0.87
CA GLU A 108 18.03 -14.30 -0.52
C GLU A 108 18.50 -13.15 -1.40
N SER A 109 19.78 -13.16 -1.72
CA SER A 109 20.36 -12.12 -2.55
C SER A 109 20.28 -12.51 -4.03
N ARG A 110 20.25 -13.83 -4.27
CA ARG A 110 20.21 -14.41 -5.62
C ARG A 110 21.57 -14.30 -6.32
N SER A 111 22.28 -13.21 -6.06
CA SER A 111 23.60 -13.02 -6.62
C SER A 111 24.54 -12.44 -5.57
N MET A 1 -5.39 11.62 18.22
CA MET A 1 -6.24 11.24 17.06
C MET A 1 -5.66 9.99 16.40
N GLU A 2 -6.43 9.38 15.53
CA GLU A 2 -6.01 8.12 14.92
C GLU A 2 -5.04 8.35 13.78
N ARG A 3 -3.92 7.65 13.84
CA ARG A 3 -2.91 7.70 12.80
C ARG A 3 -2.31 6.32 12.61
N LEU A 4 -2.67 5.68 11.51
CA LEU A 4 -2.24 4.31 11.24
C LEU A 4 -0.75 4.27 10.87
N LEU A 5 -0.30 5.28 10.17
CA LEU A 5 1.09 5.33 9.72
C LEU A 5 1.90 6.23 10.66
N ASP A 6 1.32 7.39 10.98
CA ASP A 6 1.91 8.35 11.90
C ASP A 6 3.13 9.04 11.32
N ASP A 7 4.20 8.29 11.13
CA ASP A 7 5.45 8.83 10.61
C ASP A 7 6.06 7.89 9.59
N VAL A 8 5.24 7.43 8.66
CA VAL A 8 5.68 6.43 7.68
C VAL A 8 5.55 6.97 6.27
N CYS A 9 6.58 6.76 5.46
CA CYS A 9 6.58 7.18 4.08
C CYS A 9 6.10 6.04 3.18
N VAL A 10 4.99 6.26 2.48
CA VAL A 10 4.39 5.25 1.63
C VAL A 10 4.48 5.67 0.18
N MET A 11 5.06 4.81 -0.65
CA MET A 11 5.14 5.09 -2.08
C MET A 11 3.84 4.68 -2.75
N VAL A 12 3.12 5.66 -3.26
CA VAL A 12 1.82 5.40 -3.87
C VAL A 12 1.89 5.52 -5.39
N ASP A 13 1.59 4.42 -6.05
CA ASP A 13 1.53 4.38 -7.50
C ASP A 13 0.19 3.84 -7.95
N VAL A 14 -0.77 4.74 -8.12
CA VAL A 14 -2.11 4.35 -8.52
C VAL A 14 -2.39 4.81 -9.95
N THR A 15 -2.79 3.87 -10.79
CA THR A 15 -3.06 4.17 -12.19
C THR A 15 -4.27 5.09 -12.35
N SER A 16 -5.34 4.76 -11.66
CA SER A 16 -6.57 5.53 -11.72
C SER A 16 -6.43 6.83 -10.92
N ALA A 17 -6.48 7.96 -11.62
CA ALA A 17 -6.24 9.27 -11.01
C ALA A 17 -7.19 9.56 -9.85
N GLU A 18 -8.48 9.32 -10.06
CA GLU A 18 -9.49 9.61 -9.05
C GLU A 18 -9.31 8.70 -7.84
N ILE A 19 -8.93 7.46 -8.11
CA ILE A 19 -8.67 6.50 -7.04
C ILE A 19 -7.46 6.93 -6.22
N ARG A 20 -6.42 7.40 -6.92
CA ARG A 20 -5.23 7.91 -6.27
C ARG A 20 -5.57 9.09 -5.38
N ASN A 21 -6.43 9.97 -5.88
CA ASN A 21 -6.87 11.14 -5.12
C ASN A 21 -7.46 10.73 -3.77
N ILE A 22 -8.41 9.80 -3.80
CA ILE A 22 -9.07 9.33 -2.59
C ILE A 22 -8.09 8.66 -1.65
N VAL A 23 -7.30 7.73 -2.18
CA VAL A 23 -6.38 6.96 -1.37
C VAL A 23 -5.30 7.86 -0.74
N THR A 24 -4.89 8.92 -1.45
CA THR A 24 -3.87 9.82 -0.94
C THR A 24 -4.39 10.55 0.30
N ARG A 25 -5.61 11.05 0.22
CA ARG A 25 -6.23 11.75 1.32
C ARG A 25 -6.31 10.86 2.55
N GLN A 26 -6.51 9.57 2.30
CA GLN A 26 -6.61 8.59 3.38
C GLN A 26 -5.28 8.37 4.09
N LEU A 27 -4.24 8.01 3.32
CA LEU A 27 -2.92 7.77 3.92
C LEU A 27 -2.41 9.03 4.60
N GLU A 28 -2.65 10.17 3.96
CA GLU A 28 -2.22 11.45 4.49
C GLU A 28 -2.86 11.72 5.84
N ASN A 29 -4.11 11.30 6.01
CA ASN A 29 -4.81 11.48 7.28
C ASN A 29 -4.21 10.58 8.34
N TRP A 30 -3.66 9.46 7.91
CA TRP A 30 -3.07 8.49 8.81
C TRP A 30 -1.63 8.81 9.13
N GLY A 31 -1.08 9.80 8.46
CA GLY A 31 0.30 10.20 8.71
C GLY A 31 1.27 9.45 7.82
N ALA A 32 0.93 9.35 6.54
CA ALA A 32 1.78 8.67 5.58
C ALA A 32 2.27 9.64 4.51
N THR A 33 3.57 9.88 4.50
CA THR A 33 4.17 10.71 3.48
C THR A 33 4.04 10.03 2.12
N CYS A 34 3.12 10.51 1.32
CA CYS A 34 2.85 9.91 0.02
C CYS A 34 3.93 10.29 -0.99
N ILE A 35 4.80 9.35 -1.29
CA ILE A 35 5.86 9.57 -2.27
C ILE A 35 5.48 8.94 -3.60
N THR A 36 6.15 9.34 -4.66
CA THR A 36 5.89 8.80 -5.96
C THR A 36 7.06 7.91 -6.39
N PRO A 37 6.78 6.82 -7.10
CA PRO A 37 7.82 5.90 -7.56
C PRO A 37 8.88 6.59 -8.42
N ASP A 38 10.06 6.78 -7.84
CA ASP A 38 11.21 7.29 -8.57
C ASP A 38 11.47 6.44 -9.81
N GLU A 39 11.13 6.99 -10.97
CA GLU A 39 11.11 6.23 -12.22
C GLU A 39 12.51 6.08 -12.84
N ARG A 40 13.49 5.84 -11.99
CA ARG A 40 14.83 5.50 -12.47
C ARG A 40 15.47 4.49 -11.53
N LEU A 41 14.65 3.96 -10.62
CA LEU A 41 15.09 2.92 -9.70
C LEU A 41 13.98 1.90 -9.54
N ILE A 42 14.36 0.66 -9.26
CA ILE A 42 13.39 -0.40 -9.03
C ILE A 42 12.50 -0.07 -7.84
N SER A 43 13.10 0.52 -6.82
CA SER A 43 12.38 0.94 -5.64
C SER A 43 13.19 2.00 -4.90
N GLN A 44 12.50 2.98 -4.35
CA GLN A 44 13.15 4.02 -3.56
C GLN A 44 13.05 3.68 -2.09
N ASP A 45 13.56 4.55 -1.23
CA ASP A 45 13.49 4.31 0.20
C ASP A 45 12.08 4.57 0.72
N TYR A 46 11.33 3.49 0.89
CA TYR A 46 9.96 3.58 1.41
C TYR A 46 9.68 2.40 2.32
N ASP A 47 8.69 2.56 3.19
CA ASP A 47 8.31 1.50 4.12
C ASP A 47 7.34 0.54 3.46
N ILE A 48 6.26 1.07 2.89
CA ILE A 48 5.25 0.24 2.25
C ILE A 48 4.88 0.81 0.88
N PHE A 49 4.26 -0.03 0.06
CA PHE A 49 3.87 0.35 -1.29
C PHE A 49 2.36 0.26 -1.46
N LEU A 50 1.79 1.29 -2.10
CA LEU A 50 0.38 1.31 -2.43
C LEU A 50 0.23 1.34 -3.95
N THR A 51 -0.72 0.59 -4.48
CA THR A 51 -0.92 0.53 -5.92
C THR A 51 -2.37 0.21 -6.24
N ASP A 52 -2.80 0.50 -7.46
CA ASP A 52 -4.14 0.18 -7.91
C ASP A 52 -4.06 -0.85 -9.03
N ASN A 53 -4.90 -1.89 -8.93
CA ASN A 53 -4.91 -3.00 -9.88
C ASN A 53 -3.69 -3.90 -9.67
N PRO A 54 -3.90 -5.23 -9.70
CA PRO A 54 -2.83 -6.20 -9.42
C PRO A 54 -1.89 -6.41 -10.60
N SER A 55 -1.25 -5.34 -11.06
CA SER A 55 -0.29 -5.44 -12.15
C SER A 55 0.82 -4.41 -12.02
N ASN A 56 0.96 -3.83 -10.82
CA ASN A 56 1.94 -2.77 -10.62
C ASN A 56 2.72 -2.98 -9.31
N LEU A 57 2.51 -4.11 -8.65
CA LEU A 57 3.17 -4.38 -7.38
C LEU A 57 4.59 -4.86 -7.60
N THR A 58 5.53 -4.29 -6.87
CA THR A 58 6.92 -4.71 -6.94
C THR A 58 7.07 -6.14 -6.41
N ALA A 59 6.58 -6.34 -5.19
CA ALA A 59 6.59 -7.66 -4.57
C ALA A 59 5.55 -7.70 -3.46
N SER A 60 5.75 -6.85 -2.46
CA SER A 60 4.85 -6.75 -1.33
C SER A 60 4.22 -5.36 -1.30
N GLY A 61 2.92 -5.30 -1.04
CA GLY A 61 2.26 -4.03 -0.95
C GLY A 61 0.76 -4.17 -0.94
N LEU A 62 0.07 -3.04 -0.91
CA LEU A 62 -1.39 -3.03 -0.87
C LEU A 62 -1.94 -2.71 -2.24
N LEU A 63 -2.75 -3.60 -2.77
CA LEU A 63 -3.35 -3.39 -4.08
C LEU A 63 -4.82 -2.99 -3.91
N LEU A 64 -5.20 -1.94 -4.59
CA LEU A 64 -6.54 -1.41 -4.48
C LEU A 64 -7.50 -2.14 -5.42
N SER A 65 -8.53 -2.70 -4.83
CA SER A 65 -9.57 -3.39 -5.57
C SER A 65 -10.85 -2.56 -5.54
N ASP A 66 -11.24 -2.06 -6.70
CA ASP A 66 -12.41 -1.20 -6.84
C ASP A 66 -13.70 -1.96 -6.50
N ASP A 67 -13.69 -3.25 -6.83
CA ASP A 67 -14.89 -4.08 -6.69
C ASP A 67 -15.04 -4.60 -5.26
N GLU A 68 -13.91 -4.78 -4.58
CA GLU A 68 -13.87 -5.44 -3.28
C GLU A 68 -14.85 -4.85 -2.27
N SER A 69 -14.80 -3.52 -2.11
CA SER A 69 -15.59 -2.83 -1.09
C SER A 69 -15.24 -3.34 0.32
N GLY A 70 -14.05 -3.92 0.43
CA GLY A 70 -13.59 -4.47 1.69
C GLY A 70 -12.12 -4.78 1.64
N VAL A 71 -11.65 -5.68 2.49
CA VAL A 71 -10.24 -6.05 2.53
C VAL A 71 -10.07 -7.56 2.54
N ARG A 72 -9.19 -8.06 1.69
CA ARG A 72 -8.92 -9.49 1.62
C ARG A 72 -7.44 -9.74 1.30
N GLU A 73 -6.92 -10.85 1.79
CA GLU A 73 -5.54 -11.26 1.51
C GLU A 73 -5.52 -12.36 0.46
N ILE A 74 -4.67 -12.22 -0.56
CA ILE A 74 -4.59 -13.21 -1.63
C ILE A 74 -3.27 -13.94 -1.60
N GLY A 75 -2.42 -13.56 -0.66
CA GLY A 75 -1.12 -14.17 -0.52
C GLY A 75 -0.22 -13.34 0.37
N PRO A 76 0.92 -13.87 0.80
CA PRO A 76 1.83 -13.15 1.68
C PRO A 76 2.36 -11.87 1.02
N GLY A 77 2.04 -10.74 1.64
CA GLY A 77 2.47 -9.46 1.12
C GLY A 77 1.60 -8.96 -0.02
N GLN A 78 0.47 -9.64 -0.26
CA GLN A 78 -0.42 -9.26 -1.35
C GLN A 78 -1.87 -9.19 -0.84
N LEU A 79 -2.45 -8.01 -0.91
CA LEU A 79 -3.79 -7.78 -0.37
C LEU A 79 -4.62 -6.92 -1.32
N CYS A 80 -5.85 -7.35 -1.57
CA CYS A 80 -6.78 -6.56 -2.37
C CYS A 80 -7.76 -5.84 -1.45
N VAL A 81 -7.60 -4.53 -1.33
CA VAL A 81 -8.43 -3.74 -0.44
C VAL A 81 -9.06 -2.57 -1.20
N ASN A 82 -10.29 -2.24 -0.87
CA ASN A 82 -10.97 -1.11 -1.51
C ASN A 82 -10.40 0.21 -1.01
N PHE A 83 -10.36 1.19 -1.89
CA PHE A 83 -9.70 2.46 -1.60
C PHE A 83 -10.62 3.43 -0.84
N ASN A 84 -11.93 3.30 -1.05
CA ASN A 84 -12.87 4.29 -0.51
C ASN A 84 -13.18 4.02 0.95
N MET A 85 -13.34 2.76 1.31
CA MET A 85 -13.65 2.39 2.68
C MET A 85 -12.39 2.42 3.55
N SER A 86 -12.18 3.54 4.23
CA SER A 86 -11.02 3.74 5.08
C SER A 86 -10.92 2.66 6.16
N ASN A 87 -12.07 2.17 6.60
CA ASN A 87 -12.11 1.11 7.61
C ASN A 87 -11.39 -0.14 7.12
N ALA A 88 -11.71 -0.55 5.90
CA ALA A 88 -11.15 -1.76 5.32
C ALA A 88 -9.65 -1.61 5.09
N MET A 89 -9.26 -0.45 4.56
CA MET A 89 -7.86 -0.17 4.29
C MET A 89 -7.07 -0.12 5.59
N GLN A 90 -7.73 0.36 6.64
CA GLN A 90 -7.12 0.45 7.96
C GLN A 90 -6.65 -0.91 8.45
N GLU A 91 -7.52 -1.91 8.34
CA GLU A 91 -7.17 -3.27 8.73
C GLU A 91 -5.99 -3.78 7.91
N ALA A 92 -6.02 -3.48 6.62
CA ALA A 92 -4.99 -3.92 5.69
C ALA A 92 -3.63 -3.29 5.99
N VAL A 93 -3.63 -2.01 6.32
CA VAL A 93 -2.40 -1.29 6.62
C VAL A 93 -1.71 -1.87 7.85
N LEU A 94 -2.48 -2.03 8.93
CA LEU A 94 -1.94 -2.58 10.17
C LEU A 94 -1.39 -3.99 9.93
N GLN A 95 -2.15 -4.77 9.19
CA GLN A 95 -1.78 -6.14 8.88
C GLN A 95 -0.48 -6.20 8.09
N LEU A 96 -0.41 -5.41 7.03
CA LEU A 96 0.76 -5.40 6.15
C LEU A 96 1.99 -4.91 6.88
N ILE A 97 1.83 -3.90 7.73
CA ILE A 97 2.94 -3.36 8.50
C ILE A 97 3.44 -4.39 9.52
N GLU A 98 2.51 -5.19 10.05
CA GLU A 98 2.86 -6.24 10.99
C GLU A 98 3.66 -7.34 10.31
N VAL A 99 3.27 -7.66 9.08
CA VAL A 99 4.00 -8.64 8.28
C VAL A 99 5.38 -8.11 7.93
N GLN A 100 5.43 -6.86 7.49
CA GLN A 100 6.68 -6.20 7.08
C GLN A 100 7.71 -6.21 8.20
N LEU A 101 7.27 -5.90 9.41
CA LEU A 101 8.15 -5.77 10.55
C LEU A 101 8.71 -7.13 11.00
N ALA A 102 8.01 -8.19 10.67
CA ALA A 102 8.40 -9.53 11.09
C ALA A 102 9.11 -10.29 9.98
N GLN A 103 8.55 -10.25 8.78
CA GLN A 103 9.11 -10.97 7.65
C GLN A 103 9.89 -10.00 6.76
N GLU A 104 10.98 -9.49 7.29
CA GLU A 104 11.87 -8.62 6.53
C GLU A 104 12.82 -9.46 5.70
N GLU A 105 13.61 -10.27 6.38
CA GLU A 105 14.51 -11.19 5.71
C GLU A 105 13.78 -12.50 5.45
N VAL A 106 13.19 -12.60 4.26
CA VAL A 106 12.43 -13.77 3.87
C VAL A 106 13.29 -15.03 3.94
N THR A 107 12.76 -16.07 4.56
CA THR A 107 13.48 -17.33 4.71
C THR A 107 13.50 -18.12 3.40
N GLU A 108 14.19 -17.59 2.41
CA GLU A 108 14.36 -18.26 1.14
C GLU A 108 15.81 -18.67 0.96
N SER A 109 16.07 -19.95 1.09
CA SER A 109 17.41 -20.49 0.96
C SER A 109 17.85 -20.50 -0.51
N ARG A 110 19.00 -21.08 -0.77
CA ARG A 110 19.50 -21.16 -2.14
C ARG A 110 19.10 -22.48 -2.77
N SER A 111 18.76 -22.44 -4.05
CA SER A 111 18.36 -23.63 -4.77
C SER A 111 19.38 -23.96 -5.85
N MET A 1 -9.17 4.48 14.72
CA MET A 1 -9.39 5.74 13.97
C MET A 1 -8.33 6.77 14.38
N GLU A 2 -7.07 6.37 14.30
CA GLU A 2 -5.96 7.20 14.73
C GLU A 2 -5.00 7.42 13.57
N ARG A 3 -3.81 7.94 13.87
CA ARG A 3 -2.76 8.05 12.89
C ARG A 3 -2.01 6.73 12.83
N LEU A 4 -2.57 5.77 12.11
CA LEU A 4 -2.06 4.41 12.05
C LEU A 4 -0.62 4.37 11.55
N LEU A 5 -0.28 5.25 10.63
CA LEU A 5 1.06 5.29 10.08
C LEU A 5 1.95 6.21 10.92
N ASP A 6 1.59 7.48 10.96
CA ASP A 6 2.36 8.50 11.71
C ASP A 6 3.83 8.50 11.33
N ASP A 7 4.15 9.24 10.26
CA ASP A 7 5.51 9.36 9.74
C ASP A 7 5.99 8.04 9.14
N VAL A 8 5.11 7.41 8.37
CA VAL A 8 5.47 6.19 7.65
C VAL A 8 5.43 6.46 6.15
N CYS A 9 6.55 6.22 5.48
CA CYS A 9 6.65 6.52 4.06
C CYS A 9 5.90 5.49 3.21
N VAL A 10 4.95 5.99 2.44
CA VAL A 10 4.15 5.15 1.57
C VAL A 10 4.22 5.66 0.14
N MET A 11 4.68 4.81 -0.77
CA MET A 11 4.78 5.19 -2.17
C MET A 11 3.48 4.84 -2.89
N VAL A 12 2.78 5.86 -3.38
CA VAL A 12 1.48 5.66 -3.98
C VAL A 12 1.53 5.81 -5.51
N ASP A 13 1.55 4.68 -6.19
CA ASP A 13 1.54 4.64 -7.65
C ASP A 13 0.26 3.96 -8.13
N VAL A 14 -0.74 4.77 -8.43
CA VAL A 14 -2.03 4.26 -8.86
C VAL A 14 -2.31 4.70 -10.29
N THR A 15 -2.66 3.74 -11.14
CA THR A 15 -2.94 4.01 -12.54
C THR A 15 -4.19 4.88 -12.68
N SER A 16 -5.16 4.66 -11.80
CA SER A 16 -6.36 5.47 -11.76
C SER A 16 -6.07 6.78 -11.04
N ALA A 17 -5.92 7.85 -11.82
CA ALA A 17 -5.51 9.15 -11.28
C ALA A 17 -6.47 9.68 -10.23
N GLU A 18 -7.76 9.51 -10.47
CA GLU A 18 -8.77 9.98 -9.51
C GLU A 18 -8.73 9.15 -8.25
N ILE A 19 -8.63 7.83 -8.41
CA ILE A 19 -8.59 6.92 -7.27
C ILE A 19 -7.35 7.20 -6.42
N ARG A 20 -6.26 7.55 -7.10
CA ARG A 20 -5.02 7.87 -6.42
C ARG A 20 -5.20 9.07 -5.50
N ASN A 21 -5.85 10.11 -5.99
CA ASN A 21 -6.05 11.34 -5.22
C ASN A 21 -6.78 11.05 -3.92
N ILE A 22 -7.86 10.28 -4.01
CA ILE A 22 -8.66 9.94 -2.84
C ILE A 22 -7.84 9.15 -1.82
N VAL A 23 -7.21 8.07 -2.27
CA VAL A 23 -6.46 7.20 -1.37
C VAL A 23 -5.27 7.93 -0.75
N THR A 24 -4.67 8.85 -1.50
CA THR A 24 -3.53 9.63 -1.01
C THR A 24 -3.95 10.49 0.19
N ARG A 25 -5.13 11.07 0.10
CA ARG A 25 -5.65 11.89 1.19
C ARG A 25 -5.90 11.05 2.43
N GLN A 26 -6.29 9.79 2.21
CA GLN A 26 -6.55 8.87 3.29
C GLN A 26 -5.27 8.53 4.06
N LEU A 27 -4.24 8.10 3.34
CA LEU A 27 -2.97 7.75 3.97
C LEU A 27 -2.39 8.95 4.69
N GLU A 28 -2.52 10.11 4.07
CA GLU A 28 -2.02 11.35 4.62
C GLU A 28 -2.73 11.69 5.94
N ASN A 29 -3.98 11.26 6.08
CA ASN A 29 -4.74 11.46 7.32
C ASN A 29 -4.18 10.56 8.41
N TRP A 30 -3.69 9.41 8.00
CA TRP A 30 -3.10 8.44 8.93
C TRP A 30 -1.64 8.78 9.21
N GLY A 31 -1.12 9.76 8.48
CA GLY A 31 0.24 10.20 8.71
C GLY A 31 1.24 9.47 7.85
N ALA A 32 0.82 9.07 6.66
CA ALA A 32 1.71 8.40 5.74
C ALA A 32 2.27 9.37 4.71
N THR A 33 3.58 9.43 4.61
CA THR A 33 4.23 10.30 3.66
C THR A 33 4.05 9.73 2.25
N CYS A 34 3.12 10.29 1.50
CA CYS A 34 2.77 9.78 0.19
C CYS A 34 3.77 10.26 -0.85
N ILE A 35 4.62 9.35 -1.30
CA ILE A 35 5.63 9.68 -2.29
C ILE A 35 5.20 9.22 -3.67
N THR A 36 5.58 9.98 -4.68
CA THR A 36 5.30 9.64 -6.06
C THR A 36 6.51 8.93 -6.64
N PRO A 37 6.30 7.81 -7.34
CA PRO A 37 7.39 7.00 -7.91
C PRO A 37 8.29 7.81 -8.84
N ASP A 38 9.45 8.20 -8.33
CA ASP A 38 10.49 8.80 -9.16
C ASP A 38 10.93 7.81 -10.23
N GLU A 39 10.43 8.02 -11.44
CA GLU A 39 10.55 7.03 -12.51
C GLU A 39 11.92 7.05 -13.17
N ARG A 40 12.88 7.70 -12.52
CA ARG A 40 14.27 7.62 -12.95
C ARG A 40 14.95 6.47 -12.21
N LEU A 41 14.34 6.08 -11.11
CA LEU A 41 14.84 4.99 -10.29
C LEU A 41 14.05 3.72 -10.59
N ILE A 42 14.51 2.60 -10.06
CA ILE A 42 13.83 1.33 -10.26
C ILE A 42 12.80 1.11 -9.15
N SER A 43 13.13 1.63 -7.97
CA SER A 43 12.25 1.55 -6.82
C SER A 43 12.73 2.52 -5.74
N GLN A 44 12.12 2.47 -4.57
CA GLN A 44 12.54 3.29 -3.45
C GLN A 44 12.29 2.57 -2.14
N ASP A 45 12.81 3.09 -1.06
CA ASP A 45 12.65 2.48 0.24
C ASP A 45 11.38 2.99 0.91
N TYR A 46 10.33 2.19 0.84
CA TYR A 46 9.06 2.53 1.43
C TYR A 46 8.65 1.45 2.42
N ASP A 47 7.69 1.77 3.29
CA ASP A 47 7.16 0.80 4.21
C ASP A 47 6.00 0.07 3.57
N ILE A 48 5.11 0.84 2.97
CA ILE A 48 3.97 0.29 2.26
C ILE A 48 3.89 0.87 0.85
N PHE A 49 3.74 0.01 -0.14
CA PHE A 49 3.55 0.45 -1.51
C PHE A 49 2.08 0.39 -1.86
N LEU A 50 1.49 1.53 -2.16
CA LEU A 50 0.09 1.60 -2.54
C LEU A 50 -0.03 1.64 -4.05
N THR A 51 -0.81 0.72 -4.61
CA THR A 51 -0.97 0.64 -6.05
C THR A 51 -2.40 0.25 -6.41
N ASP A 52 -2.70 0.26 -7.70
CA ASP A 52 -4.02 -0.17 -8.18
C ASP A 52 -3.86 -1.41 -9.04
N ASN A 53 -4.55 -2.49 -8.65
CA ASN A 53 -4.50 -3.76 -9.37
C ASN A 53 -3.15 -4.46 -9.12
N PRO A 54 -3.16 -5.81 -9.06
CA PRO A 54 -1.94 -6.59 -8.81
C PRO A 54 -0.91 -6.41 -9.93
N SER A 55 -1.37 -5.97 -11.08
CA SER A 55 -0.53 -5.81 -12.26
C SER A 55 0.40 -4.60 -12.12
N ASN A 56 0.03 -3.65 -11.26
CA ASN A 56 0.83 -2.43 -11.08
C ASN A 56 1.78 -2.59 -9.89
N LEU A 57 1.67 -3.72 -9.19
CA LEU A 57 2.50 -3.97 -8.03
C LEU A 57 3.91 -4.37 -8.46
N THR A 58 4.91 -3.81 -7.77
CA THR A 58 6.31 -4.12 -8.04
C THR A 58 6.64 -5.55 -7.61
N ALA A 59 6.15 -5.92 -6.43
CA ALA A 59 6.39 -7.25 -5.87
C ALA A 59 5.49 -7.48 -4.67
N SER A 60 5.53 -6.56 -3.72
CA SER A 60 4.73 -6.66 -2.51
C SER A 60 4.11 -5.29 -2.18
N GLY A 61 3.05 -5.31 -1.39
CA GLY A 61 2.42 -4.08 -0.98
C GLY A 61 0.92 -4.20 -0.88
N LEU A 62 0.25 -3.06 -0.93
CA LEU A 62 -1.21 -3.02 -0.86
C LEU A 62 -1.78 -2.68 -2.22
N LEU A 63 -2.64 -3.55 -2.72
CA LEU A 63 -3.22 -3.34 -4.03
C LEU A 63 -4.68 -2.94 -3.90
N LEU A 64 -5.06 -1.90 -4.62
CA LEU A 64 -6.40 -1.37 -4.55
C LEU A 64 -7.34 -2.20 -5.41
N SER A 65 -8.51 -2.47 -4.85
CA SER A 65 -9.56 -3.18 -5.56
C SER A 65 -10.91 -2.62 -5.15
N ASP A 66 -11.45 -1.76 -6.00
CA ASP A 66 -12.69 -1.05 -5.69
C ASP A 66 -13.89 -1.99 -5.70
N ASP A 67 -13.85 -2.97 -6.59
CA ASP A 67 -14.93 -3.94 -6.74
C ASP A 67 -15.00 -4.87 -5.52
N GLU A 68 -13.88 -4.97 -4.82
CA GLU A 68 -13.77 -5.85 -3.66
C GLU A 68 -14.71 -5.39 -2.55
N SER A 69 -14.80 -4.07 -2.35
CA SER A 69 -15.61 -3.50 -1.29
C SER A 69 -15.23 -4.08 0.08
N GLY A 70 -13.94 -4.29 0.28
CA GLY A 70 -13.45 -4.83 1.52
C GLY A 70 -11.96 -5.06 1.46
N VAL A 71 -11.44 -5.84 2.40
CA VAL A 71 -10.03 -6.19 2.42
C VAL A 71 -9.84 -7.70 2.54
N ARG A 72 -9.04 -8.26 1.65
CA ARG A 72 -8.77 -9.69 1.65
C ARG A 72 -7.31 -9.96 1.30
N GLU A 73 -6.80 -11.09 1.75
CA GLU A 73 -5.40 -11.46 1.49
C GLU A 73 -5.33 -12.39 0.29
N ILE A 74 -4.26 -12.27 -0.49
CA ILE A 74 -4.06 -13.13 -1.65
C ILE A 74 -2.64 -13.65 -1.69
N GLY A 75 -1.98 -13.64 -0.55
CA GLY A 75 -0.61 -14.11 -0.46
C GLY A 75 0.21 -13.27 0.49
N PRO A 76 1.47 -13.64 0.72
CA PRO A 76 2.35 -12.89 1.62
C PRO A 76 2.77 -11.55 1.00
N GLY A 77 2.43 -10.47 1.69
CA GLY A 77 2.73 -9.14 1.17
C GLY A 77 1.83 -8.77 0.00
N GLN A 78 0.64 -9.35 -0.03
CA GLN A 78 -0.33 -9.08 -1.09
C GLN A 78 -1.74 -9.01 -0.51
N LEU A 79 -2.37 -7.84 -0.64
CA LEU A 79 -3.67 -7.62 -0.03
C LEU A 79 -4.52 -6.71 -0.91
N CYS A 80 -5.71 -7.16 -1.25
CA CYS A 80 -6.65 -6.36 -2.03
C CYS A 80 -7.61 -5.64 -1.10
N VAL A 81 -7.74 -4.33 -1.27
CA VAL A 81 -8.61 -3.54 -0.43
C VAL A 81 -9.26 -2.39 -1.20
N ASN A 82 -10.51 -2.11 -0.90
CA ASN A 82 -11.20 -0.98 -1.51
C ASN A 82 -10.78 0.31 -0.82
N PHE A 83 -10.29 1.26 -1.61
CA PHE A 83 -9.80 2.53 -1.09
C PHE A 83 -10.92 3.32 -0.41
N ASN A 84 -12.15 3.14 -0.87
CA ASN A 84 -13.28 3.89 -0.36
C ASN A 84 -13.74 3.36 1.00
N MET A 85 -13.18 2.23 1.41
CA MET A 85 -13.53 1.64 2.69
C MET A 85 -12.41 1.88 3.69
N SER A 86 -12.50 3.01 4.40
CA SER A 86 -11.49 3.38 5.38
C SER A 86 -11.33 2.32 6.46
N ASN A 87 -12.42 1.62 6.78
CA ASN A 87 -12.39 0.54 7.76
C ASN A 87 -11.47 -0.57 7.30
N ALA A 88 -11.75 -1.10 6.11
CA ALA A 88 -10.98 -2.20 5.55
C ALA A 88 -9.55 -1.76 5.26
N MET A 89 -9.39 -0.53 4.82
CA MET A 89 -8.08 0.03 4.53
C MET A 89 -7.25 0.14 5.82
N GLN A 90 -7.93 0.38 6.93
CA GLN A 90 -7.26 0.47 8.23
C GLN A 90 -6.68 -0.88 8.62
N GLU A 91 -7.46 -1.95 8.38
CA GLU A 91 -6.99 -3.30 8.66
C GLU A 91 -5.85 -3.67 7.73
N ALA A 92 -6.01 -3.32 6.46
CA ALA A 92 -5.01 -3.60 5.44
C ALA A 92 -3.67 -2.95 5.77
N VAL A 93 -3.73 -1.70 6.21
CA VAL A 93 -2.53 -0.96 6.58
C VAL A 93 -1.83 -1.63 7.75
N LEU A 94 -2.61 -2.03 8.76
CA LEU A 94 -2.06 -2.69 9.94
C LEU A 94 -1.40 -4.01 9.55
N GLN A 95 -2.05 -4.75 8.66
CA GLN A 95 -1.51 -6.02 8.19
C GLN A 95 -0.21 -5.82 7.44
N LEU A 96 -0.16 -4.78 6.62
CA LEU A 96 1.02 -4.49 5.82
C LEU A 96 2.18 -4.07 6.71
N ILE A 97 1.91 -3.22 7.69
CA ILE A 97 2.95 -2.75 8.60
C ILE A 97 3.44 -3.89 9.50
N GLU A 98 2.53 -4.83 9.81
CA GLU A 98 2.87 -5.97 10.64
C GLU A 98 3.83 -6.90 9.90
N VAL A 99 3.48 -7.28 8.68
CA VAL A 99 4.33 -8.16 7.88
C VAL A 99 5.64 -7.47 7.52
N GLN A 100 5.60 -6.14 7.39
CA GLN A 100 6.80 -5.36 7.12
C GLN A 100 7.76 -5.41 8.31
N LEU A 101 7.24 -5.07 9.49
CA LEU A 101 8.05 -5.03 10.70
C LEU A 101 8.60 -6.42 11.05
N ALA A 102 7.83 -7.45 10.70
CA ALA A 102 8.22 -8.82 10.99
C ALA A 102 9.18 -9.36 9.93
N GLN A 103 9.52 -8.53 8.95
CA GLN A 103 10.44 -8.95 7.90
C GLN A 103 11.63 -8.00 7.82
N GLU A 104 11.36 -6.74 7.46
CA GLU A 104 12.39 -5.71 7.31
C GLU A 104 13.47 -6.14 6.32
N GLU A 105 13.12 -7.03 5.39
CA GLU A 105 14.04 -7.47 4.37
C GLU A 105 13.31 -7.58 3.03
N VAL A 106 14.01 -7.29 1.96
CA VAL A 106 13.44 -7.39 0.63
C VAL A 106 14.47 -7.96 -0.34
N THR A 107 14.39 -9.26 -0.57
CA THR A 107 15.35 -9.95 -1.41
C THR A 107 14.72 -10.31 -2.75
N GLU A 108 14.22 -9.30 -3.44
CA GLU A 108 13.65 -9.49 -4.77
C GLU A 108 14.69 -9.16 -5.83
N SER A 109 15.94 -9.11 -5.40
CA SER A 109 17.06 -8.86 -6.29
C SER A 109 17.39 -10.12 -7.09
N ARG A 110 16.70 -10.28 -8.21
CA ARG A 110 16.91 -11.45 -9.07
C ARG A 110 18.26 -11.37 -9.77
N SER A 111 19.14 -12.30 -9.43
CA SER A 111 20.44 -12.37 -10.07
C SER A 111 20.28 -12.87 -11.50
N MET A 1 -8.18 10.95 11.38
CA MET A 1 -7.83 11.95 12.43
C MET A 1 -6.87 11.38 13.45
N GLU A 2 -7.03 10.09 13.75
CA GLU A 2 -6.24 9.43 14.78
C GLU A 2 -4.78 9.20 14.35
N ARG A 3 -4.57 9.01 13.04
CA ARG A 3 -3.23 8.74 12.48
C ARG A 3 -2.78 7.32 12.82
N LEU A 4 -2.97 6.40 11.87
CA LEU A 4 -2.57 5.01 12.06
C LEU A 4 -1.09 4.82 11.75
N LEU A 5 -0.64 5.43 10.65
CA LEU A 5 0.74 5.31 10.21
C LEU A 5 1.63 6.25 11.02
N ASP A 6 1.09 7.44 11.31
CA ASP A 6 1.80 8.50 12.03
C ASP A 6 2.92 9.09 11.18
N ASP A 7 3.98 8.32 10.98
CA ASP A 7 5.07 8.72 10.12
C ASP A 7 5.67 7.52 9.41
N VAL A 8 4.96 7.04 8.41
CA VAL A 8 5.42 5.90 7.61
C VAL A 8 5.47 6.30 6.14
N CYS A 9 6.53 5.93 5.46
CA CYS A 9 6.69 6.31 4.06
C CYS A 9 6.03 5.29 3.14
N VAL A 10 5.01 5.74 2.42
CA VAL A 10 4.26 4.86 1.53
C VAL A 10 4.42 5.31 0.08
N MET A 11 4.98 4.44 -0.74
CA MET A 11 5.13 4.73 -2.14
C MET A 11 3.87 4.33 -2.89
N VAL A 12 3.15 5.32 -3.38
CA VAL A 12 1.85 5.08 -3.99
C VAL A 12 1.89 5.31 -5.50
N ASP A 13 1.47 4.29 -6.24
CA ASP A 13 1.37 4.37 -7.69
C ASP A 13 -0.02 3.96 -8.13
N VAL A 14 -0.81 4.92 -8.59
CA VAL A 14 -2.20 4.68 -8.93
C VAL A 14 -2.48 5.10 -10.38
N THR A 15 -3.03 4.18 -11.16
CA THR A 15 -3.36 4.45 -12.55
C THR A 15 -4.56 5.37 -12.66
N SER A 16 -5.55 5.13 -11.81
CA SER A 16 -6.75 5.94 -11.78
C SER A 16 -6.51 7.27 -11.08
N ALA A 17 -6.52 8.35 -11.83
CA ALA A 17 -6.20 9.68 -11.30
C ALA A 17 -7.09 10.08 -10.13
N GLU A 18 -8.39 9.90 -10.29
CA GLU A 18 -9.35 10.30 -9.26
C GLU A 18 -9.16 9.43 -8.01
N ILE A 19 -8.94 8.14 -8.24
CA ILE A 19 -8.71 7.21 -7.14
C ILE A 19 -7.44 7.59 -6.38
N ARG A 20 -6.42 8.02 -7.12
CA ARG A 20 -5.17 8.45 -6.53
C ARG A 20 -5.39 9.58 -5.54
N ASN A 21 -6.26 10.52 -5.90
CA ASN A 21 -6.56 11.64 -5.03
C ASN A 21 -7.16 11.15 -3.72
N ILE A 22 -8.15 10.27 -3.83
CA ILE A 22 -8.84 9.74 -2.66
C ILE A 22 -7.89 8.96 -1.75
N VAL A 23 -7.11 8.07 -2.34
CA VAL A 23 -6.21 7.24 -1.56
C VAL A 23 -5.10 8.07 -0.91
N THR A 24 -4.54 9.02 -1.66
CA THR A 24 -3.48 9.87 -1.13
C THR A 24 -4.01 10.65 0.06
N ARG A 25 -5.23 11.14 -0.05
CA ARG A 25 -5.89 11.83 1.03
C ARG A 25 -5.95 10.94 2.27
N GLN A 26 -6.42 9.72 2.07
CA GLN A 26 -6.66 8.80 3.17
C GLN A 26 -5.38 8.43 3.92
N LEU A 27 -4.37 7.93 3.21
CA LEU A 27 -3.14 7.50 3.85
C LEU A 27 -2.42 8.66 4.50
N GLU A 28 -2.44 9.81 3.84
CA GLU A 28 -1.78 10.98 4.36
C GLU A 28 -2.49 11.48 5.63
N ASN A 29 -3.79 11.21 5.75
CA ASN A 29 -4.53 11.55 6.96
C ASN A 29 -4.17 10.58 8.08
N TRP A 30 -3.69 9.41 7.68
CA TRP A 30 -3.23 8.40 8.61
C TRP A 30 -1.78 8.66 9.01
N GLY A 31 -1.12 9.52 8.25
CA GLY A 31 0.27 9.84 8.54
C GLY A 31 1.24 9.06 7.67
N ALA A 32 0.80 8.71 6.47
CA ALA A 32 1.66 8.01 5.53
C ALA A 32 2.09 8.95 4.41
N THR A 33 3.38 9.24 4.35
CA THR A 33 3.92 10.10 3.32
C THR A 33 3.82 9.41 1.97
N CYS A 34 2.87 9.83 1.15
CA CYS A 34 2.64 9.24 -0.15
C CYS A 34 3.61 9.79 -1.18
N ILE A 35 4.60 8.98 -1.55
CA ILE A 35 5.62 9.38 -2.51
C ILE A 35 5.43 8.61 -3.81
N THR A 36 5.78 9.24 -4.93
CA THR A 36 5.70 8.60 -6.22
C THR A 36 6.91 7.69 -6.44
N PRO A 37 6.68 6.46 -6.96
CA PRO A 37 7.74 5.48 -7.20
C PRO A 37 8.57 5.79 -8.44
N ASP A 38 8.90 7.07 -8.61
CA ASP A 38 9.68 7.54 -9.76
C ASP A 38 8.93 7.31 -11.07
N GLU A 39 9.61 7.48 -12.18
CA GLU A 39 9.02 7.26 -13.49
C GLU A 39 9.83 6.26 -14.31
N ARG A 40 11.10 6.10 -13.95
CA ARG A 40 11.98 5.20 -14.68
C ARG A 40 12.71 4.23 -13.75
N LEU A 41 12.87 4.62 -12.49
CA LEU A 41 13.49 3.73 -11.51
C LEU A 41 12.55 2.57 -11.22
N ILE A 42 13.11 1.44 -10.82
CA ILE A 42 12.31 0.26 -10.48
C ILE A 42 11.43 0.57 -9.26
N SER A 43 12.04 1.17 -8.26
CA SER A 43 11.38 1.52 -7.01
C SER A 43 12.36 2.24 -6.10
N GLN A 44 11.86 3.15 -5.28
CA GLN A 44 12.69 3.84 -4.32
C GLN A 44 12.53 3.22 -2.95
N ASP A 45 13.21 3.76 -1.95
CA ASP A 45 13.14 3.23 -0.59
C ASP A 45 11.83 3.66 0.08
N TYR A 46 11.07 2.68 0.55
CA TYR A 46 9.81 2.96 1.22
C TYR A 46 9.54 1.93 2.31
N ASP A 47 8.53 2.19 3.12
CA ASP A 47 8.10 1.24 4.14
C ASP A 47 7.03 0.34 3.57
N ILE A 48 5.95 0.94 3.09
CA ILE A 48 4.84 0.20 2.52
C ILE A 48 4.56 0.68 1.10
N PHE A 49 4.32 -0.27 0.20
CA PHE A 49 3.97 0.05 -1.17
C PHE A 49 2.46 0.03 -1.35
N LEU A 50 1.94 0.96 -2.14
CA LEU A 50 0.53 1.02 -2.43
C LEU A 50 0.33 1.27 -3.91
N THR A 51 -0.59 0.55 -4.51
CA THR A 51 -0.78 0.63 -5.94
C THR A 51 -2.22 0.31 -6.30
N ASP A 52 -2.70 0.88 -7.39
CA ASP A 52 -4.04 0.59 -7.88
C ASP A 52 -3.94 -0.40 -9.02
N ASN A 53 -4.76 -1.47 -8.95
CA ASN A 53 -4.72 -2.57 -9.92
C ASN A 53 -3.58 -3.54 -9.60
N PRO A 54 -3.89 -4.85 -9.53
CA PRO A 54 -2.94 -5.88 -9.09
C PRO A 54 -1.65 -5.91 -9.92
N SER A 55 -1.77 -5.70 -11.23
CA SER A 55 -0.62 -5.81 -12.13
C SER A 55 0.29 -4.59 -12.05
N ASN A 56 -0.06 -3.64 -11.20
CA ASN A 56 0.75 -2.43 -11.04
C ASN A 56 1.74 -2.58 -9.89
N LEU A 57 1.62 -3.65 -9.13
CA LEU A 57 2.50 -3.90 -7.99
C LEU A 57 3.88 -4.33 -8.47
N THR A 58 4.91 -3.77 -7.84
CA THR A 58 6.28 -4.11 -8.18
C THR A 58 6.69 -5.45 -7.56
N ALA A 59 6.44 -5.61 -6.27
CA ALA A 59 6.83 -6.83 -5.55
C ALA A 59 5.81 -7.21 -4.49
N SER A 60 5.73 -6.40 -3.45
CA SER A 60 4.81 -6.65 -2.34
C SER A 60 4.22 -5.33 -1.86
N GLY A 61 2.99 -5.39 -1.39
CA GLY A 61 2.34 -4.19 -0.89
C GLY A 61 0.83 -4.31 -0.94
N LEU A 62 0.16 -3.18 -0.87
CA LEU A 62 -1.30 -3.16 -0.87
C LEU A 62 -1.81 -2.76 -2.25
N LEU A 63 -2.70 -3.57 -2.79
CA LEU A 63 -3.28 -3.30 -4.09
C LEU A 63 -4.73 -2.87 -3.93
N LEU A 64 -5.07 -1.78 -4.58
CA LEU A 64 -6.38 -1.18 -4.45
C LEU A 64 -7.37 -1.82 -5.43
N SER A 65 -8.54 -2.13 -4.92
CA SER A 65 -9.60 -2.71 -5.73
C SER A 65 -10.96 -2.23 -5.22
N ASP A 66 -11.74 -1.61 -6.10
CA ASP A 66 -13.08 -1.16 -5.73
C ASP A 66 -14.06 -2.34 -5.80
N ASP A 67 -13.64 -3.38 -6.52
CA ASP A 67 -14.38 -4.65 -6.56
C ASP A 67 -14.04 -5.46 -5.31
N GLU A 68 -14.36 -4.89 -4.16
CA GLU A 68 -14.05 -5.52 -2.89
C GLU A 68 -14.97 -4.97 -1.81
N SER A 69 -15.13 -5.71 -0.73
CA SER A 69 -15.97 -5.29 0.37
C SER A 69 -15.12 -4.98 1.60
N GLY A 70 -13.83 -5.29 1.51
CA GLY A 70 -12.93 -5.00 2.59
C GLY A 70 -11.48 -5.17 2.17
N VAL A 71 -10.78 -6.03 2.90
CA VAL A 71 -9.40 -6.35 2.58
C VAL A 71 -9.21 -7.86 2.55
N ARG A 72 -8.75 -8.37 1.42
CA ARG A 72 -8.56 -9.80 1.24
C ARG A 72 -7.16 -10.09 0.72
N GLU A 73 -6.73 -11.33 0.83
CA GLU A 73 -5.39 -11.72 0.40
C GLU A 73 -5.45 -12.68 -0.77
N ILE A 74 -4.57 -12.48 -1.73
CA ILE A 74 -4.52 -13.35 -2.91
C ILE A 74 -3.15 -13.98 -3.03
N GLY A 75 -2.50 -14.15 -1.89
CA GLY A 75 -1.16 -14.66 -1.87
C GLY A 75 -0.25 -13.77 -1.05
N PRO A 76 0.71 -14.35 -0.30
CA PRO A 76 1.59 -13.57 0.58
C PRO A 76 2.28 -12.42 -0.15
N GLY A 77 2.04 -11.21 0.34
CA GLY A 77 2.65 -10.04 -0.25
C GLY A 77 1.68 -9.23 -1.10
N GLN A 78 0.56 -9.83 -1.45
CA GLN A 78 -0.44 -9.15 -2.28
C GLN A 78 -1.81 -9.17 -1.62
N LEU A 79 -2.30 -7.99 -1.29
CA LEU A 79 -3.59 -7.86 -0.62
C LEU A 79 -4.49 -6.89 -1.37
N CYS A 80 -5.64 -7.35 -1.82
CA CYS A 80 -6.60 -6.50 -2.50
C CYS A 80 -7.53 -5.85 -1.47
N VAL A 81 -7.56 -4.54 -1.44
CA VAL A 81 -8.36 -3.82 -0.47
C VAL A 81 -9.15 -2.69 -1.14
N ASN A 82 -10.39 -2.50 -0.69
CA ASN A 82 -11.21 -1.41 -1.18
C ASN A 82 -10.81 -0.11 -0.49
N PHE A 83 -10.21 0.79 -1.26
CA PHE A 83 -9.74 2.07 -0.76
C PHE A 83 -10.90 2.93 -0.26
N ASN A 84 -12.09 2.66 -0.79
CA ASN A 84 -13.27 3.46 -0.49
C ASN A 84 -13.70 3.30 0.96
N MET A 85 -13.30 2.20 1.58
CA MET A 85 -13.65 1.93 2.96
C MET A 85 -12.45 2.15 3.87
N SER A 86 -12.46 3.25 4.60
CA SER A 86 -11.36 3.61 5.49
C SER A 86 -11.16 2.57 6.58
N ASN A 87 -12.25 1.93 7.01
CA ASN A 87 -12.17 0.89 8.03
C ASN A 87 -11.45 -0.35 7.50
N ALA A 88 -11.82 -0.77 6.31
CA ALA A 88 -11.19 -1.92 5.67
C ALA A 88 -9.74 -1.62 5.34
N MET A 89 -9.49 -0.42 4.84
CA MET A 89 -8.13 0.01 4.52
C MET A 89 -7.30 0.12 5.79
N GLN A 90 -7.97 0.37 6.91
CA GLN A 90 -7.31 0.43 8.21
C GLN A 90 -6.73 -0.93 8.58
N GLU A 91 -7.52 -1.98 8.37
CA GLU A 91 -7.07 -3.35 8.63
C GLU A 91 -5.87 -3.68 7.76
N ALA A 92 -5.93 -3.23 6.51
CA ALA A 92 -4.85 -3.47 5.55
C ALA A 92 -3.58 -2.74 5.98
N VAL A 93 -3.75 -1.51 6.47
CA VAL A 93 -2.63 -0.70 6.94
C VAL A 93 -1.96 -1.37 8.13
N LEU A 94 -2.77 -1.80 9.09
CA LEU A 94 -2.26 -2.48 10.28
C LEU A 94 -1.56 -3.77 9.90
N GLN A 95 -2.16 -4.51 8.97
CA GLN A 95 -1.60 -5.77 8.50
C GLN A 95 -0.23 -5.53 7.87
N LEU A 96 -0.13 -4.51 7.03
CA LEU A 96 1.10 -4.21 6.34
C LEU A 96 2.18 -3.71 7.31
N ILE A 97 1.76 -2.97 8.32
CA ILE A 97 2.69 -2.48 9.33
C ILE A 97 3.25 -3.65 10.15
N GLU A 98 2.38 -4.61 10.46
CA GLU A 98 2.79 -5.79 11.21
C GLU A 98 3.71 -6.66 10.35
N VAL A 99 3.36 -6.78 9.08
CA VAL A 99 4.16 -7.56 8.15
C VAL A 99 5.55 -6.94 7.98
N GLN A 100 5.60 -5.62 7.80
CA GLN A 100 6.86 -4.90 7.64
C GLN A 100 7.76 -5.10 8.86
N LEU A 101 7.16 -5.05 10.03
CA LEU A 101 7.91 -5.21 11.28
C LEU A 101 8.49 -6.62 11.41
N ALA A 102 7.95 -7.56 10.64
CA ALA A 102 8.42 -8.94 10.69
C ALA A 102 9.11 -9.33 9.38
N GLN A 103 9.19 -8.39 8.45
CA GLN A 103 9.73 -8.67 7.12
C GLN A 103 10.53 -7.47 6.61
N GLU A 104 11.27 -6.84 7.51
CA GLU A 104 12.06 -5.67 7.17
C GLU A 104 13.25 -6.04 6.30
N GLU A 105 13.60 -7.33 6.33
CA GLU A 105 14.65 -7.85 5.49
C GLU A 105 14.18 -7.96 4.04
N VAL A 106 14.72 -7.12 3.17
CA VAL A 106 14.37 -7.16 1.76
C VAL A 106 14.85 -8.46 1.13
N THR A 107 13.90 -9.36 0.87
CA THR A 107 14.22 -10.67 0.35
C THR A 107 14.35 -10.65 -1.18
N GLU A 108 15.20 -9.77 -1.67
CA GLU A 108 15.48 -9.69 -3.09
C GLU A 108 16.99 -9.77 -3.32
N SER A 109 17.38 -10.43 -4.39
CA SER A 109 18.78 -10.61 -4.71
C SER A 109 19.24 -9.57 -5.71
N ARG A 110 18.29 -8.81 -6.26
CA ARG A 110 18.61 -7.78 -7.23
C ARG A 110 18.47 -6.39 -6.62
N SER A 111 19.50 -5.96 -5.92
CA SER A 111 19.54 -4.62 -5.37
C SER A 111 20.63 -3.81 -6.07
N MET A 1 -11.09 7.99 14.46
CA MET A 1 -10.31 9.04 13.76
C MET A 1 -8.96 9.25 14.44
N GLU A 2 -7.95 8.51 13.99
CA GLU A 2 -6.62 8.62 14.55
C GLU A 2 -5.56 8.33 13.50
N ARG A 3 -4.30 8.47 13.88
CA ARG A 3 -3.20 8.25 12.94
C ARG A 3 -2.69 6.83 13.05
N LEU A 4 -2.85 6.08 11.98
CA LEU A 4 -2.41 4.68 11.95
C LEU A 4 -0.97 4.57 11.48
N LEU A 5 -0.56 5.51 10.63
CA LEU A 5 0.79 5.54 10.12
C LEU A 5 1.62 6.53 10.92
N ASP A 6 0.99 7.68 11.21
CA ASP A 6 1.62 8.76 11.97
C ASP A 6 2.67 9.49 11.14
N ASP A 7 3.69 8.77 10.70
CA ASP A 7 4.72 9.31 9.83
C ASP A 7 5.49 8.18 9.17
N VAL A 8 4.82 7.45 8.30
CA VAL A 8 5.42 6.31 7.62
C VAL A 8 5.49 6.55 6.12
N CYS A 9 6.67 6.36 5.56
CA CYS A 9 6.89 6.52 4.13
C CYS A 9 6.13 5.46 3.33
N VAL A 10 5.14 5.90 2.56
CA VAL A 10 4.33 4.99 1.78
C VAL A 10 4.39 5.37 0.30
N MET A 11 4.91 4.46 -0.51
CA MET A 11 5.00 4.69 -1.94
C MET A 11 3.63 4.51 -2.57
N VAL A 12 3.13 5.56 -3.19
CA VAL A 12 1.79 5.53 -3.77
C VAL A 12 1.88 5.41 -5.29
N ASP A 13 1.45 4.26 -5.79
CA ASP A 13 1.43 3.99 -7.22
C ASP A 13 0.01 3.67 -7.66
N VAL A 14 -0.71 4.69 -8.08
CA VAL A 14 -2.08 4.51 -8.54
C VAL A 14 -2.21 4.99 -9.98
N THR A 15 -2.68 4.12 -10.86
CA THR A 15 -2.83 4.43 -12.27
C THR A 15 -4.02 5.37 -12.48
N SER A 16 -5.13 5.05 -11.84
CA SER A 16 -6.30 5.89 -11.90
C SER A 16 -6.09 7.17 -11.07
N ALA A 17 -5.91 8.29 -11.76
CA ALA A 17 -5.64 9.57 -11.10
C ALA A 17 -6.75 9.94 -10.11
N GLU A 18 -7.97 9.57 -10.45
CA GLU A 18 -9.13 9.84 -9.59
C GLU A 18 -8.98 9.11 -8.26
N ILE A 19 -8.76 7.80 -8.34
CA ILE A 19 -8.61 6.97 -7.16
C ILE A 19 -7.38 7.41 -6.36
N ARG A 20 -6.33 7.76 -7.09
CA ARG A 20 -5.08 8.23 -6.50
C ARG A 20 -5.32 9.46 -5.62
N ASN A 21 -6.07 10.41 -6.14
CA ASN A 21 -6.37 11.64 -5.41
C ASN A 21 -7.07 11.35 -4.10
N ILE A 22 -8.09 10.50 -4.17
CA ILE A 22 -8.89 10.15 -2.99
C ILE A 22 -8.06 9.39 -1.97
N VAL A 23 -7.32 8.39 -2.43
CA VAL A 23 -6.53 7.55 -1.53
C VAL A 23 -5.41 8.34 -0.87
N THR A 24 -4.87 9.32 -1.59
CA THR A 24 -3.82 10.17 -1.05
C THR A 24 -4.34 10.94 0.16
N ARG A 25 -5.55 11.47 0.04
CA ARG A 25 -6.19 12.20 1.13
C ARG A 25 -6.35 11.29 2.35
N GLN A 26 -6.72 10.04 2.10
CA GLN A 26 -6.95 9.09 3.18
C GLN A 26 -5.67 8.75 3.92
N LEU A 27 -4.63 8.31 3.19
CA LEU A 27 -3.39 7.92 3.83
C LEU A 27 -2.70 9.13 4.47
N GLU A 28 -2.89 10.30 3.88
CA GLU A 28 -2.33 11.53 4.43
C GLU A 28 -2.96 11.85 5.78
N ASN A 29 -4.22 11.45 5.93
CA ASN A 29 -4.95 11.63 7.18
C ASN A 29 -4.46 10.65 8.23
N TRP A 30 -3.82 9.59 7.76
CA TRP A 30 -3.30 8.55 8.63
C TRP A 30 -1.85 8.79 8.96
N GLY A 31 -1.19 9.63 8.16
CA GLY A 31 0.20 9.98 8.42
C GLY A 31 1.15 9.23 7.51
N ALA A 32 0.74 9.02 6.28
CA ALA A 32 1.59 8.34 5.31
C ALA A 32 2.23 9.32 4.35
N THR A 33 3.54 9.26 4.23
CA THR A 33 4.28 10.11 3.32
C THR A 33 4.18 9.58 1.90
N CYS A 34 3.36 10.22 1.08
CA CYS A 34 3.12 9.76 -0.28
C CYS A 34 4.29 10.07 -1.20
N ILE A 35 5.07 9.04 -1.52
CA ILE A 35 6.20 9.20 -2.43
C ILE A 35 5.94 8.51 -3.75
N THR A 36 6.61 8.96 -4.80
CA THR A 36 6.44 8.41 -6.13
C THR A 36 7.38 7.21 -6.33
N PRO A 37 6.89 6.13 -6.97
CA PRO A 37 7.67 4.90 -7.21
C PRO A 37 8.86 5.10 -8.15
N ASP A 38 9.12 6.35 -8.52
CA ASP A 38 10.25 6.73 -9.39
C ASP A 38 9.98 6.33 -10.84
N GLU A 39 10.68 6.97 -11.75
CA GLU A 39 10.49 6.73 -13.17
C GLU A 39 11.76 6.13 -13.78
N ARG A 40 12.85 6.16 -13.03
CA ARG A 40 14.12 5.61 -13.51
C ARG A 40 14.63 4.52 -12.58
N LEU A 41 14.09 4.47 -11.37
CA LEU A 41 14.43 3.39 -10.44
C LEU A 41 13.34 2.33 -10.47
N ILE A 42 13.64 1.17 -9.92
CA ILE A 42 12.66 0.09 -9.85
C ILE A 42 11.68 0.34 -8.73
N SER A 43 12.19 0.83 -7.61
CA SER A 43 11.39 1.18 -6.44
C SER A 43 12.17 2.15 -5.58
N GLN A 44 11.48 3.00 -4.85
CA GLN A 44 12.14 3.95 -3.97
C GLN A 44 12.11 3.42 -2.54
N ASP A 45 12.69 4.17 -1.62
CA ASP A 45 12.75 3.75 -0.23
C ASP A 45 11.43 4.01 0.47
N TYR A 46 10.75 2.94 0.85
CA TYR A 46 9.46 3.04 1.50
C TYR A 46 9.34 2.01 2.62
N ASP A 47 8.26 2.07 3.38
CA ASP A 47 7.97 1.07 4.40
C ASP A 47 6.72 0.29 4.00
N ILE A 48 5.78 0.98 3.36
CA ILE A 48 4.56 0.36 2.87
C ILE A 48 4.33 0.77 1.41
N PHE A 49 3.83 -0.15 0.60
CA PHE A 49 3.62 0.10 -0.82
C PHE A 49 2.14 -0.02 -1.18
N LEU A 50 1.62 1.00 -1.86
CA LEU A 50 0.24 0.98 -2.35
C LEU A 50 0.24 1.01 -3.87
N THR A 51 -0.52 0.13 -4.50
CA THR A 51 -0.58 0.07 -5.95
C THR A 51 -2.01 -0.17 -6.45
N ASP A 52 -2.42 0.61 -7.43
CA ASP A 52 -3.75 0.49 -8.03
C ASP A 52 -3.79 -0.69 -8.99
N ASN A 53 -4.65 -1.66 -8.68
CA ASN A 53 -4.83 -2.86 -9.52
C ASN A 53 -3.57 -3.74 -9.54
N PRO A 54 -3.75 -5.05 -9.78
CA PRO A 54 -2.62 -6.00 -9.77
C PRO A 54 -1.68 -5.81 -10.96
N SER A 55 -2.16 -5.08 -11.97
CA SER A 55 -1.40 -4.86 -13.19
C SER A 55 -0.08 -4.12 -12.92
N ASN A 56 -0.11 -3.23 -11.94
CA ASN A 56 1.02 -2.35 -11.68
C ASN A 56 1.90 -2.87 -10.55
N LEU A 57 1.46 -3.92 -9.88
CA LEU A 57 2.18 -4.47 -8.72
C LEU A 57 3.55 -5.00 -9.14
N THR A 58 4.57 -4.59 -8.40
CA THR A 58 5.94 -5.04 -8.68
C THR A 58 6.15 -6.47 -8.20
N ALA A 59 5.76 -6.75 -6.96
CA ALA A 59 5.93 -8.07 -6.38
C ALA A 59 5.14 -8.20 -5.08
N SER A 60 5.10 -7.14 -4.30
CA SER A 60 4.40 -7.15 -3.03
C SER A 60 3.89 -5.75 -2.69
N GLY A 61 2.75 -5.70 -2.01
CA GLY A 61 2.18 -4.45 -1.59
C GLY A 61 0.68 -4.55 -1.41
N LEU A 62 0.03 -3.43 -1.21
CA LEU A 62 -1.42 -3.40 -1.07
C LEU A 62 -2.04 -2.93 -2.37
N LEU A 63 -2.85 -3.80 -2.97
CA LEU A 63 -3.43 -3.49 -4.26
C LEU A 63 -4.86 -2.97 -4.08
N LEU A 64 -5.14 -1.85 -4.72
CA LEU A 64 -6.42 -1.18 -4.59
C LEU A 64 -7.46 -1.81 -5.50
N SER A 65 -8.59 -2.15 -4.92
CA SER A 65 -9.72 -2.71 -5.64
C SER A 65 -11.02 -2.09 -5.17
N ASP A 66 -11.64 -1.26 -6.00
CA ASP A 66 -12.92 -0.63 -5.66
C ASP A 66 -14.04 -1.68 -5.66
N ASP A 67 -13.81 -2.75 -6.41
CA ASP A 67 -14.76 -3.87 -6.45
C ASP A 67 -14.53 -4.78 -5.25
N GLU A 68 -14.77 -4.24 -4.06
CA GLU A 68 -14.58 -4.98 -2.82
C GLU A 68 -15.32 -4.28 -1.68
N SER A 69 -15.61 -5.01 -0.61
CA SER A 69 -16.30 -4.43 0.53
C SER A 69 -15.48 -4.65 1.80
N GLY A 70 -14.19 -4.84 1.63
CA GLY A 70 -13.31 -5.06 2.76
C GLY A 70 -11.87 -5.25 2.34
N VAL A 71 -11.16 -6.10 3.04
CA VAL A 71 -9.77 -6.37 2.75
C VAL A 71 -9.54 -7.89 2.73
N ARG A 72 -8.84 -8.37 1.72
CA ARG A 72 -8.59 -9.78 1.57
C ARG A 72 -7.13 -10.04 1.22
N GLU A 73 -6.71 -11.28 1.38
CA GLU A 73 -5.34 -11.66 1.09
C GLU A 73 -5.31 -12.73 0.00
N ILE A 74 -4.48 -12.53 -1.00
CA ILE A 74 -4.37 -13.46 -2.11
C ILE A 74 -2.93 -13.90 -2.27
N GLY A 75 -2.35 -14.35 -1.17
CA GLY A 75 -0.97 -14.79 -1.17
C GLY A 75 -0.08 -13.82 -0.42
N PRO A 76 0.99 -14.29 0.23
CA PRO A 76 1.91 -13.42 0.98
C PRO A 76 2.46 -12.30 0.09
N GLY A 77 2.21 -11.07 0.49
CA GLY A 77 2.67 -9.94 -0.27
C GLY A 77 1.63 -9.41 -1.23
N GLN A 78 0.49 -10.09 -1.30
CA GLN A 78 -0.59 -9.67 -2.19
C GLN A 78 -1.90 -9.55 -1.43
N LEU A 79 -2.42 -8.32 -1.34
CA LEU A 79 -3.62 -8.07 -0.57
C LEU A 79 -4.51 -7.07 -1.29
N CYS A 80 -5.74 -7.48 -1.58
CA CYS A 80 -6.70 -6.60 -2.25
C CYS A 80 -7.59 -5.91 -1.24
N VAL A 81 -7.70 -4.60 -1.35
CA VAL A 81 -8.50 -3.83 -0.40
C VAL A 81 -9.20 -2.65 -1.09
N ASN A 82 -10.39 -2.31 -0.62
CA ASN A 82 -11.11 -1.18 -1.16
C ASN A 82 -10.76 0.09 -0.39
N PHE A 83 -10.29 1.09 -1.13
CA PHE A 83 -9.89 2.37 -0.55
C PHE A 83 -11.11 3.15 -0.09
N ASN A 84 -12.28 2.79 -0.60
CA ASN A 84 -13.51 3.52 -0.31
C ASN A 84 -14.00 3.25 1.11
N MET A 85 -13.33 2.34 1.80
CA MET A 85 -13.65 2.05 3.19
C MET A 85 -12.41 2.21 4.06
N SER A 86 -12.38 3.30 4.81
CA SER A 86 -11.25 3.60 5.67
C SER A 86 -11.09 2.54 6.76
N ASN A 87 -12.18 1.84 7.07
CA ASN A 87 -12.13 0.71 7.99
C ASN A 87 -11.25 -0.41 7.43
N ALA A 88 -11.63 -0.89 6.24
CA ALA A 88 -10.95 -1.99 5.60
C ALA A 88 -9.49 -1.65 5.29
N MET A 89 -9.27 -0.45 4.78
CA MET A 89 -7.93 -0.02 4.39
C MET A 89 -7.04 0.13 5.62
N GLN A 90 -7.64 0.46 6.75
CA GLN A 90 -6.91 0.55 8.01
C GLN A 90 -6.32 -0.80 8.38
N GLU A 91 -7.15 -1.83 8.32
CA GLU A 91 -6.70 -3.19 8.61
C GLU A 91 -5.71 -3.66 7.56
N ALA A 92 -5.92 -3.23 6.33
CA ALA A 92 -4.99 -3.54 5.24
C ALA A 92 -3.60 -3.00 5.55
N VAL A 93 -3.53 -1.72 5.92
CA VAL A 93 -2.28 -1.08 6.27
C VAL A 93 -1.65 -1.78 7.48
N LEU A 94 -2.48 -2.08 8.47
CA LEU A 94 -2.01 -2.77 9.68
C LEU A 94 -1.39 -4.11 9.32
N GLN A 95 -2.04 -4.83 8.40
CA GLN A 95 -1.56 -6.13 7.96
C GLN A 95 -0.21 -5.99 7.27
N LEU A 96 -0.03 -4.91 6.52
CA LEU A 96 1.22 -4.66 5.82
C LEU A 96 2.35 -4.43 6.82
N ILE A 97 2.05 -3.67 7.87
CA ILE A 97 3.03 -3.38 8.91
C ILE A 97 3.40 -4.65 9.67
N GLU A 98 2.40 -5.47 9.96
CA GLU A 98 2.62 -6.69 10.71
C GLU A 98 3.39 -7.71 9.87
N VAL A 99 3.01 -7.83 8.61
CA VAL A 99 3.63 -8.79 7.71
C VAL A 99 5.07 -8.39 7.38
N GLN A 100 5.34 -7.08 7.36
CA GLN A 100 6.68 -6.59 7.11
C GLN A 100 7.60 -6.98 8.26
N LEU A 101 7.11 -6.81 9.48
CA LEU A 101 7.87 -7.16 10.68
C LEU A 101 8.13 -8.65 10.74
N ALA A 102 7.25 -9.44 10.13
CA ALA A 102 7.36 -10.89 10.17
C ALA A 102 7.95 -11.44 8.87
N GLN A 103 8.42 -10.54 8.00
CA GLN A 103 9.02 -10.94 6.73
C GLN A 103 10.19 -10.03 6.40
N GLU A 104 10.92 -9.62 7.42
CA GLU A 104 12.04 -8.69 7.22
C GLU A 104 13.33 -9.45 6.94
N GLU A 105 13.29 -10.29 5.91
CA GLU A 105 14.47 -11.04 5.50
C GLU A 105 14.68 -10.90 3.99
N VAL A 106 15.78 -10.27 3.63
CA VAL A 106 16.08 -10.01 2.23
C VAL A 106 16.95 -11.12 1.64
N THR A 107 16.31 -12.03 0.92
CA THR A 107 17.02 -13.10 0.24
C THR A 107 17.69 -12.57 -1.02
N GLU A 108 18.88 -12.00 -0.86
CA GLU A 108 19.59 -11.37 -1.95
C GLU A 108 20.13 -12.41 -2.93
N SER A 109 19.77 -12.24 -4.19
CA SER A 109 20.31 -13.05 -5.26
C SER A 109 20.76 -12.14 -6.40
N ARG A 110 21.96 -12.36 -6.91
CA ARG A 110 22.50 -11.49 -7.94
C ARG A 110 22.29 -12.08 -9.32
N SER A 111 21.27 -11.58 -10.01
CA SER A 111 21.04 -11.96 -11.38
C SER A 111 21.78 -11.00 -12.30
N MET A 1 -9.66 11.67 11.17
CA MET A 1 -8.84 12.20 12.29
C MET A 1 -8.20 11.06 13.05
N GLU A 2 -7.30 10.35 12.39
CA GLU A 2 -6.66 9.18 12.97
C GLU A 2 -5.30 8.97 12.31
N ARG A 3 -4.30 8.62 13.12
CA ARG A 3 -2.95 8.42 12.61
C ARG A 3 -2.55 6.95 12.73
N LEU A 4 -2.73 6.20 11.66
CA LEU A 4 -2.40 4.78 11.66
C LEU A 4 -0.95 4.58 11.24
N LEU A 5 -0.36 5.59 10.64
CA LEU A 5 1.02 5.49 10.16
C LEU A 5 1.92 6.41 10.98
N ASP A 6 1.67 7.71 10.87
CA ASP A 6 2.49 8.75 11.50
C ASP A 6 3.96 8.64 11.09
N ASP A 7 4.31 9.40 10.05
CA ASP A 7 5.68 9.46 9.56
C ASP A 7 6.13 8.12 8.98
N VAL A 8 5.23 7.47 8.25
CA VAL A 8 5.56 6.21 7.59
C VAL A 8 5.56 6.41 6.08
N CYS A 9 6.69 6.10 5.47
CA CYS A 9 6.88 6.32 4.03
C CYS A 9 6.11 5.28 3.21
N VAL A 10 5.14 5.76 2.44
CA VAL A 10 4.32 4.91 1.61
C VAL A 10 4.45 5.32 0.14
N MET A 11 4.93 4.41 -0.68
CA MET A 11 5.04 4.66 -2.11
C MET A 11 3.72 4.34 -2.78
N VAL A 12 3.05 5.38 -3.26
CA VAL A 12 1.72 5.21 -3.83
C VAL A 12 1.73 5.40 -5.34
N ASP A 13 1.35 4.35 -6.05
CA ASP A 13 1.26 4.40 -7.50
C ASP A 13 -0.09 3.89 -7.96
N VAL A 14 -0.98 4.83 -8.29
CA VAL A 14 -2.32 4.48 -8.69
C VAL A 14 -2.57 4.95 -10.13
N THR A 15 -2.99 4.02 -10.98
CA THR A 15 -3.24 4.32 -12.38
C THR A 15 -4.40 5.30 -12.52
N SER A 16 -5.47 5.07 -11.76
CA SER A 16 -6.61 5.94 -11.75
C SER A 16 -6.33 7.19 -10.90
N ALA A 17 -6.15 8.33 -11.57
CA ALA A 17 -5.79 9.57 -10.89
C ALA A 17 -6.80 9.97 -9.83
N GLU A 18 -8.09 9.80 -10.14
CA GLU A 18 -9.15 10.14 -9.21
C GLU A 18 -9.05 9.30 -7.95
N ILE A 19 -8.87 8.00 -8.14
CA ILE A 19 -8.77 7.07 -7.03
C ILE A 19 -7.53 7.36 -6.19
N ARG A 20 -6.46 7.75 -6.87
CA ARG A 20 -5.20 8.07 -6.19
C ARG A 20 -5.39 9.20 -5.21
N ASN A 21 -6.09 10.25 -5.62
CA ASN A 21 -6.31 11.42 -4.76
C ASN A 21 -7.13 11.04 -3.53
N ILE A 22 -8.14 10.20 -3.73
CA ILE A 22 -8.97 9.72 -2.63
C ILE A 22 -8.13 8.90 -1.65
N VAL A 23 -7.31 8.01 -2.19
CA VAL A 23 -6.44 7.17 -1.37
C VAL A 23 -5.44 8.03 -0.61
N THR A 24 -4.83 8.99 -1.30
CA THR A 24 -3.87 9.90 -0.71
C THR A 24 -4.49 10.66 0.46
N ARG A 25 -5.74 11.11 0.28
CA ARG A 25 -6.48 11.77 1.34
C ARG A 25 -6.48 10.93 2.61
N GLN A 26 -6.71 9.64 2.44
CA GLN A 26 -6.81 8.71 3.55
C GLN A 26 -5.46 8.53 4.26
N LEU A 27 -4.43 8.15 3.52
CA LEU A 27 -3.11 7.90 4.11
C LEU A 27 -2.53 9.18 4.72
N GLU A 28 -2.82 10.31 4.10
CA GLU A 28 -2.32 11.59 4.60
C GLU A 28 -2.95 11.93 5.94
N ASN A 29 -4.18 11.46 6.15
CA ASN A 29 -4.82 11.60 7.46
C ASN A 29 -4.07 10.74 8.48
N TRP A 30 -3.71 9.53 8.05
CA TRP A 30 -3.03 8.57 8.90
C TRP A 30 -1.57 8.96 9.14
N GLY A 31 -1.06 9.88 8.34
CA GLY A 31 0.31 10.32 8.52
C GLY A 31 1.29 9.51 7.69
N ALA A 32 0.90 9.21 6.46
CA ALA A 32 1.77 8.49 5.56
C ALA A 32 2.42 9.44 4.56
N THR A 33 3.72 9.27 4.35
CA THR A 33 4.44 10.07 3.39
C THR A 33 4.26 9.50 1.99
N CYS A 34 3.38 10.13 1.21
CA CYS A 34 3.13 9.69 -0.15
C CYS A 34 4.29 10.04 -1.06
N ILE A 35 5.08 9.04 -1.42
CA ILE A 35 6.23 9.24 -2.30
C ILE A 35 5.98 8.64 -3.67
N THR A 36 6.56 9.25 -4.69
CA THR A 36 6.48 8.72 -6.03
C THR A 36 7.34 7.47 -6.15
N PRO A 37 6.75 6.34 -6.57
CA PRO A 37 7.43 5.04 -6.65
C PRO A 37 8.42 4.95 -7.81
N ASP A 38 9.32 5.93 -7.88
CA ASP A 38 10.37 5.98 -8.91
C ASP A 38 9.75 6.27 -10.29
N GLU A 39 10.57 6.78 -11.19
CA GLU A 39 10.12 7.17 -12.51
C GLU A 39 10.21 6.01 -13.49
N ARG A 40 11.43 5.56 -13.76
CA ARG A 40 11.66 4.56 -14.79
C ARG A 40 12.90 3.71 -14.49
N LEU A 41 13.30 3.67 -13.24
CA LEU A 41 14.45 2.85 -12.84
C LEU A 41 14.00 1.42 -12.62
N ILE A 42 13.03 1.27 -11.72
CA ILE A 42 12.43 -0.03 -11.40
C ILE A 42 11.44 0.14 -10.23
N SER A 43 11.95 0.69 -9.14
CA SER A 43 11.18 0.91 -7.92
C SER A 43 12.11 1.43 -6.82
N GLN A 44 11.63 2.35 -6.01
CA GLN A 44 12.43 2.89 -4.92
C GLN A 44 12.16 2.09 -3.64
N ASP A 45 12.87 2.42 -2.57
CA ASP A 45 12.71 1.71 -1.31
C ASP A 45 11.59 2.32 -0.48
N TYR A 46 10.74 1.48 0.08
CA TYR A 46 9.55 1.95 0.79
C TYR A 46 9.34 1.17 2.09
N ASP A 47 8.41 1.65 2.89
CA ASP A 47 7.97 0.90 4.07
C ASP A 47 6.70 0.15 3.72
N ILE A 48 5.77 0.89 3.13
CA ILE A 48 4.54 0.30 2.61
C ILE A 48 4.33 0.73 1.16
N PHE A 49 4.00 -0.21 0.31
CA PHE A 49 3.73 0.07 -1.10
C PHE A 49 2.23 -0.04 -1.35
N LEU A 50 1.67 0.92 -2.06
CA LEU A 50 0.26 0.90 -2.38
C LEU A 50 0.07 1.21 -3.87
N THR A 51 -0.48 0.25 -4.60
CA THR A 51 -0.60 0.37 -6.03
C THR A 51 -2.01 0.01 -6.50
N ASP A 52 -2.45 0.66 -7.57
CA ASP A 52 -3.77 0.42 -8.14
C ASP A 52 -3.69 -0.77 -9.10
N ASN A 53 -4.59 -1.74 -8.91
CA ASN A 53 -4.63 -2.96 -9.72
C ASN A 53 -3.47 -3.90 -9.38
N PRO A 54 -3.74 -5.22 -9.30
CA PRO A 54 -2.72 -6.21 -8.89
C PRO A 54 -1.58 -6.33 -9.91
N SER A 55 -1.83 -5.90 -11.13
CA SER A 55 -0.86 -6.02 -12.20
C SER A 55 0.27 -5.01 -12.04
N ASN A 56 -0.03 -3.88 -11.41
CA ASN A 56 0.93 -2.78 -11.27
C ASN A 56 1.92 -3.07 -10.13
N LEU A 57 1.52 -3.94 -9.21
CA LEU A 57 2.34 -4.29 -8.07
C LEU A 57 3.63 -4.95 -8.51
N THR A 58 4.76 -4.49 -7.97
CA THR A 58 6.06 -5.06 -8.30
C THR A 58 6.13 -6.54 -7.90
N ALA A 59 5.76 -6.82 -6.66
CA ALA A 59 5.75 -8.18 -6.15
C ALA A 59 4.98 -8.27 -4.84
N SER A 60 5.39 -7.47 -3.87
CA SER A 60 4.79 -7.49 -2.55
C SER A 60 4.32 -6.10 -2.13
N GLY A 61 3.09 -6.00 -1.67
CA GLY A 61 2.56 -4.73 -1.22
C GLY A 61 1.04 -4.75 -1.14
N LEU A 62 0.45 -3.57 -1.02
CA LEU A 62 -0.99 -3.42 -0.94
C LEU A 62 -1.54 -2.96 -2.28
N LEU A 63 -2.66 -3.54 -2.69
CA LEU A 63 -3.24 -3.23 -3.97
C LEU A 63 -4.67 -2.70 -3.81
N LEU A 64 -4.99 -1.69 -4.59
CA LEU A 64 -6.29 -1.04 -4.52
C LEU A 64 -7.28 -1.71 -5.47
N SER A 65 -8.51 -1.84 -5.00
CA SER A 65 -9.58 -2.43 -5.79
C SER A 65 -10.92 -1.84 -5.37
N ASP A 66 -11.91 -1.95 -6.25
CA ASP A 66 -13.28 -1.59 -5.90
C ASP A 66 -14.22 -2.74 -6.28
N ASP A 67 -13.62 -3.91 -6.41
CA ASP A 67 -14.36 -5.12 -6.74
C ASP A 67 -14.35 -6.07 -5.56
N GLU A 68 -13.45 -5.82 -4.63
CA GLU A 68 -13.24 -6.68 -3.48
C GLU A 68 -14.31 -6.45 -2.43
N SER A 69 -14.78 -5.21 -2.33
CA SER A 69 -15.80 -4.81 -1.36
C SER A 69 -15.33 -5.11 0.07
N GLY A 70 -14.05 -4.86 0.33
CA GLY A 70 -13.51 -5.08 1.64
C GLY A 70 -12.00 -5.23 1.63
N VAL A 71 -11.45 -5.70 2.74
CA VAL A 71 -10.02 -5.96 2.83
C VAL A 71 -9.77 -7.47 2.91
N ARG A 72 -8.99 -7.98 1.98
CA ARG A 72 -8.71 -9.40 1.93
C ARG A 72 -7.30 -9.66 1.40
N GLU A 73 -6.80 -10.85 1.63
CA GLU A 73 -5.53 -11.27 1.06
C GLU A 73 -5.78 -12.21 -0.11
N ILE A 74 -5.15 -11.95 -1.23
CA ILE A 74 -5.27 -12.82 -2.39
C ILE A 74 -4.10 -13.79 -2.43
N GLY A 75 -3.06 -13.43 -1.70
CA GLY A 75 -1.88 -14.26 -1.60
C GLY A 75 -0.89 -13.63 -0.65
N PRO A 76 0.11 -14.38 -0.16
CA PRO A 76 1.11 -13.82 0.75
C PRO A 76 1.85 -12.64 0.13
N GLY A 77 1.76 -11.50 0.79
CA GLY A 77 2.41 -10.30 0.28
C GLY A 77 1.56 -9.57 -0.74
N GLN A 78 0.31 -9.96 -0.87
CA GLN A 78 -0.61 -9.32 -1.81
C GLN A 78 -1.98 -9.12 -1.16
N LEU A 79 -2.35 -7.87 -0.97
CA LEU A 79 -3.59 -7.55 -0.26
C LEU A 79 -4.54 -6.75 -1.14
N CYS A 80 -5.66 -7.37 -1.47
CA CYS A 80 -6.69 -6.71 -2.26
C CYS A 80 -7.63 -5.95 -1.33
N VAL A 81 -7.46 -4.64 -1.28
CA VAL A 81 -8.25 -3.82 -0.38
C VAL A 81 -9.11 -2.81 -1.15
N ASN A 82 -10.34 -2.64 -0.68
CA ASN A 82 -11.25 -1.69 -1.30
C ASN A 82 -11.00 -0.28 -0.78
N PHE A 83 -10.60 0.62 -1.68
CA PHE A 83 -10.24 1.98 -1.31
C PHE A 83 -11.44 2.78 -0.80
N ASN A 84 -12.64 2.34 -1.17
CA ASN A 84 -13.85 3.07 -0.85
C ASN A 84 -14.24 2.88 0.62
N MET A 85 -13.62 1.91 1.27
CA MET A 85 -13.89 1.67 2.69
C MET A 85 -12.67 2.00 3.52
N SER A 86 -12.78 3.06 4.31
CA SER A 86 -11.71 3.49 5.18
C SER A 86 -11.37 2.39 6.20
N ASN A 87 -12.39 1.66 6.63
CA ASN A 87 -12.19 0.56 7.58
C ASN A 87 -11.29 -0.49 6.97
N ALA A 88 -11.63 -0.91 5.76
CA ALA A 88 -10.89 -1.95 5.07
C ALA A 88 -9.42 -1.57 4.90
N MET A 89 -9.19 -0.34 4.46
CA MET A 89 -7.84 0.14 4.21
C MET A 89 -7.06 0.26 5.52
N GLN A 90 -7.76 0.62 6.60
CA GLN A 90 -7.14 0.71 7.91
C GLN A 90 -6.59 -0.64 8.35
N GLU A 91 -7.41 -1.67 8.18
CA GLU A 91 -7.01 -3.03 8.56
C GLU A 91 -5.89 -3.53 7.66
N ALA A 92 -5.95 -3.19 6.39
CA ALA A 92 -4.93 -3.59 5.42
C ALA A 92 -3.58 -2.95 5.75
N VAL A 93 -3.60 -1.66 6.04
CA VAL A 93 -2.38 -0.94 6.40
C VAL A 93 -1.77 -1.52 7.66
N LEU A 94 -2.61 -1.84 8.63
CA LEU A 94 -2.16 -2.45 9.88
C LEU A 94 -1.50 -3.79 9.61
N GLN A 95 -2.11 -4.58 8.75
CA GLN A 95 -1.60 -5.91 8.42
C GLN A 95 -0.23 -5.81 7.76
N LEU A 96 -0.06 -4.85 6.86
CA LEU A 96 1.20 -4.65 6.16
C LEU A 96 2.32 -4.29 7.15
N ILE A 97 2.05 -3.34 8.02
CA ILE A 97 3.04 -2.90 8.99
C ILE A 97 3.31 -3.99 10.02
N GLU A 98 2.31 -4.82 10.29
CA GLU A 98 2.45 -5.95 11.20
C GLU A 98 3.41 -6.97 10.63
N VAL A 99 3.26 -7.26 9.34
CA VAL A 99 4.16 -8.17 8.65
C VAL A 99 5.59 -7.63 8.69
N GLN A 100 5.74 -6.32 8.49
CA GLN A 100 7.04 -5.68 8.54
C GLN A 100 7.67 -5.85 9.91
N LEU A 101 6.91 -5.54 10.96
CA LEU A 101 7.41 -5.60 12.32
C LEU A 101 7.60 -7.04 12.79
N ALA A 102 6.83 -7.95 12.24
CA ALA A 102 6.93 -9.37 12.60
C ALA A 102 8.14 -10.01 11.95
N GLN A 103 8.43 -9.62 10.72
CA GLN A 103 9.54 -10.16 9.97
C GLN A 103 10.85 -9.47 10.38
N GLU A 104 10.88 -8.15 10.24
CA GLU A 104 12.06 -7.34 10.57
C GLU A 104 13.31 -7.87 9.87
N GLU A 105 13.15 -8.27 8.62
CA GLU A 105 14.26 -8.83 7.85
C GLU A 105 13.98 -8.68 6.36
N VAL A 106 14.79 -7.88 5.69
CA VAL A 106 14.64 -7.67 4.25
C VAL A 106 15.51 -8.67 3.50
N THR A 107 15.01 -9.89 3.38
CA THR A 107 15.73 -10.94 2.69
C THR A 107 15.63 -10.78 1.17
N GLU A 108 16.58 -10.07 0.59
CA GLU A 108 16.60 -9.81 -0.84
C GLU A 108 18.00 -10.06 -1.38
N SER A 109 18.25 -11.29 -1.82
CA SER A 109 19.56 -11.67 -2.32
C SER A 109 19.44 -12.53 -3.58
N ARG A 110 18.92 -11.93 -4.65
CA ARG A 110 18.75 -12.63 -5.92
C ARG A 110 18.38 -11.66 -7.03
N SER A 111 18.86 -11.94 -8.23
CA SER A 111 18.56 -11.09 -9.38
C SER A 111 17.17 -11.43 -9.93
N MET A 1 -9.01 11.94 13.57
CA MET A 1 -9.78 10.71 13.88
C MET A 1 -8.86 9.60 14.32
N GLU A 2 -7.85 9.31 13.50
CA GLU A 2 -6.90 8.25 13.79
C GLU A 2 -5.67 8.39 12.88
N ARG A 3 -4.51 8.02 13.41
CA ARG A 3 -3.27 8.08 12.64
C ARG A 3 -2.61 6.71 12.64
N LEU A 4 -2.93 5.91 11.62
CA LEU A 4 -2.41 4.55 11.51
C LEU A 4 -0.92 4.53 11.22
N LEU A 5 -0.44 5.58 10.57
CA LEU A 5 0.94 5.63 10.12
C LEU A 5 1.73 6.66 10.92
N ASP A 6 1.20 7.89 10.95
CA ASP A 6 1.83 9.03 11.63
C ASP A 6 3.10 9.49 10.91
N ASP A 7 4.08 8.59 10.82
CA ASP A 7 5.32 8.87 10.12
C ASP A 7 5.80 7.61 9.40
N VAL A 8 5.00 7.13 8.47
CA VAL A 8 5.35 5.93 7.71
C VAL A 8 5.33 6.24 6.21
N CYS A 9 6.41 5.92 5.53
CA CYS A 9 6.56 6.25 4.12
C CYS A 9 5.94 5.18 3.22
N VAL A 10 5.00 5.60 2.40
CA VAL A 10 4.27 4.71 1.51
C VAL A 10 4.36 5.22 0.07
N MET A 11 4.89 4.39 -0.83
CA MET A 11 5.00 4.79 -2.22
C MET A 11 3.68 4.58 -2.94
N VAL A 12 3.15 5.64 -3.52
CA VAL A 12 1.86 5.57 -4.19
C VAL A 12 2.04 5.57 -5.71
N ASP A 13 1.56 4.51 -6.34
CA ASP A 13 1.58 4.38 -7.79
C ASP A 13 0.21 3.93 -8.27
N VAL A 14 -0.66 4.88 -8.53
CA VAL A 14 -2.03 4.59 -8.93
C VAL A 14 -2.33 5.15 -10.31
N THR A 15 -2.79 4.30 -11.21
CA THR A 15 -3.08 4.70 -12.58
C THR A 15 -4.42 5.44 -12.66
N SER A 16 -5.37 5.03 -11.84
CA SER A 16 -6.64 5.73 -11.76
C SER A 16 -6.46 7.04 -11.01
N ALA A 17 -6.31 8.14 -11.75
CA ALA A 17 -6.01 9.45 -11.17
C ALA A 17 -6.97 9.81 -10.04
N GLU A 18 -8.27 9.65 -10.28
CA GLU A 18 -9.28 10.04 -9.30
C GLU A 18 -9.18 9.18 -8.05
N ILE A 19 -8.91 7.90 -8.24
CA ILE A 19 -8.79 6.97 -7.13
C ILE A 19 -7.54 7.31 -6.32
N ARG A 20 -6.49 7.72 -7.02
CA ARG A 20 -5.25 8.13 -6.38
C ARG A 20 -5.49 9.33 -5.48
N ASN A 21 -6.23 10.31 -5.98
CA ASN A 21 -6.53 11.53 -5.23
C ASN A 21 -7.18 11.19 -3.88
N ILE A 22 -8.22 10.37 -3.94
CA ILE A 22 -8.98 9.99 -2.75
C ILE A 22 -8.11 9.20 -1.79
N VAL A 23 -7.40 8.20 -2.30
CA VAL A 23 -6.57 7.34 -1.45
C VAL A 23 -5.42 8.12 -0.82
N THR A 24 -4.87 9.09 -1.56
CA THR A 24 -3.75 9.87 -1.06
C THR A 24 -4.15 10.63 0.20
N ARG A 25 -5.30 11.30 0.13
CA ARG A 25 -5.80 12.05 1.26
C ARG A 25 -6.06 11.14 2.46
N GLN A 26 -6.47 9.91 2.19
CA GLN A 26 -6.75 8.94 3.24
C GLN A 26 -5.48 8.55 3.99
N LEU A 27 -4.46 8.12 3.26
CA LEU A 27 -3.20 7.72 3.89
C LEU A 27 -2.55 8.91 4.57
N GLU A 28 -2.69 10.07 3.96
CA GLU A 28 -2.14 11.31 4.50
C GLU A 28 -2.83 11.66 5.82
N ASN A 29 -4.12 11.36 5.90
CA ASN A 29 -4.89 11.59 7.12
C ASN A 29 -4.42 10.67 8.22
N TRP A 30 -3.83 9.55 7.81
CA TRP A 30 -3.28 8.58 8.75
C TRP A 30 -1.82 8.89 9.06
N GLY A 31 -1.20 9.75 8.27
CA GLY A 31 0.18 10.11 8.49
C GLY A 31 1.15 9.30 7.65
N ALA A 32 0.75 8.99 6.43
CA ALA A 32 1.62 8.25 5.53
C ALA A 32 2.26 9.19 4.51
N THR A 33 3.59 9.22 4.50
CA THR A 33 4.32 10.01 3.52
C THR A 33 4.15 9.39 2.14
N CYS A 34 3.28 9.97 1.34
CA CYS A 34 3.02 9.45 0.01
C CYS A 34 4.18 9.82 -0.91
N ILE A 35 4.87 8.81 -1.41
CA ILE A 35 6.00 9.02 -2.30
C ILE A 35 5.57 8.79 -3.74
N THR A 36 6.21 9.51 -4.65
CA THR A 36 5.86 9.47 -6.05
C THR A 36 6.64 8.36 -6.75
N PRO A 37 6.04 7.72 -7.76
CA PRO A 37 6.67 6.65 -8.52
C PRO A 37 8.10 6.99 -8.96
N ASP A 38 9.07 6.48 -8.22
CA ASP A 38 10.47 6.55 -8.59
C ASP A 38 10.66 6.19 -10.07
N GLU A 39 11.48 6.96 -10.76
CA GLU A 39 11.66 6.77 -12.19
C GLU A 39 13.12 6.51 -12.54
N ARG A 40 13.90 6.02 -11.59
CA ARG A 40 15.32 5.79 -11.83
C ARG A 40 15.78 4.44 -11.28
N LEU A 41 15.18 4.02 -10.18
CA LEU A 41 15.57 2.78 -9.55
C LEU A 41 14.69 1.62 -10.05
N ILE A 42 13.55 1.44 -9.39
CA ILE A 42 12.66 0.31 -9.63
C ILE A 42 11.70 0.20 -8.45
N SER A 43 12.18 0.69 -7.31
CA SER A 43 11.42 0.73 -6.07
C SER A 43 12.22 1.47 -5.02
N GLN A 44 11.73 2.61 -4.58
CA GLN A 44 12.41 3.40 -3.57
C GLN A 44 12.27 2.76 -2.21
N ASP A 45 12.86 3.36 -1.20
CA ASP A 45 12.82 2.80 0.14
C ASP A 45 11.53 3.20 0.85
N TYR A 46 10.58 2.29 0.85
CA TYR A 46 9.30 2.51 1.50
C TYR A 46 9.01 1.39 2.48
N ASP A 47 8.00 1.58 3.32
CA ASP A 47 7.58 0.53 4.24
C ASP A 47 6.38 -0.20 3.65
N ILE A 48 5.45 0.57 3.11
CA ILE A 48 4.27 0.03 2.48
C ILE A 48 4.20 0.49 1.02
N PHE A 49 3.83 -0.42 0.13
CA PHE A 49 3.63 -0.07 -1.27
C PHE A 49 2.14 0.01 -1.56
N LEU A 50 1.73 1.13 -2.13
CA LEU A 50 0.33 1.35 -2.47
C LEU A 50 0.19 1.49 -3.99
N THR A 51 -0.51 0.58 -4.62
CA THR A 51 -0.64 0.60 -6.06
C THR A 51 -2.05 0.22 -6.49
N ASP A 52 -2.47 0.72 -7.65
CA ASP A 52 -3.80 0.42 -8.17
C ASP A 52 -3.71 -0.71 -9.19
N ASN A 53 -4.53 -1.74 -8.99
CA ASN A 53 -4.53 -2.94 -9.82
C ASN A 53 -3.31 -3.82 -9.53
N PRO A 54 -3.49 -5.15 -9.49
CA PRO A 54 -2.43 -6.09 -9.12
C PRO A 54 -1.26 -6.09 -10.11
N SER A 55 -1.55 -5.69 -11.33
CA SER A 55 -0.56 -5.70 -12.41
C SER A 55 0.54 -4.66 -12.20
N ASN A 56 0.33 -3.75 -11.27
CA ASN A 56 1.29 -2.69 -11.01
C ASN A 56 2.15 -2.99 -9.78
N LEU A 57 1.78 -4.03 -9.04
CA LEU A 57 2.49 -4.39 -7.81
C LEU A 57 3.89 -4.91 -8.12
N THR A 58 4.88 -4.39 -7.40
CA THR A 58 6.27 -4.78 -7.61
C THR A 58 6.56 -6.15 -7.01
N ALA A 59 6.10 -6.37 -5.78
CA ALA A 59 6.36 -7.63 -5.09
C ALA A 59 5.28 -7.90 -4.06
N SER A 60 5.16 -7.01 -3.08
CA SER A 60 4.16 -7.15 -2.04
C SER A 60 3.65 -5.77 -1.63
N GLY A 61 2.49 -5.74 -1.00
CA GLY A 61 1.93 -4.47 -0.54
C GLY A 61 0.42 -4.46 -0.62
N LEU A 62 -0.14 -3.26 -0.67
CA LEU A 62 -1.58 -3.10 -0.72
C LEU A 62 -2.02 -2.67 -2.10
N LEU A 63 -2.90 -3.44 -2.70
CA LEU A 63 -3.39 -3.15 -4.04
C LEU A 63 -4.83 -2.68 -3.99
N LEU A 64 -5.11 -1.62 -4.74
CA LEU A 64 -6.41 -1.00 -4.75
C LEU A 64 -7.35 -1.75 -5.67
N SER A 65 -8.47 -2.19 -5.12
CA SER A 65 -9.47 -2.93 -5.87
C SER A 65 -10.83 -2.27 -5.72
N ASP A 66 -11.39 -1.84 -6.84
CA ASP A 66 -12.70 -1.20 -6.86
C ASP A 66 -13.81 -2.24 -6.70
N ASP A 67 -13.45 -3.50 -6.89
CA ASP A 67 -14.41 -4.59 -6.82
C ASP A 67 -14.32 -5.31 -5.48
N GLU A 68 -13.48 -4.81 -4.58
CA GLU A 68 -13.28 -5.43 -3.29
C GLU A 68 -14.36 -5.01 -2.30
N SER A 69 -14.74 -5.94 -1.44
CA SER A 69 -15.76 -5.68 -0.43
C SER A 69 -15.13 -5.33 0.91
N GLY A 70 -13.80 -5.23 0.92
CA GLY A 70 -13.08 -4.90 2.13
C GLY A 70 -11.59 -5.07 1.95
N VAL A 71 -11.00 -5.95 2.75
CA VAL A 71 -9.58 -6.26 2.62
C VAL A 71 -9.37 -7.78 2.63
N ARG A 72 -8.64 -8.28 1.65
CA ARG A 72 -8.37 -9.70 1.55
C ARG A 72 -6.93 -9.95 1.10
N GLU A 73 -6.42 -11.15 1.34
CA GLU A 73 -5.15 -11.56 0.79
C GLU A 73 -5.38 -12.64 -0.25
N ILE A 74 -5.17 -12.30 -1.51
CA ILE A 74 -5.38 -13.27 -2.60
C ILE A 74 -4.20 -14.23 -2.66
N GLY A 75 -3.02 -13.67 -2.81
CA GLY A 75 -1.81 -14.44 -2.75
C GLY A 75 -0.89 -13.88 -1.69
N PRO A 76 0.07 -14.66 -1.20
CA PRO A 76 0.97 -14.21 -0.14
C PRO A 76 1.65 -12.88 -0.48
N GLY A 77 1.41 -11.88 0.34
CA GLY A 77 2.03 -10.58 0.14
C GLY A 77 1.20 -9.65 -0.73
N GLN A 78 0.20 -10.20 -1.41
CA GLN A 78 -0.66 -9.41 -2.27
C GLN A 78 -2.04 -9.27 -1.65
N LEU A 79 -2.41 -8.04 -1.30
CA LEU A 79 -3.65 -7.80 -0.59
C LEU A 79 -4.57 -6.88 -1.38
N CYS A 80 -5.76 -7.39 -1.68
CA CYS A 80 -6.78 -6.62 -2.37
C CYS A 80 -7.61 -5.84 -1.36
N VAL A 81 -7.63 -4.52 -1.48
CA VAL A 81 -8.37 -3.70 -0.55
C VAL A 81 -9.11 -2.59 -1.28
N ASN A 82 -10.32 -2.29 -0.84
CA ASN A 82 -11.10 -1.20 -1.40
C ASN A 82 -10.67 0.12 -0.78
N PHE A 83 -10.37 1.09 -1.63
CA PHE A 83 -9.85 2.38 -1.19
C PHE A 83 -10.88 3.18 -0.41
N ASN A 84 -12.16 3.03 -0.76
CA ASN A 84 -13.21 3.84 -0.15
C ASN A 84 -13.58 3.33 1.24
N MET A 85 -13.15 2.12 1.55
CA MET A 85 -13.44 1.54 2.84
C MET A 85 -12.30 1.82 3.81
N SER A 86 -12.35 2.99 4.43
CA SER A 86 -11.31 3.42 5.36
C SER A 86 -11.16 2.44 6.52
N ASN A 87 -12.25 1.79 6.89
CA ASN A 87 -12.21 0.80 7.95
C ASN A 87 -11.34 -0.38 7.57
N ALA A 88 -11.67 -1.01 6.45
CA ALA A 88 -10.93 -2.17 5.97
C ALA A 88 -9.51 -1.77 5.59
N MET A 89 -9.37 -0.56 5.07
CA MET A 89 -8.06 -0.03 4.69
C MET A 89 -7.18 0.17 5.93
N GLN A 90 -7.82 0.46 7.05
CA GLN A 90 -7.11 0.64 8.32
C GLN A 90 -6.46 -0.66 8.77
N GLU A 91 -7.24 -1.74 8.75
CA GLU A 91 -6.74 -3.05 9.14
C GLU A 91 -5.74 -3.55 8.12
N ALA A 92 -5.98 -3.21 6.86
CA ALA A 92 -5.05 -3.53 5.78
C ALA A 92 -3.68 -2.90 6.04
N VAL A 93 -3.69 -1.61 6.37
CA VAL A 93 -2.46 -0.90 6.68
C VAL A 93 -1.76 -1.52 7.89
N LEU A 94 -2.56 -1.86 8.89
CA LEU A 94 -2.05 -2.51 10.09
C LEU A 94 -1.36 -3.82 9.75
N GLN A 95 -2.02 -4.63 8.92
CA GLN A 95 -1.48 -5.91 8.49
C GLN A 95 -0.12 -5.73 7.82
N LEU A 96 -0.04 -4.78 6.91
CA LEU A 96 1.19 -4.49 6.19
C LEU A 96 2.30 -4.09 7.15
N ILE A 97 1.96 -3.25 8.12
CA ILE A 97 2.93 -2.79 9.12
C ILE A 97 3.44 -3.95 9.97
N GLU A 98 2.53 -4.84 10.35
CA GLU A 98 2.89 -5.98 11.20
C GLU A 98 3.77 -6.96 10.43
N VAL A 99 3.38 -7.25 9.19
CA VAL A 99 4.15 -8.16 8.34
C VAL A 99 5.55 -7.62 8.09
N GLN A 100 5.64 -6.33 7.78
CA GLN A 100 6.93 -5.69 7.55
C GLN A 100 7.80 -5.75 8.80
N LEU A 101 7.20 -5.42 9.94
CA LEU A 101 7.93 -5.38 11.22
C LEU A 101 8.35 -6.78 11.65
N ALA A 102 7.57 -7.78 11.25
CA ALA A 102 7.88 -9.16 11.60
C ALA A 102 8.95 -9.74 10.68
N GLN A 103 8.90 -9.36 9.41
CA GLN A 103 9.84 -9.87 8.42
C GLN A 103 11.19 -9.17 8.56
N GLU A 104 11.24 -7.89 8.18
CA GLU A 104 12.48 -7.11 8.19
C GLU A 104 13.57 -7.80 7.39
N GLU A 105 13.18 -8.43 6.29
CA GLU A 105 14.10 -9.15 5.43
C GLU A 105 13.66 -9.02 3.98
N VAL A 106 14.61 -9.09 3.05
CA VAL A 106 14.30 -8.95 1.64
C VAL A 106 14.65 -10.23 0.89
N THR A 107 14.63 -10.17 -0.43
CA THR A 107 14.93 -11.33 -1.25
C THR A 107 16.44 -11.52 -1.44
N GLU A 108 17.13 -11.84 -0.35
CA GLU A 108 18.56 -12.12 -0.41
C GLU A 108 18.78 -13.56 -0.86
N SER A 109 18.81 -13.75 -2.18
CA SER A 109 18.94 -15.08 -2.76
C SER A 109 20.36 -15.61 -2.61
N ARG A 110 21.27 -15.07 -3.41
CA ARG A 110 22.64 -15.55 -3.45
C ARG A 110 23.49 -14.61 -4.28
N SER A 111 24.80 -14.70 -4.10
CA SER A 111 25.77 -13.92 -4.89
C SER A 111 25.59 -12.42 -4.65
N MET A 1 -8.50 9.73 18.89
CA MET A 1 -7.07 9.52 18.56
C MET A 1 -6.92 8.35 17.61
N GLU A 2 -5.93 8.43 16.72
CA GLU A 2 -5.69 7.39 15.74
C GLU A 2 -4.31 7.55 15.11
N ARG A 3 -4.27 8.02 13.86
CA ARG A 3 -3.03 8.19 13.11
C ARG A 3 -2.24 6.88 13.07
N LEU A 4 -2.65 5.99 12.18
CA LEU A 4 -2.07 4.65 12.11
C LEU A 4 -0.60 4.72 11.70
N LEU A 5 -0.26 5.68 10.86
CA LEU A 5 1.10 5.80 10.36
C LEU A 5 1.85 6.93 11.08
N ASP A 6 1.14 8.05 11.29
CA ASP A 6 1.70 9.25 11.92
C ASP A 6 2.70 9.95 11.00
N ASP A 7 3.79 9.26 10.68
CA ASP A 7 4.77 9.76 9.72
C ASP A 7 5.52 8.59 9.10
N VAL A 8 4.77 7.71 8.46
CA VAL A 8 5.34 6.50 7.85
C VAL A 8 5.43 6.67 6.34
N CYS A 9 6.56 6.29 5.77
CA CYS A 9 6.81 6.45 4.34
C CYS A 9 6.09 5.37 3.53
N VAL A 10 5.13 5.80 2.72
CA VAL A 10 4.33 4.88 1.92
C VAL A 10 4.48 5.22 0.43
N MET A 11 4.99 4.27 -0.34
CA MET A 11 5.12 4.46 -1.77
C MET A 11 3.83 4.04 -2.45
N VAL A 12 3.11 5.01 -3.00
CA VAL A 12 1.80 4.75 -3.57
C VAL A 12 1.79 5.05 -5.07
N ASP A 13 1.36 4.07 -5.85
CA ASP A 13 1.16 4.24 -7.28
C ASP A 13 -0.28 3.94 -7.63
N VAL A 14 -0.93 4.88 -8.29
CA VAL A 14 -2.32 4.70 -8.68
C VAL A 14 -2.49 5.01 -10.16
N THR A 15 -3.04 4.06 -10.90
CA THR A 15 -3.27 4.23 -12.32
C THR A 15 -4.48 5.12 -12.57
N SER A 16 -5.47 5.00 -11.69
CA SER A 16 -6.67 5.81 -11.77
C SER A 16 -6.44 7.19 -11.16
N ALA A 17 -6.53 8.22 -11.98
CA ALA A 17 -6.25 9.59 -11.55
C ALA A 17 -7.14 10.03 -10.39
N GLU A 18 -8.43 9.80 -10.52
CA GLU A 18 -9.39 10.23 -9.49
C GLU A 18 -9.20 9.42 -8.21
N ILE A 19 -9.01 8.12 -8.36
CA ILE A 19 -8.81 7.26 -7.20
C ILE A 19 -7.54 7.66 -6.46
N ARG A 20 -6.52 8.04 -7.22
CA ARG A 20 -5.25 8.48 -6.65
C ARG A 20 -5.46 9.66 -5.70
N ASN A 21 -6.22 10.65 -6.16
CA ASN A 21 -6.46 11.84 -5.35
C ASN A 21 -7.14 11.49 -4.04
N ILE A 22 -8.15 10.63 -4.10
CA ILE A 22 -8.90 10.24 -2.92
C ILE A 22 -8.03 9.46 -1.93
N VAL A 23 -7.31 8.46 -2.44
CA VAL A 23 -6.49 7.61 -1.58
C VAL A 23 -5.36 8.42 -0.95
N THR A 24 -4.84 9.42 -1.68
CA THR A 24 -3.81 10.29 -1.15
C THR A 24 -4.30 10.98 0.13
N ARG A 25 -5.51 11.52 0.06
CA ARG A 25 -6.12 12.20 1.21
C ARG A 25 -6.27 11.25 2.39
N GLN A 26 -6.53 9.98 2.10
CA GLN A 26 -6.72 8.97 3.13
C GLN A 26 -5.43 8.71 3.89
N LEU A 27 -4.34 8.43 3.16
CA LEU A 27 -3.05 8.17 3.80
C LEU A 27 -2.54 9.42 4.51
N GLU A 28 -2.80 10.58 3.92
CA GLU A 28 -2.38 11.85 4.50
C GLU A 28 -3.02 12.05 5.87
N ASN A 29 -4.25 11.59 6.02
CA ASN A 29 -4.98 11.72 7.28
C ASN A 29 -4.42 10.76 8.33
N TRP A 30 -3.84 9.67 7.86
CA TRP A 30 -3.26 8.67 8.74
C TRP A 30 -1.82 9.03 9.10
N GLY A 31 -1.24 9.93 8.33
CA GLY A 31 0.14 10.32 8.55
C GLY A 31 1.10 9.50 7.71
N ALA A 32 0.82 9.37 6.43
CA ALA A 32 1.67 8.63 5.53
C ALA A 32 2.27 9.53 4.47
N THR A 33 3.58 9.46 4.31
CA THR A 33 4.27 10.21 3.28
C THR A 33 4.11 9.52 1.94
N CYS A 34 3.32 10.11 1.05
CA CYS A 34 3.04 9.51 -0.25
C CYS A 34 4.21 9.73 -1.20
N ILE A 35 4.98 8.66 -1.43
CA ILE A 35 6.09 8.72 -2.36
C ILE A 35 5.73 7.97 -3.63
N THR A 36 6.50 8.19 -4.69
CA THR A 36 6.25 7.54 -5.96
C THR A 36 7.24 6.40 -6.17
N PRO A 37 6.76 5.21 -6.52
CA PRO A 37 7.62 4.05 -6.79
C PRO A 37 8.68 4.37 -7.83
N ASP A 38 9.88 4.65 -7.34
CA ASP A 38 11.04 5.01 -8.17
C ASP A 38 11.03 4.33 -9.53
N GLU A 39 10.97 5.14 -10.56
CA GLU A 39 10.80 4.66 -11.92
C GLU A 39 12.13 4.22 -12.54
N ARG A 40 13.23 4.57 -11.90
CA ARG A 40 14.55 4.22 -12.43
C ARG A 40 15.26 3.22 -11.53
N LEU A 41 14.90 3.20 -10.26
CA LEU A 41 15.45 2.22 -9.32
C LEU A 41 14.47 1.06 -9.16
N ILE A 42 13.36 1.14 -9.88
CA ILE A 42 12.29 0.13 -9.82
C ILE A 42 11.48 0.29 -8.54
N SER A 43 12.17 0.36 -7.41
CA SER A 43 11.53 0.54 -6.11
C SER A 43 12.59 0.78 -5.04
N GLN A 44 12.37 1.76 -4.20
CA GLN A 44 13.24 2.00 -3.06
C GLN A 44 12.65 1.31 -1.84
N ASP A 45 13.39 1.24 -0.74
CA ASP A 45 12.90 0.58 0.45
C ASP A 45 11.81 1.42 1.12
N TYR A 46 10.63 0.86 1.23
CA TYR A 46 9.48 1.55 1.78
C TYR A 46 8.94 0.79 3.00
N ASP A 47 8.08 1.43 3.76
CA ASP A 47 7.43 0.77 4.89
C ASP A 47 6.14 0.11 4.40
N ILE A 48 5.33 0.90 3.72
CA ILE A 48 4.10 0.40 3.14
C ILE A 48 4.09 0.68 1.64
N PHE A 49 3.56 -0.26 0.88
CA PHE A 49 3.48 -0.12 -0.57
C PHE A 49 2.03 -0.18 -1.03
N LEU A 50 1.61 0.80 -1.79
CA LEU A 50 0.25 0.86 -2.29
C LEU A 50 0.26 0.92 -3.81
N THR A 51 -0.62 0.16 -4.45
CA THR A 51 -0.73 0.21 -5.90
C THR A 51 -2.16 -0.12 -6.34
N ASP A 52 -2.74 0.78 -7.11
CA ASP A 52 -4.09 0.58 -7.66
C ASP A 52 -4.01 -0.39 -8.82
N ASN A 53 -4.73 -1.51 -8.71
CA ASN A 53 -4.65 -2.59 -9.68
C ASN A 53 -3.27 -3.28 -9.61
N PRO A 54 -3.20 -4.60 -9.83
CA PRO A 54 -1.92 -5.34 -9.86
C PRO A 54 -1.04 -4.95 -11.06
N SER A 55 -0.86 -3.65 -11.26
CA SER A 55 -0.08 -3.14 -12.37
C SER A 55 1.38 -2.93 -11.98
N ASN A 56 1.64 -1.96 -11.12
CA ASN A 56 3.01 -1.55 -10.80
C ASN A 56 3.51 -2.20 -9.51
N LEU A 57 2.82 -3.23 -9.04
CA LEU A 57 3.23 -3.94 -7.84
C LEU A 57 4.57 -4.63 -8.07
N THR A 58 5.58 -4.20 -7.33
CA THR A 58 6.92 -4.77 -7.46
C THR A 58 6.93 -6.25 -7.10
N ALA A 59 6.26 -6.58 -6.00
CA ALA A 59 6.18 -7.96 -5.54
C ALA A 59 5.07 -8.11 -4.52
N SER A 60 5.20 -7.40 -3.41
CA SER A 60 4.22 -7.44 -2.34
C SER A 60 3.75 -6.04 -2.01
N GLY A 61 2.53 -5.93 -1.50
CA GLY A 61 1.98 -4.66 -1.12
C GLY A 61 0.46 -4.70 -1.10
N LEU A 62 -0.15 -3.54 -1.02
CA LEU A 62 -1.60 -3.43 -0.99
C LEU A 62 -2.11 -3.02 -2.35
N LEU A 63 -2.94 -3.86 -2.94
CA LEU A 63 -3.50 -3.58 -4.25
C LEU A 63 -4.93 -3.07 -4.10
N LEU A 64 -5.21 -1.95 -4.75
CA LEU A 64 -6.51 -1.32 -4.64
C LEU A 64 -7.51 -1.97 -5.57
N SER A 65 -8.69 -2.26 -5.05
CA SER A 65 -9.76 -2.83 -5.83
C SER A 65 -11.08 -2.16 -5.48
N ASP A 66 -11.90 -1.91 -6.48
CA ASP A 66 -13.21 -1.31 -6.26
C ASP A 66 -14.27 -2.40 -6.11
N ASP A 67 -13.87 -3.63 -6.40
CA ASP A 67 -14.79 -4.77 -6.37
C ASP A 67 -14.72 -5.51 -5.05
N GLU A 68 -13.69 -5.21 -4.27
CA GLU A 68 -13.49 -5.89 -3.00
C GLU A 68 -14.42 -5.34 -1.93
N SER A 69 -14.84 -6.21 -1.02
CA SER A 69 -15.73 -5.82 0.06
C SER A 69 -14.94 -5.30 1.27
N GLY A 70 -13.62 -5.41 1.20
CA GLY A 70 -12.79 -4.97 2.29
C GLY A 70 -11.32 -5.19 2.00
N VAL A 71 -10.63 -5.86 2.90
CA VAL A 71 -9.24 -6.23 2.71
C VAL A 71 -9.10 -7.75 2.70
N ARG A 72 -8.54 -8.28 1.64
CA ARG A 72 -8.47 -9.72 1.44
C ARG A 72 -7.06 -10.16 1.06
N GLU A 73 -6.66 -11.33 1.51
CA GLU A 73 -5.37 -11.90 1.13
C GLU A 73 -5.56 -12.92 0.01
N ILE A 74 -4.83 -12.74 -1.07
CA ILE A 74 -4.94 -13.65 -2.21
C ILE A 74 -3.67 -14.47 -2.38
N GLY A 75 -2.59 -13.79 -2.74
CA GLY A 75 -1.32 -14.46 -2.90
C GLY A 75 -0.34 -14.02 -1.84
N PRO A 76 0.90 -14.53 -1.86
CA PRO A 76 1.91 -14.13 -0.88
C PRO A 76 2.26 -12.65 -0.99
N GLY A 77 2.01 -11.91 0.07
CA GLY A 77 2.25 -10.49 0.06
C GLY A 77 1.30 -9.72 -0.84
N GLN A 78 0.21 -10.37 -1.24
CA GLN A 78 -0.76 -9.74 -2.13
C GLN A 78 -2.12 -9.64 -1.45
N LEU A 79 -2.63 -8.43 -1.33
CA LEU A 79 -3.90 -8.19 -0.66
C LEU A 79 -4.76 -7.20 -1.44
N CYS A 80 -5.99 -7.59 -1.72
CA CYS A 80 -6.93 -6.70 -2.41
C CYS A 80 -7.73 -5.92 -1.39
N VAL A 81 -7.60 -4.61 -1.41
CA VAL A 81 -8.31 -3.76 -0.47
C VAL A 81 -9.10 -2.67 -1.19
N ASN A 82 -10.30 -2.40 -0.71
CA ASN A 82 -11.13 -1.35 -1.30
C ASN A 82 -10.78 0.00 -0.72
N PHE A 83 -10.49 0.95 -1.61
CA PHE A 83 -10.10 2.30 -1.20
C PHE A 83 -11.28 3.06 -0.62
N ASN A 84 -12.49 2.63 -0.96
CA ASN A 84 -13.70 3.28 -0.50
C ASN A 84 -13.93 2.98 0.99
N MET A 85 -13.42 1.85 1.44
CA MET A 85 -13.56 1.45 2.82
C MET A 85 -12.32 1.81 3.62
N SER A 86 -12.36 2.99 4.25
CA SER A 86 -11.24 3.45 5.06
C SER A 86 -10.94 2.48 6.20
N ASN A 87 -12.00 1.86 6.73
CA ASN A 87 -11.86 0.88 7.80
C ASN A 87 -11.05 -0.31 7.33
N ALA A 88 -11.38 -0.78 6.13
CA ALA A 88 -10.69 -1.94 5.56
C ALA A 88 -9.26 -1.61 5.20
N MET A 89 -9.05 -0.40 4.67
CA MET A 89 -7.71 0.05 4.32
C MET A 89 -6.85 0.20 5.58
N GLN A 90 -7.50 0.53 6.70
CA GLN A 90 -6.83 0.59 7.99
C GLN A 90 -6.28 -0.77 8.37
N GLU A 91 -7.10 -1.80 8.23
CA GLU A 91 -6.69 -3.17 8.52
C GLU A 91 -5.61 -3.61 7.55
N ALA A 92 -5.71 -3.14 6.31
CA ALA A 92 -4.74 -3.46 5.28
C ALA A 92 -3.37 -2.89 5.63
N VAL A 93 -3.34 -1.63 6.04
CA VAL A 93 -2.09 -0.96 6.40
C VAL A 93 -1.46 -1.61 7.63
N LEU A 94 -2.29 -2.06 8.56
CA LEU A 94 -1.83 -2.74 9.76
C LEU A 94 -1.25 -4.10 9.38
N GLN A 95 -1.97 -4.81 8.51
CA GLN A 95 -1.56 -6.14 8.07
C GLN A 95 -0.24 -6.07 7.31
N LEU A 96 -0.07 -5.03 6.51
CA LEU A 96 1.14 -4.83 5.74
C LEU A 96 2.34 -4.62 6.66
N ILE A 97 2.15 -3.77 7.68
CA ILE A 97 3.22 -3.49 8.63
C ILE A 97 3.55 -4.75 9.44
N GLU A 98 2.52 -5.56 9.71
CA GLU A 98 2.69 -6.79 10.46
C GLU A 98 3.47 -7.83 9.64
N VAL A 99 3.05 -8.02 8.40
CA VAL A 99 3.68 -9.00 7.52
C VAL A 99 5.12 -8.59 7.18
N GLN A 100 5.36 -7.29 7.15
CA GLN A 100 6.70 -6.76 6.93
C GLN A 100 7.62 -7.18 8.06
N LEU A 101 7.19 -6.92 9.28
CA LEU A 101 7.98 -7.25 10.47
C LEU A 101 8.08 -8.76 10.65
N ALA A 102 7.02 -9.47 10.27
CA ALA A 102 6.99 -10.93 10.38
C ALA A 102 8.00 -11.58 9.44
N GLN A 103 8.28 -10.90 8.34
CA GLN A 103 9.22 -11.38 7.35
C GLN A 103 10.64 -10.95 7.69
N GLU A 104 10.90 -9.65 7.56
CA GLU A 104 12.22 -9.06 7.82
C GLU A 104 13.28 -9.63 6.87
N GLU A 105 12.84 -10.24 5.78
CA GLU A 105 13.74 -10.83 4.81
C GLU A 105 13.12 -10.75 3.42
N VAL A 106 13.93 -10.95 2.39
CA VAL A 106 13.45 -10.88 1.02
C VAL A 106 13.79 -12.17 0.27
N THR A 107 12.79 -13.01 0.09
CA THR A 107 12.97 -14.26 -0.63
C THR A 107 12.48 -14.14 -2.06
N GLU A 108 12.87 -13.08 -2.74
CA GLU A 108 12.48 -12.86 -4.12
C GLU A 108 13.52 -13.46 -5.05
N SER A 109 13.69 -14.76 -4.96
CA SER A 109 14.64 -15.49 -5.78
C SER A 109 14.04 -15.81 -7.14
N ARG A 110 13.94 -14.80 -7.99
CA ARG A 110 13.37 -14.95 -9.32
C ARG A 110 14.12 -16.01 -10.11
N SER A 111 13.47 -17.14 -10.33
CA SER A 111 14.07 -18.25 -11.06
C SER A 111 13.28 -18.51 -12.34
N MET A 1 -8.82 11.38 17.03
CA MET A 1 -8.23 10.96 15.74
C MET A 1 -7.09 9.98 15.98
N GLU A 2 -6.92 9.04 15.05
CA GLU A 2 -5.84 8.09 15.14
C GLU A 2 -4.93 8.19 13.93
N ARG A 3 -3.65 8.03 14.16
CA ARG A 3 -2.67 8.08 13.09
C ARG A 3 -2.07 6.69 12.91
N LEU A 4 -2.66 5.90 12.02
CA LEU A 4 -2.25 4.52 11.80
C LEU A 4 -0.84 4.45 11.24
N LEU A 5 -0.47 5.43 10.44
CA LEU A 5 0.86 5.47 9.85
C LEU A 5 1.79 6.31 10.72
N ASP A 6 1.44 7.58 10.88
CA ASP A 6 2.20 8.53 11.68
C ASP A 6 3.63 8.69 11.16
N ASP A 7 3.75 9.40 10.05
CA ASP A 7 5.03 9.68 9.41
C ASP A 7 5.67 8.41 8.89
N VAL A 8 4.91 7.64 8.13
CA VAL A 8 5.42 6.43 7.51
C VAL A 8 5.41 6.59 5.99
N CYS A 9 6.55 6.34 5.38
CA CYS A 9 6.72 6.53 3.95
C CYS A 9 5.92 5.50 3.15
N VAL A 10 4.96 5.98 2.38
CA VAL A 10 4.13 5.12 1.56
C VAL A 10 4.20 5.54 0.09
N MET A 11 4.71 4.66 -0.76
CA MET A 11 4.76 4.94 -2.19
C MET A 11 3.42 4.62 -2.82
N VAL A 12 2.87 5.59 -3.53
CA VAL A 12 1.54 5.43 -4.09
C VAL A 12 1.58 5.37 -5.62
N ASP A 13 1.51 4.16 -6.15
CA ASP A 13 1.52 3.93 -7.59
C ASP A 13 0.11 3.55 -8.04
N VAL A 14 -0.67 4.55 -8.42
CA VAL A 14 -2.06 4.34 -8.79
C VAL A 14 -2.31 4.84 -10.20
N THR A 15 -2.88 3.97 -11.03
CA THR A 15 -3.21 4.32 -12.40
C THR A 15 -4.38 5.31 -12.44
N SER A 16 -5.43 4.99 -11.72
CA SER A 16 -6.63 5.80 -11.70
C SER A 16 -6.39 7.08 -10.88
N ALA A 17 -6.32 8.21 -11.57
CA ALA A 17 -6.06 9.49 -10.94
C ALA A 17 -7.06 9.79 -9.82
N GLU A 18 -8.32 9.47 -10.07
CA GLU A 18 -9.37 9.68 -9.08
C GLU A 18 -9.07 8.92 -7.80
N ILE A 19 -8.83 7.63 -7.95
CA ILE A 19 -8.54 6.77 -6.83
C ILE A 19 -7.29 7.25 -6.10
N ARG A 20 -6.28 7.65 -6.87
CA ARG A 20 -5.01 8.11 -6.31
C ARG A 20 -5.21 9.26 -5.35
N ASN A 21 -5.99 10.25 -5.75
CA ASN A 21 -6.20 11.43 -4.91
C ASN A 21 -6.99 11.07 -3.65
N ILE A 22 -8.00 10.23 -3.82
CA ILE A 22 -8.85 9.82 -2.70
C ILE A 22 -8.03 9.04 -1.66
N VAL A 23 -7.25 8.07 -2.11
CA VAL A 23 -6.45 7.25 -1.21
C VAL A 23 -5.34 8.07 -0.57
N THR A 24 -4.78 9.03 -1.31
CA THR A 24 -3.76 9.90 -0.76
C THR A 24 -4.31 10.64 0.45
N ARG A 25 -5.51 11.20 0.30
CA ARG A 25 -6.17 11.90 1.39
C ARG A 25 -6.39 10.98 2.58
N GLN A 26 -6.61 9.70 2.30
CA GLN A 26 -6.87 8.72 3.33
C GLN A 26 -5.59 8.38 4.11
N LEU A 27 -4.54 7.96 3.40
CA LEU A 27 -3.27 7.62 4.06
C LEU A 27 -2.71 8.81 4.80
N GLU A 28 -2.79 9.97 4.18
CA GLU A 28 -2.24 11.19 4.75
C GLU A 28 -3.03 11.62 5.99
N ASN A 29 -4.31 11.23 6.04
CA ASN A 29 -5.11 11.43 7.25
C ASN A 29 -4.51 10.65 8.41
N TRP A 30 -3.91 9.52 8.09
CA TRP A 30 -3.24 8.67 9.07
C TRP A 30 -1.78 9.08 9.22
N GLY A 31 -1.33 9.99 8.36
CA GLY A 31 0.04 10.47 8.41
C GLY A 31 0.99 9.62 7.61
N ALA A 32 0.73 9.47 6.32
CA ALA A 32 1.63 8.74 5.45
C ALA A 32 2.35 9.69 4.50
N THR A 33 3.64 9.48 4.32
CA THR A 33 4.43 10.30 3.42
C THR A 33 4.27 9.80 2.00
N CYS A 34 3.54 10.56 1.20
CA CYS A 34 3.24 10.17 -0.18
C CYS A 34 4.49 10.24 -1.05
N ILE A 35 4.93 9.08 -1.54
CA ILE A 35 6.06 9.02 -2.45
C ILE A 35 5.59 8.67 -3.85
N THR A 36 6.18 9.31 -4.84
CA THR A 36 5.85 9.06 -6.23
C THR A 36 6.39 7.70 -6.68
N PRO A 37 5.78 7.08 -7.69
CA PRO A 37 6.17 5.75 -8.19
C PRO A 37 7.47 5.80 -9.00
N ASP A 38 8.49 6.43 -8.43
CA ASP A 38 9.81 6.59 -9.08
C ASP A 38 9.69 7.42 -10.35
N GLU A 39 10.84 7.73 -10.93
CA GLU A 39 10.88 8.53 -12.14
C GLU A 39 11.97 8.04 -13.09
N ARG A 40 12.80 7.11 -12.64
CA ARG A 40 13.92 6.63 -13.44
C ARG A 40 14.33 5.20 -13.10
N LEU A 41 14.13 4.80 -11.86
CA LEU A 41 14.56 3.47 -11.43
C LEU A 41 13.46 2.44 -11.70
N ILE A 42 12.53 2.33 -10.77
CA ILE A 42 11.43 1.37 -10.87
C ILE A 42 10.45 1.58 -9.72
N SER A 43 11.01 1.67 -8.52
CA SER A 43 10.26 1.94 -7.31
C SER A 43 11.23 2.37 -6.22
N GLN A 44 10.95 3.50 -5.60
CA GLN A 44 11.85 4.02 -4.58
C GLN A 44 11.51 3.38 -3.23
N ASP A 45 12.54 3.13 -2.43
CA ASP A 45 12.39 2.43 -1.16
C ASP A 45 11.30 3.06 -0.29
N TYR A 46 10.44 2.22 0.26
CA TYR A 46 9.28 2.67 1.00
C TYR A 46 9.04 1.79 2.22
N ASP A 47 8.21 2.26 3.14
CA ASP A 47 7.81 1.46 4.29
C ASP A 47 6.62 0.61 3.92
N ILE A 48 5.65 1.23 3.25
CA ILE A 48 4.46 0.53 2.78
C ILE A 48 4.21 0.87 1.31
N PHE A 49 3.84 -0.13 0.52
CA PHE A 49 3.56 0.07 -0.90
C PHE A 49 2.07 0.02 -1.15
N LEU A 50 1.56 1.05 -1.82
CA LEU A 50 0.16 1.09 -2.20
C LEU A 50 0.05 1.27 -3.71
N THR A 51 -0.69 0.39 -4.35
CA THR A 51 -0.81 0.41 -5.80
C THR A 51 -2.26 0.15 -6.21
N ASP A 52 -2.68 0.72 -7.32
CA ASP A 52 -4.01 0.46 -7.86
C ASP A 52 -3.88 -0.48 -9.04
N ASN A 53 -4.68 -1.56 -9.03
CA ASN A 53 -4.62 -2.60 -10.06
C ASN A 53 -3.35 -3.45 -9.89
N PRO A 54 -3.49 -4.79 -9.93
CA PRO A 54 -2.37 -5.71 -9.66
C PRO A 54 -1.15 -5.47 -10.55
N SER A 55 -1.39 -5.00 -11.76
CA SER A 55 -0.33 -4.83 -12.75
C SER A 55 0.71 -3.78 -12.33
N ASN A 56 0.31 -2.87 -11.44
CA ASN A 56 1.20 -1.78 -11.05
C ASN A 56 2.08 -2.19 -9.86
N LEU A 57 1.76 -3.32 -9.24
CA LEU A 57 2.50 -3.80 -8.09
C LEU A 57 3.88 -4.31 -8.51
N THR A 58 4.92 -3.75 -7.91
CA THR A 58 6.28 -4.16 -8.21
C THR A 58 6.59 -5.55 -7.66
N ALA A 59 6.19 -5.81 -6.42
CA ALA A 59 6.51 -7.07 -5.78
C ALA A 59 5.41 -7.48 -4.80
N SER A 60 5.21 -6.67 -3.77
CA SER A 60 4.24 -6.98 -2.74
C SER A 60 3.70 -5.68 -2.13
N GLY A 61 2.62 -5.78 -1.37
CA GLY A 61 2.05 -4.60 -0.75
C GLY A 61 0.54 -4.60 -0.81
N LEU A 62 -0.05 -3.42 -0.82
CA LEU A 62 -1.49 -3.29 -0.84
C LEU A 62 -1.96 -2.93 -2.25
N LEU A 63 -2.85 -3.75 -2.78
CA LEU A 63 -3.39 -3.53 -4.11
C LEU A 63 -4.85 -3.10 -4.00
N LEU A 64 -5.16 -1.99 -4.64
CA LEU A 64 -6.48 -1.41 -4.60
C LEU A 64 -7.40 -2.11 -5.59
N SER A 65 -8.55 -2.52 -5.08
CA SER A 65 -9.55 -3.21 -5.88
C SER A 65 -10.88 -2.47 -5.78
N ASP A 66 -11.65 -2.49 -6.86
CA ASP A 66 -12.93 -1.80 -6.90
C ASP A 66 -14.08 -2.78 -6.65
N ASP A 67 -13.76 -4.05 -6.77
CA ASP A 67 -14.74 -5.12 -6.59
C ASP A 67 -14.83 -5.55 -5.14
N GLU A 68 -13.69 -5.47 -4.44
CA GLU A 68 -13.60 -5.90 -3.05
C GLU A 68 -14.57 -5.13 -2.16
N SER A 69 -15.13 -5.81 -1.18
CA SER A 69 -16.01 -5.17 -0.22
C SER A 69 -15.18 -4.59 0.92
N GLY A 70 -14.00 -5.17 1.12
CA GLY A 70 -13.12 -4.71 2.17
C GLY A 70 -11.67 -4.99 1.83
N VAL A 71 -10.98 -5.67 2.73
CA VAL A 71 -9.59 -6.05 2.49
C VAL A 71 -9.45 -7.58 2.56
N ARG A 72 -8.89 -8.17 1.52
CA ARG A 72 -8.72 -9.62 1.47
C ARG A 72 -7.29 -9.97 1.06
N GLU A 73 -6.74 -10.99 1.70
CA GLU A 73 -5.41 -11.46 1.34
C GLU A 73 -5.52 -12.60 0.34
N ILE A 74 -5.13 -12.34 -0.90
CA ILE A 74 -5.16 -13.36 -1.94
C ILE A 74 -4.02 -14.34 -1.74
N GLY A 75 -2.90 -13.78 -1.35
CA GLY A 75 -1.74 -14.55 -0.96
C GLY A 75 -0.89 -13.72 -0.06
N PRO A 76 -0.39 -14.26 1.06
CA PRO A 76 0.33 -13.49 2.07
C PRO A 76 1.36 -12.52 1.46
N GLY A 77 1.17 -11.24 1.72
CA GLY A 77 2.02 -10.21 1.14
C GLY A 77 1.31 -9.45 0.04
N GLN A 78 0.15 -9.93 -0.37
CA GLN A 78 -0.65 -9.30 -1.42
C GLN A 78 -2.12 -9.24 -1.00
N LEU A 79 -2.66 -8.04 -0.90
CA LEU A 79 -4.03 -7.87 -0.43
C LEU A 79 -4.83 -6.98 -1.37
N CYS A 80 -6.04 -7.41 -1.71
CA CYS A 80 -6.95 -6.60 -2.47
C CYS A 80 -7.84 -5.83 -1.51
N VAL A 81 -7.73 -4.51 -1.52
CA VAL A 81 -8.48 -3.68 -0.58
C VAL A 81 -9.28 -2.61 -1.32
N ASN A 82 -10.53 -2.42 -0.89
CA ASN A 82 -11.37 -1.36 -1.43
C ASN A 82 -10.88 0.00 -0.93
N PHE A 83 -10.61 0.88 -1.87
CA PHE A 83 -10.03 2.19 -1.56
C PHE A 83 -11.02 3.12 -0.85
N ASN A 84 -12.31 2.93 -1.11
CA ASN A 84 -13.32 3.84 -0.61
C ASN A 84 -13.60 3.59 0.87
N MET A 85 -13.32 2.37 1.34
CA MET A 85 -13.54 2.05 2.74
C MET A 85 -12.27 2.30 3.55
N SER A 86 -12.28 3.37 4.32
CA SER A 86 -11.15 3.71 5.17
C SER A 86 -10.91 2.61 6.21
N ASN A 87 -11.98 1.93 6.59
CA ASN A 87 -11.88 0.82 7.54
C ASN A 87 -11.04 -0.30 6.95
N ALA A 88 -11.31 -0.63 5.70
CA ALA A 88 -10.62 -1.72 5.02
C ALA A 88 -9.13 -1.43 4.90
N MET A 89 -8.81 -0.19 4.51
CA MET A 89 -7.41 0.21 4.35
C MET A 89 -6.72 0.27 5.70
N GLN A 90 -7.46 0.60 6.75
CA GLN A 90 -6.92 0.62 8.10
C GLN A 90 -6.42 -0.78 8.48
N GLU A 91 -7.26 -1.78 8.22
CA GLU A 91 -6.91 -3.16 8.51
C GLU A 91 -5.77 -3.64 7.61
N ALA A 92 -5.81 -3.21 6.36
CA ALA A 92 -4.76 -3.56 5.40
C ALA A 92 -3.40 -3.04 5.86
N VAL A 93 -3.37 -1.78 6.26
CA VAL A 93 -2.14 -1.15 6.74
C VAL A 93 -1.61 -1.88 7.98
N LEU A 94 -2.51 -2.16 8.92
CA LEU A 94 -2.13 -2.82 10.16
C LEU A 94 -1.57 -4.22 9.90
N GLN A 95 -2.17 -4.92 8.96
CA GLN A 95 -1.73 -6.27 8.62
C GLN A 95 -0.31 -6.23 8.02
N LEU A 96 -0.14 -5.40 7.01
CA LEU A 96 1.12 -5.32 6.28
C LEU A 96 2.24 -4.80 7.17
N ILE A 97 1.98 -3.72 7.90
CA ILE A 97 2.99 -3.07 8.71
C ILE A 97 3.49 -3.99 9.83
N GLU A 98 2.59 -4.79 10.40
CA GLU A 98 2.96 -5.69 11.49
C GLU A 98 3.86 -6.81 10.98
N VAL A 99 3.60 -7.25 9.76
CA VAL A 99 4.46 -8.24 9.11
C VAL A 99 5.81 -7.64 8.79
N GLN A 100 5.80 -6.38 8.35
CA GLN A 100 7.00 -5.66 7.95
C GLN A 100 8.03 -5.64 9.08
N LEU A 101 7.61 -5.19 10.25
CA LEU A 101 8.51 -5.05 11.39
C LEU A 101 8.80 -6.39 12.05
N ALA A 102 7.94 -7.37 11.81
CA ALA A 102 8.13 -8.70 12.36
C ALA A 102 9.24 -9.44 11.62
N GLN A 103 9.24 -9.31 10.29
CA GLN A 103 10.22 -9.98 9.47
C GLN A 103 11.52 -9.19 9.41
N GLU A 104 11.46 -8.00 8.81
CA GLU A 104 12.65 -7.16 8.62
C GLU A 104 13.72 -7.88 7.80
N GLU A 105 13.31 -8.91 7.07
CA GLU A 105 14.22 -9.72 6.29
C GLU A 105 13.63 -9.98 4.91
N VAL A 106 14.47 -9.91 3.88
CA VAL A 106 14.01 -10.08 2.52
C VAL A 106 14.32 -11.49 2.00
N THR A 107 13.28 -12.16 1.50
CA THR A 107 13.42 -13.50 0.95
C THR A 107 13.98 -13.45 -0.47
N GLU A 108 15.28 -13.18 -0.57
CA GLU A 108 15.94 -13.05 -1.86
C GLU A 108 16.65 -14.36 -2.22
N SER A 109 17.77 -14.25 -2.93
CA SER A 109 18.55 -15.43 -3.36
C SER A 109 17.72 -16.35 -4.25
N ARG A 110 17.68 -16.03 -5.53
CA ARG A 110 16.89 -16.79 -6.48
C ARG A 110 17.78 -17.28 -7.62
N SER A 111 17.68 -18.56 -7.95
CA SER A 111 18.46 -19.14 -9.02
C SER A 111 17.95 -18.66 -10.38
N MET A 1 -9.66 4.95 15.54
CA MET A 1 -9.53 5.86 14.39
C MET A 1 -8.59 7.01 14.75
N GLU A 2 -7.33 6.88 14.37
CA GLU A 2 -6.30 7.83 14.77
C GLU A 2 -5.23 7.91 13.71
N ARG A 3 -4.04 8.33 14.11
CA ARG A 3 -2.90 8.35 13.21
C ARG A 3 -2.21 7.00 13.21
N LEU A 4 -2.65 6.14 12.31
CA LEU A 4 -2.17 4.76 12.24
C LEU A 4 -0.78 4.70 11.63
N LEU A 5 -0.40 5.76 10.94
CA LEU A 5 0.92 5.83 10.32
C LEU A 5 1.79 6.84 11.05
N ASP A 6 1.34 8.10 11.05
CA ASP A 6 2.03 9.21 11.72
C ASP A 6 3.37 9.54 11.08
N ASP A 7 4.31 8.62 11.17
CA ASP A 7 5.65 8.83 10.66
C ASP A 7 6.06 7.67 9.74
N VAL A 8 5.17 7.28 8.85
CA VAL A 8 5.43 6.14 7.99
C VAL A 8 5.40 6.54 6.51
N CYS A 9 6.44 6.17 5.78
CA CYS A 9 6.54 6.50 4.36
C CYS A 9 5.92 5.40 3.50
N VAL A 10 4.89 5.77 2.76
CA VAL A 10 4.19 4.82 1.90
C VAL A 10 4.26 5.27 0.45
N MET A 11 4.81 4.42 -0.39
CA MET A 11 4.90 4.71 -1.82
C MET A 11 3.56 4.44 -2.47
N VAL A 12 3.05 5.39 -3.21
CA VAL A 12 1.74 5.27 -3.81
C VAL A 12 1.79 5.47 -5.31
N ASP A 13 1.19 4.54 -6.03
CA ASP A 13 1.08 4.63 -7.48
C ASP A 13 -0.24 4.07 -7.95
N VAL A 14 -1.12 4.96 -8.37
CA VAL A 14 -2.48 4.59 -8.77
C VAL A 14 -2.75 5.05 -10.19
N THR A 15 -3.17 4.12 -11.04
CA THR A 15 -3.46 4.41 -12.43
C THR A 15 -4.65 5.37 -12.55
N SER A 16 -5.69 5.10 -11.79
CA SER A 16 -6.87 5.93 -11.78
C SER A 16 -6.59 7.25 -11.06
N ALA A 17 -6.52 8.34 -11.82
CA ALA A 17 -6.21 9.65 -11.26
C ALA A 17 -7.19 10.05 -10.16
N GLU A 18 -8.47 9.77 -10.39
CA GLU A 18 -9.51 10.08 -9.42
C GLU A 18 -9.23 9.41 -8.09
N ILE A 19 -9.04 8.10 -8.15
CA ILE A 19 -8.88 7.30 -6.97
C ILE A 19 -7.56 7.65 -6.27
N ARG A 20 -6.56 7.96 -7.08
CA ARG A 20 -5.24 8.32 -6.60
C ARG A 20 -5.32 9.48 -5.60
N ASN A 21 -6.08 10.51 -5.94
CA ASN A 21 -6.21 11.67 -5.06
C ASN A 21 -6.97 11.29 -3.79
N ILE A 22 -8.01 10.46 -3.94
CA ILE A 22 -8.80 10.02 -2.81
C ILE A 22 -7.95 9.25 -1.79
N VAL A 23 -7.18 8.29 -2.29
CA VAL A 23 -6.36 7.46 -1.41
C VAL A 23 -5.21 8.26 -0.80
N THR A 24 -4.67 9.22 -1.55
CA THR A 24 -3.60 10.07 -1.03
C THR A 24 -4.06 10.80 0.23
N ARG A 25 -5.25 11.40 0.14
CA ARG A 25 -5.84 12.10 1.27
C ARG A 25 -6.03 11.15 2.45
N GLN A 26 -6.38 9.91 2.15
CA GLN A 26 -6.61 8.90 3.19
C GLN A 26 -5.35 8.62 3.99
N LEU A 27 -4.26 8.26 3.32
CA LEU A 27 -3.01 7.95 4.00
C LEU A 27 -2.45 9.19 4.68
N GLU A 28 -2.66 10.35 4.07
CA GLU A 28 -2.15 11.60 4.60
C GLU A 28 -2.86 11.97 5.91
N ASN A 29 -4.10 11.51 6.06
CA ASN A 29 -4.82 11.70 7.33
C ASN A 29 -4.17 10.86 8.42
N TRP A 30 -3.77 9.65 8.03
CA TRP A 30 -3.17 8.70 8.95
C TRP A 30 -1.74 9.08 9.29
N GLY A 31 -1.08 9.78 8.39
CA GLY A 31 0.29 10.21 8.62
C GLY A 31 1.28 9.44 7.77
N ALA A 32 0.90 9.18 6.53
CA ALA A 32 1.79 8.49 5.61
C ALA A 32 2.38 9.46 4.61
N THR A 33 3.68 9.36 4.41
CA THR A 33 4.35 10.16 3.41
C THR A 33 4.26 9.50 2.04
N CYS A 34 3.43 10.04 1.19
CA CYS A 34 3.21 9.48 -0.13
C CYS A 34 4.41 9.73 -1.04
N ILE A 35 5.14 8.65 -1.34
CA ILE A 35 6.28 8.74 -2.23
C ILE A 35 5.90 8.26 -3.63
N THR A 36 6.51 8.85 -4.63
CA THR A 36 6.28 8.46 -6.02
C THR A 36 7.34 7.44 -6.47
N PRO A 37 6.98 6.55 -7.41
CA PRO A 37 7.92 5.56 -7.94
C PRO A 37 8.95 6.15 -8.91
N ASP A 38 8.98 7.48 -8.94
CA ASP A 38 9.85 8.24 -9.84
C ASP A 38 9.37 8.12 -11.29
N GLU A 39 10.06 8.79 -12.20
CA GLU A 39 9.68 8.80 -13.61
C GLU A 39 10.75 8.14 -14.46
N ARG A 40 11.91 7.91 -13.87
CA ARG A 40 13.00 7.23 -14.57
C ARG A 40 13.51 6.06 -13.73
N LEU A 41 12.61 5.47 -12.97
CA LEU A 41 12.93 4.33 -12.14
C LEU A 41 11.80 3.32 -12.18
N ILE A 42 11.24 3.01 -11.02
CA ILE A 42 10.15 2.05 -10.90
C ILE A 42 9.74 1.93 -9.44
N SER A 43 10.71 2.09 -8.54
CA SER A 43 10.44 2.04 -7.12
C SER A 43 11.43 2.91 -6.36
N GLN A 44 10.92 3.80 -5.53
CA GLN A 44 11.74 4.51 -4.57
C GLN A 44 11.50 3.88 -3.21
N ASP A 45 12.58 3.68 -2.44
CA ASP A 45 12.50 2.90 -1.20
C ASP A 45 11.34 3.33 -0.31
N TYR A 46 10.56 2.34 0.12
CA TYR A 46 9.32 2.59 0.85
C TYR A 46 9.17 1.62 2.01
N ASP A 47 8.28 1.94 2.93
CA ASP A 47 7.92 1.01 3.99
C ASP A 47 6.76 0.15 3.53
N ILE A 48 5.73 0.80 3.00
CA ILE A 48 4.57 0.12 2.45
C ILE A 48 4.33 0.62 1.03
N PHE A 49 3.80 -0.24 0.17
CA PHE A 49 3.48 0.13 -1.21
C PHE A 49 1.99 0.01 -1.46
N LEU A 50 1.43 0.99 -2.16
CA LEU A 50 0.01 1.00 -2.48
C LEU A 50 -0.18 1.25 -3.97
N THR A 51 -0.87 0.34 -4.64
CA THR A 51 -1.05 0.45 -6.07
C THR A 51 -2.47 0.06 -6.47
N ASP A 52 -3.00 0.73 -7.47
CA ASP A 52 -4.32 0.43 -8.00
C ASP A 52 -4.19 -0.44 -9.24
N ASN A 53 -4.98 -1.52 -9.28
CA ASN A 53 -4.98 -2.46 -10.41
C ASN A 53 -3.72 -3.33 -10.39
N PRO A 54 -3.91 -4.67 -10.35
CA PRO A 54 -2.85 -5.66 -10.08
C PRO A 54 -1.55 -5.46 -10.84
N SER A 55 -1.64 -5.16 -12.13
CA SER A 55 -0.47 -5.11 -13.00
C SER A 55 0.53 -4.03 -12.58
N ASN A 56 0.08 -3.07 -11.78
CA ASN A 56 0.94 -1.96 -11.38
C ASN A 56 1.80 -2.33 -10.17
N LEU A 57 1.50 -3.46 -9.56
CA LEU A 57 2.26 -3.91 -8.39
C LEU A 57 3.69 -4.30 -8.81
N THR A 58 4.66 -3.78 -8.08
CA THR A 58 6.06 -4.07 -8.38
C THR A 58 6.40 -5.51 -8.02
N ALA A 59 6.08 -5.89 -6.79
CA ALA A 59 6.35 -7.22 -6.28
C ALA A 59 5.32 -7.60 -5.24
N SER A 60 5.25 -6.82 -4.19
CA SER A 60 4.29 -7.04 -3.11
C SER A 60 3.73 -5.71 -2.63
N GLY A 61 2.69 -5.77 -1.81
CA GLY A 61 2.11 -4.55 -1.27
C GLY A 61 0.60 -4.61 -1.23
N LEU A 62 -0.02 -3.45 -1.18
CA LEU A 62 -1.47 -3.37 -1.11
C LEU A 62 -2.05 -3.02 -2.47
N LEU A 63 -3.01 -3.82 -2.91
CA LEU A 63 -3.62 -3.67 -4.21
C LEU A 63 -5.04 -3.15 -4.07
N LEU A 64 -5.32 -2.06 -4.76
CA LEU A 64 -6.63 -1.46 -4.76
C LEU A 64 -7.54 -2.19 -5.74
N SER A 65 -8.58 -2.79 -5.19
CA SER A 65 -9.53 -3.56 -5.97
C SER A 65 -10.91 -2.90 -5.93
N ASP A 66 -11.49 -2.71 -7.10
CA ASP A 66 -12.78 -2.03 -7.22
C ASP A 66 -13.94 -3.00 -6.96
N ASP A 67 -13.63 -4.30 -7.03
CA ASP A 67 -14.67 -5.33 -6.97
C ASP A 67 -14.75 -5.99 -5.60
N GLU A 68 -13.65 -5.95 -4.86
CA GLU A 68 -13.54 -6.72 -3.61
C GLU A 68 -14.48 -6.19 -2.52
N SER A 69 -14.52 -4.88 -2.37
CA SER A 69 -15.33 -4.24 -1.34
C SER A 69 -14.98 -4.79 0.04
N GLY A 70 -13.69 -4.78 0.35
CA GLY A 70 -13.21 -5.26 1.63
C GLY A 70 -11.70 -5.33 1.62
N VAL A 71 -11.13 -6.12 2.53
CA VAL A 71 -9.70 -6.33 2.57
C VAL A 71 -9.40 -7.82 2.71
N ARG A 72 -8.70 -8.37 1.73
CA ARG A 72 -8.40 -9.79 1.72
C ARG A 72 -7.02 -10.04 1.12
N GLU A 73 -6.53 -11.27 1.23
CA GLU A 73 -5.29 -11.64 0.58
C GLU A 73 -5.61 -12.50 -0.65
N ILE A 74 -4.94 -12.20 -1.76
CA ILE A 74 -5.14 -12.95 -2.99
C ILE A 74 -3.89 -13.76 -3.31
N GLY A 75 -2.88 -13.60 -2.47
CA GLY A 75 -1.63 -14.29 -2.64
C GLY A 75 -0.62 -13.79 -1.64
N PRO A 76 0.54 -14.43 -1.54
CA PRO A 76 1.59 -14.01 -0.60
C PRO A 76 2.04 -12.57 -0.87
N GLY A 77 1.86 -11.70 0.11
CA GLY A 77 2.23 -10.31 -0.03
C GLY A 77 1.32 -9.56 -1.00
N GLN A 78 0.15 -10.12 -1.26
CA GLN A 78 -0.80 -9.51 -2.18
C GLN A 78 -2.18 -9.42 -1.54
N LEU A 79 -2.63 -8.20 -1.32
CA LEU A 79 -3.92 -7.98 -0.67
C LEU A 79 -4.85 -7.17 -1.55
N CYS A 80 -6.06 -7.66 -1.74
CA CYS A 80 -7.06 -6.93 -2.50
C CYS A 80 -7.96 -6.15 -1.55
N VAL A 81 -7.76 -4.84 -1.52
CA VAL A 81 -8.53 -3.97 -0.64
C VAL A 81 -9.22 -2.87 -1.43
N ASN A 82 -10.47 -2.58 -1.08
CA ASN A 82 -11.23 -1.53 -1.76
C ASN A 82 -10.88 -0.18 -1.17
N PHE A 83 -10.57 0.78 -2.06
CA PHE A 83 -10.13 2.11 -1.66
C PHE A 83 -11.26 2.91 -1.01
N ASN A 84 -12.49 2.50 -1.27
CA ASN A 84 -13.66 3.19 -0.73
C ASN A 84 -13.81 2.92 0.77
N MET A 85 -13.22 1.82 1.21
CA MET A 85 -13.35 1.40 2.60
C MET A 85 -12.15 1.83 3.43
N SER A 86 -12.25 3.00 4.04
CA SER A 86 -11.22 3.49 4.95
C SER A 86 -11.05 2.54 6.13
N ASN A 87 -12.12 1.82 6.45
CA ASN A 87 -12.10 0.81 7.48
C ASN A 87 -11.18 -0.33 7.08
N ALA A 88 -11.44 -0.90 5.90
CA ALA A 88 -10.68 -2.03 5.40
C ALA A 88 -9.23 -1.65 5.15
N MET A 89 -9.02 -0.45 4.62
CA MET A 89 -7.67 0.03 4.35
C MET A 89 -6.88 0.20 5.64
N GLN A 90 -7.58 0.59 6.71
CA GLN A 90 -6.98 0.73 8.03
C GLN A 90 -6.40 -0.59 8.50
N GLU A 91 -7.20 -1.65 8.38
CA GLU A 91 -6.77 -2.99 8.79
C GLU A 91 -5.61 -3.46 7.92
N ALA A 92 -5.70 -3.18 6.62
CA ALA A 92 -4.66 -3.57 5.68
C ALA A 92 -3.33 -2.93 6.04
N VAL A 93 -3.36 -1.62 6.34
CA VAL A 93 -2.16 -0.89 6.73
C VAL A 93 -1.57 -1.46 8.01
N LEU A 94 -2.43 -1.73 8.99
CA LEU A 94 -2.00 -2.26 10.28
C LEU A 94 -1.33 -3.63 10.11
N GLN A 95 -1.97 -4.48 9.30
CA GLN A 95 -1.45 -5.81 9.03
C GLN A 95 -0.09 -5.73 8.35
N LEU A 96 0.02 -4.81 7.39
CA LEU A 96 1.27 -4.62 6.66
C LEU A 96 2.38 -4.17 7.60
N ILE A 97 2.02 -3.36 8.58
CA ILE A 97 3.00 -2.83 9.53
C ILE A 97 3.64 -3.95 10.35
N GLU A 98 2.82 -4.85 10.89
CA GLU A 98 3.34 -5.92 11.73
C GLU A 98 4.07 -6.96 10.89
N VAL A 99 3.57 -7.19 9.68
CA VAL A 99 4.20 -8.13 8.75
C VAL A 99 5.59 -7.64 8.37
N GLN A 100 5.69 -6.35 8.05
CA GLN A 100 6.96 -5.77 7.63
C GLN A 100 7.98 -5.79 8.76
N LEU A 101 7.54 -5.44 9.97
CA LEU A 101 8.40 -5.43 11.13
C LEU A 101 8.85 -6.84 11.50
N ALA A 102 8.05 -7.83 11.12
CA ALA A 102 8.38 -9.22 11.40
C ALA A 102 9.30 -9.79 10.33
N GLN A 103 9.13 -9.32 9.11
CA GLN A 103 9.89 -9.82 7.98
C GLN A 103 11.21 -9.07 7.83
N GLU A 104 12.09 -9.23 8.80
CA GLU A 104 13.42 -8.65 8.72
C GLU A 104 14.27 -9.43 7.72
N GLU A 105 14.23 -10.74 7.84
CA GLU A 105 14.88 -11.61 6.88
C GLU A 105 14.00 -11.76 5.64
N VAL A 106 14.23 -10.90 4.67
CA VAL A 106 13.41 -10.89 3.47
C VAL A 106 13.76 -12.05 2.56
N THR A 107 12.75 -12.60 1.91
CA THR A 107 12.94 -13.70 0.98
C THR A 107 13.51 -13.17 -0.34
N GLU A 108 14.79 -12.82 -0.32
CA GLU A 108 15.45 -12.24 -1.47
C GLU A 108 15.63 -13.26 -2.58
N SER A 109 14.71 -13.27 -3.52
CA SER A 109 14.76 -14.19 -4.64
C SER A 109 14.41 -13.47 -5.94
N ARG A 110 15.04 -13.87 -7.04
CA ARG A 110 14.77 -13.25 -8.33
C ARG A 110 14.58 -14.31 -9.40
N SER A 111 13.86 -13.95 -10.47
CA SER A 111 13.63 -14.83 -11.60
C SER A 111 13.70 -14.04 -12.90
N MET A 1 -8.13 10.34 17.53
CA MET A 1 -6.77 10.94 17.58
C MET A 1 -5.74 9.92 17.09
N GLU A 2 -6.10 9.19 16.04
CA GLU A 2 -5.28 8.08 15.59
C GLU A 2 -4.49 8.42 14.34
N ARG A 3 -3.33 7.80 14.23
CA ARG A 3 -2.49 7.90 13.05
C ARG A 3 -1.86 6.54 12.79
N LEU A 4 -2.51 5.75 11.95
CA LEU A 4 -2.10 4.37 11.72
C LEU A 4 -0.70 4.28 11.13
N LEU A 5 -0.27 5.33 10.45
CA LEU A 5 1.06 5.36 9.86
C LEU A 5 2.00 6.18 10.73
N ASP A 6 1.57 7.39 11.07
CA ASP A 6 2.36 8.32 11.89
C ASP A 6 3.71 8.62 11.25
N ASP A 7 3.67 9.43 10.20
CA ASP A 7 4.87 9.86 9.48
C ASP A 7 5.65 8.66 8.94
N VAL A 8 4.94 7.75 8.31
CA VAL A 8 5.56 6.58 7.71
C VAL A 8 5.48 6.66 6.19
N CYS A 9 6.61 6.43 5.54
CA CYS A 9 6.70 6.54 4.09
C CYS A 9 5.89 5.46 3.39
N VAL A 10 4.89 5.89 2.63
CA VAL A 10 4.07 4.98 1.87
C VAL A 10 4.11 5.37 0.40
N MET A 11 4.67 4.49 -0.42
CA MET A 11 4.79 4.75 -1.85
C MET A 11 3.50 4.38 -2.54
N VAL A 12 2.69 5.38 -2.87
CA VAL A 12 1.38 5.15 -3.45
C VAL A 12 1.40 5.41 -4.96
N ASP A 13 1.09 4.38 -5.72
CA ASP A 13 0.98 4.51 -7.16
C ASP A 13 -0.35 3.95 -7.65
N VAL A 14 -1.28 4.84 -7.93
CA VAL A 14 -2.59 4.46 -8.41
C VAL A 14 -2.72 4.79 -9.90
N THR A 15 -3.06 3.80 -10.70
CA THR A 15 -3.17 3.98 -12.14
C THR A 15 -4.31 4.95 -12.48
N SER A 16 -5.39 4.85 -11.73
CA SER A 16 -6.50 5.76 -11.85
C SER A 16 -6.17 7.11 -11.21
N ALA A 17 -6.16 8.17 -12.01
CA ALA A 17 -5.78 9.49 -11.54
C ALA A 17 -6.71 9.98 -10.42
N GLU A 18 -8.01 9.74 -10.60
CA GLU A 18 -9.01 10.16 -9.61
C GLU A 18 -8.75 9.48 -8.28
N ILE A 19 -8.66 8.16 -8.33
CA ILE A 19 -8.49 7.37 -7.13
C ILE A 19 -7.17 7.70 -6.44
N ARG A 20 -6.14 8.00 -7.24
CA ARG A 20 -4.84 8.38 -6.70
C ARG A 20 -4.98 9.57 -5.76
N ASN A 21 -5.73 10.58 -6.18
CA ASN A 21 -5.96 11.76 -5.35
C ASN A 21 -6.69 11.39 -4.06
N ILE A 22 -7.78 10.65 -4.20
CA ILE A 22 -8.61 10.28 -3.05
C ILE A 22 -7.81 9.51 -2.01
N VAL A 23 -7.05 8.51 -2.46
CA VAL A 23 -6.29 7.69 -1.54
C VAL A 23 -5.14 8.48 -0.92
N THR A 24 -4.59 9.44 -1.68
CA THR A 24 -3.49 10.25 -1.16
C THR A 24 -3.94 11.03 0.07
N ARG A 25 -5.11 11.64 -0.03
CA ARG A 25 -5.69 12.39 1.09
C ARG A 25 -5.97 11.45 2.26
N GLN A 26 -6.32 10.22 1.95
CA GLN A 26 -6.63 9.22 2.97
C GLN A 26 -5.38 8.83 3.75
N LEU A 27 -4.32 8.43 3.06
CA LEU A 27 -3.09 8.02 3.72
C LEU A 27 -2.51 9.18 4.52
N GLU A 28 -2.61 10.37 3.95
CA GLU A 28 -2.15 11.58 4.60
C GLU A 28 -2.83 11.76 5.96
N ASN A 29 -4.12 11.43 6.01
CA ASN A 29 -4.88 11.56 7.25
C ASN A 29 -4.35 10.59 8.30
N TRP A 30 -3.82 9.47 7.83
CA TRP A 30 -3.25 8.45 8.71
C TRP A 30 -1.80 8.77 9.04
N GLY A 31 -1.27 9.80 8.39
CA GLY A 31 0.11 10.18 8.60
C GLY A 31 1.06 9.40 7.73
N ALA A 32 0.67 9.14 6.50
CA ALA A 32 1.54 8.44 5.58
C ALA A 32 2.17 9.42 4.62
N THR A 33 3.48 9.35 4.47
CA THR A 33 4.17 10.16 3.51
C THR A 33 3.91 9.59 2.12
N CYS A 34 2.97 10.21 1.40
CA CYS A 34 2.54 9.69 0.12
C CYS A 34 3.51 10.11 -0.98
N ILE A 35 4.31 9.16 -1.42
CA ILE A 35 5.30 9.43 -2.47
C ILE A 35 5.09 8.48 -3.63
N THR A 36 5.34 8.96 -4.82
CA THR A 36 5.34 8.12 -6.00
C THR A 36 6.57 7.24 -5.98
N PRO A 37 6.47 6.00 -6.51
CA PRO A 37 7.60 5.07 -6.55
C PRO A 37 8.66 5.47 -7.59
N ASP A 38 9.04 6.75 -7.55
CA ASP A 38 9.94 7.34 -8.54
C ASP A 38 9.30 7.28 -9.93
N GLU A 39 10.02 7.73 -10.94
CA GLU A 39 9.52 7.65 -12.30
C GLU A 39 10.39 6.71 -13.11
N ARG A 40 11.58 6.45 -12.61
CA ARG A 40 12.53 5.58 -13.29
C ARG A 40 12.85 4.36 -12.45
N LEU A 41 13.14 4.59 -11.17
CA LEU A 41 13.56 3.52 -10.26
C LEU A 41 12.48 2.47 -10.08
N ILE A 42 11.22 2.90 -10.14
CA ILE A 42 10.05 2.01 -10.03
C ILE A 42 9.75 1.62 -8.59
N SER A 43 10.77 1.60 -7.74
CA SER A 43 10.59 1.30 -6.33
C SER A 43 11.76 1.86 -5.51
N GLN A 44 11.42 2.50 -4.41
CA GLN A 44 12.42 3.05 -3.49
C GLN A 44 12.18 2.49 -2.09
N ASP A 45 12.99 2.91 -1.13
CA ASP A 45 12.81 2.45 0.24
C ASP A 45 11.50 2.95 0.83
N TYR A 46 10.59 2.02 1.08
CA TYR A 46 9.29 2.36 1.65
C TYR A 46 8.96 1.41 2.80
N ASP A 47 8.00 1.79 3.62
CA ASP A 47 7.51 0.90 4.66
C ASP A 47 6.33 0.09 4.13
N ILE A 48 5.40 0.79 3.49
CA ILE A 48 4.25 0.15 2.88
C ILE A 48 4.07 0.63 1.44
N PHE A 49 3.77 -0.30 0.54
CA PHE A 49 3.54 0.04 -0.85
C PHE A 49 2.06 0.00 -1.18
N LEU A 50 1.60 1.06 -1.83
CA LEU A 50 0.21 1.16 -2.25
C LEU A 50 0.14 1.18 -3.77
N THR A 51 -0.77 0.42 -4.34
CA THR A 51 -0.90 0.36 -5.78
C THR A 51 -2.33 0.03 -6.19
N ASP A 52 -2.74 0.55 -7.33
CA ASP A 52 -4.07 0.24 -7.87
C ASP A 52 -3.91 -0.73 -9.04
N ASN A 53 -4.74 -1.78 -9.05
CA ASN A 53 -4.64 -2.86 -10.05
C ASN A 53 -3.45 -3.78 -9.75
N PRO A 54 -3.65 -5.11 -9.88
CA PRO A 54 -2.67 -6.11 -9.44
C PRO A 54 -1.32 -6.02 -10.16
N SER A 55 -1.35 -5.71 -11.45
CA SER A 55 -0.14 -5.71 -12.27
C SER A 55 0.84 -4.61 -11.83
N ASN A 56 0.33 -3.58 -11.17
CA ASN A 56 1.16 -2.45 -10.77
C ASN A 56 2.04 -2.79 -9.57
N LEU A 57 1.62 -3.78 -8.79
CA LEU A 57 2.37 -4.19 -7.60
C LEU A 57 3.69 -4.84 -8.00
N THR A 58 4.80 -4.21 -7.61
CA THR A 58 6.12 -4.71 -7.93
C THR A 58 6.40 -6.04 -7.25
N ALA A 59 5.93 -6.18 -6.02
CA ALA A 59 6.11 -7.42 -5.27
C ALA A 59 4.96 -7.65 -4.30
N SER A 60 4.98 -6.94 -3.20
CA SER A 60 3.97 -7.08 -2.17
C SER A 60 3.44 -5.72 -1.76
N GLY A 61 2.33 -5.71 -1.04
CA GLY A 61 1.76 -4.47 -0.58
C GLY A 61 0.25 -4.47 -0.67
N LEU A 62 -0.32 -3.29 -0.78
CA LEU A 62 -1.76 -3.15 -0.85
C LEU A 62 -2.21 -2.90 -2.27
N LEU A 63 -3.04 -3.79 -2.78
CA LEU A 63 -3.60 -3.64 -4.10
C LEU A 63 -5.03 -3.12 -4.00
N LEU A 64 -5.30 -2.02 -4.66
CA LEU A 64 -6.60 -1.40 -4.62
C LEU A 64 -7.56 -2.06 -5.60
N SER A 65 -8.65 -2.57 -5.05
CA SER A 65 -9.69 -3.20 -5.84
C SER A 65 -10.99 -2.44 -5.63
N ASP A 66 -11.86 -2.50 -6.64
CA ASP A 66 -13.09 -1.74 -6.63
C ASP A 66 -14.25 -2.56 -6.07
N ASP A 67 -14.17 -3.87 -6.24
CA ASP A 67 -15.27 -4.77 -5.86
C ASP A 67 -15.19 -5.15 -4.39
N GLU A 68 -14.03 -5.63 -3.98
CA GLU A 68 -13.80 -6.19 -2.66
C GLU A 68 -14.38 -5.32 -1.54
N SER A 69 -15.31 -5.89 -0.79
CA SER A 69 -15.94 -5.19 0.33
C SER A 69 -15.12 -5.40 1.60
N GLY A 70 -13.86 -5.05 1.54
CA GLY A 70 -12.97 -5.24 2.65
C GLY A 70 -11.55 -5.45 2.19
N VAL A 71 -10.79 -6.26 2.91
CA VAL A 71 -9.44 -6.59 2.51
C VAL A 71 -9.23 -8.11 2.56
N ARG A 72 -8.79 -8.68 1.45
CA ARG A 72 -8.57 -10.11 1.35
C ARG A 72 -7.20 -10.40 0.75
N GLU A 73 -6.72 -11.62 0.89
CA GLU A 73 -5.42 -11.98 0.32
C GLU A 73 -5.61 -12.88 -0.89
N ILE A 74 -4.96 -12.52 -1.99
CA ILE A 74 -4.98 -13.35 -3.19
C ILE A 74 -3.73 -14.22 -3.25
N GLY A 75 -2.74 -13.79 -2.50
CA GLY A 75 -1.49 -14.51 -2.41
C GLY A 75 -0.65 -13.93 -1.29
N PRO A 76 0.40 -14.61 -0.85
CA PRO A 76 1.23 -14.14 0.26
C PRO A 76 1.81 -12.75 -0.02
N GLY A 77 1.45 -11.79 0.82
CA GLY A 77 1.95 -10.44 0.67
C GLY A 77 1.14 -9.62 -0.31
N GLN A 78 0.11 -10.22 -0.90
CA GLN A 78 -0.74 -9.53 -1.85
C GLN A 78 -2.18 -9.47 -1.34
N LEU A 79 -2.64 -8.27 -1.05
CA LEU A 79 -3.97 -8.09 -0.48
C LEU A 79 -4.79 -7.09 -1.28
N CYS A 80 -5.95 -7.53 -1.74
CA CYS A 80 -6.89 -6.65 -2.42
C CYS A 80 -7.77 -5.97 -1.40
N VAL A 81 -7.77 -4.64 -1.41
CA VAL A 81 -8.55 -3.87 -0.47
C VAL A 81 -9.29 -2.74 -1.21
N ASN A 82 -10.47 -2.41 -0.74
CA ASN A 82 -11.25 -1.33 -1.32
C ASN A 82 -10.70 0.02 -0.90
N PHE A 83 -10.48 0.89 -1.88
CA PHE A 83 -9.90 2.20 -1.62
C PHE A 83 -10.90 3.15 -0.98
N ASN A 84 -12.18 2.83 -1.13
CA ASN A 84 -13.25 3.69 -0.65
C ASN A 84 -13.54 3.47 0.83
N MET A 85 -13.12 2.33 1.36
CA MET A 85 -13.42 1.97 2.74
C MET A 85 -12.21 2.20 3.64
N SER A 86 -12.26 3.27 4.42
CA SER A 86 -11.19 3.60 5.35
C SER A 86 -11.00 2.51 6.39
N ASN A 87 -12.09 1.84 6.76
CA ASN A 87 -12.03 0.76 7.74
C ASN A 87 -11.23 -0.41 7.21
N ALA A 88 -11.60 -0.89 6.03
CA ALA A 88 -10.92 -2.04 5.42
C ALA A 88 -9.46 -1.72 5.12
N MET A 89 -9.21 -0.49 4.67
CA MET A 89 -7.84 -0.08 4.36
C MET A 89 -7.02 0.04 5.63
N GLN A 90 -7.68 0.37 6.74
CA GLN A 90 -7.03 0.48 8.03
C GLN A 90 -6.40 -0.84 8.44
N GLU A 91 -7.18 -1.92 8.35
CA GLU A 91 -6.70 -3.24 8.73
C GLU A 91 -5.60 -3.69 7.79
N ALA A 92 -5.74 -3.33 6.51
CA ALA A 92 -4.74 -3.64 5.50
C ALA A 92 -3.40 -2.99 5.83
N VAL A 93 -3.47 -1.72 6.23
CA VAL A 93 -2.28 -0.97 6.63
C VAL A 93 -1.63 -1.62 7.85
N LEU A 94 -2.46 -2.00 8.82
CA LEU A 94 -1.96 -2.62 10.05
C LEU A 94 -1.24 -3.93 9.75
N GLN A 95 -1.83 -4.75 8.89
CA GLN A 95 -1.25 -6.03 8.53
C GLN A 95 0.10 -5.84 7.82
N LEU A 96 0.15 -4.84 6.94
CA LEU A 96 1.35 -4.56 6.18
C LEU A 96 2.48 -4.05 7.07
N ILE A 97 2.16 -3.06 7.90
CA ILE A 97 3.16 -2.48 8.79
C ILE A 97 3.68 -3.51 9.79
N GLU A 98 2.82 -4.45 10.16
CA GLU A 98 3.18 -5.52 11.09
C GLU A 98 4.22 -6.45 10.47
N VAL A 99 3.94 -6.90 9.25
CA VAL A 99 4.82 -7.85 8.58
C VAL A 99 6.16 -7.21 8.22
N GLN A 100 6.13 -5.92 7.90
CA GLN A 100 7.36 -5.19 7.58
C GLN A 100 8.21 -5.01 8.83
N LEU A 101 7.57 -4.69 9.94
CA LEU A 101 8.27 -4.51 11.20
C LEU A 101 8.91 -5.80 11.67
N ALA A 102 8.20 -6.90 11.50
CA ALA A 102 8.66 -8.20 11.96
C ALA A 102 9.82 -8.72 11.12
N GLN A 103 9.69 -8.63 9.81
CA GLN A 103 10.68 -9.21 8.91
C GLN A 103 11.41 -8.14 8.11
N GLU A 104 12.31 -7.43 8.77
CA GLU A 104 13.12 -6.42 8.10
C GLU A 104 14.41 -7.03 7.58
N GLU A 105 14.98 -7.95 8.35
CA GLU A 105 16.20 -8.63 7.97
C GLU A 105 15.87 -9.89 7.16
N VAL A 106 16.43 -10.01 5.98
CA VAL A 106 16.19 -11.16 5.13
C VAL A 106 17.50 -11.67 4.52
N THR A 107 17.67 -12.99 4.53
CA THR A 107 18.85 -13.61 3.95
C THR A 107 18.45 -14.60 2.85
N GLU A 108 18.36 -14.11 1.63
CA GLU A 108 17.99 -14.95 0.50
C GLU A 108 19.21 -15.64 -0.07
N SER A 109 19.33 -16.93 0.21
CA SER A 109 20.45 -17.72 -0.27
C SER A 109 20.28 -18.07 -1.75
N ARG A 110 20.40 -17.07 -2.61
CA ARG A 110 20.28 -17.27 -4.06
C ARG A 110 21.49 -18.02 -4.58
N SER A 111 21.25 -18.98 -5.47
CA SER A 111 22.31 -19.81 -6.04
C SER A 111 22.93 -20.68 -4.95
N MET A 1 -9.24 4.50 13.85
CA MET A 1 -9.81 5.86 13.96
C MET A 1 -8.75 6.83 14.47
N GLU A 2 -7.59 6.83 13.82
CA GLU A 2 -6.46 7.62 14.27
C GLU A 2 -5.39 7.67 13.18
N ARG A 3 -4.30 8.37 13.47
CA ARG A 3 -3.15 8.40 12.57
C ARG A 3 -2.38 7.09 12.66
N LEU A 4 -2.82 6.12 11.87
CA LEU A 4 -2.27 4.76 11.91
C LEU A 4 -0.78 4.74 11.54
N LEU A 5 -0.40 5.56 10.58
CA LEU A 5 0.98 5.57 10.11
C LEU A 5 1.82 6.53 10.92
N ASP A 6 1.45 7.81 10.86
CA ASP A 6 2.20 8.89 11.49
C ASP A 6 3.66 8.92 11.02
N ASP A 7 3.88 9.59 9.90
CA ASP A 7 5.20 9.72 9.29
C ASP A 7 5.78 8.36 8.92
N VAL A 8 4.99 7.58 8.18
CA VAL A 8 5.46 6.31 7.63
C VAL A 8 5.45 6.39 6.12
N CYS A 9 6.62 6.16 5.51
CA CYS A 9 6.77 6.31 4.08
C CYS A 9 5.98 5.26 3.31
N VAL A 10 5.07 5.72 2.48
CA VAL A 10 4.26 4.84 1.65
C VAL A 10 4.32 5.28 0.20
N MET A 11 4.82 4.41 -0.67
CA MET A 11 4.90 4.73 -2.08
C MET A 11 3.54 4.53 -2.74
N VAL A 12 3.01 5.60 -3.31
CA VAL A 12 1.67 5.58 -3.87
C VAL A 12 1.71 5.50 -5.40
N ASP A 13 1.40 4.33 -5.92
CA ASP A 13 1.32 4.12 -7.35
C ASP A 13 -0.12 3.80 -7.75
N VAL A 14 -0.86 4.83 -8.12
CA VAL A 14 -2.23 4.67 -8.55
C VAL A 14 -2.42 5.25 -9.94
N THR A 15 -2.92 4.44 -10.85
CA THR A 15 -3.14 4.87 -12.22
C THR A 15 -4.50 5.54 -12.37
N SER A 16 -5.50 4.97 -11.70
CA SER A 16 -6.84 5.52 -11.73
C SER A 16 -6.89 6.88 -11.03
N ALA A 17 -7.24 7.92 -11.80
CA ALA A 17 -7.20 9.30 -11.32
C ALA A 17 -8.09 9.49 -10.09
N GLU A 18 -9.32 9.01 -10.17
CA GLU A 18 -10.27 9.15 -9.08
C GLU A 18 -9.74 8.51 -7.81
N ILE A 19 -9.18 7.31 -7.96
CA ILE A 19 -8.68 6.56 -6.83
C ILE A 19 -7.48 7.26 -6.21
N ARG A 20 -6.54 7.71 -7.05
CA ARG A 20 -5.33 8.35 -6.57
C ARG A 20 -5.65 9.56 -5.70
N ASN A 21 -6.70 10.28 -6.05
CA ASN A 21 -7.09 11.47 -5.29
C ASN A 21 -7.62 11.09 -3.92
N ILE A 22 -8.62 10.21 -3.92
CA ILE A 22 -9.28 9.80 -2.67
C ILE A 22 -8.29 9.14 -1.71
N VAL A 23 -7.45 8.25 -2.24
CA VAL A 23 -6.53 7.52 -1.40
C VAL A 23 -5.46 8.44 -0.79
N THR A 24 -5.00 9.42 -1.55
CA THR A 24 -3.98 10.34 -1.05
C THR A 24 -4.50 11.06 0.19
N ARG A 25 -5.75 11.50 0.12
CA ARG A 25 -6.40 12.15 1.25
C ARG A 25 -6.46 11.19 2.46
N GLN A 26 -6.68 9.92 2.18
CA GLN A 26 -6.86 8.92 3.21
C GLN A 26 -5.54 8.58 3.92
N LEU A 27 -4.52 8.19 3.15
CA LEU A 27 -3.25 7.81 3.74
C LEU A 27 -2.62 8.98 4.48
N GLU A 28 -2.76 10.16 3.91
CA GLU A 28 -2.20 11.36 4.50
C GLU A 28 -2.91 11.70 5.81
N ASN A 29 -4.18 11.33 5.91
CA ASN A 29 -4.91 11.50 7.17
C ASN A 29 -4.29 10.62 8.24
N TRP A 30 -3.82 9.45 7.83
CA TRP A 30 -3.17 8.53 8.73
C TRP A 30 -1.70 8.91 8.92
N GLY A 31 -1.20 9.78 8.07
CA GLY A 31 0.17 10.26 8.19
C GLY A 31 1.15 9.48 7.34
N ALA A 32 0.69 8.94 6.23
CA ALA A 32 1.54 8.20 5.33
C ALA A 32 2.22 9.15 4.35
N THR A 33 3.55 9.12 4.33
CA THR A 33 4.32 9.97 3.43
C THR A 33 4.25 9.43 2.01
N CYS A 34 3.43 10.05 1.18
CA CYS A 34 3.20 9.57 -0.17
C CYS A 34 4.41 9.81 -1.06
N ILE A 35 5.05 8.72 -1.48
CA ILE A 35 6.21 8.80 -2.35
C ILE A 35 5.81 8.51 -3.79
N THR A 36 6.42 9.24 -4.72
CA THR A 36 6.10 9.11 -6.13
C THR A 36 6.93 8.00 -6.78
N PRO A 37 6.30 7.19 -7.65
CA PRO A 37 7.01 6.16 -8.41
C PRO A 37 8.04 6.76 -9.36
N ASP A 38 9.27 6.91 -8.87
CA ASP A 38 10.36 7.41 -9.69
C ASP A 38 10.73 6.38 -10.76
N GLU A 39 11.00 6.84 -11.96
CA GLU A 39 11.25 5.95 -13.08
C GLU A 39 12.71 5.57 -13.17
N ARG A 40 13.55 6.22 -12.36
CA ARG A 40 14.97 5.87 -12.30
C ARG A 40 15.18 4.80 -11.25
N LEU A 41 14.10 4.36 -10.64
CA LEU A 41 14.16 3.31 -9.64
C LEU A 41 13.12 2.24 -9.97
N ILE A 42 13.38 1.00 -9.56
CA ILE A 42 12.41 -0.06 -9.73
C ILE A 42 11.29 0.10 -8.71
N SER A 43 11.66 0.66 -7.56
CA SER A 43 10.74 0.99 -6.48
C SER A 43 11.45 1.97 -5.55
N GLN A 44 10.78 3.04 -5.18
CA GLN A 44 11.37 4.00 -4.24
C GLN A 44 11.31 3.41 -2.83
N ASP A 45 12.30 3.73 -2.01
CA ASP A 45 12.39 3.13 -0.69
C ASP A 45 11.18 3.49 0.17
N TYR A 46 10.37 2.49 0.45
CA TYR A 46 9.15 2.70 1.21
C TYR A 46 9.13 1.81 2.44
N ASP A 47 8.20 2.09 3.34
CA ASP A 47 7.92 1.22 4.46
C ASP A 47 6.75 0.33 4.07
N ILE A 48 5.79 0.92 3.36
CA ILE A 48 4.65 0.19 2.84
C ILE A 48 4.42 0.57 1.38
N PHE A 49 4.10 -0.43 0.56
CA PHE A 49 3.86 -0.20 -0.86
C PHE A 49 2.36 -0.13 -1.15
N LEU A 50 1.97 0.81 -1.99
CA LEU A 50 0.58 0.95 -2.39
C LEU A 50 0.48 1.01 -3.91
N THR A 51 -0.26 0.09 -4.48
CA THR A 51 -0.40 0.02 -5.93
C THR A 51 -1.87 -0.15 -6.33
N ASP A 52 -2.28 0.56 -7.37
CA ASP A 52 -3.64 0.43 -7.90
C ASP A 52 -3.68 -0.66 -8.95
N ASN A 53 -4.59 -1.63 -8.74
CA ASN A 53 -4.79 -2.75 -9.65
C ASN A 53 -3.75 -3.85 -9.42
N PRO A 54 -4.18 -5.12 -9.42
CA PRO A 54 -3.32 -6.26 -9.11
C PRO A 54 -2.41 -6.66 -10.28
N SER A 55 -1.83 -5.67 -10.93
CA SER A 55 -0.95 -5.92 -12.06
C SER A 55 0.44 -5.36 -11.82
N ASN A 56 0.49 -4.15 -11.27
CA ASN A 56 1.76 -3.44 -11.11
C ASN A 56 2.37 -3.68 -9.72
N LEU A 57 2.49 -4.94 -9.35
CA LEU A 57 3.13 -5.30 -8.09
C LEU A 57 4.55 -5.77 -8.35
N THR A 58 5.50 -4.86 -8.23
CA THR A 58 6.91 -5.17 -8.46
C THR A 58 7.41 -6.28 -7.55
N ALA A 59 7.04 -6.20 -6.28
CA ALA A 59 7.44 -7.19 -5.30
C ALA A 59 6.28 -7.56 -4.39
N SER A 60 6.00 -6.69 -3.43
CA SER A 60 4.93 -6.92 -2.48
C SER A 60 4.35 -5.59 -2.01
N GLY A 61 3.07 -5.60 -1.68
CA GLY A 61 2.42 -4.40 -1.20
C GLY A 61 0.91 -4.53 -1.16
N LEU A 62 0.23 -3.42 -0.99
CA LEU A 62 -1.23 -3.43 -0.93
C LEU A 62 -1.80 -2.92 -2.25
N LEU A 63 -2.64 -3.73 -2.86
CA LEU A 63 -3.27 -3.36 -4.11
C LEU A 63 -4.68 -2.86 -3.85
N LEU A 64 -4.97 -1.67 -4.30
CA LEU A 64 -6.25 -1.06 -4.05
C LEU A 64 -7.18 -1.30 -5.23
N SER A 65 -8.45 -1.50 -4.93
CA SER A 65 -9.43 -1.80 -5.96
C SER A 65 -10.81 -1.32 -5.56
N ASP A 66 -11.62 -0.97 -6.54
CA ASP A 66 -13.00 -0.57 -6.32
C ASP A 66 -13.89 -1.81 -6.18
N ASP A 67 -13.51 -2.85 -6.91
CA ASP A 67 -14.26 -4.10 -6.94
C ASP A 67 -13.80 -5.05 -5.84
N GLU A 68 -14.00 -4.63 -4.60
CA GLU A 68 -13.66 -5.44 -3.45
C GLU A 68 -14.62 -5.15 -2.32
N SER A 69 -14.96 -6.17 -1.56
CA SER A 69 -15.91 -6.05 -0.48
C SER A 69 -15.20 -5.79 0.84
N GLY A 70 -14.14 -5.00 0.77
CA GLY A 70 -13.36 -4.69 1.95
C GLY A 70 -11.89 -4.94 1.71
N VAL A 71 -11.32 -5.84 2.49
CA VAL A 71 -9.92 -6.20 2.32
C VAL A 71 -9.76 -7.72 2.36
N ARG A 72 -8.97 -8.24 1.44
CA ARG A 72 -8.70 -9.66 1.38
C ARG A 72 -7.24 -9.90 1.03
N GLU A 73 -6.72 -11.04 1.43
CA GLU A 73 -5.35 -11.40 1.13
C GLU A 73 -5.34 -12.51 0.09
N ILE A 74 -4.54 -12.33 -0.95
CA ILE A 74 -4.44 -13.33 -2.01
C ILE A 74 -3.01 -13.88 -2.06
N GLY A 75 -2.45 -14.07 -0.88
CA GLY A 75 -1.08 -14.50 -0.76
C GLY A 75 -0.24 -13.44 -0.10
N PRO A 76 0.70 -13.83 0.79
CA PRO A 76 1.55 -12.86 1.49
C PRO A 76 2.30 -11.96 0.51
N GLY A 77 2.04 -10.66 0.62
CA GLY A 77 2.65 -9.72 -0.29
C GLY A 77 1.66 -9.18 -1.30
N GLN A 78 0.49 -9.80 -1.38
CA GLN A 78 -0.56 -9.35 -2.28
C GLN A 78 -1.90 -9.28 -1.54
N LEU A 79 -2.44 -8.08 -1.39
CA LEU A 79 -3.68 -7.88 -0.66
C LEU A 79 -4.56 -6.87 -1.37
N CYS A 80 -5.73 -7.31 -1.81
CA CYS A 80 -6.69 -6.43 -2.46
C CYS A 80 -7.56 -5.74 -1.42
N VAL A 81 -7.68 -4.43 -1.51
CA VAL A 81 -8.44 -3.68 -0.53
C VAL A 81 -9.23 -2.55 -1.20
N ASN A 82 -10.46 -2.36 -0.74
CA ASN A 82 -11.31 -1.28 -1.24
C ASN A 82 -10.76 0.06 -0.78
N PHE A 83 -10.49 0.93 -1.75
CA PHE A 83 -9.83 2.20 -1.48
C PHE A 83 -10.74 3.16 -0.70
N ASN A 84 -12.05 3.06 -0.89
CA ASN A 84 -12.97 3.98 -0.26
C ASN A 84 -13.43 3.45 1.09
N MET A 85 -12.98 2.26 1.45
CA MET A 85 -13.29 1.69 2.74
C MET A 85 -12.15 1.93 3.71
N SER A 86 -12.18 3.09 4.36
CA SER A 86 -11.12 3.47 5.29
C SER A 86 -10.95 2.45 6.41
N ASN A 87 -12.05 1.80 6.79
CA ASN A 87 -12.00 0.77 7.81
C ASN A 87 -11.17 -0.42 7.32
N ALA A 88 -11.54 -0.94 6.15
CA ALA A 88 -10.85 -2.07 5.56
C ALA A 88 -9.41 -1.72 5.20
N MET A 89 -9.20 -0.50 4.75
CA MET A 89 -7.87 -0.02 4.41
C MET A 89 -7.01 0.10 5.66
N GLN A 90 -7.64 0.44 6.77
CA GLN A 90 -6.96 0.60 8.05
C GLN A 90 -6.42 -0.74 8.54
N GLU A 91 -7.26 -1.77 8.53
CA GLU A 91 -6.84 -3.11 8.95
C GLU A 91 -5.82 -3.68 7.98
N ALA A 92 -5.96 -3.31 6.71
CA ALA A 92 -5.00 -3.72 5.68
C ALA A 92 -3.63 -3.13 5.96
N VAL A 93 -3.59 -1.85 6.27
CA VAL A 93 -2.35 -1.17 6.60
C VAL A 93 -1.72 -1.79 7.84
N LEU A 94 -2.56 -2.08 8.83
CA LEU A 94 -2.12 -2.74 10.05
C LEU A 94 -1.48 -4.08 9.74
N GLN A 95 -2.13 -4.84 8.86
CA GLN A 95 -1.64 -6.14 8.45
C GLN A 95 -0.26 -6.03 7.83
N LEU A 96 -0.10 -5.06 6.93
CA LEU A 96 1.19 -4.84 6.27
C LEU A 96 2.25 -4.44 7.30
N ILE A 97 1.84 -3.67 8.29
CA ILE A 97 2.77 -3.22 9.34
C ILE A 97 3.20 -4.40 10.22
N GLU A 98 2.31 -5.36 10.39
CA GLU A 98 2.63 -6.55 11.16
C GLU A 98 3.56 -7.46 10.36
N VAL A 99 3.35 -7.51 9.05
CA VAL A 99 4.24 -8.24 8.16
C VAL A 99 5.63 -7.61 8.19
N GLN A 100 5.66 -6.28 8.28
CA GLN A 100 6.89 -5.52 8.39
C GLN A 100 7.75 -6.01 9.56
N LEU A 101 7.13 -6.05 10.75
CA LEU A 101 7.85 -6.44 11.96
C LEU A 101 8.13 -7.93 11.98
N ALA A 102 7.38 -8.69 11.19
CA ALA A 102 7.60 -10.13 11.07
C ALA A 102 8.60 -10.42 9.96
N GLN A 103 9.32 -9.39 9.54
CA GLN A 103 10.31 -9.54 8.48
C GLN A 103 11.62 -8.89 8.88
N GLU A 104 11.58 -7.57 9.10
CA GLU A 104 12.78 -6.77 9.41
C GLU A 104 13.93 -7.12 8.46
N GLU A 105 13.69 -7.00 7.17
CA GLU A 105 14.69 -7.36 6.18
C GLU A 105 14.77 -6.31 5.08
N VAL A 106 15.71 -6.48 4.16
CA VAL A 106 15.96 -5.50 3.12
C VAL A 106 15.81 -6.12 1.73
N THR A 107 15.97 -7.45 1.64
CA THR A 107 15.97 -8.15 0.37
C THR A 107 17.32 -7.95 -0.35
N GLU A 108 17.74 -8.95 -1.10
CA GLU A 108 19.01 -8.89 -1.82
C GLU A 108 18.94 -7.94 -3.01
N SER A 109 19.33 -6.69 -2.79
CA SER A 109 19.38 -5.70 -3.85
C SER A 109 20.83 -5.47 -4.29
N ARG A 110 21.05 -5.38 -5.59
CA ARG A 110 22.39 -5.15 -6.12
C ARG A 110 22.35 -4.10 -7.23
N SER A 111 23.53 -3.71 -7.68
CA SER A 111 23.68 -2.72 -8.76
C SER A 111 23.16 -1.34 -8.32
N MET A 1 -4.38 12.35 18.46
CA MET A 1 -5.43 11.39 18.88
C MET A 1 -5.19 10.02 18.24
N GLU A 2 -5.29 9.95 16.92
CA GLU A 2 -5.09 8.69 16.21
C GLU A 2 -4.35 8.90 14.91
N ARG A 3 -3.26 8.17 14.75
CA ARG A 3 -2.44 8.21 13.55
C ARG A 3 -1.82 6.85 13.32
N LEU A 4 -2.42 6.07 12.43
CA LEU A 4 -2.02 4.68 12.20
C LEU A 4 -0.62 4.60 11.60
N LEU A 5 -0.27 5.58 10.78
CA LEU A 5 1.03 5.60 10.15
C LEU A 5 1.95 6.60 10.86
N ASP A 6 1.42 7.80 11.10
CA ASP A 6 2.12 8.88 11.80
C ASP A 6 3.29 9.43 10.98
N ASP A 7 4.37 8.66 10.91
CA ASP A 7 5.55 9.08 10.16
C ASP A 7 6.05 7.94 9.28
N VAL A 8 5.13 7.38 8.50
CA VAL A 8 5.45 6.25 7.65
C VAL A 8 5.40 6.65 6.18
N CYS A 9 6.45 6.30 5.44
CA CYS A 9 6.53 6.66 4.02
C CYS A 9 5.86 5.60 3.15
N VAL A 10 4.85 6.02 2.40
CA VAL A 10 4.11 5.10 1.55
C VAL A 10 4.22 5.53 0.09
N MET A 11 4.74 4.63 -0.73
CA MET A 11 4.88 4.91 -2.16
C MET A 11 3.62 4.47 -2.89
N VAL A 12 2.90 5.43 -3.44
CA VAL A 12 1.61 5.16 -4.06
C VAL A 12 1.65 5.35 -5.57
N ASP A 13 1.61 4.24 -6.29
CA ASP A 13 1.53 4.27 -7.75
C ASP A 13 0.16 3.79 -8.19
N VAL A 14 -0.69 4.73 -8.58
CA VAL A 14 -2.05 4.42 -8.98
C VAL A 14 -2.34 5.01 -10.35
N THR A 15 -2.79 4.15 -11.27
CA THR A 15 -3.09 4.58 -12.63
C THR A 15 -4.34 5.45 -12.68
N SER A 16 -5.31 5.13 -11.84
CA SER A 16 -6.53 5.91 -11.74
C SER A 16 -6.26 7.22 -11.01
N ALA A 17 -6.31 8.34 -11.74
CA ALA A 17 -5.96 9.63 -11.18
C ALA A 17 -6.88 10.04 -10.03
N GLU A 18 -8.18 9.80 -10.20
CA GLU A 18 -9.15 10.18 -9.19
C GLU A 18 -9.03 9.29 -7.97
N ILE A 19 -8.81 8.00 -8.20
CA ILE A 19 -8.68 7.05 -7.12
C ILE A 19 -7.40 7.33 -6.32
N ARG A 20 -6.34 7.70 -7.03
CA ARG A 20 -5.07 8.02 -6.39
C ARG A 20 -5.22 9.22 -5.45
N ASN A 21 -6.00 10.20 -5.88
CA ASN A 21 -6.24 11.38 -5.05
C ASN A 21 -6.90 10.99 -3.73
N ILE A 22 -7.92 10.16 -3.82
CA ILE A 22 -8.67 9.72 -2.65
C ILE A 22 -7.75 9.04 -1.64
N VAL A 23 -7.00 8.03 -2.10
CA VAL A 23 -6.12 7.30 -1.20
C VAL A 23 -5.01 8.20 -0.67
N THR A 24 -4.53 9.12 -1.50
CA THR A 24 -3.48 10.06 -1.09
C THR A 24 -3.90 10.82 0.15
N ARG A 25 -5.11 11.38 0.11
CA ARG A 25 -5.66 12.14 1.21
C ARG A 25 -5.90 11.22 2.42
N GLN A 26 -6.26 9.98 2.15
CA GLN A 26 -6.58 9.02 3.21
C GLN A 26 -5.35 8.62 4.01
N LEU A 27 -4.31 8.14 3.34
CA LEU A 27 -3.09 7.71 4.03
C LEU A 27 -2.46 8.90 4.74
N GLU A 28 -2.53 10.06 4.10
CA GLU A 28 -2.00 11.29 4.67
C GLU A 28 -2.67 11.61 5.99
N ASN A 29 -3.96 11.30 6.08
CA ASN A 29 -4.70 11.52 7.33
C ASN A 29 -4.16 10.63 8.42
N TRP A 30 -3.73 9.44 8.04
CA TRP A 30 -3.19 8.48 8.98
C TRP A 30 -1.72 8.79 9.30
N GLY A 31 -1.11 9.63 8.49
CA GLY A 31 0.28 10.01 8.71
C GLY A 31 1.23 9.34 7.76
N ALA A 32 0.73 8.93 6.61
CA ALA A 32 1.57 8.30 5.61
C ALA A 32 1.98 9.30 4.54
N THR A 33 3.28 9.46 4.35
CA THR A 33 3.81 10.34 3.35
C THR A 33 3.70 9.70 1.97
N CYS A 34 2.74 10.16 1.17
CA CYS A 34 2.50 9.61 -0.15
C CYS A 34 3.53 10.10 -1.16
N ILE A 35 4.42 9.20 -1.57
CA ILE A 35 5.46 9.54 -2.54
C ILE A 35 5.34 8.67 -3.78
N THR A 36 5.94 9.11 -4.87
CA THR A 36 5.95 8.34 -6.10
C THR A 36 7.23 7.50 -6.17
N PRO A 37 7.12 6.24 -6.63
CA PRO A 37 8.27 5.31 -6.68
C PRO A 37 9.21 5.57 -7.84
N ASP A 38 9.20 6.82 -8.35
CA ASP A 38 10.05 7.23 -9.46
C ASP A 38 9.58 6.61 -10.78
N GLU A 39 10.07 7.14 -11.89
CA GLU A 39 9.70 6.62 -13.21
C GLU A 39 10.85 5.83 -13.83
N ARG A 40 12.03 5.92 -13.22
CA ARG A 40 13.19 5.18 -13.70
C ARG A 40 13.39 3.92 -12.89
N LEU A 41 13.29 4.04 -11.58
CA LEU A 41 13.42 2.88 -10.69
C LEU A 41 12.14 2.06 -10.70
N ILE A 42 12.26 0.81 -10.29
CA ILE A 42 11.10 -0.08 -10.19
C ILE A 42 10.39 0.12 -8.85
N SER A 43 11.17 0.52 -7.85
CA SER A 43 10.65 0.77 -6.51
C SER A 43 11.76 1.35 -5.64
N GLN A 44 11.47 2.48 -5.01
CA GLN A 44 12.41 3.10 -4.08
C GLN A 44 12.21 2.52 -2.68
N ASP A 45 12.99 2.97 -1.73
CA ASP A 45 12.87 2.47 -0.36
C ASP A 45 11.66 3.09 0.33
N TYR A 46 10.68 2.25 0.65
CA TYR A 46 9.46 2.69 1.29
C TYR A 46 9.15 1.83 2.50
N ASP A 47 8.18 2.26 3.30
CA ASP A 47 7.70 1.45 4.40
C ASP A 47 6.62 0.51 3.91
N ILE A 48 5.63 1.09 3.24
CA ILE A 48 4.53 0.32 2.68
C ILE A 48 4.28 0.79 1.24
N PHE A 49 4.04 -0.16 0.34
CA PHE A 49 3.76 0.16 -1.06
C PHE A 49 2.26 0.10 -1.32
N LEU A 50 1.77 1.04 -2.10
CA LEU A 50 0.37 1.07 -2.47
C LEU A 50 0.25 1.19 -3.98
N THR A 51 -0.57 0.34 -4.57
CA THR A 51 -0.77 0.35 -6.00
C THR A 51 -2.24 0.13 -6.34
N ASP A 52 -2.60 0.34 -7.60
CA ASP A 52 -3.96 0.13 -8.07
C ASP A 52 -3.93 -0.78 -9.27
N ASN A 53 -4.81 -1.79 -9.26
CA ASN A 53 -4.91 -2.79 -10.34
C ASN A 53 -3.87 -3.90 -10.18
N PRO A 54 -4.32 -5.17 -10.24
CA PRO A 54 -3.44 -6.34 -10.05
C PRO A 54 -2.29 -6.40 -11.05
N SER A 55 -2.55 -5.94 -12.27
CA SER A 55 -1.55 -5.95 -13.33
C SER A 55 -0.55 -4.81 -13.17
N ASN A 56 -0.74 -4.01 -12.13
CA ASN A 56 0.12 -2.86 -11.87
C ASN A 56 1.06 -3.13 -10.70
N LEU A 57 0.90 -4.29 -10.06
CA LEU A 57 1.73 -4.66 -8.93
C LEU A 57 3.18 -4.84 -9.37
N THR A 58 4.03 -3.89 -8.99
CA THR A 58 5.44 -3.95 -9.36
C THR A 58 6.17 -5.04 -8.57
N ALA A 59 5.72 -5.29 -7.34
CA ALA A 59 6.33 -6.30 -6.49
C ALA A 59 5.33 -6.83 -5.48
N SER A 60 5.05 -6.02 -4.47
CA SER A 60 4.15 -6.40 -3.39
C SER A 60 3.58 -5.15 -2.71
N GLY A 61 2.67 -5.34 -1.77
CA GLY A 61 2.10 -4.23 -1.05
C GLY A 61 0.58 -4.30 -0.99
N LEU A 62 -0.05 -3.14 -1.02
CA LEU A 62 -1.49 -3.05 -0.95
C LEU A 62 -2.06 -2.80 -2.34
N LEU A 63 -3.00 -3.64 -2.73
CA LEU A 63 -3.60 -3.58 -4.05
C LEU A 63 -5.00 -2.98 -3.99
N LEU A 64 -5.19 -1.89 -4.71
CA LEU A 64 -6.47 -1.21 -4.76
C LEU A 64 -7.41 -1.92 -5.71
N SER A 65 -8.53 -2.40 -5.19
CA SER A 65 -9.50 -3.11 -6.01
C SER A 65 -10.89 -2.49 -5.84
N ASP A 66 -11.44 -2.00 -6.94
CA ASP A 66 -12.78 -1.40 -6.95
C ASP A 66 -13.83 -2.47 -6.72
N ASP A 67 -13.52 -3.69 -7.11
CA ASP A 67 -14.49 -4.79 -7.04
C ASP A 67 -14.37 -5.54 -5.71
N GLU A 68 -13.57 -5.01 -4.81
CA GLU A 68 -13.40 -5.62 -3.51
C GLU A 68 -14.52 -5.14 -2.58
N SER A 69 -14.95 -6.01 -1.69
CA SER A 69 -16.00 -5.68 -0.74
C SER A 69 -15.40 -5.25 0.59
N GLY A 70 -14.09 -5.39 0.69
CA GLY A 70 -13.38 -4.97 1.86
C GLY A 70 -11.89 -5.13 1.68
N VAL A 71 -11.29 -5.99 2.51
CA VAL A 71 -9.89 -6.33 2.36
C VAL A 71 -9.72 -7.85 2.47
N ARG A 72 -8.97 -8.42 1.54
CA ARG A 72 -8.73 -9.86 1.53
C ARG A 72 -7.31 -10.14 1.07
N GLU A 73 -6.80 -11.32 1.40
CA GLU A 73 -5.43 -11.66 1.06
C GLU A 73 -5.42 -12.76 0.00
N ILE A 74 -4.71 -12.51 -1.10
CA ILE A 74 -4.62 -13.47 -2.18
C ILE A 74 -3.31 -14.24 -2.10
N GLY A 75 -2.28 -13.58 -1.62
CA GLY A 75 -0.98 -14.21 -1.50
C GLY A 75 -0.11 -13.47 -0.52
N PRO A 76 1.08 -14.01 -0.19
CA PRO A 76 1.99 -13.37 0.75
C PRO A 76 2.46 -12.02 0.23
N GLY A 77 2.17 -10.97 1.00
CA GLY A 77 2.56 -9.63 0.60
C GLY A 77 1.66 -9.05 -0.48
N GLN A 78 0.51 -9.68 -0.71
CA GLN A 78 -0.44 -9.19 -1.70
C GLN A 78 -1.85 -9.22 -1.14
N LEU A 79 -2.43 -8.05 -0.95
CA LEU A 79 -3.76 -7.92 -0.37
C LEU A 79 -4.63 -7.01 -1.20
N CYS A 80 -5.79 -7.52 -1.60
CA CYS A 80 -6.76 -6.72 -2.35
C CYS A 80 -7.69 -5.99 -1.40
N VAL A 81 -7.74 -4.68 -1.49
CA VAL A 81 -8.56 -3.88 -0.61
C VAL A 81 -9.28 -2.78 -1.39
N ASN A 82 -10.53 -2.54 -1.03
CA ASN A 82 -11.29 -1.43 -1.61
C ASN A 82 -10.83 -0.11 -1.01
N PHE A 83 -10.47 0.82 -1.88
CA PHE A 83 -9.89 2.10 -1.46
C PHE A 83 -10.90 2.98 -0.72
N ASN A 84 -12.17 2.81 -1.05
CA ASN A 84 -13.22 3.69 -0.53
C ASN A 84 -13.52 3.44 0.93
N MET A 85 -13.20 2.24 1.42
CA MET A 85 -13.51 1.87 2.78
C MET A 85 -12.30 2.05 3.69
N SER A 86 -12.30 3.17 4.42
CA SER A 86 -11.20 3.48 5.33
C SER A 86 -11.08 2.44 6.44
N ASN A 87 -12.21 1.85 6.83
CA ASN A 87 -12.22 0.83 7.87
C ASN A 87 -11.40 -0.38 7.43
N ALA A 88 -11.68 -0.88 6.23
CA ALA A 88 -10.97 -2.03 5.69
C ALA A 88 -9.52 -1.67 5.36
N MET A 89 -9.32 -0.45 4.88
CA MET A 89 -7.97 0.03 4.56
C MET A 89 -7.12 0.14 5.82
N GLN A 90 -7.78 0.40 6.94
CA GLN A 90 -7.12 0.46 8.23
C GLN A 90 -6.57 -0.91 8.61
N GLU A 91 -7.40 -1.94 8.45
CA GLU A 91 -6.98 -3.32 8.72
C GLU A 91 -5.83 -3.70 7.80
N ALA A 92 -5.97 -3.36 6.53
CA ALA A 92 -4.96 -3.65 5.53
C ALA A 92 -3.62 -3.02 5.88
N VAL A 93 -3.65 -1.74 6.22
CA VAL A 93 -2.44 -1.00 6.55
C VAL A 93 -1.82 -1.51 7.86
N LEU A 94 -2.68 -1.95 8.79
CA LEU A 94 -2.21 -2.47 10.07
C LEU A 94 -1.52 -3.81 9.86
N GLN A 95 -2.12 -4.66 9.02
CA GLN A 95 -1.50 -5.95 8.69
C GLN A 95 -0.18 -5.73 7.97
N LEU A 96 -0.16 -4.78 7.04
CA LEU A 96 1.03 -4.48 6.27
C LEU A 96 2.17 -4.03 7.18
N ILE A 97 1.89 -3.11 8.09
CA ILE A 97 2.91 -2.60 8.99
C ILE A 97 3.41 -3.70 9.95
N GLU A 98 2.52 -4.62 10.29
CA GLU A 98 2.87 -5.73 11.17
C GLU A 98 3.80 -6.70 10.47
N VAL A 99 3.42 -7.08 9.25
CA VAL A 99 4.22 -7.99 8.44
C VAL A 99 5.57 -7.38 8.11
N GLN A 100 5.57 -6.10 7.75
CA GLN A 100 6.80 -5.40 7.41
C GLN A 100 7.79 -5.41 8.57
N LEU A 101 7.26 -5.25 9.77
CA LEU A 101 8.06 -5.24 10.98
C LEU A 101 8.69 -6.60 11.22
N ALA A 102 7.91 -7.66 11.03
CA ALA A 102 8.38 -9.02 11.24
C ALA A 102 9.29 -9.47 10.10
N GLN A 103 8.88 -9.17 8.88
CA GLN A 103 9.61 -9.60 7.69
C GLN A 103 10.76 -8.64 7.36
N GLU A 104 11.57 -8.33 8.35
CA GLU A 104 12.74 -7.48 8.15
C GLU A 104 13.88 -8.29 7.54
N GLU A 105 13.68 -9.60 7.47
CA GLU A 105 14.66 -10.48 6.85
C GLU A 105 14.14 -10.97 5.51
N VAL A 106 14.99 -10.89 4.49
CA VAL A 106 14.63 -11.38 3.17
C VAL A 106 14.86 -12.89 3.10
N THR A 107 13.91 -13.64 3.63
CA THR A 107 14.00 -15.08 3.71
C THR A 107 13.63 -15.74 2.38
N GLU A 108 14.38 -15.40 1.34
CA GLU A 108 14.16 -15.98 0.03
C GLU A 108 15.18 -17.07 -0.23
N SER A 109 14.80 -18.02 -1.07
CA SER A 109 15.71 -19.07 -1.51
C SER A 109 15.52 -19.28 -3.00
N ARG A 110 15.50 -18.17 -3.74
CA ARG A 110 15.20 -18.19 -5.16
C ARG A 110 16.43 -18.60 -5.98
N SER A 111 17.00 -19.74 -5.61
CA SER A 111 18.13 -20.29 -6.32
C SER A 111 17.91 -21.78 -6.53
N MET A 1 -9.48 5.11 14.18
CA MET A 1 -9.85 6.35 14.89
C MET A 1 -8.61 7.09 15.36
N GLU A 2 -7.58 7.10 14.52
CA GLU A 2 -6.29 7.66 14.90
C GLU A 2 -5.37 7.81 13.68
N ARG A 3 -4.15 8.25 13.93
CA ARG A 3 -3.15 8.34 12.88
C ARG A 3 -2.41 7.01 12.79
N LEU A 4 -2.88 6.16 11.90
CA LEU A 4 -2.38 4.79 11.80
C LEU A 4 -0.92 4.74 11.35
N LEU A 5 -0.47 5.78 10.70
CA LEU A 5 0.91 5.81 10.20
C LEU A 5 1.75 6.79 11.01
N ASP A 6 1.41 8.06 10.89
CA ASP A 6 2.18 9.16 11.50
C ASP A 6 3.67 9.07 11.14
N ASP A 7 4.04 9.79 10.08
CA ASP A 7 5.42 9.87 9.61
C ASP A 7 5.89 8.51 9.06
N VAL A 8 5.01 7.85 8.34
CA VAL A 8 5.35 6.58 7.70
C VAL A 8 5.22 6.73 6.18
N CYS A 9 6.28 6.41 5.48
CA CYS A 9 6.31 6.56 4.03
C CYS A 9 5.51 5.44 3.35
N VAL A 10 4.53 5.85 2.56
CA VAL A 10 3.73 4.90 1.80
C VAL A 10 3.89 5.18 0.30
N MET A 11 4.46 4.23 -0.40
CA MET A 11 4.67 4.38 -1.83
C MET A 11 3.38 4.08 -2.57
N VAL A 12 2.68 5.12 -2.98
CA VAL A 12 1.42 4.96 -3.67
C VAL A 12 1.57 5.21 -5.17
N ASP A 13 1.22 4.21 -5.95
CA ASP A 13 1.25 4.33 -7.39
C ASP A 13 -0.07 3.87 -7.99
N VAL A 14 -0.82 4.82 -8.52
CA VAL A 14 -2.12 4.54 -9.10
C VAL A 14 -2.21 5.13 -10.50
N THR A 15 -2.72 4.34 -11.45
CA THR A 15 -2.84 4.79 -12.82
C THR A 15 -4.00 5.77 -12.98
N SER A 16 -4.97 5.66 -12.09
CA SER A 16 -6.10 6.57 -12.07
C SER A 16 -5.79 7.77 -11.19
N ALA A 17 -5.85 8.97 -11.77
CA ALA A 17 -5.54 10.18 -11.03
C ALA A 17 -6.60 10.45 -9.97
N GLU A 18 -7.84 10.08 -10.27
CA GLU A 18 -8.94 10.27 -9.34
C GLU A 18 -8.74 9.41 -8.10
N ILE A 19 -8.54 8.12 -8.31
CA ILE A 19 -8.33 7.18 -7.22
C ILE A 19 -7.06 7.55 -6.45
N ARG A 20 -6.03 7.96 -7.19
CA ARG A 20 -4.76 8.33 -6.60
C ARG A 20 -4.92 9.44 -5.58
N ASN A 21 -5.67 10.48 -5.94
CA ASN A 21 -5.85 11.62 -5.04
C ASN A 21 -6.69 11.22 -3.83
N ILE A 22 -7.69 10.39 -4.05
CA ILE A 22 -8.57 9.92 -2.98
C ILE A 22 -7.77 9.12 -1.95
N VAL A 23 -7.02 8.13 -2.42
CA VAL A 23 -6.22 7.30 -1.52
C VAL A 23 -5.13 8.13 -0.84
N THR A 24 -4.53 9.05 -1.59
CA THR A 24 -3.50 9.94 -1.05
C THR A 24 -4.07 10.75 0.11
N ARG A 25 -5.30 11.23 -0.03
CA ARG A 25 -5.95 11.99 1.01
C ARG A 25 -6.12 11.16 2.28
N GLN A 26 -6.42 9.89 2.10
CA GLN A 26 -6.65 9.01 3.23
C GLN A 26 -5.36 8.74 4.00
N LEU A 27 -4.31 8.33 3.29
CA LEU A 27 -3.02 8.06 3.93
C LEU A 27 -2.48 9.33 4.58
N GLU A 28 -2.64 10.45 3.86
CA GLU A 28 -2.21 11.75 4.36
C GLU A 28 -2.87 12.08 5.70
N ASN A 29 -4.13 11.65 5.86
CA ASN A 29 -4.85 11.88 7.11
C ASN A 29 -4.23 11.05 8.22
N TRP A 30 -3.82 9.84 7.87
CA TRP A 30 -3.23 8.91 8.81
C TRP A 30 -1.79 9.30 9.13
N GLY A 31 -1.26 10.23 8.36
CA GLY A 31 0.10 10.68 8.57
C GLY A 31 1.09 9.87 7.75
N ALA A 32 0.69 9.50 6.54
CA ALA A 32 1.56 8.74 5.66
C ALA A 32 2.10 9.63 4.56
N THR A 33 3.39 9.51 4.30
CA THR A 33 4.01 10.24 3.21
C THR A 33 3.80 9.50 1.91
N CYS A 34 2.85 9.97 1.11
CA CYS A 34 2.55 9.34 -0.16
C CYS A 34 3.64 9.65 -1.17
N ILE A 35 4.48 8.67 -1.45
CA ILE A 35 5.60 8.85 -2.38
C ILE A 35 5.36 8.07 -3.66
N THR A 36 5.95 8.56 -4.73
CA THR A 36 5.84 7.94 -6.04
C THR A 36 7.06 7.06 -6.30
N PRO A 37 6.89 5.90 -6.96
CA PRO A 37 8.01 5.00 -7.30
C PRO A 37 8.99 5.64 -8.28
N ASP A 38 8.65 6.85 -8.73
CA ASP A 38 9.48 7.64 -9.65
C ASP A 38 9.37 7.13 -11.07
N GLU A 39 9.91 7.89 -12.01
CA GLU A 39 9.80 7.57 -13.41
C GLU A 39 10.97 6.71 -13.87
N ARG A 40 12.14 6.96 -13.29
CA ARG A 40 13.34 6.23 -13.69
C ARG A 40 13.84 5.35 -12.55
N LEU A 41 13.00 5.15 -11.56
CA LEU A 41 13.33 4.28 -10.43
C LEU A 41 12.35 3.12 -10.37
N ILE A 42 12.61 2.18 -9.48
CA ILE A 42 11.73 1.04 -9.30
C ILE A 42 11.17 1.01 -7.89
N SER A 43 11.88 1.66 -6.96
CA SER A 43 11.42 1.74 -5.58
C SER A 43 12.03 2.93 -4.87
N GLN A 44 11.26 3.53 -3.98
CA GLN A 44 11.75 4.60 -3.12
C GLN A 44 11.82 4.09 -1.68
N ASP A 45 12.25 4.94 -0.76
CA ASP A 45 12.28 4.55 0.65
C ASP A 45 10.87 4.55 1.21
N TYR A 46 10.29 3.36 1.32
CA TYR A 46 8.92 3.22 1.75
C TYR A 46 8.80 2.17 2.85
N ASP A 47 7.64 2.15 3.50
CA ASP A 47 7.31 1.14 4.48
C ASP A 47 6.23 0.23 3.93
N ILE A 48 5.14 0.86 3.50
CA ILE A 48 4.03 0.13 2.91
C ILE A 48 3.86 0.55 1.44
N PHE A 49 3.55 -0.41 0.60
CA PHE A 49 3.35 -0.15 -0.82
C PHE A 49 1.86 -0.24 -1.17
N LEU A 50 1.37 0.79 -1.83
CA LEU A 50 -0.02 0.84 -2.27
C LEU A 50 -0.08 1.07 -3.77
N THR A 51 -0.63 0.13 -4.50
CA THR A 51 -0.68 0.24 -5.94
C THR A 51 -2.05 -0.18 -6.46
N ASP A 52 -2.51 0.49 -7.51
CA ASP A 52 -3.81 0.18 -8.08
C ASP A 52 -3.67 -0.96 -9.07
N ASN A 53 -4.54 -1.97 -8.93
CA ASN A 53 -4.54 -3.16 -9.77
C ASN A 53 -3.39 -4.10 -9.38
N PRO A 54 -3.66 -5.42 -9.35
CA PRO A 54 -2.67 -6.41 -8.92
C PRO A 54 -1.47 -6.48 -9.87
N SER A 55 -1.71 -6.09 -11.12
CA SER A 55 -0.68 -6.13 -12.15
C SER A 55 0.41 -5.10 -11.89
N ASN A 56 0.10 -4.10 -11.09
CA ASN A 56 1.02 -3.01 -10.82
C ASN A 56 1.95 -3.35 -9.65
N LEU A 57 1.75 -4.52 -9.06
CA LEU A 57 2.56 -4.96 -7.94
C LEU A 57 4.01 -5.17 -8.38
N THR A 58 4.88 -4.25 -7.98
CA THR A 58 6.29 -4.36 -8.30
C THR A 58 6.97 -5.44 -7.46
N ALA A 59 6.47 -5.61 -6.24
CA ALA A 59 7.01 -6.61 -5.33
C ALA A 59 5.91 -7.17 -4.43
N SER A 60 5.58 -6.43 -3.37
CA SER A 60 4.54 -6.83 -2.45
C SER A 60 3.87 -5.61 -1.84
N GLY A 61 2.64 -5.78 -1.38
CA GLY A 61 1.93 -4.69 -0.75
C GLY A 61 0.44 -4.81 -0.93
N LEU A 62 -0.25 -3.68 -0.84
CA LEU A 62 -1.69 -3.66 -0.97
C LEU A 62 -2.09 -3.15 -2.34
N LEU A 63 -3.00 -3.86 -2.98
CA LEU A 63 -3.48 -3.46 -4.29
C LEU A 63 -4.90 -2.93 -4.18
N LEU A 64 -5.12 -1.79 -4.78
CA LEU A 64 -6.40 -1.11 -4.68
C LEU A 64 -7.41 -1.69 -5.65
N SER A 65 -8.60 -2.00 -5.12
CA SER A 65 -9.68 -2.54 -5.91
C SER A 65 -11.02 -1.99 -5.40
N ASP A 66 -11.74 -1.28 -6.26
CA ASP A 66 -13.01 -0.68 -5.87
C ASP A 66 -14.13 -1.71 -5.90
N ASP A 67 -13.82 -2.89 -6.46
CA ASP A 67 -14.78 -3.99 -6.51
C ASP A 67 -14.75 -4.78 -5.21
N GLU A 68 -13.63 -4.68 -4.50
CA GLU A 68 -13.41 -5.47 -3.30
C GLU A 68 -14.39 -5.11 -2.19
N SER A 69 -14.70 -6.07 -1.35
CA SER A 69 -15.63 -5.90 -0.25
C SER A 69 -14.89 -5.45 1.00
N GLY A 70 -13.57 -5.55 0.96
CA GLY A 70 -12.74 -5.14 2.07
C GLY A 70 -11.28 -5.29 1.72
N VAL A 71 -10.54 -6.00 2.57
CA VAL A 71 -9.18 -6.39 2.24
C VAL A 71 -9.07 -7.91 2.25
N ARG A 72 -8.69 -8.47 1.11
CA ARG A 72 -8.61 -9.91 0.95
C ARG A 72 -7.25 -10.34 0.43
N GLU A 73 -6.85 -11.55 0.75
CA GLU A 73 -5.59 -12.10 0.28
C GLU A 73 -5.79 -12.87 -1.01
N ILE A 74 -4.95 -12.60 -1.99
CA ILE A 74 -5.00 -13.32 -3.26
C ILE A 74 -3.67 -14.00 -3.53
N GLY A 75 -2.81 -13.95 -2.53
CA GLY A 75 -1.48 -14.53 -2.66
C GLY A 75 -0.53 -13.86 -1.70
N PRO A 76 0.63 -14.47 -1.41
CA PRO A 76 1.60 -13.92 -0.47
C PRO A 76 2.11 -12.55 -0.91
N GLY A 77 1.87 -11.54 -0.09
CA GLY A 77 2.32 -10.20 -0.39
C GLY A 77 1.40 -9.49 -1.37
N GLN A 78 0.20 -10.03 -1.56
CA GLN A 78 -0.77 -9.43 -2.46
C GLN A 78 -2.16 -9.42 -1.82
N LEU A 79 -2.68 -8.23 -1.56
CA LEU A 79 -3.95 -8.10 -0.87
C LEU A 79 -4.79 -6.99 -1.49
N CYS A 80 -5.92 -7.35 -2.06
CA CYS A 80 -6.83 -6.38 -2.66
C CYS A 80 -7.66 -5.70 -1.60
N VAL A 81 -7.68 -4.38 -1.62
CA VAL A 81 -8.40 -3.62 -0.62
C VAL A 81 -9.22 -2.50 -1.27
N ASN A 82 -10.43 -2.30 -0.76
CA ASN A 82 -11.25 -1.19 -1.20
C ASN A 82 -10.85 0.06 -0.45
N PHE A 83 -10.40 1.07 -1.19
CA PHE A 83 -9.91 2.31 -0.61
C PHE A 83 -11.04 3.09 0.07
N ASN A 84 -12.27 2.87 -0.39
CA ASN A 84 -13.42 3.60 0.14
C ASN A 84 -13.71 3.18 1.58
N MET A 85 -13.42 1.93 1.89
CA MET A 85 -13.63 1.41 3.23
C MET A 85 -12.41 1.67 4.09
N SER A 86 -12.37 2.85 4.72
CA SER A 86 -11.23 3.25 5.54
C SER A 86 -10.99 2.27 6.69
N ASN A 87 -12.05 1.61 7.14
CA ASN A 87 -11.93 0.63 8.21
C ASN A 87 -11.13 -0.59 7.76
N ALA A 88 -11.47 -1.10 6.57
CA ALA A 88 -10.77 -2.25 6.01
C ALA A 88 -9.38 -1.86 5.55
N MET A 89 -9.24 -0.61 5.10
CA MET A 89 -7.94 -0.10 4.68
C MET A 89 -7.02 0.06 5.88
N GLN A 90 -7.60 0.44 7.02
CA GLN A 90 -6.85 0.61 8.26
C GLN A 90 -6.25 -0.72 8.72
N GLU A 91 -7.08 -1.76 8.75
CA GLU A 91 -6.62 -3.07 9.19
C GLU A 91 -5.64 -3.65 8.16
N ALA A 92 -5.85 -3.34 6.89
CA ALA A 92 -4.95 -3.76 5.83
C ALA A 92 -3.57 -3.14 6.02
N VAL A 93 -3.54 -1.85 6.30
CA VAL A 93 -2.30 -1.12 6.53
C VAL A 93 -1.56 -1.70 7.75
N LEU A 94 -2.30 -1.93 8.82
CA LEU A 94 -1.74 -2.51 10.04
C LEU A 94 -1.18 -3.89 9.77
N GLN A 95 -1.88 -4.65 8.94
CA GLN A 95 -1.44 -5.99 8.56
C GLN A 95 -0.13 -5.92 7.78
N LEU A 96 -0.06 -5.03 6.81
CA LEU A 96 1.12 -4.88 5.96
C LEU A 96 2.34 -4.52 6.80
N ILE A 97 2.18 -3.55 7.69
CA ILE A 97 3.27 -3.10 8.55
C ILE A 97 3.72 -4.22 9.49
N GLU A 98 2.81 -5.12 9.82
CA GLU A 98 3.12 -6.24 10.68
C GLU A 98 3.91 -7.31 9.91
N VAL A 99 3.41 -7.66 8.73
CA VAL A 99 4.06 -8.67 7.89
C VAL A 99 5.50 -8.30 7.59
N GLN A 100 5.71 -7.03 7.24
CA GLN A 100 7.05 -6.54 6.93
C GLN A 100 7.94 -6.60 8.17
N LEU A 101 7.40 -6.18 9.31
CA LEU A 101 8.15 -6.16 10.56
C LEU A 101 8.40 -7.58 11.07
N ALA A 102 7.67 -8.53 10.53
CA ALA A 102 7.83 -9.93 10.91
C ALA A 102 8.82 -10.64 10.00
N GLN A 103 9.43 -9.89 9.09
CA GLN A 103 10.43 -10.44 8.18
C GLN A 103 11.69 -9.58 8.20
N GLU A 104 11.51 -8.27 8.11
CA GLU A 104 12.60 -7.30 8.18
C GLU A 104 13.53 -7.39 6.97
N GLU A 105 13.19 -6.64 5.92
CA GLU A 105 14.02 -6.54 4.70
C GLU A 105 14.13 -7.88 3.98
N VAL A 106 13.11 -8.21 3.20
CA VAL A 106 13.06 -9.48 2.48
C VAL A 106 12.62 -9.25 1.03
N THR A 107 13.37 -9.83 0.10
CA THR A 107 13.06 -9.78 -1.33
C THR A 107 13.39 -8.41 -1.92
N GLU A 108 14.44 -8.37 -2.72
CA GLU A 108 14.84 -7.14 -3.40
C GLU A 108 14.60 -7.26 -4.91
N SER A 109 15.65 -7.58 -5.65
CA SER A 109 15.54 -7.73 -7.10
C SER A 109 16.57 -8.72 -7.63
N ARG A 110 17.84 -8.50 -7.30
CA ARG A 110 18.92 -9.33 -7.82
C ARG A 110 19.55 -10.16 -6.69
N SER A 111 19.16 -11.41 -6.61
CA SER A 111 19.74 -12.33 -5.64
C SER A 111 21.07 -12.86 -6.17
#